data_7X4L
#
_entry.id   7X4L
#
_cell.length_a   155.449
_cell.length_b   176.383
_cell.length_c   176.797
_cell.angle_alpha   90.00
_cell.angle_beta   90.00
_cell.angle_gamma   90.00
#
_symmetry.space_group_name_H-M   'P 21 21 21'
#
loop_
_entity.id
_entity.type
_entity.pdbx_description
1 polymer 'Glutamate decarboxylase'
2 non-polymer "PYRIDOXAL-5'-PHOSPHATE"
3 water water
#
_entity_poly.entity_id   1
_entity_poly.type   'polypeptide(L)'
_entity_poly.pdbx_seq_one_letter_code
;MEDLNFRKGDAKTDVFGSDRMLQPSPVERIPDGPTTPEVAYQMVKDETFAQTQPRLNLATFVTTYMDDYATKLMNEAINI
NYIDETEYPRIAVMNGKCINIVANLWNSPEKDTWKTGALAIGSSEACMLGGVAAWLRWRKKRQAQGKPFDKPNFVISTGF
QVVWEKFAQLWQIEMREVPLTLEKTTLDPEEALKMCDENTICVVPIQGVTWTGLNDDVEALDKALDAYNAKTGYDIPIHV
DAASGGFILPFLYPDTKWDFRLKWVLSISVSGHKFGLVYPGLGWVCWKGKEYLPEEMSFSVNFLGANITQVGLNFSRPAA
QILGQYYQFIRLGFQGYKEVQYNSLQIAKYIHGEIAKMAPFVNYSENVVNPLFIWYLKPEYAKSAKWTLYDLQDKLSQHG
WMVPAYTLPSKLEDYVVMRVVVRQGFSRDMADMLLGDIKNAIAELEKLDFPTPTRMAQEKNLPVEAKMFNHGGRRHKTVK
K
;
_entity_poly.pdbx_strand_id   A,B,C,D,E,F
#
loop_
_chem_comp.id
_chem_comp.type
_chem_comp.name
_chem_comp.formula
PLP non-polymer PYRIDOXAL-5'-PHOSPHATE 'C8 H10 N O6 P'
#
# COMPACT_ATOMS: atom_id res chain seq x y z
N SER A 25 15.50 -23.68 12.14
CA SER A 25 14.44 -23.95 11.15
C SER A 25 14.56 -25.38 10.62
N PRO A 26 13.43 -25.96 10.19
CA PRO A 26 13.43 -27.39 9.89
C PRO A 26 14.38 -27.75 8.75
N VAL A 27 15.24 -28.74 9.01
CA VAL A 27 16.20 -29.20 8.03
C VAL A 27 15.80 -30.54 7.43
N GLU A 28 15.32 -31.48 8.25
CA GLU A 28 15.02 -32.83 7.80
C GLU A 28 13.54 -33.14 7.77
N ARG A 29 12.78 -32.75 8.78
CA ARG A 29 11.38 -33.14 8.89
C ARG A 29 10.51 -31.92 9.12
N ILE A 30 9.23 -32.08 8.79
CA ILE A 30 8.25 -31.01 9.02
C ILE A 30 8.08 -30.82 10.52
N PRO A 31 7.97 -29.58 11.01
CA PRO A 31 7.68 -29.38 12.44
C PRO A 31 6.36 -30.04 12.83
N ASP A 32 6.26 -30.43 14.09
CA ASP A 32 5.06 -31.13 14.56
C ASP A 32 3.89 -30.17 14.66
N GLY A 33 4.11 -28.96 15.16
CA GLY A 33 3.06 -28.01 15.35
C GLY A 33 3.24 -26.75 14.53
N PRO A 34 2.25 -25.87 14.55
CA PRO A 34 2.36 -24.61 13.82
C PRO A 34 3.12 -23.55 14.61
N THR A 35 3.62 -22.57 13.87
CA THR A 35 4.16 -21.35 14.42
C THR A 35 3.41 -20.16 13.83
N THR A 36 3.41 -19.05 14.56
CA THR A 36 2.63 -17.89 14.15
C THR A 36 3.12 -17.37 12.80
N PRO A 37 2.23 -16.76 12.00
CA PRO A 37 2.63 -16.33 10.66
C PRO A 37 3.78 -15.33 10.67
N GLU A 38 3.79 -14.37 11.60
CA GLU A 38 4.84 -13.37 11.63
C GLU A 38 6.21 -14.01 11.81
N VAL A 39 6.30 -15.03 12.66
CA VAL A 39 7.58 -15.70 12.89
C VAL A 39 7.99 -16.52 11.66
N ALA A 40 7.04 -17.26 11.09
CA ALA A 40 7.33 -18.04 9.89
C ALA A 40 7.77 -17.13 8.74
N TYR A 41 7.13 -15.96 8.62
CA TYR A 41 7.52 -14.99 7.60
C TYR A 41 8.99 -14.58 7.76
N GLN A 42 9.39 -14.25 8.99
CA GLN A 42 10.76 -13.83 9.24
C GLN A 42 11.75 -14.96 9.01
N MET A 43 11.38 -16.19 9.40
CA MET A 43 12.26 -17.34 9.25
C MET A 43 12.63 -17.56 7.79
N VAL A 44 11.65 -17.45 6.90
CA VAL A 44 11.91 -17.61 5.47
C VAL A 44 12.61 -16.37 4.92
N LYS A 45 12.19 -15.18 5.37
CA LYS A 45 12.86 -13.95 4.98
C LYS A 45 14.36 -14.03 5.21
N ASP A 46 14.77 -14.60 6.35
CA ASP A 46 16.18 -14.67 6.74
C ASP A 46 17.00 -15.62 5.89
N GLU A 47 16.40 -16.32 4.93
CA GLU A 47 17.14 -17.22 4.06
C GLU A 47 16.97 -16.89 2.59
N THR A 48 16.29 -15.79 2.26
CA THR A 48 16.01 -15.43 0.88
C THR A 48 16.59 -14.08 0.47
N PHE A 49 17.35 -13.41 1.33
CA PHE A 49 17.94 -12.16 0.91
C PHE A 49 19.15 -12.44 0.03
N ALA A 50 19.35 -11.57 -0.96
CA ALA A 50 20.48 -11.74 -1.86
C ALA A 50 21.79 -11.65 -1.11
N GLN A 51 22.76 -12.47 -1.53
CA GLN A 51 24.06 -12.44 -0.88
C GLN A 51 24.82 -11.17 -1.23
N THR A 52 24.54 -10.59 -2.40
CA THR A 52 25.15 -9.35 -2.84
C THR A 52 24.07 -8.45 -3.44
N GLN A 53 24.45 -7.22 -3.75
CA GLN A 53 23.57 -6.25 -4.40
C GLN A 53 23.26 -6.69 -5.83
N PRO A 54 22.01 -7.06 -6.15
CA PRO A 54 21.71 -7.56 -7.50
C PRO A 54 22.01 -6.58 -8.61
N ARG A 55 21.97 -5.27 -8.34
CA ARG A 55 22.25 -4.29 -9.38
C ARG A 55 23.71 -4.25 -9.78
N LEU A 56 24.60 -4.85 -8.99
CA LEU A 56 26.00 -4.99 -9.35
C LEU A 56 26.32 -6.39 -9.87
N ASN A 57 25.29 -7.18 -10.15
CA ASN A 57 25.45 -8.55 -10.64
C ASN A 57 25.53 -8.49 -12.16
N LEU A 58 26.74 -8.57 -12.70
CA LEU A 58 26.97 -8.59 -14.13
C LEU A 58 27.09 -10.00 -14.68
N ALA A 59 26.84 -11.02 -13.85
CA ALA A 59 26.96 -12.40 -14.29
C ALA A 59 25.69 -12.97 -14.90
N THR A 60 24.53 -12.47 -14.49
CA THR A 60 23.27 -13.09 -14.87
C THR A 60 22.70 -12.45 -16.13
N PHE A 61 21.97 -13.25 -16.90
CA PHE A 61 21.27 -12.79 -18.09
C PHE A 61 19.82 -12.39 -17.81
N VAL A 62 19.29 -12.76 -16.65
CA VAL A 62 17.85 -12.80 -16.42
C VAL A 62 17.37 -11.44 -15.90
N THR A 63 16.21 -11.01 -16.41
CA THR A 63 15.61 -9.75 -16.02
C THR A 63 15.32 -9.73 -14.52
N THR A 64 15.66 -8.61 -13.87
CA THR A 64 15.38 -8.42 -12.46
C THR A 64 14.51 -7.18 -12.17
N TYR A 65 14.13 -6.42 -13.20
CA TYR A 65 13.34 -5.22 -13.02
C TYR A 65 12.23 -5.13 -14.05
N MET A 66 11.01 -4.86 -13.59
CA MET A 66 9.93 -4.36 -14.42
C MET A 66 9.32 -3.14 -13.71
N ASP A 67 8.61 -2.32 -14.48
CA ASP A 67 8.05 -1.11 -13.87
C ASP A 67 6.90 -1.48 -12.92
N ASP A 68 6.43 -0.46 -12.19
CA ASP A 68 5.46 -0.70 -11.13
C ASP A 68 4.14 -1.26 -11.67
N TYR A 69 3.75 -0.86 -12.88
CA TYR A 69 2.50 -1.34 -13.45
C TYR A 69 2.58 -2.81 -13.85
N ALA A 70 3.68 -3.20 -14.52
CA ALA A 70 3.87 -4.61 -14.84
C ALA A 70 3.94 -5.46 -13.58
N THR A 71 4.65 -4.98 -12.56
CA THR A 71 4.81 -5.75 -11.32
C THR A 71 3.48 -5.92 -10.60
N LYS A 72 2.66 -4.87 -10.58
CA LYS A 72 1.33 -4.97 -9.97
C LYS A 72 0.47 -5.94 -10.76
N LEU A 73 0.56 -5.90 -12.08
CA LEU A 73 -0.16 -6.83 -12.95
C LEU A 73 0.18 -8.29 -12.61
N MET A 74 1.48 -8.60 -12.53
CA MET A 74 1.90 -9.98 -12.32
C MET A 74 1.68 -10.44 -10.88
N ASN A 75 1.79 -9.53 -9.91
CA ASN A 75 1.54 -9.91 -8.53
C ASN A 75 0.08 -10.28 -8.31
N GLU A 76 -0.83 -9.55 -8.95
CA GLU A 76 -2.25 -9.86 -8.83
C GLU A 76 -2.64 -11.15 -9.56
N ALA A 77 -1.83 -11.57 -10.54
CA ALA A 77 -2.08 -12.80 -11.27
C ALA A 77 -1.36 -14.01 -10.68
N ILE A 78 -0.84 -13.90 -9.46
CA ILE A 78 -0.09 -15.00 -8.86
C ILE A 78 -0.97 -16.24 -8.67
N ASN A 79 -2.28 -16.06 -8.55
CA ASN A 79 -3.18 -17.17 -8.30
C ASN A 79 -3.93 -17.61 -9.55
N ILE A 80 -3.49 -17.19 -10.73
CA ILE A 80 -4.12 -17.55 -12.00
C ILE A 80 -3.39 -18.75 -12.57
N ASN A 81 -4.09 -19.86 -12.70
CA ASN A 81 -3.56 -21.07 -13.33
C ASN A 81 -3.81 -20.98 -14.83
N TYR A 82 -2.72 -20.90 -15.61
CA TYR A 82 -2.84 -20.65 -17.04
C TYR A 82 -3.66 -21.72 -17.76
N ILE A 83 -3.65 -22.96 -17.27
CA ILE A 83 -4.24 -24.07 -18.02
C ILE A 83 -5.75 -24.14 -17.94
N ASP A 84 -6.38 -23.40 -17.02
CA ASP A 84 -7.83 -23.44 -16.84
C ASP A 84 -8.47 -22.52 -17.87
N GLU A 85 -8.81 -23.08 -19.04
CA GLU A 85 -9.34 -22.29 -20.14
C GLU A 85 -10.80 -21.90 -19.97
N THR A 86 -11.54 -22.55 -19.07
CA THR A 86 -12.93 -22.13 -18.84
C THR A 86 -13.00 -20.89 -17.97
N GLU A 87 -12.11 -20.78 -16.97
CA GLU A 87 -12.14 -19.63 -16.07
C GLU A 87 -11.47 -18.42 -16.70
N TYR A 88 -10.37 -18.63 -17.43
CA TYR A 88 -9.59 -17.56 -18.06
C TYR A 88 -9.44 -17.81 -19.56
N PRO A 89 -10.54 -17.79 -20.31
CA PRO A 89 -10.44 -18.10 -21.75
C PRO A 89 -9.57 -17.12 -22.54
N ARG A 90 -9.59 -15.83 -22.21
CA ARG A 90 -8.82 -14.87 -22.98
C ARG A 90 -7.35 -14.81 -22.59
N ILE A 91 -6.96 -15.41 -21.46
CA ILE A 91 -5.53 -15.53 -21.20
C ILE A 91 -4.92 -16.56 -22.13
N ALA A 92 -5.68 -17.59 -22.50
CA ALA A 92 -5.25 -18.51 -23.54
C ALA A 92 -5.11 -17.80 -24.88
N VAL A 93 -6.10 -16.96 -25.22
CA VAL A 93 -6.03 -16.18 -26.46
C VAL A 93 -4.82 -15.24 -26.41
N MET A 94 -4.63 -14.56 -25.27
CA MET A 94 -3.50 -13.64 -25.14
C MET A 94 -2.17 -14.37 -25.32
N ASN A 95 -2.08 -15.61 -24.85
CA ASN A 95 -0.90 -16.43 -25.12
C ASN A 95 -0.70 -16.63 -26.62
N GLY A 96 -1.77 -16.90 -27.36
CA GLY A 96 -1.66 -17.07 -28.79
C GLY A 96 -1.23 -15.80 -29.50
N LYS A 97 -1.63 -14.65 -28.98
CA LYS A 97 -1.24 -13.38 -29.60
C LYS A 97 0.23 -13.08 -29.37
N CYS A 98 0.78 -13.47 -28.21
CA CYS A 98 2.22 -13.35 -27.99
C CYS A 98 2.98 -14.25 -28.96
N ILE A 99 2.47 -15.45 -29.22
CA ILE A 99 3.11 -16.35 -30.17
C ILE A 99 3.11 -15.75 -31.57
N ASN A 100 1.98 -15.17 -31.99
CA ASN A 100 1.92 -14.48 -33.28
C ASN A 100 2.98 -13.39 -33.35
N ILE A 101 3.10 -12.60 -32.29
CA ILE A 101 4.01 -11.46 -32.28
C ILE A 101 5.46 -11.92 -32.37
N VAL A 102 5.83 -12.94 -31.58
CA VAL A 102 7.19 -13.46 -31.63
C VAL A 102 7.47 -14.08 -32.99
N ALA A 103 6.53 -14.85 -33.53
CA ALA A 103 6.74 -15.50 -34.82
C ALA A 103 6.86 -14.48 -35.95
N ASN A 104 6.11 -13.38 -35.87
CA ASN A 104 6.22 -12.35 -36.90
C ASN A 104 7.48 -11.49 -36.72
N LEU A 105 7.95 -11.32 -35.48
CA LEU A 105 9.26 -10.70 -35.30
C LEU A 105 10.36 -11.51 -35.98
N TRP A 106 10.20 -12.83 -36.01
CA TRP A 106 11.15 -13.72 -36.66
C TRP A 106 10.78 -13.99 -38.11
N ASN A 107 9.87 -13.18 -38.68
CA ASN A 107 9.55 -13.22 -40.11
C ASN A 107 9.05 -14.60 -40.54
N SER A 108 8.18 -15.19 -39.72
CA SER A 108 7.53 -16.44 -40.11
C SER A 108 6.75 -16.23 -41.41
N PRO A 109 6.88 -17.14 -42.38
CA PRO A 109 6.07 -17.06 -43.60
C PRO A 109 4.72 -17.77 -43.49
N GLU A 110 4.41 -18.30 -42.33
CA GLU A 110 3.16 -19.03 -42.12
C GLU A 110 1.97 -18.13 -42.47
N LYS A 111 1.03 -18.69 -43.24
CA LYS A 111 -0.08 -17.90 -43.77
C LYS A 111 -1.27 -17.83 -42.81
N ASP A 112 -1.40 -18.78 -41.90
CA ASP A 112 -2.46 -18.73 -40.90
C ASP A 112 -2.29 -17.53 -39.98
N THR A 113 -3.41 -16.92 -39.59
CA THR A 113 -3.36 -15.79 -38.66
C THR A 113 -2.75 -16.21 -37.33
N TRP A 114 -3.07 -17.41 -36.85
CA TRP A 114 -2.59 -17.90 -35.56
C TRP A 114 -1.37 -18.79 -35.80
N LYS A 115 -0.20 -18.29 -35.41
CA LYS A 115 1.06 -18.94 -35.72
C LYS A 115 1.31 -20.12 -34.79
N THR A 116 2.24 -20.97 -35.21
CA THR A 116 2.55 -22.21 -34.51
C THR A 116 3.69 -21.92 -33.53
N GLY A 117 3.39 -21.99 -32.23
CA GLY A 117 4.39 -21.76 -31.22
C GLY A 117 3.91 -22.29 -29.89
N ALA A 118 4.78 -22.20 -28.89
CA ALA A 118 4.46 -22.72 -27.57
C ALA A 118 5.05 -21.82 -26.48
N LEU A 119 4.26 -21.62 -25.44
CA LEU A 119 4.77 -21.02 -24.21
C LEU A 119 5.65 -22.01 -23.47
N ALA A 120 6.70 -21.51 -22.82
CA ALA A 120 7.59 -22.35 -22.05
C ALA A 120 8.01 -21.62 -20.78
N ILE A 121 8.55 -22.39 -19.83
CA ILE A 121 9.06 -21.80 -18.60
C ILE A 121 10.39 -21.10 -18.85
N GLY A 122 11.09 -21.46 -19.92
CA GLY A 122 12.33 -20.82 -20.27
C GLY A 122 12.84 -21.35 -21.58
N SER A 123 14.05 -20.93 -21.95
CA SER A 123 14.66 -21.47 -23.17
C SER A 123 14.91 -22.97 -23.02
N SER A 124 15.09 -23.45 -21.80
CA SER A 124 15.33 -24.86 -21.55
C SER A 124 14.22 -25.73 -22.15
N GLU A 125 12.97 -25.48 -21.73
CA GLU A 125 11.86 -26.27 -22.25
C GLU A 125 11.60 -25.97 -23.72
N ALA A 126 11.82 -24.72 -24.16
CA ALA A 126 11.61 -24.37 -25.55
C ALA A 126 12.61 -25.08 -26.46
N CYS A 127 13.87 -25.17 -26.02
CA CYS A 127 14.87 -25.91 -26.81
C CYS A 127 14.52 -27.38 -26.90
N MET A 128 14.12 -27.99 -25.78
CA MET A 128 13.77 -29.41 -25.78
C MET A 128 12.60 -29.68 -26.71
N LEU A 129 11.58 -28.82 -26.69
CA LEU A 129 10.45 -28.99 -27.60
C LEU A 129 10.90 -28.91 -29.05
N GLY A 130 11.79 -27.97 -29.36
CA GLY A 130 12.36 -27.91 -30.70
C GLY A 130 13.15 -29.15 -31.06
N GLY A 131 13.97 -29.63 -30.12
CA GLY A 131 14.76 -30.82 -30.37
C GLY A 131 13.92 -32.07 -30.53
N VAL A 132 12.90 -32.22 -29.68
CA VAL A 132 12.02 -33.39 -29.76
C VAL A 132 11.25 -33.38 -31.08
N ALA A 133 10.79 -32.21 -31.51
CA ALA A 133 10.09 -32.13 -32.80
C ALA A 133 11.01 -32.52 -33.95
N ALA A 134 12.25 -32.03 -33.93
CA ALA A 134 13.22 -32.42 -34.94
C ALA A 134 13.48 -33.92 -34.92
N TRP A 135 13.51 -34.51 -33.71
CA TRP A 135 13.75 -35.94 -33.59
C TRP A 135 12.59 -36.74 -34.16
N LEU A 136 11.35 -36.30 -33.93
CA LEU A 136 10.19 -37.02 -34.44
C LEU A 136 10.05 -36.85 -35.95
N ARG A 137 10.36 -35.67 -36.49
CA ARG A 137 10.37 -35.49 -37.94
C ARG A 137 11.38 -36.41 -38.61
N TRP A 138 12.53 -36.60 -37.96
CA TRP A 138 13.55 -37.47 -38.52
C TRP A 138 13.13 -38.93 -38.46
N ARG A 139 12.51 -39.35 -37.35
CA ARG A 139 12.00 -40.71 -37.25
C ARG A 139 10.97 -41.02 -38.33
N LYS A 140 10.09 -40.06 -38.62
CA LYS A 140 9.03 -40.32 -39.60
C LYS A 140 9.60 -40.40 -41.01
N LYS A 141 10.61 -39.58 -41.32
CA LYS A 141 11.26 -39.67 -42.63
C LYS A 141 11.92 -41.03 -42.82
N ARG A 142 12.72 -41.45 -41.85
CA ARG A 142 13.51 -42.68 -42.00
C ARG A 142 12.62 -43.92 -42.08
N GLN A 143 11.47 -43.90 -41.40
CA GLN A 143 10.52 -45.01 -41.55
C GLN A 143 9.99 -45.07 -42.98
N ALA A 144 9.58 -43.92 -43.54
CA ALA A 144 9.04 -43.89 -44.89
C ALA A 144 10.06 -44.31 -45.94
N GLN A 145 11.35 -44.32 -45.60
CA GLN A 145 12.39 -44.76 -46.51
C GLN A 145 12.88 -46.17 -46.23
N GLY A 146 12.46 -46.78 -45.12
CA GLY A 146 12.98 -48.09 -44.76
C GLY A 146 14.34 -48.07 -44.12
N LYS A 147 14.80 -46.91 -43.64
CA LYS A 147 16.09 -46.78 -42.98
C LYS A 147 15.95 -46.91 -41.48
N PRO A 148 17.03 -47.27 -40.78
CA PRO A 148 16.99 -47.36 -39.32
C PRO A 148 16.73 -46.00 -38.69
N PHE A 149 16.21 -46.03 -37.46
CA PHE A 149 15.98 -44.79 -36.71
C PHE A 149 16.25 -45.00 -35.22
N ASP A 150 17.26 -45.82 -34.90
CA ASP A 150 17.59 -46.11 -33.51
C ASP A 150 18.81 -45.35 -33.00
N LYS A 151 19.61 -44.74 -33.87
CA LYS A 151 20.84 -44.05 -33.47
C LYS A 151 20.84 -42.58 -33.90
N PRO A 152 19.91 -41.77 -33.41
CA PRO A 152 19.89 -40.36 -33.80
C PRO A 152 21.04 -39.59 -33.16
N ASN A 153 21.43 -38.50 -33.81
CA ASN A 153 22.41 -37.58 -33.27
C ASN A 153 22.05 -36.16 -33.71
N PHE A 154 22.67 -35.18 -33.05
CA PHE A 154 22.57 -33.80 -33.47
C PHE A 154 23.93 -33.14 -33.31
N VAL A 155 24.12 -32.04 -34.05
CA VAL A 155 25.40 -31.36 -34.15
C VAL A 155 25.26 -29.97 -33.53
N ILE A 156 26.22 -29.61 -32.69
CA ILE A 156 26.17 -28.33 -31.97
C ILE A 156 27.59 -27.92 -31.62
N SER A 157 27.80 -26.61 -31.46
CA SER A 157 29.09 -26.11 -30.99
C SER A 157 29.36 -26.56 -29.56
N THR A 158 30.63 -26.68 -29.21
CA THR A 158 31.02 -26.96 -27.83
C THR A 158 30.60 -25.87 -26.85
N GLY A 159 30.22 -24.70 -27.35
CA GLY A 159 29.72 -23.62 -26.50
C GLY A 159 28.26 -23.76 -26.15
N PHE A 160 27.74 -24.99 -26.18
CA PHE A 160 26.33 -25.21 -25.85
C PHE A 160 26.06 -24.94 -24.38
N GLN A 161 24.82 -24.59 -24.08
CA GLN A 161 24.35 -24.49 -22.70
C GLN A 161 23.84 -25.85 -22.25
N VAL A 162 23.80 -26.05 -20.93
CA VAL A 162 23.60 -27.39 -20.36
C VAL A 162 22.30 -28.05 -20.81
N VAL A 163 21.32 -27.28 -21.29
CA VAL A 163 20.04 -27.88 -21.67
C VAL A 163 20.22 -28.88 -22.80
N TRP A 164 21.19 -28.64 -23.69
CA TRP A 164 21.42 -29.58 -24.78
C TRP A 164 22.06 -30.86 -24.28
N GLU A 165 22.80 -30.79 -23.16
CA GLU A 165 23.28 -32.00 -22.53
C GLU A 165 22.15 -32.74 -21.84
N LYS A 166 21.26 -31.99 -21.18
CA LYS A 166 20.03 -32.59 -20.64
C LYS A 166 19.22 -33.26 -21.74
N PHE A 167 19.06 -32.56 -22.86
CA PHE A 167 18.32 -33.13 -23.99
C PHE A 167 18.99 -34.42 -24.48
N ALA A 168 20.32 -34.41 -24.60
CA ALA A 168 21.04 -35.59 -25.06
C ALA A 168 20.87 -36.76 -24.11
N GLN A 169 20.91 -36.50 -22.80
CA GLN A 169 20.83 -37.60 -21.84
C GLN A 169 19.41 -38.10 -21.65
N LEU A 170 18.44 -37.20 -21.51
CA LEU A 170 17.08 -37.59 -21.18
C LEU A 170 16.35 -38.25 -22.34
N TRP A 171 16.75 -37.97 -23.58
CA TRP A 171 16.19 -38.65 -24.74
C TRP A 171 17.16 -39.63 -25.37
N GLN A 172 18.35 -39.78 -24.80
CA GLN A 172 19.39 -40.69 -25.30
C GLN A 172 19.66 -40.44 -26.78
N ILE A 173 20.07 -39.21 -27.06
CA ILE A 173 20.42 -38.78 -28.41
C ILE A 173 21.87 -38.31 -28.39
N GLU A 174 22.67 -38.84 -29.33
CA GLU A 174 24.09 -38.56 -29.36
C GLU A 174 24.35 -37.10 -29.72
N MET A 175 25.19 -36.44 -28.93
CA MET A 175 25.62 -35.07 -29.19
C MET A 175 26.98 -35.08 -29.86
N ARG A 176 27.09 -34.43 -31.01
CA ARG A 176 28.35 -34.31 -31.74
C ARG A 176 28.78 -32.85 -31.74
N GLU A 177 29.95 -32.59 -31.15
CA GLU A 177 30.38 -31.24 -30.81
C GLU A 177 31.44 -30.75 -31.78
N VAL A 178 31.28 -29.50 -32.23
CA VAL A 178 32.24 -28.84 -33.11
C VAL A 178 33.08 -27.91 -32.23
N PRO A 179 34.38 -28.13 -32.11
CA PRO A 179 35.17 -27.36 -31.13
C PRO A 179 35.39 -25.92 -31.56
N LEU A 180 35.59 -25.06 -30.56
CA LEU A 180 36.01 -23.68 -30.78
C LEU A 180 37.53 -23.60 -30.88
N THR A 181 38.00 -22.72 -31.77
CA THR A 181 39.41 -22.36 -31.83
C THR A 181 39.52 -20.86 -32.05
N LEU A 182 40.75 -20.34 -32.00
CA LEU A 182 40.96 -18.92 -32.24
C LEU A 182 40.75 -18.55 -33.69
N GLU A 183 40.85 -19.52 -34.61
CA GLU A 183 40.52 -19.26 -36.01
C GLU A 183 39.02 -19.39 -36.28
N LYS A 184 38.33 -20.25 -35.54
CA LYS A 184 36.88 -20.45 -35.66
C LYS A 184 36.24 -20.17 -34.31
N THR A 185 35.99 -18.88 -34.04
CA THR A 185 35.46 -18.47 -32.75
C THR A 185 33.98 -18.77 -32.60
N THR A 186 33.30 -19.18 -33.67
CA THR A 186 31.92 -19.65 -33.61
C THR A 186 31.80 -20.93 -34.44
N LEU A 187 30.59 -21.47 -34.48
CA LEU A 187 30.32 -22.69 -35.23
C LEU A 187 30.67 -22.49 -36.70
N ASP A 188 31.61 -23.29 -37.19
CA ASP A 188 31.99 -23.20 -38.59
C ASP A 188 31.12 -24.13 -39.42
N PRO A 189 30.43 -23.62 -40.45
CA PRO A 189 29.52 -24.48 -41.22
C PRO A 189 30.20 -25.68 -41.85
N GLU A 190 31.38 -25.49 -42.44
CA GLU A 190 32.09 -26.59 -43.07
C GLU A 190 32.49 -27.66 -42.05
N GLU A 191 32.93 -27.24 -40.87
CA GLU A 191 33.36 -28.20 -39.86
C GLU A 191 32.18 -28.92 -39.22
N ALA A 192 31.02 -28.25 -39.15
CA ALA A 192 29.82 -28.90 -38.64
C ALA A 192 29.33 -29.97 -39.59
N LEU A 193 29.46 -29.72 -40.90
CA LEU A 193 28.99 -30.69 -41.90
C LEU A 193 29.80 -31.98 -41.88
N LYS A 194 31.06 -31.92 -41.43
CA LYS A 194 31.88 -33.12 -41.31
C LYS A 194 31.37 -34.10 -40.26
N MET A 195 30.45 -33.68 -39.39
CA MET A 195 29.90 -34.55 -38.35
C MET A 195 28.49 -35.02 -38.67
N CYS A 196 27.94 -34.65 -39.82
CA CYS A 196 26.60 -35.08 -40.21
C CYS A 196 26.64 -36.42 -40.91
N ASP A 197 25.50 -37.11 -40.86
CA ASP A 197 25.30 -38.38 -41.56
C ASP A 197 23.79 -38.60 -41.67
N GLU A 198 23.41 -39.81 -42.08
CA GLU A 198 22.00 -40.12 -42.25
C GLU A 198 21.21 -40.04 -40.94
N ASN A 199 21.91 -40.00 -39.80
CA ASN A 199 21.28 -40.03 -38.49
C ASN A 199 21.19 -38.65 -37.83
N THR A 200 21.56 -37.58 -38.52
CA THR A 200 21.54 -36.26 -37.92
C THR A 200 20.13 -35.69 -37.95
N ILE A 201 19.59 -35.34 -36.78
CA ILE A 201 18.22 -34.85 -36.72
C ILE A 201 18.13 -33.35 -36.97
N CYS A 202 19.17 -32.59 -36.63
CA CYS A 202 19.26 -31.16 -36.95
C CYS A 202 20.62 -30.65 -36.51
N VAL A 203 20.90 -29.41 -36.91
CA VAL A 203 22.08 -28.66 -36.48
C VAL A 203 21.61 -27.47 -35.67
N VAL A 204 22.32 -27.17 -34.58
CA VAL A 204 21.88 -26.11 -33.67
C VAL A 204 22.89 -24.99 -33.60
N PRO A 205 22.74 -23.94 -34.41
CA PRO A 205 23.52 -22.72 -34.19
C PRO A 205 22.90 -21.91 -33.05
N ILE A 206 23.76 -21.15 -32.36
CA ILE A 206 23.36 -20.44 -31.16
C ILE A 206 23.52 -18.94 -31.39
N GLN A 207 22.47 -18.18 -31.09
CA GLN A 207 22.49 -16.73 -31.18
C GLN A 207 22.65 -16.18 -29.78
N GLY A 208 23.88 -15.81 -29.43
CA GLY A 208 24.18 -15.40 -28.08
C GLY A 208 24.77 -16.56 -27.30
N VAL A 209 25.89 -17.09 -27.79
CA VAL A 209 26.56 -18.19 -27.10
C VAL A 209 26.87 -17.74 -25.68
N THR A 210 26.40 -18.52 -24.70
CA THR A 210 26.48 -18.11 -23.31
C THR A 210 27.91 -17.87 -22.86
N TRP A 211 28.88 -18.61 -23.42
CA TRP A 211 30.26 -18.47 -23.00
C TRP A 211 30.99 -17.32 -23.69
N THR A 212 30.57 -16.92 -24.89
CA THR A 212 31.32 -15.95 -25.68
C THR A 212 30.52 -14.73 -26.10
N GLY A 213 29.20 -14.81 -26.12
CA GLY A 213 28.39 -13.68 -26.53
C GLY A 213 28.20 -13.53 -28.03
N LEU A 214 28.82 -14.39 -28.84
CA LEU A 214 28.77 -14.27 -30.29
C LEU A 214 27.55 -14.96 -30.86
N ASN A 215 27.32 -14.74 -32.15
CA ASN A 215 26.24 -15.39 -32.90
C ASN A 215 26.86 -16.33 -33.92
N ASP A 216 26.46 -17.59 -33.88
CA ASP A 216 26.77 -18.50 -34.98
C ASP A 216 26.13 -17.98 -36.26
N ASP A 217 26.88 -18.06 -37.37
CA ASP A 217 26.42 -17.49 -38.64
C ASP A 217 25.41 -18.45 -39.26
N VAL A 218 24.13 -18.17 -39.02
CA VAL A 218 23.06 -19.07 -39.47
C VAL A 218 22.94 -19.05 -40.98
N GLU A 219 23.08 -17.87 -41.59
CA GLU A 219 22.90 -17.77 -43.04
C GLU A 219 23.97 -18.56 -43.79
N ALA A 220 25.21 -18.54 -43.30
CA ALA A 220 26.26 -19.35 -43.90
C ALA A 220 25.99 -20.83 -43.69
N LEU A 221 25.45 -21.21 -42.52
CA LEU A 221 25.10 -22.60 -42.27
C LEU A 221 23.96 -23.05 -43.19
N ASP A 222 22.97 -22.19 -43.42
CA ASP A 222 21.88 -22.52 -44.32
C ASP A 222 22.38 -22.69 -45.75
N LYS A 223 23.25 -21.78 -46.21
CA LYS A 223 23.83 -21.90 -47.55
C LYS A 223 24.62 -23.19 -47.69
N ALA A 224 25.38 -23.58 -46.66
CA ALA A 224 26.14 -24.82 -46.71
C ALA A 224 25.22 -26.04 -46.61
N LEU A 225 24.22 -25.97 -45.74
CA LEU A 225 23.30 -27.10 -45.56
C LEU A 225 22.49 -27.35 -46.81
N ASP A 226 22.13 -26.30 -47.55
CA ASP A 226 21.32 -26.46 -48.75
C ASP A 226 22.08 -27.26 -49.82
N ALA A 227 23.37 -26.98 -50.00
CA ALA A 227 24.17 -27.75 -50.94
C ALA A 227 24.35 -29.19 -50.46
N TYR A 228 24.57 -29.37 -49.16
CA TYR A 228 24.76 -30.71 -48.61
C TYR A 228 23.48 -31.53 -48.69
N ASN A 229 22.33 -30.90 -48.42
CA ASN A 229 21.06 -31.63 -48.47
C ASN A 229 20.70 -32.03 -49.89
N ALA A 230 21.07 -31.22 -50.88
CA ALA A 230 20.80 -31.59 -52.26
C ALA A 230 21.68 -32.74 -52.72
N LYS A 231 22.92 -32.81 -52.21
CA LYS A 231 23.83 -33.88 -52.61
C LYS A 231 23.49 -35.20 -51.93
N THR A 232 22.94 -35.14 -50.71
CA THR A 232 22.68 -36.35 -49.93
C THR A 232 21.22 -36.73 -49.84
N GLY A 233 20.31 -35.76 -49.85
CA GLY A 233 18.92 -36.04 -49.62
C GLY A 233 18.55 -36.27 -48.17
N TYR A 234 19.46 -35.96 -47.23
CA TYR A 234 19.19 -36.20 -45.82
C TYR A 234 18.19 -35.20 -45.24
N ASP A 235 18.09 -34.01 -45.84
CA ASP A 235 17.13 -32.98 -45.42
C ASP A 235 17.33 -32.63 -43.94
N ILE A 236 18.58 -32.33 -43.58
CA ILE A 236 18.92 -31.99 -42.20
C ILE A 236 18.50 -30.54 -41.95
N PRO A 237 17.62 -30.29 -40.97
CA PRO A 237 17.16 -28.92 -40.73
C PRO A 237 17.98 -28.18 -39.69
N ILE A 238 17.54 -26.97 -39.36
CA ILE A 238 18.20 -26.12 -38.38
C ILE A 238 17.19 -25.77 -37.28
N HIS A 239 17.61 -25.93 -36.03
CA HIS A 239 16.94 -25.28 -34.90
C HIS A 239 17.88 -24.23 -34.33
N VAL A 240 17.39 -23.01 -34.22
CA VAL A 240 18.18 -21.88 -33.73
C VAL A 240 17.92 -21.72 -32.23
N ASP A 241 18.95 -21.95 -31.42
CA ASP A 241 18.91 -21.60 -30.01
C ASP A 241 19.24 -20.12 -29.91
N ALA A 242 18.22 -19.28 -29.81
CA ALA A 242 18.38 -17.83 -29.77
C ALA A 242 17.96 -17.26 -28.42
N ALA A 243 18.38 -17.91 -27.34
CA ALA A 243 17.97 -17.54 -25.99
C ALA A 243 18.15 -16.05 -25.73
N SER A 244 19.34 -15.52 -26.04
CA SER A 244 19.60 -14.09 -25.92
C SER A 244 19.24 -13.35 -27.21
N GLY A 245 19.85 -13.75 -28.32
CA GLY A 245 19.75 -12.98 -29.56
C GLY A 245 18.36 -12.89 -30.14
N GLY A 246 17.45 -13.78 -29.75
CA GLY A 246 16.10 -13.77 -30.30
C GLY A 246 15.36 -12.48 -30.04
N PHE A 247 15.70 -11.76 -28.97
CA PHE A 247 15.11 -10.47 -28.67
C PHE A 247 16.06 -9.31 -28.95
N ILE A 248 17.19 -9.57 -29.61
CA ILE A 248 18.13 -8.53 -30.01
C ILE A 248 18.14 -8.33 -31.51
N LEU A 249 18.31 -9.41 -32.27
CA LEU A 249 18.44 -9.31 -33.72
C LEU A 249 17.27 -8.63 -34.42
N PRO A 250 16.00 -8.93 -34.11
CA PRO A 250 14.91 -8.28 -34.86
C PRO A 250 14.86 -6.78 -34.70
N PHE A 251 15.38 -6.24 -33.59
CA PHE A 251 15.28 -4.81 -33.34
C PHE A 251 16.53 -4.05 -33.79
N LEU A 252 17.71 -4.65 -33.65
CA LEU A 252 18.96 -3.96 -33.96
C LEU A 252 19.62 -4.41 -35.25
N TYR A 253 19.35 -5.61 -35.72
CA TYR A 253 19.93 -6.11 -36.98
C TYR A 253 18.83 -6.68 -37.86
N PRO A 254 17.86 -5.86 -38.29
CA PRO A 254 16.74 -6.39 -39.08
C PRO A 254 17.17 -7.00 -40.40
N ASP A 255 18.29 -6.56 -40.98
CA ASP A 255 18.71 -7.05 -42.28
C ASP A 255 19.56 -8.31 -42.20
N THR A 256 19.96 -8.73 -41.01
CA THR A 256 20.67 -9.99 -40.84
C THR A 256 19.68 -11.15 -40.97
N LYS A 257 19.86 -11.98 -41.99
CA LYS A 257 18.99 -13.12 -42.24
C LYS A 257 19.47 -14.28 -41.37
N TRP A 258 18.73 -14.53 -40.28
CA TRP A 258 19.04 -15.62 -39.37
C TRP A 258 17.82 -16.46 -39.01
N ASP A 259 16.62 -16.04 -39.39
CA ASP A 259 15.39 -16.60 -38.85
C ASP A 259 14.62 -17.40 -39.90
N PHE A 260 13.30 -17.26 -39.90
CA PHE A 260 12.46 -18.04 -40.80
C PHE A 260 12.58 -17.59 -42.25
N ARG A 261 13.32 -16.51 -42.54
CA ARG A 261 13.62 -16.16 -43.91
C ARG A 261 14.54 -17.17 -44.59
N LEU A 262 15.21 -18.02 -43.82
CA LEU A 262 16.11 -19.01 -44.38
C LEU A 262 15.37 -20.33 -44.59
N LYS A 263 15.72 -21.02 -45.68
CA LYS A 263 14.96 -22.20 -46.11
C LYS A 263 14.92 -23.26 -45.03
N TRP A 264 16.05 -23.54 -44.38
CA TRP A 264 16.19 -24.70 -43.51
C TRP A 264 16.02 -24.38 -42.03
N VAL A 265 15.70 -23.14 -41.67
CA VAL A 265 15.41 -22.80 -40.28
C VAL A 265 13.96 -23.16 -40.02
N LEU A 266 13.74 -24.30 -39.36
CA LEU A 266 12.38 -24.79 -39.10
C LEU A 266 11.87 -24.48 -37.71
N SER A 267 12.74 -24.17 -36.76
CA SER A 267 12.28 -23.81 -35.42
C SER A 267 13.31 -22.89 -34.75
N ILE A 268 12.80 -22.03 -33.85
CA ILE A 268 13.60 -21.05 -33.13
C ILE A 268 13.06 -20.97 -31.71
N SER A 269 13.97 -20.87 -30.73
CA SER A 269 13.58 -20.71 -29.33
C SER A 269 14.27 -19.49 -28.73
N VAL A 270 13.68 -18.95 -27.67
CA VAL A 270 14.17 -17.72 -27.05
C VAL A 270 13.76 -17.71 -25.58
N SER A 271 14.53 -16.99 -24.77
CA SER A 271 14.21 -16.75 -23.36
C SER A 271 13.48 -15.41 -23.25
N GLY A 272 12.20 -15.45 -22.89
CA GLY A 272 11.47 -14.23 -22.62
C GLY A 272 11.94 -13.46 -21.40
N HIS A 273 12.58 -14.14 -20.45
CA HIS A 273 12.98 -13.52 -19.20
C HIS A 273 14.44 -13.05 -19.20
N LYS A 274 15.05 -12.97 -20.37
CA LYS A 274 16.45 -12.43 -20.42
C LYS A 274 16.41 -11.03 -21.02
N PHE A 275 16.18 -10.95 -22.33
CA PHE A 275 16.12 -9.67 -23.03
C PHE A 275 14.71 -9.41 -23.57
N GLY A 276 13.77 -10.32 -23.33
CA GLY A 276 12.35 -10.00 -23.43
C GLY A 276 11.85 -9.12 -22.31
N LEU A 277 12.66 -8.90 -21.27
CA LEU A 277 12.41 -7.93 -20.20
C LEU A 277 11.25 -8.35 -19.29
N VAL A 278 11.10 -9.65 -19.05
CA VAL A 278 10.06 -10.18 -18.18
C VAL A 278 10.71 -10.93 -17.02
N TYR A 279 10.05 -10.91 -15.86
CA TYR A 279 10.51 -11.69 -14.71
C TYR A 279 10.66 -13.17 -15.06
N PRO A 280 11.47 -13.91 -14.29
CA PRO A 280 11.73 -15.32 -14.61
C PRO A 280 10.46 -16.14 -14.81
N GLY A 281 10.49 -17.01 -15.81
CA GLY A 281 9.40 -17.94 -16.05
C GLY A 281 8.82 -17.90 -17.45
N LEU A 282 9.60 -17.46 -18.43
CA LEU A 282 9.07 -17.22 -19.78
C LEU A 282 10.05 -17.65 -20.85
N GLY A 283 9.56 -18.48 -21.77
CA GLY A 283 10.31 -18.83 -22.97
C GLY A 283 9.35 -19.07 -24.11
N TRP A 284 9.87 -18.99 -25.33
CA TRP A 284 9.07 -19.18 -26.54
C TRP A 284 9.80 -20.10 -27.50
N VAL A 285 9.05 -20.95 -28.19
CA VAL A 285 9.53 -21.70 -29.34
C VAL A 285 8.51 -21.54 -30.47
N CYS A 286 8.98 -21.23 -31.67
CA CYS A 286 8.13 -21.14 -32.84
C CYS A 286 8.65 -22.06 -33.93
N TRP A 287 7.72 -22.54 -34.76
CA TRP A 287 8.04 -23.32 -35.95
C TRP A 287 7.67 -22.54 -37.19
N LYS A 288 8.37 -22.83 -38.29
CA LYS A 288 8.12 -22.12 -39.54
C LYS A 288 6.68 -22.28 -40.00
N GLY A 289 6.07 -23.42 -39.71
CA GLY A 289 4.68 -23.66 -40.07
C GLY A 289 4.16 -24.87 -39.34
N LYS A 290 2.84 -25.06 -39.45
CA LYS A 290 2.18 -26.14 -38.72
C LYS A 290 2.70 -27.51 -39.13
N GLU A 291 3.16 -27.65 -40.38
CA GLU A 291 3.57 -28.95 -40.89
C GLU A 291 4.94 -29.40 -40.39
N TYR A 292 5.69 -28.55 -39.71
CA TYR A 292 6.94 -28.94 -39.08
C TYR A 292 6.79 -29.26 -37.61
N LEU A 293 5.59 -29.12 -37.07
CA LEU A 293 5.28 -29.58 -35.73
C LEU A 293 4.56 -30.92 -35.86
N PRO A 294 5.16 -32.02 -35.41
CA PRO A 294 4.53 -33.33 -35.65
C PRO A 294 3.20 -33.44 -34.94
N GLU A 295 2.30 -34.24 -35.54
CA GLU A 295 0.96 -34.40 -34.98
C GLU A 295 1.01 -34.94 -33.56
N GLU A 296 2.00 -35.77 -33.25
CA GLU A 296 2.11 -36.37 -31.92
C GLU A 296 2.23 -35.34 -30.81
N MET A 297 2.63 -34.11 -31.12
CA MET A 297 2.93 -33.13 -30.08
C MET A 297 1.84 -32.11 -29.85
N SER A 298 0.86 -31.98 -30.75
CA SER A 298 -0.07 -30.86 -30.67
C SER A 298 -1.52 -31.30 -30.91
N PHE A 299 -2.39 -30.58 -30.20
CA PHE A 299 -3.86 -30.73 -30.32
C PHE A 299 -4.37 -29.28 -30.24
N SER A 300 -5.33 -28.87 -31.07
CA SER A 300 -5.77 -27.49 -31.18
C SER A 300 -7.25 -27.34 -30.88
N VAL A 301 -7.60 -26.23 -30.23
CA VAL A 301 -8.98 -25.90 -29.89
C VAL A 301 -9.30 -24.54 -30.50
N ASN A 302 -10.59 -24.24 -30.56
CA ASN A 302 -11.05 -22.98 -31.15
C ASN A 302 -11.93 -22.19 -30.18
N ALA A 306 -10.55 -17.86 -33.04
CA ALA A 306 -9.18 -18.03 -32.57
C ALA A 306 -8.77 -19.49 -32.60
N ASN A 307 -7.49 -19.76 -32.87
CA ASN A 307 -6.96 -21.11 -32.95
C ASN A 307 -5.79 -21.22 -31.96
N ILE A 308 -6.03 -21.91 -30.85
CA ILE A 308 -5.06 -22.06 -29.77
C ILE A 308 -4.58 -23.50 -29.78
N THR A 309 -3.30 -23.69 -30.11
CA THR A 309 -2.69 -25.03 -30.09
C THR A 309 -1.98 -25.24 -28.75
N GLN A 310 -2.20 -26.40 -28.15
CA GLN A 310 -1.65 -26.73 -26.82
C GLN A 310 -0.46 -27.68 -27.00
N VAL A 311 0.74 -27.12 -26.89
CA VAL A 311 1.98 -27.88 -26.95
C VAL A 311 2.78 -27.55 -25.70
N GLY A 312 3.49 -28.56 -25.16
CA GLY A 312 4.35 -28.24 -24.02
C GLY A 312 4.56 -29.39 -23.06
N LEU A 313 5.55 -29.24 -22.17
CA LEU A 313 5.85 -30.24 -21.15
C LEU A 313 5.03 -30.06 -19.88
N ASN A 314 4.54 -28.86 -19.61
CA ASN A 314 3.83 -28.57 -18.37
C ASN A 314 2.32 -28.67 -18.57
N PHE A 315 1.60 -28.70 -17.44
CA PHE A 315 0.16 -28.54 -17.44
C PHE A 315 -0.18 -27.28 -16.66
N SER A 316 -0.45 -27.41 -15.37
CA SER A 316 -0.60 -26.23 -14.52
C SER A 316 0.71 -25.46 -14.45
N ARG A 317 0.62 -24.14 -14.54
CA ARG A 317 1.79 -23.27 -14.45
C ARG A 317 1.30 -21.85 -14.19
N PRO A 318 2.16 -20.99 -13.65
CA PRO A 318 1.76 -19.59 -13.44
C PRO A 318 1.51 -18.88 -14.76
N ALA A 319 0.47 -18.03 -14.76
CA ALA A 319 0.11 -17.24 -15.93
C ALA A 319 0.69 -15.83 -15.91
N ALA A 320 1.28 -15.41 -14.80
CA ALA A 320 1.73 -14.03 -14.65
C ALA A 320 2.67 -13.60 -15.77
N GLN A 321 3.58 -14.50 -16.19
CA GLN A 321 4.60 -14.11 -17.17
C GLN A 321 4.00 -13.84 -18.54
N ILE A 322 2.87 -14.47 -18.87
CA ILE A 322 2.19 -14.15 -20.12
C ILE A 322 1.72 -12.70 -20.11
N LEU A 323 1.10 -12.29 -19.01
CA LEU A 323 0.64 -10.90 -18.89
C LEU A 323 1.81 -9.93 -18.99
N GLY A 324 2.93 -10.26 -18.34
CA GLY A 324 4.10 -9.40 -18.39
C GLY A 324 4.65 -9.23 -19.79
N GLN A 325 4.75 -10.33 -20.53
CA GLN A 325 5.23 -10.26 -21.91
C GLN A 325 4.29 -9.39 -22.75
N TYR A 326 2.99 -9.62 -22.64
CA TYR A 326 2.03 -8.86 -23.42
C TYR A 326 2.02 -7.39 -23.01
N TYR A 327 2.17 -7.11 -21.72
CA TYR A 327 2.31 -5.73 -21.27
C TYR A 327 3.52 -5.06 -21.93
N GLN A 328 4.66 -5.76 -21.96
CA GLN A 328 5.87 -5.18 -22.53
C GLN A 328 5.70 -4.92 -24.02
N PHE A 329 5.05 -5.85 -24.74
CA PHE A 329 4.80 -5.64 -26.16
C PHE A 329 3.99 -4.37 -26.39
N ILE A 330 2.95 -4.16 -25.58
CA ILE A 330 2.10 -2.98 -25.75
C ILE A 330 2.78 -1.72 -25.24
N ARG A 331 3.42 -1.81 -24.06
CA ARG A 331 4.00 -0.62 -23.46
C ARG A 331 5.19 -0.11 -24.25
N LEU A 332 6.05 -1.01 -24.71
CA LEU A 332 7.24 -0.59 -25.44
C LEU A 332 7.02 -0.50 -26.94
N GLY A 333 6.35 -1.48 -27.53
CA GLY A 333 6.27 -1.52 -28.97
C GLY A 333 7.64 -1.81 -29.58
N PHE A 334 7.69 -1.72 -30.91
CA PHE A 334 8.95 -1.99 -31.61
C PHE A 334 10.02 -0.97 -31.23
N GLN A 335 9.70 0.32 -31.31
CA GLN A 335 10.66 1.36 -30.99
C GLN A 335 11.10 1.28 -29.53
N GLY A 336 10.18 0.97 -28.63
CA GLY A 336 10.54 0.88 -27.22
C GLY A 336 11.52 -0.24 -26.95
N TYR A 337 11.25 -1.42 -27.52
CA TYR A 337 12.22 -2.51 -27.44
C TYR A 337 13.53 -2.12 -28.10
N LYS A 338 13.48 -1.46 -29.27
CA LYS A 338 14.71 -1.09 -29.96
C LYS A 338 15.55 -0.15 -29.13
N GLU A 339 14.92 0.81 -28.45
CA GLU A 339 15.65 1.77 -27.64
C GLU A 339 16.29 1.09 -26.43
N VAL A 340 15.59 0.14 -25.81
CA VAL A 340 16.12 -0.55 -24.64
C VAL A 340 17.35 -1.38 -25.01
N GLN A 341 17.23 -2.21 -26.04
CA GLN A 341 18.36 -3.03 -26.45
C GLN A 341 19.49 -2.20 -27.04
N TYR A 342 19.16 -1.08 -27.68
CA TYR A 342 20.19 -0.20 -28.22
C TYR A 342 21.05 0.39 -27.10
N ASN A 343 20.42 0.85 -26.02
CA ASN A 343 21.17 1.42 -24.91
C ASN A 343 22.04 0.36 -24.25
N SER A 344 21.52 -0.85 -24.07
CA SER A 344 22.30 -1.94 -23.51
C SER A 344 23.51 -2.26 -24.39
N LEU A 345 23.31 -2.33 -25.71
CA LEU A 345 24.39 -2.67 -26.61
C LEU A 345 25.45 -1.58 -26.67
N GLN A 346 25.04 -0.31 -26.63
CA GLN A 346 26.01 0.78 -26.67
C GLN A 346 26.92 0.76 -25.44
N ILE A 347 26.34 0.56 -24.25
CA ILE A 347 27.15 0.51 -23.04
C ILE A 347 28.07 -0.71 -23.06
N ALA A 348 27.60 -1.82 -23.63
CA ALA A 348 28.46 -2.99 -23.79
C ALA A 348 29.63 -2.68 -24.73
N LYS A 349 29.34 -2.02 -25.86
CA LYS A 349 30.41 -1.61 -26.78
C LYS A 349 31.39 -0.67 -26.09
N TYR A 350 30.88 0.19 -25.21
CA TYR A 350 31.74 1.16 -24.53
C TYR A 350 32.71 0.47 -23.57
N ILE A 351 32.19 -0.42 -22.71
CA ILE A 351 33.07 -1.18 -21.81
C ILE A 351 34.02 -2.04 -22.60
N HIS A 352 33.52 -2.70 -23.64
CA HIS A 352 34.35 -3.52 -24.51
C HIS A 352 35.50 -2.72 -25.11
N GLY A 353 35.22 -1.48 -25.54
CA GLY A 353 36.27 -0.66 -26.12
C GLY A 353 37.29 -0.17 -25.11
N GLU A 354 36.86 0.09 -23.88
CA GLU A 354 37.78 0.55 -22.85
C GLU A 354 38.65 -0.59 -22.33
N ILE A 355 38.08 -1.79 -22.21
CA ILE A 355 38.86 -2.97 -21.81
C ILE A 355 39.98 -3.22 -22.81
N ALA A 356 39.71 -3.03 -24.10
CA ALA A 356 40.70 -3.32 -25.13
C ALA A 356 41.92 -2.41 -25.01
N LYS A 357 41.77 -1.22 -24.44
CA LYS A 357 42.88 -0.29 -24.31
C LYS A 357 43.78 -0.58 -23.13
N MET A 358 43.38 -1.45 -22.21
CA MET A 358 44.19 -1.75 -21.03
C MET A 358 45.22 -2.81 -21.40
N ALA A 359 46.46 -2.59 -20.96
CA ALA A 359 47.58 -3.45 -21.34
C ALA A 359 47.35 -4.95 -21.14
N PRO A 360 46.76 -5.44 -20.04
CA PRO A 360 46.70 -6.89 -19.84
C PRO A 360 45.71 -7.61 -20.74
N PHE A 361 44.77 -6.92 -21.36
CA PHE A 361 43.57 -7.56 -21.90
C PHE A 361 43.55 -7.56 -23.43
N VAL A 362 42.90 -8.59 -23.97
CA VAL A 362 42.57 -8.66 -25.39
C VAL A 362 41.16 -9.26 -25.50
N ASN A 363 40.37 -8.72 -26.42
CA ASN A 363 39.00 -9.18 -26.58
C ASN A 363 38.94 -10.45 -27.42
N TYR A 364 37.93 -11.29 -27.13
CA TYR A 364 37.71 -12.50 -27.90
C TYR A 364 37.24 -12.18 -29.31
N SER A 365 36.48 -11.10 -29.47
CA SER A 365 35.97 -10.68 -30.76
C SER A 365 36.04 -9.17 -30.87
N GLU A 366 36.22 -8.68 -32.10
CA GLU A 366 36.17 -7.25 -32.36
C GLU A 366 34.75 -6.72 -32.51
N ASN A 367 33.76 -7.61 -32.56
CA ASN A 367 32.37 -7.23 -32.76
C ASN A 367 31.55 -7.57 -31.53
N VAL A 368 30.71 -6.64 -31.10
CA VAL A 368 29.75 -6.86 -30.04
C VAL A 368 28.37 -6.86 -30.69
N VAL A 369 27.70 -8.01 -30.72
CA VAL A 369 26.41 -8.13 -31.37
C VAL A 369 25.28 -8.42 -30.39
N ASN A 370 25.59 -8.88 -29.19
CA ASN A 370 24.66 -8.98 -28.08
C ASN A 370 25.20 -8.16 -26.92
N PRO A 371 24.34 -7.76 -25.97
CA PRO A 371 24.84 -6.95 -24.85
C PRO A 371 25.71 -7.73 -23.88
N LEU A 372 26.64 -8.54 -24.41
CA LEU A 372 27.60 -9.24 -23.59
C LEU A 372 28.83 -9.54 -24.43
N PHE A 373 29.96 -9.75 -23.76
CA PHE A 373 31.24 -9.99 -24.41
C PHE A 373 32.21 -10.55 -23.38
N ILE A 374 33.30 -11.12 -23.89
CA ILE A 374 34.33 -11.71 -23.04
C ILE A 374 35.70 -11.20 -23.47
N TRP A 375 36.62 -11.17 -22.50
CA TRP A 375 38.02 -10.87 -22.78
C TRP A 375 38.88 -11.81 -21.96
N TYR A 376 40.17 -11.87 -22.30
CA TYR A 376 41.13 -12.66 -21.55
C TYR A 376 42.46 -11.92 -21.49
N LEU A 377 43.39 -12.47 -20.71
CA LEU A 377 44.73 -11.90 -20.61
C LEU A 377 45.52 -12.23 -21.87
N LYS A 378 46.25 -11.23 -22.38
CA LYS A 378 47.18 -11.48 -23.47
C LYS A 378 48.12 -12.61 -23.08
N PRO A 379 48.32 -13.62 -23.93
CA PRO A 379 49.24 -14.71 -23.59
C PRO A 379 50.61 -14.24 -23.11
N GLU A 380 51.22 -13.29 -23.80
CA GLU A 380 52.53 -12.80 -23.38
C GLU A 380 52.45 -12.11 -22.02
N TYR A 381 51.34 -11.43 -21.72
CA TYR A 381 51.19 -10.80 -20.42
C TYR A 381 50.94 -11.84 -19.34
N ALA A 382 50.05 -12.80 -19.61
CA ALA A 382 49.76 -13.84 -18.63
C ALA A 382 51.01 -14.63 -18.27
N LYS A 383 51.92 -14.80 -19.23
CA LYS A 383 53.15 -15.54 -18.99
C LYS A 383 53.94 -15.00 -17.81
N SER A 384 54.03 -13.67 -17.70
CA SER A 384 54.83 -13.04 -16.66
C SER A 384 54.01 -12.42 -15.55
N ALA A 385 52.68 -12.42 -15.66
CA ALA A 385 51.86 -11.85 -14.62
C ALA A 385 51.80 -12.79 -13.42
N LYS A 386 51.70 -12.20 -12.23
CA LYS A 386 51.57 -12.95 -10.99
C LYS A 386 50.13 -13.23 -10.61
N TRP A 387 49.17 -12.85 -11.46
CA TRP A 387 47.76 -13.00 -11.15
C TRP A 387 47.03 -13.54 -12.37
N THR A 388 45.79 -13.97 -12.15
CA THR A 388 44.89 -14.44 -13.20
C THR A 388 43.58 -13.66 -13.11
N LEU A 389 42.71 -13.90 -14.10
CA LEU A 389 41.39 -13.27 -14.08
C LEU A 389 40.53 -13.72 -12.91
N TYR A 390 40.83 -14.87 -12.32
CA TYR A 390 40.15 -15.28 -11.09
C TYR A 390 40.46 -14.31 -9.95
N ASP A 391 41.67 -13.74 -9.93
CA ASP A 391 42.01 -12.77 -8.91
C ASP A 391 41.32 -11.44 -9.15
N LEU A 392 41.12 -11.07 -10.42
CA LEU A 392 40.35 -9.86 -10.73
C LEU A 392 38.90 -10.04 -10.29
N GLN A 393 38.34 -11.23 -10.51
CA GLN A 393 36.99 -11.53 -10.02
C GLN A 393 36.89 -11.33 -8.51
N ASP A 394 37.89 -11.79 -7.76
CA ASP A 394 37.85 -11.64 -6.31
C ASP A 394 37.98 -10.18 -5.89
N LYS A 395 38.85 -9.42 -6.58
CA LYS A 395 38.97 -8.00 -6.29
C LYS A 395 37.64 -7.28 -6.47
N LEU A 396 36.93 -7.57 -7.55
CA LEU A 396 35.65 -6.91 -7.80
C LEU A 396 34.58 -7.37 -6.82
N SER A 397 34.62 -8.64 -6.39
CA SER A 397 33.70 -9.11 -5.37
C SER A 397 33.85 -8.31 -4.08
N GLN A 398 35.08 -7.93 -3.74
CA GLN A 398 35.31 -7.12 -2.54
C GLN A 398 34.67 -5.74 -2.65
N HIS A 399 34.41 -5.27 -3.87
CA HIS A 399 33.69 -4.02 -4.08
C HIS A 399 32.22 -4.23 -4.41
N GLY A 400 31.73 -5.48 -4.33
CA GLY A 400 30.33 -5.78 -4.49
C GLY A 400 29.91 -6.29 -5.86
N TRP A 401 30.81 -6.27 -6.84
CA TRP A 401 30.47 -6.74 -8.18
C TRP A 401 30.46 -8.26 -8.25
N MET A 402 29.63 -8.79 -9.15
CA MET A 402 29.71 -10.18 -9.59
C MET A 402 30.09 -10.16 -11.07
N VAL A 403 31.36 -10.42 -11.37
CA VAL A 403 31.84 -10.49 -12.74
C VAL A 403 32.54 -11.84 -12.92
N PRO A 404 31.93 -12.80 -13.61
CA PRO A 404 32.43 -14.18 -13.58
C PRO A 404 33.66 -14.40 -14.45
N ALA A 405 34.52 -15.29 -13.98
CA ALA A 405 35.66 -15.82 -14.73
C ALA A 405 35.51 -17.34 -14.86
N TYR A 406 35.88 -17.87 -16.03
CA TYR A 406 35.76 -19.29 -16.30
C TYR A 406 36.62 -19.64 -17.50
N THR A 407 36.83 -20.94 -17.72
CA THR A 407 37.55 -21.43 -18.88
C THR A 407 36.58 -21.71 -20.03
N LEU A 408 37.09 -21.54 -21.25
CA LEU A 408 36.28 -21.71 -22.44
C LEU A 408 36.06 -23.20 -22.75
N PRO A 409 35.07 -23.52 -23.59
CA PRO A 409 34.86 -24.93 -23.97
C PRO A 409 35.98 -25.50 -24.84
N SER A 410 35.78 -26.70 -25.35
CA SER A 410 36.89 -27.57 -25.76
C SER A 410 37.77 -26.93 -26.82
N LYS A 411 39.07 -27.29 -26.77
CA LYS A 411 40.16 -26.77 -27.58
C LYS A 411 40.55 -25.34 -27.21
N LEU A 412 39.70 -24.62 -26.48
CA LEU A 412 40.08 -23.37 -25.84
C LEU A 412 40.02 -23.47 -24.32
N GLU A 413 40.09 -24.69 -23.79
CA GLU A 413 40.02 -24.91 -22.35
C GLU A 413 41.16 -24.23 -21.60
N ASP A 414 42.23 -23.86 -22.31
CA ASP A 414 43.38 -23.21 -21.69
C ASP A 414 43.16 -21.73 -21.41
N TYR A 415 42.07 -21.14 -21.93
CA TYR A 415 41.85 -19.70 -21.83
C TYR A 415 40.85 -19.40 -20.71
N VAL A 416 41.30 -18.70 -19.69
CA VAL A 416 40.41 -18.14 -18.68
C VAL A 416 39.90 -16.80 -19.21
N VAL A 417 38.58 -16.65 -19.26
CA VAL A 417 37.97 -15.42 -19.76
C VAL A 417 37.09 -14.82 -18.67
N MET A 418 36.77 -13.55 -18.87
CA MET A 418 35.86 -12.81 -18.00
C MET A 418 34.74 -12.23 -18.85
N ARG A 419 33.52 -12.25 -18.33
CA ARG A 419 32.35 -11.88 -19.11
C ARG A 419 31.55 -10.80 -18.38
N VAL A 420 31.07 -9.83 -19.15
CA VAL A 420 30.17 -8.80 -18.66
C VAL A 420 28.88 -8.87 -19.46
N VAL A 421 27.75 -8.87 -18.76
CA VAL A 421 26.44 -8.78 -19.37
C VAL A 421 25.83 -7.44 -18.99
N VAL A 422 25.31 -6.72 -19.97
CA VAL A 422 24.71 -5.41 -19.77
C VAL A 422 23.21 -5.56 -19.93
N ARG A 423 22.49 -5.57 -18.80
CA ARG A 423 21.04 -5.63 -18.81
C ARG A 423 20.45 -4.23 -18.70
N GLN A 424 19.15 -4.14 -18.93
CA GLN A 424 18.44 -2.87 -18.81
C GLN A 424 18.64 -2.27 -17.43
N GLY A 425 18.91 -0.97 -17.38
CA GLY A 425 19.16 -0.27 -16.15
C GLY A 425 20.63 -0.05 -15.81
N PHE A 426 21.54 -0.72 -16.51
CA PHE A 426 22.98 -0.54 -16.27
C PHE A 426 23.43 0.69 -17.05
N SER A 427 23.64 1.80 -16.33
CA SER A 427 23.87 3.10 -16.95
C SER A 427 25.34 3.33 -17.29
N ARG A 428 25.57 4.43 -18.01
CA ARG A 428 26.94 4.87 -18.32
C ARG A 428 27.73 5.16 -17.06
N ASP A 429 27.09 5.76 -16.05
CA ASP A 429 27.78 6.05 -14.80
C ASP A 429 28.23 4.78 -14.10
N MET A 430 27.38 3.75 -14.07
CA MET A 430 27.78 2.50 -13.45
C MET A 430 28.88 1.81 -14.25
N ALA A 431 28.92 2.01 -15.56
CA ALA A 431 29.99 1.45 -16.38
C ALA A 431 31.34 2.10 -16.06
N ASP A 432 31.35 3.41 -15.82
CA ASP A 432 32.59 4.07 -15.44
C ASP A 432 33.00 3.66 -14.02
N MET A 433 32.01 3.46 -13.15
CA MET A 433 32.28 2.89 -11.84
C MET A 433 32.94 1.52 -11.95
N LEU A 434 32.45 0.68 -12.87
CA LEU A 434 33.04 -0.63 -13.08
C LEU A 434 34.45 -0.53 -13.65
N LEU A 435 34.64 0.33 -14.65
CA LEU A 435 35.96 0.49 -15.25
C LEU A 435 36.95 1.07 -14.24
N GLY A 436 36.47 1.97 -13.38
CA GLY A 436 37.33 2.49 -12.32
C GLY A 436 37.79 1.41 -11.36
N ASP A 437 36.88 0.51 -10.96
CA ASP A 437 37.25 -0.56 -10.04
C ASP A 437 38.17 -1.58 -10.71
N ILE A 438 37.98 -1.81 -12.01
CA ILE A 438 38.89 -2.71 -12.73
C ILE A 438 40.29 -2.11 -12.79
N LYS A 439 40.39 -0.80 -13.10
CA LYS A 439 41.70 -0.17 -13.16
C LYS A 439 42.37 -0.13 -11.79
N ASN A 440 41.60 0.11 -10.73
CA ASN A 440 42.17 0.10 -9.39
C ASN A 440 42.62 -1.30 -8.98
N ALA A 441 41.85 -2.32 -9.38
CA ALA A 441 42.24 -3.69 -9.06
C ALA A 441 43.53 -4.09 -9.79
N ILE A 442 43.65 -3.72 -11.07
CA ILE A 442 44.87 -4.01 -11.81
C ILE A 442 46.08 -3.35 -11.15
N ALA A 443 45.91 -2.11 -10.69
CA ALA A 443 47.02 -1.41 -10.05
C ALA A 443 47.50 -2.15 -8.81
N GLU A 444 46.58 -2.75 -8.05
CA GLU A 444 46.96 -3.56 -6.90
C GLU A 444 47.62 -4.86 -7.34
N LEU A 445 47.00 -5.56 -8.30
CA LEU A 445 47.49 -6.87 -8.73
C LEU A 445 48.86 -6.76 -9.38
N GLU A 446 49.18 -5.64 -10.05
CA GLU A 446 50.48 -5.50 -10.69
C GLU A 446 51.60 -5.31 -9.69
N LYS A 447 51.28 -4.91 -8.46
CA LYS A 447 52.26 -4.72 -7.41
C LYS A 447 52.50 -5.97 -6.58
N LEU A 448 51.86 -7.09 -6.92
CA LEU A 448 52.04 -8.32 -6.16
C LEU A 448 53.49 -8.77 -6.17
N ASP A 449 53.99 -9.17 -5.01
CA ASP A 449 55.33 -9.72 -4.92
C ASP A 449 55.37 -11.18 -5.33
N PHE A 450 54.29 -11.92 -5.10
CA PHE A 450 54.25 -13.36 -5.29
C PHE A 450 53.00 -13.77 -6.03
N PRO A 451 53.02 -14.92 -6.71
CA PRO A 451 51.81 -15.37 -7.43
C PRO A 451 50.67 -15.72 -6.49
N THR A 452 49.46 -15.50 -6.99
CA THR A 452 48.23 -15.83 -6.27
C THR A 452 48.01 -17.34 -6.29
N PRO A 453 47.05 -17.84 -5.50
CA PRO A 453 46.74 -19.28 -5.55
C PRO A 453 46.35 -19.79 -6.93
N THR A 454 45.50 -19.07 -7.66
CA THR A 454 45.10 -19.55 -8.99
C THR A 454 46.24 -19.43 -9.99
N ARG A 455 47.11 -18.44 -9.81
CA ARG A 455 48.29 -18.35 -10.67
C ARG A 455 49.19 -19.56 -10.49
N MET A 456 49.37 -20.03 -9.25
CA MET A 456 50.17 -21.22 -9.01
C MET A 456 49.47 -22.48 -9.51
N ALA A 457 48.13 -22.52 -9.45
CA ALA A 457 47.40 -23.66 -9.99
C ALA A 457 47.66 -23.81 -11.49
N GLN A 458 47.72 -22.69 -12.22
CA GLN A 458 48.03 -22.72 -13.63
C GLN A 458 49.46 -23.20 -13.87
N GLU A 459 50.41 -22.75 -13.05
CA GLU A 459 51.80 -23.20 -13.18
C GLU A 459 51.92 -24.69 -12.91
N LYS A 460 51.11 -25.22 -12.01
CA LYS A 460 51.09 -26.65 -11.70
C LYS A 460 50.27 -27.45 -12.72
N ASN A 461 49.42 -26.77 -13.51
CA ASN A 461 48.51 -27.44 -14.48
C ASN A 461 47.42 -28.16 -13.67
N LEU A 462 46.66 -27.40 -12.87
CA LEU A 462 45.61 -27.94 -12.02
C LEU A 462 44.37 -27.11 -12.33
N PRO A 463 43.24 -27.75 -12.56
CA PRO A 463 42.02 -26.99 -12.88
C PRO A 463 41.60 -26.14 -11.70
N VAL A 464 40.94 -25.03 -12.01
CA VAL A 464 40.37 -24.14 -11.00
C VAL A 464 38.87 -24.24 -11.10
N GLU A 465 38.21 -24.56 -9.99
CA GLU A 465 36.76 -24.58 -9.97
C GLU A 465 36.23 -23.18 -10.26
N ALA A 466 35.28 -23.10 -11.19
CA ALA A 466 34.80 -21.80 -11.66
C ALA A 466 34.12 -21.03 -10.54
N LYS A 467 33.41 -21.74 -9.66
CA LYS A 467 32.75 -21.18 -8.48
C LYS A 467 31.57 -20.29 -8.84
N MET A 468 31.83 -19.15 -9.45
CA MET A 468 30.77 -18.15 -9.63
C MET A 468 29.85 -18.55 -10.77
N PHE A 469 28.55 -18.48 -10.49
CA PHE A 469 27.52 -18.76 -11.49
C PHE A 469 27.73 -17.96 -12.76
N ASN A 470 27.68 -18.64 -13.90
CA ASN A 470 27.90 -18.01 -15.19
C ASN A 470 26.86 -18.41 -16.24
N HIS A 471 25.82 -19.14 -15.85
CA HIS A 471 24.67 -19.52 -16.67
C HIS A 471 25.02 -20.67 -17.63
N GLY A 472 26.28 -21.08 -17.72
CA GLY A 472 26.64 -22.17 -18.62
C GLY A 472 25.98 -23.48 -18.24
N GLY A 473 25.75 -23.71 -16.95
CA GLY A 473 25.05 -24.90 -16.52
C GLY A 473 25.91 -26.11 -16.25
N ARG A 474 27.23 -26.03 -16.38
CA ARG A 474 28.07 -27.20 -16.18
C ARG A 474 28.45 -27.39 -14.71
N ARG A 475 27.80 -26.66 -13.82
CA ARG A 475 28.07 -26.76 -12.38
C ARG A 475 26.84 -27.22 -11.62
N SER B 25 -21.78 -18.24 12.19
CA SER B 25 -22.12 -16.95 11.59
C SER B 25 -23.51 -16.52 12.03
N PRO B 26 -23.58 -15.44 12.79
CA PRO B 26 -24.83 -15.09 13.47
C PRO B 26 -25.96 -14.78 12.49
N VAL B 27 -27.09 -15.47 12.67
CA VAL B 27 -28.26 -15.29 11.83
C VAL B 27 -29.34 -14.49 12.56
N GLU B 28 -29.59 -14.80 13.82
CA GLU B 28 -30.68 -14.21 14.59
C GLU B 28 -30.20 -13.25 15.67
N ARG B 29 -29.17 -13.62 16.42
CA ARG B 29 -28.74 -12.84 17.58
C ARG B 29 -27.26 -12.54 17.49
N ILE B 30 -26.85 -11.49 18.21
CA ILE B 30 -25.45 -11.08 18.28
C ILE B 30 -24.66 -12.14 19.03
N PRO B 31 -23.44 -12.47 18.62
CA PRO B 31 -22.59 -13.37 19.41
C PRO B 31 -22.37 -12.79 20.80
N ASP B 32 -22.18 -13.70 21.77
CA ASP B 32 -22.02 -13.25 23.15
C ASP B 32 -20.65 -12.60 23.36
N GLY B 33 -19.60 -13.18 22.78
CA GLY B 33 -18.27 -12.67 22.96
C GLY B 33 -17.65 -12.22 21.65
N PRO B 34 -16.47 -11.66 21.73
CA PRO B 34 -15.78 -11.21 20.52
C PRO B 34 -15.06 -12.35 19.81
N THR B 35 -14.78 -12.13 18.53
CA THR B 35 -13.89 -12.97 17.75
C THR B 35 -12.77 -12.09 17.20
N THR B 36 -11.63 -12.72 16.91
CA THR B 36 -10.47 -11.95 16.47
C THR B 36 -10.79 -11.22 15.17
N PRO B 37 -10.18 -10.05 14.94
CA PRO B 37 -10.49 -9.28 13.72
C PRO B 37 -10.20 -10.05 12.45
N GLU B 38 -9.08 -10.78 12.42
CA GLU B 38 -8.71 -11.53 11.23
C GLU B 38 -9.78 -12.54 10.84
N VAL B 39 -10.36 -13.21 11.83
CA VAL B 39 -11.41 -14.20 11.57
C VAL B 39 -12.69 -13.50 11.14
N ALA B 40 -13.06 -12.41 11.82
CA ALA B 40 -14.27 -11.68 11.46
C ALA B 40 -14.17 -11.11 10.04
N TYR B 41 -13.00 -10.62 9.65
CA TYR B 41 -12.80 -10.10 8.30
C TYR B 41 -13.12 -11.16 7.26
N GLN B 42 -12.58 -12.36 7.43
CA GLN B 42 -12.82 -13.44 6.47
C GLN B 42 -14.28 -13.87 6.49
N MET B 43 -14.91 -13.88 7.67
CA MET B 43 -16.32 -14.25 7.76
C MET B 43 -17.18 -13.32 6.93
N VAL B 44 -16.89 -12.01 6.96
CA VAL B 44 -17.65 -11.07 6.16
C VAL B 44 -17.25 -11.19 4.69
N LYS B 45 -15.95 -11.34 4.43
CA LYS B 45 -15.47 -11.55 3.06
C LYS B 45 -16.20 -12.70 2.38
N ASP B 46 -16.44 -13.80 3.12
CA ASP B 46 -17.06 -15.00 2.57
C ASP B 46 -18.52 -14.82 2.19
N GLU B 47 -19.13 -13.65 2.42
CA GLU B 47 -20.52 -13.43 2.03
C GLU B 47 -20.70 -12.21 1.13
N THR B 48 -19.61 -11.58 0.69
CA THR B 48 -19.71 -10.35 -0.08
C THR B 48 -19.08 -10.45 -1.47
N PHE B 49 -18.63 -11.63 -1.88
CA PHE B 49 -18.06 -11.73 -3.22
C PHE B 49 -19.18 -11.77 -4.26
N ALA B 50 -18.90 -11.18 -5.42
CA ALA B 50 -19.88 -11.14 -6.48
C ALA B 50 -20.22 -12.55 -6.96
N GLN B 51 -21.49 -12.76 -7.31
CA GLN B 51 -21.92 -14.06 -7.80
C GLN B 51 -21.38 -14.33 -9.20
N THR B 52 -21.19 -13.28 -10.00
CA THR B 52 -20.64 -13.40 -11.34
C THR B 52 -19.59 -12.31 -11.54
N GLN B 53 -18.92 -12.37 -12.68
CA GLN B 53 -17.94 -11.35 -13.05
C GLN B 53 -18.64 -10.03 -13.32
N PRO B 54 -18.43 -9.00 -12.49
CA PRO B 54 -19.16 -7.73 -12.69
C PRO B 54 -18.90 -7.08 -14.03
N ARG B 55 -17.74 -7.33 -14.64
CA ARG B 55 -17.45 -6.73 -15.94
C ARG B 55 -18.29 -7.33 -17.06
N LEU B 56 -18.93 -8.48 -16.83
CA LEU B 56 -19.84 -9.08 -17.78
C LEU B 56 -21.30 -8.82 -17.39
N ASN B 57 -21.53 -7.95 -16.43
CA ASN B 57 -22.87 -7.63 -15.94
C ASN B 57 -23.40 -6.47 -16.79
N LEU B 58 -24.23 -6.80 -17.78
CA LEU B 58 -24.85 -5.81 -18.64
C LEU B 58 -26.24 -5.40 -18.16
N ALA B 59 -26.65 -5.83 -16.98
CA ALA B 59 -27.98 -5.51 -16.47
C ALA B 59 -28.01 -4.19 -15.69
N THR B 60 -26.90 -3.79 -15.08
CA THR B 60 -26.91 -2.67 -14.15
C THR B 60 -26.55 -1.37 -14.85
N PHE B 61 -27.11 -0.28 -14.33
CA PHE B 61 -26.81 1.08 -14.78
C PHE B 61 -25.70 1.73 -13.98
N VAL B 62 -25.33 1.16 -12.84
CA VAL B 62 -24.57 1.86 -11.80
C VAL B 62 -23.08 1.73 -12.05
N THR B 63 -22.36 2.84 -11.85
CA THR B 63 -20.92 2.87 -12.03
C THR B 63 -20.22 1.90 -11.09
N THR B 64 -19.25 1.16 -11.62
CA THR B 64 -18.44 0.25 -10.84
C THR B 64 -16.94 0.53 -10.91
N TYR B 65 -16.50 1.53 -11.69
CA TYR B 65 -15.08 1.84 -11.79
C TYR B 65 -14.86 3.35 -11.76
N MET B 66 -13.90 3.76 -10.95
CA MET B 66 -13.29 5.08 -11.04
C MET B 66 -11.78 4.90 -11.03
N ASP B 67 -11.05 5.91 -11.48
CA ASP B 67 -9.60 5.76 -11.55
C ASP B 67 -8.99 5.77 -10.15
N ASP B 68 -7.68 5.51 -10.10
CA ASP B 68 -7.00 5.32 -8.82
C ASP B 68 -7.06 6.58 -7.96
N TYR B 69 -7.02 7.75 -8.60
CA TYR B 69 -7.02 9.00 -7.84
C TYR B 69 -8.38 9.28 -7.21
N ALA B 70 -9.46 9.09 -7.99
CA ALA B 70 -10.81 9.24 -7.43
C ALA B 70 -11.06 8.25 -6.30
N THR B 71 -10.64 6.99 -6.49
CA THR B 71 -10.88 5.97 -5.47
C THR B 71 -10.11 6.27 -4.19
N LYS B 72 -8.87 6.74 -4.32
CA LYS B 72 -8.07 7.13 -3.16
C LYS B 72 -8.71 8.32 -2.46
N LEU B 73 -9.22 9.28 -3.24
CA LEU B 73 -9.93 10.43 -2.69
C LEU B 73 -11.13 10.00 -1.86
N MET B 74 -11.97 9.12 -2.41
CA MET B 74 -13.21 8.73 -1.74
C MET B 74 -12.97 7.77 -0.58
N ASN B 75 -11.93 6.91 -0.67
CA ASN B 75 -11.64 6.01 0.44
C ASN B 75 -11.18 6.77 1.68
N GLU B 76 -10.38 7.82 1.49
CA GLU B 76 -9.91 8.61 2.63
C GLU B 76 -11.00 9.49 3.21
N ALA B 77 -12.07 9.77 2.46
CA ALA B 77 -13.20 10.54 2.94
C ALA B 77 -14.30 9.65 3.54
N ILE B 78 -14.00 8.38 3.81
CA ILE B 78 -14.99 7.47 4.35
C ILE B 78 -15.48 7.92 5.71
N ASN B 79 -14.66 8.68 6.45
CA ASN B 79 -15.00 9.11 7.80
C ASN B 79 -15.46 10.56 7.87
N ILE B 80 -15.76 11.18 6.73
CA ILE B 80 -16.20 12.57 6.70
C ILE B 80 -17.72 12.60 6.69
N ASN B 81 -18.31 13.18 7.73
CA ASN B 81 -19.75 13.37 7.80
C ASN B 81 -20.09 14.69 7.13
N TYR B 82 -20.83 14.62 6.02
CA TYR B 82 -21.07 15.79 5.19
C TYR B 82 -21.79 16.91 5.94
N ILE B 83 -22.61 16.58 6.92
CA ILE B 83 -23.49 17.57 7.56
C ILE B 83 -22.79 18.48 8.55
N ASP B 84 -21.55 18.16 8.95
CA ASP B 84 -20.83 18.96 9.94
C ASP B 84 -20.20 20.16 9.24
N GLU B 85 -20.92 21.28 9.22
CA GLU B 85 -20.46 22.46 8.51
C GLU B 85 -19.35 23.21 9.23
N THR B 86 -19.16 22.99 10.53
CA THR B 86 -18.07 23.65 11.23
C THR B 86 -16.74 22.95 10.96
N GLU B 87 -16.76 21.62 10.88
CA GLU B 87 -15.52 20.87 10.67
C GLU B 87 -15.11 20.87 9.20
N TYR B 88 -16.07 20.76 8.29
CA TYR B 88 -15.79 20.70 6.85
C TYR B 88 -16.59 21.76 6.10
N PRO B 89 -16.34 23.05 6.37
CA PRO B 89 -17.12 24.09 5.71
C PRO B 89 -16.97 24.11 4.20
N ARG B 90 -15.79 23.77 3.68
CA ARG B 90 -15.54 23.84 2.24
C ARG B 90 -16.10 22.65 1.48
N ILE B 91 -16.46 21.56 2.17
CA ILE B 91 -17.17 20.48 1.49
C ILE B 91 -18.61 20.89 1.22
N ALA B 92 -19.19 21.69 2.12
CA ALA B 92 -20.51 22.27 1.86
C ALA B 92 -20.48 23.18 0.65
N VAL B 93 -19.46 24.05 0.56
CA VAL B 93 -19.30 24.92 -0.61
C VAL B 93 -19.13 24.07 -1.87
N MET B 94 -18.29 23.04 -1.80
CA MET B 94 -18.07 22.18 -2.95
C MET B 94 -19.35 21.50 -3.40
N ASN B 95 -20.23 21.15 -2.44
CA ASN B 95 -21.54 20.64 -2.80
C ASN B 95 -22.34 21.67 -3.60
N GLY B 96 -22.28 22.93 -3.18
CA GLY B 96 -22.99 23.97 -3.90
C GLY B 96 -22.44 24.21 -5.31
N LYS B 97 -21.14 24.01 -5.49
CA LYS B 97 -20.55 24.20 -6.81
C LYS B 97 -20.92 23.07 -7.76
N CYS B 98 -21.05 21.84 -7.24
CA CYS B 98 -21.56 20.75 -8.06
C CYS B 98 -22.99 21.03 -8.51
N ILE B 99 -23.81 21.58 -7.61
CA ILE B 99 -25.18 21.95 -7.97
C ILE B 99 -25.16 23.03 -9.05
N ASN B 100 -24.29 24.02 -8.92
CA ASN B 100 -24.14 25.04 -9.96
C ASN B 100 -23.82 24.41 -11.30
N ILE B 101 -22.87 23.47 -11.32
CA ILE B 101 -22.41 22.88 -12.57
C ILE B 101 -23.52 22.06 -13.23
N VAL B 102 -24.21 21.24 -12.44
CA VAL B 102 -25.31 20.44 -12.97
C VAL B 102 -26.43 21.35 -13.48
N ALA B 103 -26.77 22.38 -12.70
CA ALA B 103 -27.85 23.28 -13.09
C ALA B 103 -27.50 24.06 -14.37
N ASN B 104 -26.23 24.43 -14.54
CA ASN B 104 -25.83 25.11 -15.76
C ASN B 104 -25.69 24.14 -16.93
N LEU B 105 -25.36 22.88 -16.67
CA LEU B 105 -25.43 21.87 -17.72
C LEU B 105 -26.84 21.72 -18.25
N TRP B 106 -27.84 21.92 -17.39
CA TRP B 106 -29.25 21.85 -17.77
C TRP B 106 -29.81 23.22 -18.15
N ASN B 107 -28.94 24.20 -18.39
CA ASN B 107 -29.34 25.52 -18.90
C ASN B 107 -30.34 26.21 -17.97
N SER B 108 -30.09 26.16 -16.67
CA SER B 108 -30.89 26.92 -15.72
C SER B 108 -30.81 28.41 -16.06
N PRO B 109 -31.93 29.12 -16.10
CA PRO B 109 -31.89 30.58 -16.30
C PRO B 109 -31.79 31.39 -15.02
N GLU B 110 -31.68 30.74 -13.87
CA GLU B 110 -31.59 31.44 -12.60
C GLU B 110 -30.41 32.40 -12.59
N LYS B 111 -30.65 33.61 -12.09
CA LYS B 111 -29.65 34.67 -12.16
C LYS B 111 -28.65 34.63 -11.01
N ASP B 112 -29.02 34.06 -9.87
CA ASP B 112 -28.06 33.91 -8.79
C ASP B 112 -26.95 32.96 -9.20
N THR B 113 -25.71 33.29 -8.80
CA THR B 113 -24.59 32.41 -9.09
C THR B 113 -24.76 31.03 -8.45
N TRP B 114 -25.33 31.00 -7.25
CA TRP B 114 -25.52 29.75 -6.51
C TRP B 114 -26.91 29.22 -6.82
N LYS B 115 -26.97 28.15 -7.61
CA LYS B 115 -28.23 27.62 -8.12
C LYS B 115 -28.95 26.78 -7.06
N THR B 116 -30.24 26.57 -7.30
CA THR B 116 -31.11 25.89 -6.36
C THR B 116 -31.12 24.40 -6.68
N GLY B 117 -30.58 23.60 -5.77
CA GLY B 117 -30.54 22.16 -5.96
C GLY B 117 -30.27 21.47 -4.66
N ALA B 118 -30.26 20.14 -4.72
CA ALA B 118 -30.05 19.34 -3.52
C ALA B 118 -29.24 18.08 -3.86
N LEU B 119 -28.31 17.75 -2.99
CA LEU B 119 -27.63 16.46 -3.04
C LEU B 119 -28.57 15.37 -2.56
N ALA B 120 -28.46 14.18 -3.17
CA ALA B 120 -29.27 13.04 -2.79
C ALA B 120 -28.44 11.77 -2.83
N ILE B 121 -28.96 10.71 -2.21
CA ILE B 121 -28.30 9.41 -2.24
C ILE B 121 -28.47 8.76 -3.61
N GLY B 122 -29.48 9.17 -4.36
CA GLY B 122 -29.68 8.63 -5.70
C GLY B 122 -30.84 9.34 -6.36
N SER B 123 -31.21 8.86 -7.55
CA SER B 123 -32.38 9.42 -8.22
C SER B 123 -33.63 9.19 -7.40
N SER B 124 -33.66 8.14 -6.58
CA SER B 124 -34.81 7.84 -5.75
C SER B 124 -35.20 9.04 -4.89
N GLU B 125 -34.26 9.50 -4.04
CA GLU B 125 -34.56 10.63 -3.18
C GLU B 125 -34.71 11.92 -3.97
N ALA B 126 -33.96 12.08 -5.07
CA ALA B 126 -34.07 13.28 -5.87
C ALA B 126 -35.43 13.39 -6.54
N CYS B 127 -35.96 12.27 -7.02
CA CYS B 127 -37.32 12.28 -7.60
C CYS B 127 -38.36 12.63 -6.54
N MET B 128 -38.25 12.04 -5.35
CA MET B 128 -39.22 12.32 -4.30
C MET B 128 -39.19 13.79 -3.89
N LEU B 129 -38.00 14.38 -3.80
CA LEU B 129 -37.91 15.81 -3.51
C LEU B 129 -38.60 16.63 -4.59
N GLY B 130 -38.40 16.24 -5.86
CA GLY B 130 -39.12 16.90 -6.94
C GLY B 130 -40.63 16.72 -6.82
N GLY B 131 -41.07 15.50 -6.50
CA GLY B 131 -42.50 15.26 -6.35
C GLY B 131 -43.11 15.99 -5.17
N VAL B 132 -42.41 16.02 -4.03
CA VAL B 132 -42.91 16.73 -2.85
C VAL B 132 -42.99 18.22 -3.13
N ALA B 133 -41.99 18.78 -3.81
CA ALA B 133 -42.03 20.20 -4.14
C ALA B 133 -43.20 20.52 -5.06
N ALA B 134 -43.43 19.69 -6.09
CA ALA B 134 -44.57 19.88 -6.97
C ALA B 134 -45.89 19.78 -6.20
N TRP B 135 -45.96 18.85 -5.25
CA TRP B 135 -47.19 18.67 -4.47
C TRP B 135 -47.46 19.87 -3.58
N LEU B 136 -46.41 20.45 -2.97
CA LEU B 136 -46.63 21.60 -2.08
C LEU B 136 -46.98 22.85 -2.88
N ARG B 137 -46.37 23.03 -4.06
CA ARG B 137 -46.76 24.16 -4.92
C ARG B 137 -48.22 24.03 -5.35
N TRP B 138 -48.66 22.81 -5.61
CA TRP B 138 -50.06 22.59 -6.03
C TRP B 138 -51.02 22.85 -4.87
N ARG B 139 -50.67 22.40 -3.66
CA ARG B 139 -51.51 22.69 -2.50
C ARG B 139 -51.65 24.19 -2.28
N LYS B 140 -50.57 24.94 -2.50
CA LYS B 140 -50.57 26.37 -2.25
C LYS B 140 -51.46 27.09 -3.26
N LYS B 141 -51.45 26.65 -4.52
CA LYS B 141 -52.33 27.23 -5.52
C LYS B 141 -53.80 27.00 -5.19
N ARG B 142 -54.16 25.75 -4.92
CA ARG B 142 -55.57 25.39 -4.71
C ARG B 142 -56.12 26.04 -3.45
N GLN B 143 -55.29 26.20 -2.43
CA GLN B 143 -55.69 26.94 -1.24
C GLN B 143 -55.98 28.39 -1.56
N ALA B 144 -55.08 29.04 -2.31
CA ALA B 144 -55.30 30.43 -2.69
C ALA B 144 -56.51 30.61 -3.59
N GLN B 145 -57.00 29.53 -4.20
CA GLN B 145 -58.18 29.60 -5.06
C GLN B 145 -59.45 29.16 -4.35
N GLY B 146 -59.36 28.59 -3.16
CA GLY B 146 -60.54 28.05 -2.50
C GLY B 146 -60.99 26.70 -3.01
N LYS B 147 -60.14 25.99 -3.74
CA LYS B 147 -60.46 24.68 -4.25
C LYS B 147 -59.98 23.60 -3.30
N PRO B 148 -60.58 22.40 -3.36
CA PRO B 148 -60.10 21.31 -2.51
C PRO B 148 -58.67 20.91 -2.88
N PHE B 149 -57.97 20.33 -1.90
CA PHE B 149 -56.59 19.90 -2.15
C PHE B 149 -56.27 18.59 -1.43
N ASP B 150 -57.24 17.67 -1.32
CA ASP B 150 -57.03 16.45 -0.56
C ASP B 150 -56.81 15.21 -1.42
N LYS B 151 -57.05 15.27 -2.73
CA LYS B 151 -56.93 14.11 -3.62
C LYS B 151 -55.96 14.40 -4.76
N PRO B 152 -54.68 14.64 -4.46
CA PRO B 152 -53.73 14.93 -5.53
C PRO B 152 -53.41 13.70 -6.36
N ASN B 153 -52.98 13.94 -7.59
CA ASN B 153 -52.48 12.88 -8.46
C ASN B 153 -51.35 13.42 -9.32
N PHE B 154 -50.62 12.51 -9.94
CA PHE B 154 -49.63 12.87 -10.95
C PHE B 154 -49.69 11.87 -12.10
N VAL B 155 -49.18 12.29 -13.26
CA VAL B 155 -49.30 11.53 -14.50
C VAL B 155 -47.91 11.08 -14.92
N ILE B 156 -47.79 9.81 -15.30
CA ILE B 156 -46.51 9.22 -15.66
C ILE B 156 -46.74 8.05 -16.60
N SER B 157 -45.74 7.74 -17.41
CA SER B 157 -45.79 6.55 -18.26
C SER B 157 -45.79 5.27 -17.40
N THR B 158 -46.38 4.21 -17.95
CA THR B 158 -46.31 2.91 -17.30
C THR B 158 -44.89 2.37 -17.21
N GLY B 159 -43.95 2.96 -17.94
CA GLY B 159 -42.55 2.58 -17.85
C GLY B 159 -41.82 3.23 -16.69
N PHE B 160 -42.55 3.62 -15.65
CA PHE B 160 -41.92 4.25 -14.50
C PHE B 160 -41.04 3.28 -13.73
N GLN B 161 -40.06 3.82 -13.04
CA GLN B 161 -39.24 3.06 -12.11
C GLN B 161 -39.92 3.07 -10.74
N VAL B 162 -39.58 2.07 -9.92
CA VAL B 162 -40.34 1.79 -8.70
C VAL B 162 -40.39 2.97 -7.73
N VAL B 163 -39.46 3.92 -7.84
CA VAL B 163 -39.44 5.03 -6.89
C VAL B 163 -40.72 5.85 -6.98
N TRP B 164 -41.32 5.93 -8.16
CA TRP B 164 -42.56 6.69 -8.30
C TRP B 164 -43.74 5.97 -7.64
N GLU B 165 -43.68 4.64 -7.55
CA GLU B 165 -44.67 3.93 -6.76
C GLU B 165 -44.44 4.12 -5.26
N LYS B 166 -43.18 4.12 -4.83
CA LYS B 166 -42.87 4.50 -3.45
C LYS B 166 -43.41 5.88 -3.13
N PHE B 167 -43.18 6.83 -4.03
CA PHE B 167 -43.69 8.20 -3.84
C PHE B 167 -45.21 8.20 -3.73
N ALA B 168 -45.88 7.45 -4.62
CA ALA B 168 -47.34 7.39 -4.58
C ALA B 168 -47.85 6.79 -3.28
N GLN B 169 -47.17 5.75 -2.78
CA GLN B 169 -47.63 5.08 -1.57
C GLN B 169 -47.27 5.85 -0.31
N LEU B 170 -46.02 6.35 -0.22
CA LEU B 170 -45.57 6.96 1.02
C LEU B 170 -46.17 8.35 1.24
N TRP B 171 -46.61 9.03 0.19
CA TRP B 171 -47.31 10.30 0.32
C TRP B 171 -48.79 10.21 0.01
N GLN B 172 -49.29 9.01 -0.33
CA GLN B 172 -50.70 8.79 -0.66
C GLN B 172 -51.16 9.75 -1.74
N ILE B 173 -50.47 9.70 -2.88
CA ILE B 173 -50.78 10.51 -4.05
C ILE B 173 -51.10 9.55 -5.19
N GLU B 174 -52.25 9.76 -5.84
CA GLU B 174 -52.71 8.84 -6.88
C GLU B 174 -51.80 8.91 -8.10
N MET B 175 -51.36 7.74 -8.57
CA MET B 175 -50.56 7.65 -9.78
C MET B 175 -51.45 7.28 -10.97
N ARG B 176 -51.37 8.07 -12.03
CA ARG B 176 -52.12 7.83 -13.26
C ARG B 176 -51.15 7.48 -14.37
N GLU B 177 -51.29 6.29 -14.92
CA GLU B 177 -50.30 5.69 -15.81
C GLU B 177 -50.77 5.76 -17.25
N VAL B 178 -49.88 6.20 -18.14
CA VAL B 178 -50.16 6.27 -19.57
C VAL B 178 -49.52 5.06 -20.24
N PRO B 179 -50.30 4.19 -20.87
CA PRO B 179 -49.74 2.92 -21.38
C PRO B 179 -48.84 3.13 -22.59
N LEU B 180 -47.91 2.20 -22.76
CA LEU B 180 -47.09 2.08 -23.96
C LEU B 180 -47.80 1.22 -24.99
N THR B 181 -47.63 1.58 -26.27
CA THR B 181 -48.06 0.75 -27.38
C THR B 181 -46.97 0.77 -28.44
N LEU B 182 -47.13 -0.06 -29.47
CA LEU B 182 -46.14 -0.09 -30.53
C LEU B 182 -46.16 1.15 -31.39
N GLU B 183 -47.28 1.88 -31.43
CA GLU B 183 -47.28 3.17 -32.10
C GLU B 183 -46.79 4.30 -31.20
N LYS B 184 -46.99 4.19 -29.89
CA LYS B 184 -46.55 5.19 -28.93
C LYS B 184 -45.59 4.51 -27.96
N THR B 185 -44.34 4.37 -28.39
CA THR B 185 -43.33 3.67 -27.59
C THR B 185 -42.80 4.50 -26.43
N THR B 186 -43.15 5.78 -26.36
CA THR B 186 -42.84 6.65 -25.22
C THR B 186 -44.11 7.42 -24.83
N LEU B 187 -43.97 8.24 -23.80
CA LEU B 187 -45.10 9.03 -23.31
C LEU B 187 -45.65 9.92 -24.42
N ASP B 188 -46.91 9.70 -24.77
CA ASP B 188 -47.54 10.53 -25.79
C ASP B 188 -48.21 11.73 -25.13
N PRO B 189 -47.88 12.95 -25.58
CA PRO B 189 -48.44 14.15 -24.90
C PRO B 189 -49.96 14.19 -24.90
N GLU B 190 -50.59 13.85 -26.02
CA GLU B 190 -52.05 13.92 -26.09
C GLU B 190 -52.71 12.98 -25.08
N GLU B 191 -52.17 11.77 -24.93
CA GLU B 191 -52.77 10.80 -24.01
C GLU B 191 -52.49 11.16 -22.56
N ALA B 192 -51.37 11.84 -22.30
CA ALA B 192 -51.08 12.29 -20.94
C ALA B 192 -52.04 13.38 -20.50
N LEU B 193 -52.42 14.29 -21.41
CA LEU B 193 -53.36 15.34 -21.07
C LEU B 193 -54.76 14.80 -20.81
N LYS B 194 -55.11 13.66 -21.42
CA LYS B 194 -56.42 13.06 -21.17
C LYS B 194 -56.56 12.56 -19.73
N MET B 195 -55.46 12.46 -18.99
CA MET B 195 -55.48 12.02 -17.60
C MET B 195 -55.27 13.14 -16.61
N CYS B 196 -55.10 14.38 -17.08
CA CYS B 196 -54.89 15.52 -16.21
C CYS B 196 -56.22 16.16 -15.81
N ASP B 197 -56.21 16.82 -14.66
CA ASP B 197 -57.36 17.56 -14.17
C ASP B 197 -56.88 18.58 -13.13
N GLU B 198 -57.82 19.19 -12.41
CA GLU B 198 -57.50 20.19 -11.42
C GLU B 198 -56.67 19.65 -10.26
N ASN B 199 -56.58 18.33 -10.11
CA ASN B 199 -55.86 17.71 -9.01
C ASN B 199 -54.47 17.20 -9.41
N THR B 200 -54.04 17.45 -10.64
CA THR B 200 -52.75 16.94 -11.11
C THR B 200 -51.63 17.85 -10.64
N ILE B 201 -50.65 17.27 -9.93
CA ILE B 201 -49.56 18.07 -9.39
C ILE B 201 -48.44 18.27 -10.40
N CYS B 202 -48.22 17.33 -11.32
CA CYS B 202 -47.26 17.47 -12.40
C CYS B 202 -47.34 16.25 -13.30
N VAL B 203 -46.63 16.35 -14.44
CA VAL B 203 -46.45 15.24 -15.37
C VAL B 203 -44.96 14.89 -15.37
N VAL B 204 -44.65 13.61 -15.42
CA VAL B 204 -43.27 13.17 -15.27
C VAL B 204 -42.79 12.45 -16.53
N PRO B 205 -42.17 13.14 -17.47
CA PRO B 205 -41.47 12.44 -18.56
C PRO B 205 -40.13 11.92 -18.09
N ILE B 206 -39.70 10.83 -18.72
CA ILE B 206 -38.50 10.10 -18.30
C ILE B 206 -37.48 10.16 -19.43
N GLN B 207 -36.25 10.56 -19.09
CA GLN B 207 -35.14 10.56 -20.04
C GLN B 207 -34.29 9.33 -19.75
N GLY B 208 -34.48 8.28 -20.54
CA GLY B 208 -33.84 7.02 -20.25
C GLY B 208 -34.79 6.11 -19.51
N VAL B 209 -35.93 5.80 -20.13
CA VAL B 209 -36.90 4.88 -19.54
C VAL B 209 -36.16 3.59 -19.23
N THR B 210 -36.17 3.18 -17.96
CA THR B 210 -35.36 2.04 -17.53
C THR B 210 -35.72 0.77 -18.30
N TRP B 211 -36.99 0.63 -18.70
CA TRP B 211 -37.42 -0.57 -19.39
C TRP B 211 -37.11 -0.55 -20.89
N THR B 212 -37.00 0.62 -21.50
CA THR B 212 -36.87 0.72 -22.94
C THR B 212 -35.64 1.47 -23.43
N GLY B 213 -35.03 2.33 -22.61
CA GLY B 213 -33.89 3.11 -23.03
C GLY B 213 -34.21 4.38 -23.78
N LEU B 214 -35.48 4.66 -24.04
CA LEU B 214 -35.87 5.81 -24.84
C LEU B 214 -36.05 7.05 -23.96
N ASN B 215 -36.22 8.19 -24.61
CA ASN B 215 -36.50 9.47 -23.96
C ASN B 215 -37.91 9.90 -24.30
N ASP B 216 -38.73 10.16 -23.28
CA ASP B 216 -40.00 10.82 -23.51
C ASP B 216 -39.75 12.20 -24.11
N ASP B 217 -40.57 12.59 -25.07
CA ASP B 217 -40.38 13.84 -25.81
C ASP B 217 -40.85 14.98 -24.93
N VAL B 218 -39.92 15.59 -24.20
CA VAL B 218 -40.26 16.63 -23.25
C VAL B 218 -40.73 17.89 -23.97
N GLU B 219 -40.09 18.24 -25.08
CA GLU B 219 -40.44 19.47 -25.79
C GLU B 219 -41.86 19.39 -26.34
N ALA B 220 -42.26 18.23 -26.86
CA ALA B 220 -43.63 18.06 -27.32
C ALA B 220 -44.61 18.11 -26.15
N LEU B 221 -44.22 17.56 -24.99
CA LEU B 221 -45.06 17.63 -23.81
C LEU B 221 -45.21 19.07 -23.33
N ASP B 222 -44.13 19.85 -23.40
CA ASP B 222 -44.20 21.26 -23.02
C ASP B 222 -45.12 22.04 -23.95
N LYS B 223 -45.02 21.78 -25.26
CA LYS B 223 -45.91 22.44 -26.23
C LYS B 223 -47.37 22.12 -25.97
N ALA B 224 -47.68 20.86 -25.64
CA ALA B 224 -49.07 20.49 -25.37
C ALA B 224 -49.54 21.05 -24.04
N LEU B 225 -48.68 21.00 -23.01
CA LEU B 225 -49.07 21.48 -21.69
C LEU B 225 -49.33 22.98 -21.69
N ASP B 226 -48.58 23.75 -22.49
CA ASP B 226 -48.77 25.19 -22.54
C ASP B 226 -50.16 25.55 -23.09
N ALA B 227 -50.59 24.86 -24.15
CA ALA B 227 -51.93 25.10 -24.68
C ALA B 227 -53.00 24.64 -23.69
N TYR B 228 -52.76 23.50 -23.03
CA TYR B 228 -53.72 22.98 -22.06
C TYR B 228 -53.81 23.88 -20.84
N ASN B 229 -52.67 24.41 -20.37
CA ASN B 229 -52.69 25.27 -19.19
C ASN B 229 -53.37 26.61 -19.46
N ALA B 230 -53.26 27.12 -20.69
CA ALA B 230 -53.94 28.36 -21.02
C ALA B 230 -55.45 28.16 -21.10
N LYS B 231 -55.88 26.99 -21.55
CA LYS B 231 -57.31 26.70 -21.67
C LYS B 231 -57.95 26.43 -20.31
N THR B 232 -57.20 25.87 -19.37
CA THR B 232 -57.74 25.47 -18.08
C THR B 232 -57.33 26.35 -16.92
N GLY B 233 -56.12 26.90 -16.95
CA GLY B 233 -55.59 27.60 -15.79
C GLY B 233 -55.05 26.71 -14.70
N TYR B 234 -54.89 25.41 -14.96
CA TYR B 234 -54.43 24.49 -13.94
C TYR B 234 -52.95 24.65 -13.64
N ASP B 235 -52.16 25.14 -14.61
CA ASP B 235 -50.73 25.40 -14.42
C ASP B 235 -50.00 24.12 -13.99
N ILE B 236 -50.21 23.04 -14.73
CA ILE B 236 -49.58 21.76 -14.42
C ILE B 236 -48.14 21.81 -14.93
N PRO B 237 -47.16 21.61 -14.05
CA PRO B 237 -45.76 21.68 -14.49
C PRO B 237 -45.19 20.33 -14.89
N ILE B 238 -43.89 20.32 -15.20
CA ILE B 238 -43.17 19.12 -15.60
C ILE B 238 -42.02 18.90 -14.63
N HIS B 239 -41.90 17.67 -14.13
CA HIS B 239 -40.66 17.20 -13.50
C HIS B 239 -40.06 16.13 -14.39
N VAL B 240 -38.81 16.32 -14.77
CA VAL B 240 -38.12 15.39 -15.67
C VAL B 240 -37.32 14.41 -14.83
N ASP B 241 -37.71 13.14 -14.88
CA ASP B 241 -36.91 12.05 -14.32
C ASP B 241 -35.85 11.70 -15.36
N ALA B 242 -34.65 12.23 -15.18
CA ALA B 242 -33.54 12.04 -16.11
C ALA B 242 -32.42 11.22 -15.48
N ALA B 243 -32.79 10.14 -14.78
CA ALA B 243 -31.82 9.35 -14.03
C ALA B 243 -30.61 8.97 -14.88
N SER B 244 -30.86 8.46 -16.09
CA SER B 244 -29.78 8.16 -17.02
C SER B 244 -29.47 9.37 -17.91
N GLY B 245 -30.47 9.88 -18.63
CA GLY B 245 -30.24 10.88 -19.66
C GLY B 245 -29.71 12.21 -19.18
N GLY B 246 -29.86 12.51 -17.89
CA GLY B 246 -29.41 13.79 -17.38
C GLY B 246 -27.93 14.03 -17.56
N PHE B 247 -27.12 12.97 -17.64
CA PHE B 247 -25.70 13.08 -17.89
C PHE B 247 -25.32 12.66 -19.31
N ILE B 248 -26.30 12.46 -20.19
CA ILE B 248 -26.07 12.14 -21.59
C ILE B 248 -26.47 13.30 -22.49
N LEU B 249 -27.70 13.80 -22.32
CA LEU B 249 -28.22 14.83 -23.22
C LEU B 249 -27.37 16.09 -23.31
N PRO B 250 -26.87 16.68 -22.21
CA PRO B 250 -26.09 17.93 -22.36
C PRO B 250 -24.82 17.77 -23.18
N PHE B 251 -24.24 16.57 -23.24
CA PHE B 251 -22.96 16.38 -23.92
C PHE B 251 -23.11 15.93 -25.36
N LEU B 252 -24.10 15.08 -25.65
CA LEU B 252 -24.25 14.50 -26.98
C LEU B 252 -25.37 15.11 -27.80
N TYR B 253 -26.38 15.70 -27.16
CA TYR B 253 -27.49 16.34 -27.85
C TYR B 253 -27.71 17.73 -27.28
N PRO B 254 -26.72 18.62 -27.41
CA PRO B 254 -26.85 19.96 -26.81
C PRO B 254 -28.01 20.76 -27.35
N ASP B 255 -28.43 20.51 -28.60
CA ASP B 255 -29.50 21.27 -29.23
C ASP B 255 -30.88 20.71 -28.96
N THR B 256 -30.99 19.55 -28.33
CA THR B 256 -32.29 19.01 -27.95
C THR B 256 -32.82 19.77 -26.73
N LYS B 257 -33.97 20.43 -26.89
CA LYS B 257 -34.59 21.19 -25.81
C LYS B 257 -35.41 20.23 -24.95
N TRP B 258 -34.87 19.89 -23.78
CA TRP B 258 -35.53 19.01 -22.82
C TRP B 258 -35.47 19.55 -21.40
N ASP B 259 -34.71 20.60 -21.13
CA ASP B 259 -34.37 20.98 -19.77
C ASP B 259 -35.01 22.31 -19.39
N PHE B 260 -34.26 23.14 -18.66
CA PHE B 260 -34.81 24.40 -18.16
C PHE B 260 -35.04 25.43 -19.26
N ARG B 261 -34.64 25.14 -20.51
CA ARG B 261 -35.01 25.99 -21.62
C ARG B 261 -36.51 25.95 -21.89
N LEU B 262 -37.22 24.97 -21.34
CA LEU B 262 -38.66 24.84 -21.55
C LEU B 262 -39.43 25.51 -20.43
N LYS B 263 -40.56 26.12 -20.80
CA LYS B 263 -41.31 26.97 -19.88
C LYS B 263 -41.76 26.18 -18.64
N TRP B 264 -42.26 24.97 -18.83
CA TRP B 264 -42.94 24.25 -17.76
C TRP B 264 -42.06 23.21 -17.08
N VAL B 265 -40.78 23.09 -17.46
CA VAL B 265 -39.86 22.20 -16.77
C VAL B 265 -39.33 22.97 -15.55
N LEU B 266 -39.88 22.65 -14.38
CA LEU B 266 -39.50 23.34 -13.15
C LEU B 266 -38.49 22.60 -12.30
N SER B 267 -38.31 21.29 -12.52
CA SER B 267 -37.31 20.55 -11.77
C SER B 267 -36.86 19.34 -12.58
N ILE B 268 -35.61 18.93 -12.33
CA ILE B 268 -34.97 17.81 -13.01
C ILE B 268 -34.15 17.02 -11.99
N SER B 269 -34.18 15.70 -12.10
CA SER B 269 -33.39 14.84 -11.22
C SER B 269 -32.55 13.89 -12.06
N VAL B 270 -31.46 13.40 -11.47
CA VAL B 270 -30.49 12.57 -12.17
C VAL B 270 -29.77 11.68 -11.17
N SER B 271 -29.27 10.55 -11.66
CA SER B 271 -28.43 9.66 -10.88
C SER B 271 -26.96 9.97 -11.18
N GLY B 272 -26.25 10.50 -10.19
CA GLY B 272 -24.82 10.71 -10.35
C GLY B 272 -24.01 9.44 -10.48
N HIS B 273 -24.53 8.32 -9.95
CA HIS B 273 -23.79 7.07 -9.94
C HIS B 273 -24.15 6.14 -11.09
N LYS B 274 -24.81 6.63 -12.13
CA LYS B 274 -25.09 5.84 -13.32
C LYS B 274 -24.19 6.30 -14.47
N PHE B 275 -24.45 7.47 -15.03
CA PHE B 275 -23.63 8.03 -16.09
C PHE B 275 -22.93 9.31 -15.68
N GLY B 276 -23.13 9.77 -14.44
CA GLY B 276 -22.24 10.73 -13.82
C GLY B 276 -20.88 10.16 -13.45
N LEU B 277 -20.73 8.83 -13.52
CA LEU B 277 -19.45 8.14 -13.40
C LEU B 277 -18.89 8.16 -11.97
N VAL B 278 -19.75 8.10 -10.97
CA VAL B 278 -19.34 8.07 -9.57
C VAL B 278 -19.84 6.78 -8.92
N TYR B 279 -19.09 6.29 -7.93
CA TYR B 279 -19.50 5.13 -7.16
C TYR B 279 -20.88 5.35 -6.53
N PRO B 280 -21.58 4.26 -6.19
CA PRO B 280 -22.95 4.39 -5.66
C PRO B 280 -23.07 5.37 -4.51
N GLY B 281 -24.15 6.15 -4.52
CA GLY B 281 -24.46 7.05 -3.42
C GLY B 281 -24.65 8.49 -3.83
N LEU B 282 -25.02 8.75 -5.08
CA LEU B 282 -25.04 10.12 -5.59
C LEU B 282 -26.24 10.36 -6.49
N GLY B 283 -27.00 11.40 -6.16
CA GLY B 283 -28.06 11.89 -7.05
C GLY B 283 -28.19 13.39 -6.90
N TRP B 284 -28.79 14.01 -7.91
CA TRP B 284 -28.97 15.45 -7.93
C TRP B 284 -30.39 15.79 -8.37
N VAL B 285 -30.96 16.83 -7.75
CA VAL B 285 -32.20 17.44 -8.22
C VAL B 285 -31.97 18.96 -8.25
N CYS B 286 -32.37 19.58 -9.35
CA CYS B 286 -32.30 21.03 -9.49
C CYS B 286 -33.69 21.58 -9.78
N TRP B 287 -33.92 22.82 -9.37
CA TRP B 287 -35.15 23.53 -9.69
C TRP B 287 -34.81 24.69 -10.62
N LYS B 288 -35.79 25.08 -11.45
CA LYS B 288 -35.58 26.15 -12.41
C LYS B 288 -35.18 27.45 -11.73
N GLY B 289 -35.65 27.68 -10.51
CA GLY B 289 -35.29 28.86 -9.76
C GLY B 289 -35.71 28.67 -8.32
N LYS B 290 -35.25 29.60 -7.48
CA LYS B 290 -35.51 29.49 -6.04
C LYS B 290 -36.99 29.49 -5.71
N GLU B 291 -37.81 30.15 -6.53
CA GLU B 291 -39.24 30.30 -6.21
C GLU B 291 -40.06 29.05 -6.49
N TYR B 292 -39.49 28.03 -7.12
CA TYR B 292 -40.19 26.76 -7.33
C TYR B 292 -39.84 25.74 -6.26
N LEU B 293 -38.95 26.07 -5.33
CA LEU B 293 -38.70 25.26 -4.15
C LEU B 293 -39.46 25.86 -2.98
N PRO B 294 -40.48 25.18 -2.44
CA PRO B 294 -41.27 25.80 -1.37
C PRO B 294 -40.44 26.06 -0.12
N GLU B 295 -40.84 27.10 0.61
CA GLU B 295 -40.11 27.48 1.82
C GLU B 295 -40.07 26.36 2.85
N GLU B 296 -41.11 25.51 2.89
CA GLU B 296 -41.17 24.43 3.88
C GLU B 296 -40.01 23.45 3.76
N MET B 297 -39.33 23.39 2.62
CA MET B 297 -38.38 22.32 2.34
C MET B 297 -36.92 22.70 2.55
N SER B 298 -36.61 23.98 2.78
CA SER B 298 -35.23 24.44 2.72
C SER B 298 -34.89 25.29 3.95
N PHE B 299 -33.62 25.20 4.34
CA PHE B 299 -32.99 26.10 5.30
C PHE B 299 -31.69 26.59 4.69
N SER B 300 -31.44 27.89 4.78
CA SER B 300 -30.35 28.53 4.04
C SER B 300 -29.35 29.16 5.00
N VAL B 301 -28.06 28.97 4.71
CA VAL B 301 -26.97 29.55 5.46
C VAL B 301 -26.05 30.28 4.48
N ASN B 302 -25.10 31.03 5.04
CA ASN B 302 -24.12 31.78 4.26
C ASN B 302 -22.73 31.33 4.70
N PHE B 303 -22.31 30.17 4.21
CA PHE B 303 -21.05 29.56 4.63
C PHE B 303 -19.94 30.05 3.71
N LEU B 304 -19.11 30.96 4.24
CA LEU B 304 -17.90 31.45 3.56
C LEU B 304 -18.25 32.11 2.22
N GLY B 305 -19.09 33.14 2.28
CA GLY B 305 -19.47 33.92 1.12
C GLY B 305 -20.38 33.22 0.13
N ALA B 306 -20.64 31.93 0.30
CA ALA B 306 -21.49 31.19 -0.60
C ALA B 306 -22.95 31.26 -0.13
N ASN B 307 -23.85 30.63 -0.89
CA ASN B 307 -25.28 30.63 -0.61
C ASN B 307 -25.74 29.18 -0.55
N ILE B 308 -25.56 28.55 0.61
CA ILE B 308 -25.79 27.12 0.79
C ILE B 308 -27.18 26.92 1.36
N THR B 309 -28.08 26.36 0.56
CA THR B 309 -29.42 25.98 0.99
C THR B 309 -29.45 24.49 1.31
N GLN B 310 -30.08 24.15 2.44
CA GLN B 310 -30.11 22.78 2.96
C GLN B 310 -31.47 22.14 2.67
N VAL B 311 -31.49 21.26 1.68
CA VAL B 311 -32.68 20.50 1.31
C VAL B 311 -32.32 19.02 1.33
N GLY B 312 -33.27 18.17 1.72
CA GLY B 312 -33.07 16.75 1.59
C GLY B 312 -33.74 15.98 2.71
N LEU B 313 -33.75 14.65 2.53
CA LEU B 313 -34.37 13.72 3.46
C LEU B 313 -33.42 13.27 4.56
N ASN B 314 -32.12 13.32 4.32
CA ASN B 314 -31.11 12.82 5.24
C ASN B 314 -30.54 13.96 6.09
N PHE B 315 -29.81 13.55 7.12
CA PHE B 315 -28.98 14.47 7.90
C PHE B 315 -27.53 14.02 7.73
N SER B 316 -27.04 13.18 8.64
CA SER B 316 -25.73 12.57 8.44
C SER B 316 -25.74 11.65 7.23
N ARG B 317 -24.68 11.73 6.43
CA ARG B 317 -24.52 10.90 5.26
C ARG B 317 -23.05 10.95 4.83
N PRO B 318 -22.59 9.96 4.06
CA PRO B 318 -21.20 10.01 3.57
C PRO B 318 -21.00 11.16 2.60
N ALA B 319 -19.82 11.79 2.71
CA ALA B 319 -19.44 12.90 1.84
C ALA B 319 -18.58 12.47 0.65
N ALA B 320 -18.11 11.22 0.63
CA ALA B 320 -17.16 10.79 -0.40
C ALA B 320 -17.67 11.04 -1.81
N GLN B 321 -18.96 10.83 -2.04
CA GLN B 321 -19.50 10.93 -3.39
C GLN B 321 -19.47 12.36 -3.92
N ILE B 322 -19.54 13.36 -3.04
CA ILE B 322 -19.37 14.74 -3.47
C ILE B 322 -17.97 14.94 -4.03
N LEU B 323 -16.96 14.46 -3.31
CA LEU B 323 -15.58 14.59 -3.78
C LEU B 323 -15.40 13.89 -5.13
N GLY B 324 -16.00 12.72 -5.29
CA GLY B 324 -15.91 12.00 -6.54
C GLY B 324 -16.54 12.76 -7.70
N GLN B 325 -17.73 13.31 -7.48
CA GLN B 325 -18.39 14.09 -8.52
C GLN B 325 -17.56 15.31 -8.91
N TYR B 326 -17.07 16.05 -7.91
CA TYR B 326 -16.27 17.24 -8.20
C TYR B 326 -14.96 16.87 -8.88
N TYR B 327 -14.35 15.76 -8.48
CA TYR B 327 -13.16 15.26 -9.16
C TYR B 327 -13.43 15.03 -10.64
N GLN B 328 -14.55 14.37 -10.96
CA GLN B 328 -14.87 14.06 -12.35
C GLN B 328 -15.08 15.32 -13.17
N PHE B 329 -15.78 16.32 -12.61
CA PHE B 329 -15.97 17.58 -13.31
C PHE B 329 -14.64 18.22 -13.66
N ILE B 330 -13.69 18.22 -12.71
CA ILE B 330 -12.39 18.84 -12.97
C ILE B 330 -11.54 17.97 -13.89
N ARG B 331 -11.51 16.66 -13.64
CA ARG B 331 -10.63 15.78 -14.40
C ARG B 331 -11.09 15.63 -15.85
N LEU B 332 -12.40 15.49 -16.07
CA LEU B 332 -12.91 15.28 -17.41
C LEU B 332 -13.26 16.58 -18.12
N GLY B 333 -13.93 17.50 -17.43
CA GLY B 333 -14.45 18.67 -18.11
C GLY B 333 -15.56 18.28 -19.08
N PHE B 334 -16.00 19.28 -19.85
CA PHE B 334 -17.06 19.04 -20.82
C PHE B 334 -16.61 18.06 -21.90
N GLN B 335 -15.44 18.32 -22.49
CA GLN B 335 -14.94 17.44 -23.54
C GLN B 335 -14.68 16.03 -23.02
N GLY B 336 -14.17 15.91 -21.80
CA GLY B 336 -13.90 14.58 -21.26
C GLY B 336 -15.17 13.78 -21.05
N TYR B 337 -16.19 14.40 -20.47
CA TYR B 337 -17.49 13.75 -20.37
C TYR B 337 -18.05 13.40 -21.74
N LYS B 338 -17.90 14.30 -22.71
CA LYS B 338 -18.45 14.05 -24.05
C LYS B 338 -17.82 12.82 -24.69
N GLU B 339 -16.51 12.64 -24.54
CA GLU B 339 -15.86 11.50 -25.16
C GLU B 339 -16.28 10.19 -24.51
N VAL B 340 -16.46 10.17 -23.19
CA VAL B 340 -16.83 8.95 -22.48
C VAL B 340 -18.23 8.50 -22.89
N GLN B 341 -19.19 9.42 -22.85
CA GLN B 341 -20.56 9.06 -23.24
C GLN B 341 -20.64 8.76 -24.73
N TYR B 342 -19.80 9.41 -25.53
CA TYR B 342 -19.78 9.14 -26.96
C TYR B 342 -19.34 7.71 -27.25
N ASN B 343 -18.27 7.25 -26.57
CA ASN B 343 -17.81 5.88 -26.77
C ASN B 343 -18.85 4.87 -26.32
N SER B 344 -19.51 5.14 -25.20
CA SER B 344 -20.58 4.26 -24.74
C SER B 344 -21.70 4.18 -25.76
N LEU B 345 -22.10 5.33 -26.31
CA LEU B 345 -23.20 5.35 -27.27
C LEU B 345 -22.80 4.66 -28.59
N GLN B 346 -21.56 4.85 -29.04
CA GLN B 346 -21.13 4.23 -30.29
C GLN B 346 -21.14 2.70 -30.18
N ILE B 347 -20.62 2.16 -29.08
CA ILE B 347 -20.60 0.71 -28.90
C ILE B 347 -22.03 0.18 -28.77
N ALA B 348 -22.90 0.94 -28.12
CA ALA B 348 -24.31 0.56 -28.04
C ALA B 348 -24.96 0.57 -29.42
N LYS B 349 -24.71 1.61 -30.21
CA LYS B 349 -25.23 1.65 -31.58
C LYS B 349 -24.71 0.48 -32.39
N TYR B 350 -23.47 0.08 -32.15
CA TYR B 350 -22.87 -1.03 -32.89
C TYR B 350 -23.54 -2.35 -32.55
N ILE B 351 -23.72 -2.64 -31.26
CA ILE B 351 -24.44 -3.85 -30.87
C ILE B 351 -25.87 -3.80 -31.38
N HIS B 352 -26.51 -2.63 -31.24
CA HIS B 352 -27.88 -2.45 -31.72
C HIS B 352 -27.99 -2.77 -33.22
N GLY B 353 -27.01 -2.34 -34.02
CA GLY B 353 -27.05 -2.61 -35.44
C GLY B 353 -26.82 -4.08 -35.79
N GLU B 354 -25.95 -4.76 -35.03
CA GLU B 354 -25.68 -6.16 -35.32
C GLU B 354 -26.83 -7.06 -34.88
N ILE B 355 -27.48 -6.72 -33.76
CA ILE B 355 -28.67 -7.46 -33.34
C ILE B 355 -29.75 -7.38 -34.41
N ALA B 356 -29.90 -6.21 -35.04
CA ALA B 356 -30.94 -6.03 -36.04
C ALA B 356 -30.73 -6.90 -37.26
N LYS B 357 -29.49 -7.29 -37.56
CA LYS B 357 -29.21 -8.09 -38.74
C LYS B 357 -29.49 -9.57 -38.53
N MET B 358 -29.70 -10.01 -37.29
CA MET B 358 -29.96 -11.42 -37.04
C MET B 358 -31.44 -11.74 -37.22
N ALA B 359 -31.70 -12.85 -37.88
CA ALA B 359 -33.07 -13.23 -38.24
C ALA B 359 -34.08 -13.20 -37.10
N PRO B 360 -33.78 -13.66 -35.87
CA PRO B 360 -34.84 -13.74 -34.86
C PRO B 360 -35.27 -12.40 -34.28
N PHE B 361 -34.49 -11.33 -34.44
CA PHE B 361 -34.64 -10.15 -33.60
C PHE B 361 -35.19 -8.96 -34.38
N VAL B 362 -35.88 -8.08 -33.65
CA VAL B 362 -36.29 -6.77 -34.13
C VAL B 362 -36.10 -5.78 -32.98
N ASN B 363 -35.60 -4.59 -33.30
CA ASN B 363 -35.38 -3.60 -32.27
C ASN B 363 -36.65 -2.85 -31.92
N TYR B 364 -36.74 -2.45 -30.65
CA TYR B 364 -37.90 -1.68 -30.18
C TYR B 364 -37.90 -0.27 -30.78
N SER B 365 -36.72 0.29 -31.03
CA SER B 365 -36.58 1.61 -31.62
C SER B 365 -35.45 1.59 -32.64
N GLU B 366 -35.58 2.43 -33.66
CA GLU B 366 -34.51 2.59 -34.64
C GLU B 366 -33.43 3.56 -34.19
N ASN B 367 -33.65 4.28 -33.09
CA ASN B 367 -32.69 5.27 -32.60
C ASN B 367 -32.17 4.84 -31.24
N VAL B 368 -30.86 4.98 -31.05
CA VAL B 368 -30.22 4.76 -29.76
C VAL B 368 -29.79 6.13 -29.25
N VAL B 369 -30.41 6.60 -28.18
CA VAL B 369 -30.13 7.92 -27.64
C VAL B 369 -29.51 7.87 -26.25
N ASN B 370 -29.62 6.75 -25.55
CA ASN B 370 -28.88 6.47 -24.33
C ASN B 370 -28.06 5.20 -24.53
N PRO B 371 -27.00 4.99 -23.75
CA PRO B 371 -26.18 3.78 -23.94
C PRO B 371 -26.87 2.51 -23.48
N LEU B 372 -28.15 2.35 -23.83
CA LEU B 372 -28.87 1.12 -23.59
C LEU B 372 -30.02 1.01 -24.58
N PHE B 373 -30.47 -0.21 -24.81
CA PHE B 373 -31.52 -0.48 -25.79
C PHE B 373 -32.08 -1.87 -25.54
N ILE B 374 -33.25 -2.13 -26.13
CA ILE B 374 -33.92 -3.41 -25.99
C ILE B 374 -34.31 -3.93 -27.35
N TRP B 375 -34.40 -5.26 -27.46
CA TRP B 375 -34.93 -5.91 -28.64
C TRP B 375 -35.83 -7.05 -28.20
N TYR B 376 -36.63 -7.56 -29.14
CA TYR B 376 -37.46 -8.73 -28.88
C TYR B 376 -37.50 -9.61 -30.12
N LEU B 377 -38.13 -10.78 -29.98
CA LEU B 377 -38.28 -11.71 -31.09
C LEU B 377 -39.37 -11.21 -32.05
N LYS B 378 -39.09 -11.31 -33.35
CA LYS B 378 -40.10 -11.03 -34.35
C LYS B 378 -41.34 -11.89 -34.09
N PRO B 379 -42.54 -11.31 -34.12
CA PRO B 379 -43.75 -12.11 -33.88
C PRO B 379 -43.85 -13.38 -34.72
N GLU B 380 -43.59 -13.28 -36.02
CA GLU B 380 -43.67 -14.47 -36.87
C GLU B 380 -42.61 -15.49 -36.49
N TYR B 381 -41.44 -15.04 -36.03
CA TYR B 381 -40.40 -15.97 -35.61
C TYR B 381 -40.75 -16.64 -34.29
N ALA B 382 -41.20 -15.84 -33.31
CA ALA B 382 -41.55 -16.40 -32.00
C ALA B 382 -42.65 -17.44 -32.11
N LYS B 383 -43.58 -17.26 -33.06
CA LYS B 383 -44.68 -18.20 -33.23
C LYS B 383 -44.18 -19.63 -33.44
N SER B 384 -43.12 -19.79 -34.23
CA SER B 384 -42.59 -21.10 -34.56
C SER B 384 -41.29 -21.43 -33.86
N ALA B 385 -40.72 -20.49 -33.10
CA ALA B 385 -39.49 -20.77 -32.40
C ALA B 385 -39.79 -21.66 -31.19
N LYS B 386 -38.84 -22.54 -30.88
CA LYS B 386 -38.96 -23.43 -29.73
C LYS B 386 -38.38 -22.84 -28.46
N TRP B 387 -37.90 -21.61 -28.51
CA TRP B 387 -37.25 -20.96 -27.39
C TRP B 387 -37.78 -19.53 -27.23
N THR B 388 -37.48 -18.94 -26.08
CA THR B 388 -37.81 -17.55 -25.79
C THR B 388 -36.53 -16.83 -25.38
N LEU B 389 -36.65 -15.50 -25.22
CA LEU B 389 -35.52 -14.71 -24.76
C LEU B 389 -35.10 -15.08 -23.34
N TYR B 390 -35.98 -15.69 -22.55
CA TYR B 390 -35.57 -16.23 -21.26
C TYR B 390 -34.55 -17.35 -21.42
N ASP B 391 -34.66 -18.14 -22.50
CA ASP B 391 -33.69 -19.19 -22.76
C ASP B 391 -32.37 -18.60 -23.24
N LEU B 392 -32.42 -17.50 -24.00
CA LEU B 392 -31.20 -16.82 -24.40
C LEU B 392 -30.50 -16.22 -23.18
N GLN B 393 -31.27 -15.66 -22.24
CA GLN B 393 -30.70 -15.19 -20.99
C GLN B 393 -29.95 -16.30 -20.26
N ASP B 394 -30.54 -17.49 -20.21
CA ASP B 394 -29.90 -18.61 -19.52
C ASP B 394 -28.64 -19.07 -20.25
N LYS B 395 -28.68 -19.11 -21.58
CA LYS B 395 -27.50 -19.47 -22.36
C LYS B 395 -26.34 -18.53 -22.06
N LEU B 396 -26.59 -17.22 -22.01
CA LEU B 396 -25.53 -16.26 -21.75
C LEU B 396 -25.06 -16.34 -20.30
N SER B 397 -25.95 -16.65 -19.36
CA SER B 397 -25.53 -16.86 -17.98
C SER B 397 -24.50 -17.98 -17.87
N GLN B 398 -24.65 -19.02 -18.70
CA GLN B 398 -23.70 -20.13 -18.69
C GLN B 398 -22.30 -19.70 -19.12
N HIS B 399 -22.17 -18.59 -19.86
CA HIS B 399 -20.88 -18.03 -20.20
C HIS B 399 -20.50 -16.84 -19.34
N GLY B 400 -21.25 -16.55 -18.29
CA GLY B 400 -20.88 -15.54 -17.32
C GLY B 400 -21.56 -14.19 -17.50
N TRP B 401 -22.31 -13.99 -18.58
CA TRP B 401 -22.99 -12.71 -18.78
C TRP B 401 -24.24 -12.60 -17.92
N MET B 402 -24.59 -11.37 -17.57
CA MET B 402 -25.91 -11.03 -17.04
C MET B 402 -26.57 -10.14 -18.08
N VAL B 403 -27.48 -10.72 -18.86
CA VAL B 403 -28.24 -9.95 -19.84
C VAL B 403 -29.71 -10.19 -19.56
N PRO B 404 -30.42 -9.23 -18.97
CA PRO B 404 -31.75 -9.51 -18.43
C PRO B 404 -32.83 -9.60 -19.51
N ALA B 405 -33.78 -10.50 -19.26
CA ALA B 405 -35.00 -10.60 -20.03
C ALA B 405 -36.20 -10.35 -19.13
N TYR B 406 -37.20 -9.65 -19.66
CA TYR B 406 -38.38 -9.29 -18.88
C TYR B 406 -39.48 -8.89 -19.85
N THR B 407 -40.69 -8.79 -19.32
CA THR B 407 -41.83 -8.31 -20.09
C THR B 407 -41.98 -6.80 -19.95
N LEU B 408 -42.49 -6.17 -20.99
CA LEU B 408 -42.67 -4.73 -21.00
C LEU B 408 -43.88 -4.33 -20.17
N PRO B 409 -43.96 -3.05 -19.77
CA PRO B 409 -45.14 -2.58 -19.01
C PRO B 409 -46.43 -2.56 -19.82
N SER B 410 -47.48 -1.98 -19.23
CA SER B 410 -48.85 -2.27 -19.63
C SER B 410 -49.12 -2.00 -21.10
N LYS B 411 -50.06 -2.77 -21.67
CA LYS B 411 -50.43 -2.82 -23.09
C LYS B 411 -49.36 -3.49 -23.95
N LEU B 412 -48.13 -3.61 -23.42
CA LEU B 412 -47.09 -4.42 -24.06
C LEU B 412 -46.65 -5.58 -23.17
N GLU B 413 -47.51 -6.01 -22.25
CA GLU B 413 -47.14 -7.08 -21.31
C GLU B 413 -46.85 -8.41 -22.00
N ASP B 414 -47.31 -8.61 -23.24
CA ASP B 414 -47.03 -9.83 -23.96
C ASP B 414 -45.64 -9.86 -24.58
N TYR B 415 -44.90 -8.76 -24.53
CA TYR B 415 -43.60 -8.68 -25.19
C TYR B 415 -42.49 -8.93 -24.18
N VAL B 416 -41.79 -10.04 -24.36
CA VAL B 416 -40.55 -10.30 -23.63
C VAL B 416 -39.42 -9.63 -24.39
N VAL B 417 -38.67 -8.78 -23.70
CA VAL B 417 -37.56 -8.06 -24.32
C VAL B 417 -36.28 -8.40 -23.58
N MET B 418 -35.15 -8.11 -24.22
CA MET B 418 -33.83 -8.25 -23.63
C MET B 418 -33.12 -6.91 -23.74
N ARG B 419 -32.38 -6.55 -22.70
CA ARG B 419 -31.78 -5.22 -22.61
C ARG B 419 -30.29 -5.32 -22.38
N VAL B 420 -29.55 -4.46 -23.06
CA VAL B 420 -28.11 -4.31 -22.87
C VAL B 420 -27.83 -2.87 -22.48
N VAL B 421 -27.04 -2.69 -21.42
CA VAL B 421 -26.55 -1.38 -21.01
C VAL B 421 -25.05 -1.35 -21.24
N VAL B 422 -24.57 -0.29 -21.87
CA VAL B 422 -23.16 -0.14 -22.20
C VAL B 422 -22.61 0.95 -21.28
N ARG B 423 -21.87 0.55 -20.26
CA ARG B 423 -21.23 1.48 -19.35
C ARG B 423 -19.77 1.70 -19.76
N GLN B 424 -19.16 2.71 -19.15
CA GLN B 424 -17.76 3.01 -19.39
C GLN B 424 -16.90 1.79 -19.08
N GLY B 425 -15.93 1.52 -19.96
CA GLY B 425 -15.06 0.37 -19.84
C GLY B 425 -15.45 -0.81 -20.70
N PHE B 426 -16.66 -0.83 -21.24
CA PHE B 426 -17.12 -1.90 -22.11
C PHE B 426 -16.60 -1.62 -23.52
N SER B 427 -15.57 -2.36 -23.93
CA SER B 427 -14.84 -2.06 -25.14
C SER B 427 -15.49 -2.69 -26.38
N ARG B 428 -14.98 -2.29 -27.55
CA ARG B 428 -15.41 -2.90 -28.81
C ARG B 428 -15.11 -4.39 -28.84
N ASP B 429 -13.97 -4.80 -28.28
CA ASP B 429 -13.63 -6.22 -28.22
C ASP B 429 -14.63 -7.00 -27.39
N MET B 430 -15.04 -6.45 -26.24
CA MET B 430 -16.04 -7.12 -25.42
C MET B 430 -17.40 -7.14 -26.11
N ALA B 431 -17.69 -6.14 -26.95
CA ALA B 431 -18.92 -6.16 -27.72
C ALA B 431 -18.92 -7.28 -28.74
N ASP B 432 -17.77 -7.52 -29.37
CA ASP B 432 -17.66 -8.63 -30.30
C ASP B 432 -17.70 -9.97 -29.57
N MET B 433 -17.14 -10.00 -28.36
CA MET B 433 -17.28 -11.18 -27.50
C MET B 433 -18.74 -11.48 -27.20
N LEU B 434 -19.52 -10.45 -26.89
CA LEU B 434 -20.94 -10.66 -26.59
C LEU B 434 -21.71 -11.11 -27.83
N LEU B 435 -21.47 -10.47 -28.97
CA LEU B 435 -22.16 -10.86 -30.20
C LEU B 435 -21.79 -12.28 -30.61
N GLY B 436 -20.53 -12.68 -30.37
CA GLY B 436 -20.14 -14.05 -30.64
C GLY B 436 -20.93 -15.04 -29.79
N ASP B 437 -21.12 -14.73 -28.51
CA ASP B 437 -21.84 -15.64 -27.63
C ASP B 437 -23.33 -15.68 -27.95
N ILE B 438 -23.90 -14.55 -28.40
CA ILE B 438 -25.30 -14.55 -28.81
C ILE B 438 -25.51 -15.41 -30.04
N LYS B 439 -24.61 -15.30 -31.03
CA LYS B 439 -24.74 -16.08 -32.25
C LYS B 439 -24.62 -17.57 -31.96
N ASN B 440 -23.70 -17.95 -31.07
CA ASN B 440 -23.53 -19.35 -30.70
C ASN B 440 -24.75 -19.86 -29.94
N ALA B 441 -25.33 -19.02 -29.08
CA ALA B 441 -26.52 -19.43 -28.34
C ALA B 441 -27.71 -19.63 -29.28
N ILE B 442 -27.88 -18.73 -30.25
CA ILE B 442 -28.94 -18.89 -31.24
C ILE B 442 -28.78 -20.20 -32.00
N ALA B 443 -27.54 -20.53 -32.37
CA ALA B 443 -27.30 -21.76 -33.12
C ALA B 443 -27.71 -22.99 -32.31
N GLU B 444 -27.49 -22.97 -30.99
CA GLU B 444 -27.95 -24.06 -30.15
C GLU B 444 -29.48 -24.06 -30.04
N LEU B 445 -30.06 -22.89 -29.75
CA LEU B 445 -31.49 -22.79 -29.52
C LEU B 445 -32.29 -23.10 -30.80
N GLU B 446 -31.75 -22.79 -31.98
CA GLU B 446 -32.48 -23.03 -33.22
C GLU B 446 -32.57 -24.51 -33.58
N LYS B 447 -31.67 -25.34 -33.07
CA LYS B 447 -31.67 -26.77 -33.36
C LYS B 447 -32.49 -27.60 -32.38
N LEU B 448 -33.14 -26.95 -31.43
CA LEU B 448 -33.94 -27.68 -30.44
C LEU B 448 -35.04 -28.46 -31.15
N ASP B 449 -35.23 -29.72 -30.75
CA ASP B 449 -36.34 -30.50 -31.27
C ASP B 449 -37.65 -30.15 -30.57
N PHE B 450 -37.57 -29.73 -29.32
CA PHE B 450 -38.77 -29.55 -28.50
C PHE B 450 -38.75 -28.19 -27.83
N PRO B 451 -39.92 -27.64 -27.50
CA PRO B 451 -39.97 -26.34 -26.82
C PRO B 451 -39.36 -26.39 -25.42
N THR B 452 -38.77 -25.27 -25.03
CA THR B 452 -38.21 -25.10 -23.70
C THR B 452 -39.34 -24.91 -22.68
N PRO B 453 -39.02 -24.95 -21.38
CA PRO B 453 -40.07 -24.67 -20.38
C PRO B 453 -40.73 -23.31 -20.54
N THR B 454 -39.95 -22.25 -20.80
CA THR B 454 -40.56 -20.94 -20.92
C THR B 454 -41.34 -20.79 -22.21
N ARG B 455 -40.92 -21.50 -23.27
CA ARG B 455 -41.71 -21.51 -24.50
C ARG B 455 -43.08 -22.14 -24.28
N MET B 456 -43.13 -23.21 -23.49
CA MET B 456 -44.42 -23.83 -23.18
C MET B 456 -45.25 -22.96 -22.25
N ALA B 457 -44.60 -22.22 -21.35
CA ALA B 457 -45.33 -21.31 -20.47
C ALA B 457 -46.07 -20.25 -21.27
N GLN B 458 -45.44 -19.72 -22.32
CA GLN B 458 -46.10 -18.74 -23.16
C GLN B 458 -47.29 -19.35 -23.90
N GLU B 459 -47.14 -20.59 -24.38
CA GLU B 459 -48.25 -21.24 -25.07
C GLU B 459 -49.43 -21.46 -24.13
N LYS B 460 -49.16 -21.76 -22.85
CA LYS B 460 -50.20 -21.91 -21.85
C LYS B 460 -50.66 -20.59 -21.24
N ASN B 461 -50.05 -19.47 -21.65
CA ASN B 461 -50.40 -18.15 -21.14
C ASN B 461 -50.18 -18.06 -19.63
N LEU B 462 -49.05 -18.60 -19.17
CA LEU B 462 -48.65 -18.58 -17.77
C LEU B 462 -47.48 -17.63 -17.57
N PRO B 463 -47.51 -16.81 -16.50
CA PRO B 463 -46.42 -15.85 -16.28
C PRO B 463 -45.10 -16.55 -16.01
N VAL B 464 -44.02 -15.90 -16.42
CA VAL B 464 -42.67 -16.35 -16.15
C VAL B 464 -42.01 -15.34 -15.22
N GLU B 465 -41.50 -15.83 -14.09
CA GLU B 465 -40.77 -14.97 -13.16
C GLU B 465 -39.52 -14.41 -13.83
N ALA B 466 -39.33 -13.08 -13.71
CA ALA B 466 -38.23 -12.42 -14.40
C ALA B 466 -36.87 -12.87 -13.86
N LYS B 467 -36.79 -13.13 -12.55
CA LYS B 467 -35.59 -13.63 -11.88
C LYS B 467 -34.49 -12.58 -11.83
N MET B 468 -33.93 -12.22 -12.97
CA MET B 468 -32.72 -11.40 -13.01
C MET B 468 -33.02 -9.93 -12.73
N PHE B 469 -32.23 -9.32 -11.85
CA PHE B 469 -32.32 -7.90 -11.57
C PHE B 469 -32.22 -7.08 -12.86
N ASN B 470 -33.14 -6.13 -13.02
CA ASN B 470 -33.19 -5.30 -14.22
C ASN B 470 -33.35 -3.82 -13.90
N HIS B 471 -33.28 -3.44 -12.63
CA HIS B 471 -33.31 -2.07 -12.10
C HIS B 471 -34.71 -1.47 -12.12
N GLY B 472 -35.69 -2.11 -12.74
CA GLY B 472 -37.03 -1.56 -12.76
C GLY B 472 -37.69 -1.50 -11.39
N GLY B 473 -37.41 -2.47 -10.53
CA GLY B 473 -37.98 -2.47 -9.20
C GLY B 473 -39.34 -3.12 -9.10
N ARG B 474 -39.86 -3.70 -10.18
CA ARG B 474 -41.20 -4.28 -10.17
C ARG B 474 -41.18 -5.74 -9.73
N SER C 25 -0.34 5.69 30.44
CA SER C 25 0.73 6.22 29.62
C SER C 25 1.91 6.69 30.47
N PRO C 26 3.05 6.02 30.33
CA PRO C 26 4.15 6.23 31.27
C PRO C 26 4.68 7.66 31.24
N VAL C 27 4.77 8.26 32.43
CA VAL C 27 5.25 9.63 32.58
C VAL C 27 6.68 9.66 33.12
N GLU C 28 6.98 8.84 34.13
CA GLU C 28 8.25 8.88 34.83
C GLU C 28 9.16 7.70 34.53
N ARG C 29 8.62 6.47 34.52
CA ARG C 29 9.44 5.28 34.40
C ARG C 29 8.95 4.40 33.27
N ILE C 30 9.85 3.55 32.79
CA ILE C 30 9.52 2.59 31.72
C ILE C 30 8.53 1.56 32.27
N PRO C 31 7.53 1.15 31.49
CA PRO C 31 6.67 0.05 31.94
C PRO C 31 7.47 -1.21 32.20
N ASP C 32 6.97 -2.03 33.15
CA ASP C 32 7.68 -3.24 33.53
C ASP C 32 7.59 -4.30 32.44
N GLY C 33 6.41 -4.46 31.84
CA GLY C 33 6.20 -5.48 30.85
C GLY C 33 5.85 -4.89 29.50
N PRO C 34 5.77 -5.74 28.48
CA PRO C 34 5.42 -5.27 27.15
C PRO C 34 3.92 -5.10 26.97
N THR C 35 3.57 -4.31 25.97
CA THR C 35 2.20 -4.22 25.48
C THR C 35 2.18 -4.56 24.00
N THR C 36 1.04 -5.04 23.53
CA THR C 36 0.93 -5.49 22.15
C THR C 36 1.18 -4.32 21.19
N PRO C 37 1.73 -4.59 20.00
CA PRO C 37 2.07 -3.49 19.09
C PRO C 37 0.89 -2.60 18.72
N GLU C 38 -0.28 -3.19 18.46
CA GLU C 38 -1.45 -2.40 18.08
C GLU C 38 -1.83 -1.39 19.17
N VAL C 39 -1.75 -1.81 20.43
CA VAL C 39 -2.10 -0.91 21.54
C VAL C 39 -1.05 0.18 21.69
N ALA C 40 0.23 -0.20 21.64
CA ALA C 40 1.30 0.80 21.74
C ALA C 40 1.23 1.80 20.61
N TYR C 41 0.90 1.33 19.39
CA TYR C 41 0.73 2.22 18.25
C TYR C 41 -0.33 3.28 18.51
N GLN C 42 -1.50 2.85 19.01
CA GLN C 42 -2.57 3.80 19.31
C GLN C 42 -2.17 4.73 20.46
N MET C 43 -1.47 4.21 21.46
CA MET C 43 -1.05 5.04 22.58
C MET C 43 -0.15 6.18 22.12
N VAL C 44 0.77 5.89 21.21
CA VAL C 44 1.63 6.94 20.68
C VAL C 44 0.87 7.82 19.70
N LYS C 45 0.03 7.21 18.86
CA LYS C 45 -0.82 7.97 17.95
C LYS C 45 -1.61 9.05 18.67
N ASP C 46 -2.15 8.73 19.85
CA ASP C 46 -2.99 9.63 20.62
C ASP C 46 -2.25 10.85 21.18
N GLU C 47 -0.94 10.97 20.98
CA GLU C 47 -0.20 12.13 21.47
C GLU C 47 0.57 12.84 20.36
N THR C 48 0.37 12.45 19.10
CA THR C 48 1.13 13.03 18.00
C THR C 48 0.25 13.73 16.96
N PHE C 49 -1.05 13.86 17.21
CA PHE C 49 -1.88 14.56 16.25
C PHE C 49 -1.69 16.06 16.42
N ALA C 50 -1.75 16.79 15.31
CA ALA C 50 -1.61 18.23 15.36
C ALA C 50 -2.75 18.85 16.16
N GLN C 51 -2.44 19.92 16.89
CA GLN C 51 -3.47 20.62 17.65
C GLN C 51 -4.41 21.37 16.73
N THR C 52 -3.91 21.81 15.57
CA THR C 52 -4.71 22.51 14.57
C THR C 52 -4.40 21.94 13.19
N GLN C 53 -5.17 22.38 12.20
CA GLN C 53 -4.97 22.01 10.80
C GLN C 53 -3.67 22.59 10.26
N PRO C 54 -2.67 21.78 9.92
CA PRO C 54 -1.39 22.33 9.45
C PRO C 54 -1.50 23.16 8.17
N ARG C 55 -2.50 22.91 7.33
CA ARG C 55 -2.63 23.71 6.11
C ARG C 55 -3.05 25.15 6.40
N LEU C 56 -3.56 25.42 7.60
CA LEU C 56 -3.90 26.77 8.03
C LEU C 56 -2.86 27.37 8.96
N ASN C 57 -1.70 26.73 9.09
CA ASN C 57 -0.63 27.21 9.96
C ASN C 57 0.24 28.15 9.13
N LEU C 58 0.03 29.46 9.30
CA LEU C 58 0.81 30.47 8.63
C LEU C 58 1.97 30.98 9.47
N ALA C 59 2.23 30.34 10.61
CA ALA C 59 3.31 30.76 11.50
C ALA C 59 4.64 30.12 11.16
N THR C 60 4.63 28.92 10.59
CA THR C 60 5.86 28.14 10.42
C THR C 60 6.50 28.38 9.06
N PHE C 61 7.82 28.28 9.02
CA PHE C 61 8.60 28.39 7.79
C PHE C 61 8.86 27.04 7.14
N VAL C 62 8.66 25.95 7.86
CA VAL C 62 9.23 24.65 7.51
C VAL C 62 8.28 23.89 6.59
N THR C 63 8.87 23.26 5.57
CA THR C 63 8.11 22.47 4.61
C THR C 63 7.36 21.32 5.29
N THR C 64 6.11 21.15 4.90
CA THR C 64 5.26 20.06 5.36
C THR C 64 4.74 19.18 4.23
N TYR C 65 5.08 19.48 2.97
CA TYR C 65 4.60 18.70 1.85
C TYR C 65 5.73 18.45 0.84
N MET C 66 5.89 17.20 0.44
CA MET C 66 6.61 16.82 -0.77
C MET C 66 5.72 15.87 -1.56
N ASP C 67 6.01 15.70 -2.84
CA ASP C 67 5.16 14.85 -3.65
C ASP C 67 5.33 13.38 -3.26
N ASP C 68 4.47 12.53 -3.83
CA ASP C 68 4.44 11.13 -3.42
C ASP C 68 5.74 10.40 -3.74
N TYR C 69 6.41 10.77 -4.83
CA TYR C 69 7.66 10.11 -5.19
C TYR C 69 8.78 10.48 -4.23
N ALA C 70 8.91 11.77 -3.91
CA ALA C 70 9.89 12.18 -2.91
C ALA C 70 9.60 11.51 -1.57
N THR C 71 8.32 11.45 -1.19
CA THR C 71 7.96 10.86 0.10
C THR C 71 8.26 9.36 0.14
N LYS C 72 8.00 8.64 -0.95
CA LYS C 72 8.34 7.24 -1.01
C LYS C 72 9.86 7.04 -0.95
N LEU C 73 10.59 7.90 -1.64
CA LEU C 73 12.05 7.86 -1.60
C LEU C 73 12.57 8.01 -0.17
N MET C 74 12.10 9.02 0.55
CA MET C 74 12.62 9.30 1.88
C MET C 74 12.12 8.30 2.93
N ASN C 75 10.89 7.81 2.78
CA ASN C 75 10.39 6.82 3.72
C ASN C 75 11.15 5.51 3.61
N GLU C 76 11.51 5.11 2.40
CA GLU C 76 12.28 3.88 2.21
C GLU C 76 13.72 4.01 2.68
N ALA C 77 14.25 5.23 2.77
CA ALA C 77 15.59 5.49 3.24
C ALA C 77 15.65 5.79 4.74
N ILE C 78 14.57 5.51 5.47
CA ILE C 78 14.53 5.80 6.90
C ILE C 78 15.61 5.04 7.67
N ASN C 79 16.04 3.89 7.15
CA ASN C 79 17.01 3.05 7.84
C ASN C 79 18.43 3.19 7.29
N ILE C 80 18.70 4.21 6.50
CA ILE C 80 20.02 4.43 5.92
C ILE C 80 20.77 5.42 6.80
N ASN C 81 21.89 4.99 7.37
CA ASN C 81 22.76 5.85 8.15
C ASN C 81 23.76 6.50 7.21
N TYR C 82 23.69 7.83 7.11
CA TYR C 82 24.48 8.58 6.13
C TYR C 82 25.98 8.37 6.32
N ILE C 83 26.43 8.14 7.57
CA ILE C 83 27.86 8.12 7.85
C ILE C 83 28.56 6.85 7.42
N ASP C 84 27.81 5.80 7.08
CA ASP C 84 28.41 4.52 6.69
C ASP C 84 28.80 4.62 5.22
N GLU C 85 30.04 5.07 4.97
CA GLU C 85 30.50 5.31 3.61
C GLU C 85 30.89 4.03 2.88
N THR C 86 31.10 2.92 3.59
CA THR C 86 31.38 1.66 2.92
C THR C 86 30.10 1.05 2.37
N GLU C 87 29.00 1.17 3.10
CA GLU C 87 27.73 0.60 2.68
C GLU C 87 27.05 1.46 1.62
N TYR C 88 27.11 2.78 1.76
CA TYR C 88 26.43 3.71 0.85
C TYR C 88 27.42 4.73 0.29
N PRO C 89 28.40 4.28 -0.50
CA PRO C 89 29.38 5.23 -1.05
C PRO C 89 28.75 6.27 -1.96
N ARG C 90 27.70 5.91 -2.71
CA ARG C 90 27.11 6.85 -3.65
C ARG C 90 26.19 7.86 -2.98
N ILE C 91 25.77 7.61 -1.73
CA ILE C 91 25.04 8.63 -1.01
C ILE C 91 26.00 9.72 -0.51
N ALA C 92 27.22 9.34 -0.16
CA ALA C 92 28.25 10.33 0.18
C ALA C 92 28.55 11.22 -1.03
N VAL C 93 28.71 10.60 -2.20
CA VAL C 93 28.91 11.37 -3.43
C VAL C 93 27.73 12.29 -3.69
N MET C 94 26.51 11.76 -3.53
CA MET C 94 25.32 12.56 -3.78
C MET C 94 25.25 13.77 -2.83
N ASN C 95 25.71 13.61 -1.60
CA ASN C 95 25.84 14.75 -0.69
C ASN C 95 26.80 15.79 -1.25
N GLY C 96 27.92 15.35 -1.80
CA GLY C 96 28.87 16.27 -2.39
C GLY C 96 28.33 17.01 -3.60
N LYS C 97 27.45 16.36 -4.37
CA LYS C 97 26.87 17.02 -5.54
C LYS C 97 25.83 18.04 -5.13
N CYS C 98 25.09 17.80 -4.05
CA CYS C 98 24.19 18.82 -3.51
C CYS C 98 24.97 20.05 -3.06
N ILE C 99 26.15 19.84 -2.45
CA ILE C 99 26.98 20.95 -2.03
C ILE C 99 27.45 21.75 -3.24
N ASN C 100 27.86 21.06 -4.32
CA ASN C 100 28.24 21.74 -5.55
C ASN C 100 27.10 22.60 -6.08
N ILE C 101 25.88 22.05 -6.10
CA ILE C 101 24.76 22.76 -6.71
C ILE C 101 24.42 24.02 -5.91
N VAL C 102 24.36 23.90 -4.58
CA VAL C 102 24.07 25.06 -3.74
C VAL C 102 25.19 26.09 -3.86
N ALA C 103 26.44 25.64 -3.84
CA ALA C 103 27.56 26.58 -3.93
C ALA C 103 27.58 27.30 -5.27
N ASN C 104 27.19 26.62 -6.35
CA ASN C 104 27.13 27.27 -7.65
C ASN C 104 25.89 28.16 -7.78
N LEU C 105 24.80 27.81 -7.09
CA LEU C 105 23.66 28.72 -7.02
C LEU C 105 24.06 30.04 -6.36
N TRP C 106 24.99 30.00 -5.41
CA TRP C 106 25.50 31.19 -4.74
C TRP C 106 26.74 31.75 -5.41
N ASN C 107 27.02 31.33 -6.65
CA ASN C 107 28.10 31.91 -7.47
C ASN C 107 29.47 31.78 -6.79
N SER C 108 29.73 30.62 -6.20
CA SER C 108 31.06 30.36 -5.67
C SER C 108 32.10 30.46 -6.79
N PRO C 109 33.21 31.16 -6.58
CA PRO C 109 34.27 31.20 -7.59
C PRO C 109 35.31 30.09 -7.46
N GLU C 110 35.12 29.17 -6.51
CA GLU C 110 36.08 28.09 -6.30
C GLU C 110 36.27 27.28 -7.58
N LYS C 111 37.53 26.99 -7.89
CA LYS C 111 37.89 26.36 -9.16
C LYS C 111 37.80 24.84 -9.13
N ASP C 112 37.92 24.23 -7.96
CA ASP C 112 37.77 22.78 -7.85
C ASP C 112 36.35 22.36 -8.19
N THR C 113 36.22 21.20 -8.85
CA THR C 113 34.89 20.67 -9.16
C THR C 113 34.07 20.43 -7.90
N TRP C 114 34.71 19.96 -6.83
CA TRP C 114 34.01 19.63 -5.59
C TRP C 114 34.12 20.80 -4.62
N LYS C 115 33.00 21.49 -4.41
CA LYS C 115 33.00 22.70 -3.62
C LYS C 115 33.03 22.38 -2.12
N THR C 116 33.41 23.38 -1.33
CA THR C 116 33.60 23.22 0.10
C THR C 116 32.30 23.55 0.82
N GLY C 117 31.69 22.55 1.44
CA GLY C 117 30.44 22.76 2.16
C GLY C 117 30.18 21.61 3.11
N ALA C 118 29.09 21.74 3.86
CA ALA C 118 28.75 20.74 4.86
C ALA C 118 27.23 20.55 4.91
N LEU C 119 26.82 19.29 5.05
CA LEU C 119 25.45 18.97 5.38
C LEU C 119 25.18 19.27 6.85
N ALA C 120 23.97 19.74 7.14
CA ALA C 120 23.59 20.03 8.51
C ALA C 120 22.15 19.60 8.75
N ILE C 121 21.78 19.51 10.03
CA ILE C 121 20.42 19.17 10.40
C ILE C 121 19.49 20.36 10.18
N GLY C 122 20.04 21.56 10.13
CA GLY C 122 19.25 22.75 9.87
C GLY C 122 20.16 23.96 9.79
N SER C 123 19.55 25.13 9.67
CA SER C 123 20.34 26.36 9.68
C SER C 123 21.06 26.53 11.01
N SER C 124 20.51 25.96 12.09
CA SER C 124 21.12 26.06 13.42
C SER C 124 22.56 25.57 13.40
N GLU C 125 22.77 24.31 13.00
CA GLU C 125 24.13 23.77 12.97
C GLU C 125 24.95 24.42 11.86
N ALA C 126 24.32 24.76 10.73
CA ALA C 126 25.04 25.40 9.64
C ALA C 126 25.55 26.78 10.04
N CYS C 127 24.75 27.54 10.78
CA CYS C 127 25.21 28.84 11.27
C CYS C 127 26.37 28.67 12.24
N MET C 128 26.27 27.71 13.16
CA MET C 128 27.33 27.50 14.14
C MET C 128 28.65 27.13 13.48
N LEU C 129 28.60 26.25 12.47
CA LEU C 129 29.82 25.89 11.75
C LEU C 129 30.44 27.11 11.09
N GLY C 130 29.61 27.97 10.48
CA GLY C 130 30.12 29.22 9.93
C GLY C 130 30.74 30.10 10.99
N GLY C 131 30.07 30.25 12.14
CA GLY C 131 30.61 31.06 13.20
C GLY C 131 31.88 30.50 13.80
N VAL C 132 31.93 29.19 14.00
CA VAL C 132 33.13 28.55 14.54
C VAL C 132 34.29 28.71 13.57
N ALA C 133 34.01 28.57 12.27
CA ALA C 133 35.05 28.77 11.27
C ALA C 133 35.58 30.21 11.32
N ALA C 134 34.67 31.19 11.43
CA ALA C 134 35.09 32.58 11.56
C ALA C 134 35.92 32.80 12.82
N TRP C 135 35.53 32.14 13.92
CA TRP C 135 36.25 32.29 15.18
C TRP C 135 37.66 31.71 15.09
N LEU C 136 37.80 30.55 14.43
CA LEU C 136 39.12 29.93 14.31
C LEU C 136 40.02 30.69 13.35
N ARG C 137 39.45 31.23 12.27
CA ARG C 137 40.25 32.08 11.38
C ARG C 137 40.72 33.32 12.12
N TRP C 138 39.88 33.87 13.00
CA TRP C 138 40.26 35.05 13.76
C TRP C 138 41.34 34.74 14.79
N ARG C 139 41.21 33.60 15.49
CA ARG C 139 42.26 33.20 16.43
C ARG C 139 43.60 33.02 15.73
N LYS C 140 43.58 32.44 14.53
CA LYS C 140 44.83 32.15 13.83
C LYS C 140 45.53 33.43 13.38
N LYS C 141 44.75 34.43 12.94
CA LYS C 141 45.34 35.71 12.57
C LYS C 141 45.97 36.39 13.78
N ARG C 142 45.23 36.50 14.88
CA ARG C 142 45.71 37.24 16.05
C ARG C 142 46.92 36.58 16.68
N GLN C 143 47.02 35.25 16.62
CA GLN C 143 48.22 34.58 17.08
C GLN C 143 49.41 34.97 16.22
N ALA C 144 49.25 34.92 14.90
CA ALA C 144 50.32 35.27 13.98
C ALA C 144 50.71 36.73 14.07
N GLN C 145 49.86 37.58 14.66
CA GLN C 145 50.16 39.00 14.81
C GLN C 145 50.64 39.36 16.21
N GLY C 146 50.54 38.44 17.17
CA GLY C 146 50.90 38.75 18.54
C GLY C 146 49.88 39.54 19.32
N LYS C 147 48.64 39.63 18.85
CA LYS C 147 47.59 40.32 19.56
C LYS C 147 46.77 39.33 20.39
N PRO C 148 46.08 39.80 21.43
CA PRO C 148 45.26 38.88 22.24
C PRO C 148 44.12 38.27 21.44
N PHE C 149 43.65 37.11 21.90
CA PHE C 149 42.55 36.42 21.26
C PHE C 149 41.64 35.75 22.29
N ASP C 150 41.45 36.40 23.44
CA ASP C 150 40.65 35.82 24.53
C ASP C 150 39.25 36.42 24.66
N LYS C 151 38.96 37.56 24.04
CA LYS C 151 37.65 38.22 24.14
C LYS C 151 37.02 38.42 22.77
N PRO C 152 36.67 37.35 22.06
CA PRO C 152 36.06 37.51 20.75
C PRO C 152 34.63 38.04 20.84
N ASN C 153 34.20 38.69 19.77
CA ASN C 153 32.81 39.11 19.64
C ASN C 153 32.40 39.03 18.18
N PHE C 154 31.09 39.09 17.93
CA PHE C 154 30.55 39.22 16.60
C PHE C 154 29.37 40.19 16.62
N VAL C 155 29.05 40.72 15.45
CA VAL C 155 28.06 41.79 15.30
C VAL C 155 26.89 41.25 14.49
N ILE C 156 25.67 41.53 14.97
CA ILE C 156 24.46 41.03 14.34
C ILE C 156 23.32 41.98 14.66
N SER C 157 22.32 42.00 13.78
CA SER C 157 21.10 42.76 14.05
C SER C 157 20.36 42.15 15.24
N THR C 158 19.59 43.00 15.95
CA THR C 158 18.74 42.51 17.01
C THR C 158 17.64 41.57 16.52
N GLY C 159 17.40 41.51 15.21
CA GLY C 159 16.44 40.59 14.66
C GLY C 159 16.99 39.20 14.44
N PHE C 160 18.03 38.85 15.20
CA PHE C 160 18.64 37.53 15.08
C PHE C 160 17.69 36.43 15.56
N GLN C 161 17.91 35.24 15.01
CA GLN C 161 17.23 34.04 15.48
C GLN C 161 18.04 33.40 16.61
N VAL C 162 17.34 32.59 17.42
CA VAL C 162 17.89 32.12 18.69
C VAL C 162 19.21 31.36 18.56
N VAL C 163 19.52 30.82 17.37
CA VAL C 163 20.73 30.03 17.22
C VAL C 163 21.97 30.87 17.49
N TRP C 164 21.91 32.17 17.18
CA TRP C 164 23.06 33.02 17.44
C TRP C 164 23.24 33.29 18.93
N GLU C 165 22.15 33.23 19.71
CA GLU C 165 22.30 33.29 21.15
C GLU C 165 22.89 31.99 21.70
N LYS C 166 22.46 30.85 21.15
CA LYS C 166 23.10 29.58 21.49
C LYS C 166 24.58 29.63 21.17
N PHE C 167 24.93 30.12 19.98
CA PHE C 167 26.33 30.24 19.58
C PHE C 167 27.11 31.13 20.53
N ALA C 168 26.51 32.26 20.93
CA ALA C 168 27.19 33.18 21.85
C ALA C 168 27.44 32.52 23.21
N GLN C 169 26.46 31.74 23.69
CA GLN C 169 26.59 31.14 25.01
C GLN C 169 27.48 29.89 25.00
N LEU C 170 27.29 29.02 24.01
CA LEU C 170 28.00 27.74 24.01
C LEU C 170 29.48 27.88 23.66
N TRP C 171 29.86 28.94 22.96
CA TRP C 171 31.26 29.22 22.69
C TRP C 171 31.79 30.41 23.48
N GLN C 172 30.96 31.03 24.31
CA GLN C 172 31.33 32.19 25.13
C GLN C 172 31.94 33.29 24.25
N ILE C 173 31.16 33.72 23.27
CA ILE C 173 31.53 34.80 22.36
C ILE C 173 30.52 35.93 22.53
N GLU C 174 31.02 37.14 22.74
CA GLU C 174 30.16 38.28 22.99
C GLU C 174 29.36 38.64 21.75
N MET C 175 28.04 38.80 21.92
CA MET C 175 27.16 39.22 20.84
C MET C 175 26.92 40.72 20.94
N ARG C 176 27.18 41.43 19.84
CA ARG C 176 26.96 42.87 19.76
C ARG C 176 25.83 43.13 18.77
N GLU C 177 24.76 43.75 19.26
CA GLU C 177 23.50 43.84 18.55
C GLU C 177 23.29 45.24 17.97
N VAL C 178 22.88 45.30 16.71
CA VAL C 178 22.57 46.56 16.04
C VAL C 178 21.06 46.74 16.03
N PRO C 179 20.53 47.78 16.66
CA PRO C 179 19.07 47.89 16.83
C PRO C 179 18.34 48.22 15.53
N LEU C 180 17.09 47.80 15.48
CA LEU C 180 16.17 48.21 14.42
C LEU C 180 15.47 49.51 14.81
N THR C 181 15.22 50.37 13.82
CA THR C 181 14.37 51.54 13.98
C THR C 181 13.49 51.67 12.75
N LEU C 182 12.56 52.61 12.80
CA LEU C 182 11.68 52.83 11.66
C LEU C 182 12.43 53.46 10.48
N GLU C 183 13.56 54.12 10.73
CA GLU C 183 14.41 54.56 9.63
C GLU C 183 15.36 53.47 9.16
N LYS C 184 15.77 52.58 10.05
CA LYS C 184 16.69 51.50 9.74
C LYS C 184 15.95 50.19 10.01
N THR C 185 15.12 49.78 9.07
CA THR C 185 14.30 48.59 9.27
C THR C 185 15.08 47.31 9.11
N THR C 186 16.32 47.38 8.63
CA THR C 186 17.24 46.26 8.58
C THR C 186 18.60 46.72 9.09
N LEU C 187 19.56 45.80 9.06
CA LEU C 187 20.91 46.10 9.55
C LEU C 187 21.50 47.27 8.78
N ASP C 188 21.81 48.36 9.50
CA ASP C 188 22.43 49.52 8.87
C ASP C 188 23.94 49.37 8.93
N PRO C 189 24.64 49.43 7.78
CA PRO C 189 26.10 49.22 7.80
C PRO C 189 26.86 50.22 8.65
N GLU C 190 26.51 51.50 8.59
CA GLU C 190 27.24 52.51 9.36
C GLU C 190 27.15 52.24 10.86
N GLU C 191 25.97 51.87 11.35
CA GLU C 191 25.80 51.60 12.77
C GLU C 191 26.44 50.27 13.16
N ALA C 192 26.49 49.31 12.24
CA ALA C 192 27.15 48.04 12.51
C ALA C 192 28.65 48.21 12.66
N LEU C 193 29.24 49.10 11.84
CA LEU C 193 30.68 49.32 11.92
C LEU C 193 31.09 50.01 13.22
N LYS C 194 30.18 50.77 13.83
CA LYS C 194 30.47 51.39 15.12
C LYS C 194 30.64 50.39 16.25
N MET C 195 30.27 49.13 16.05
CA MET C 195 30.42 48.09 17.05
C MET C 195 31.55 47.12 16.76
N CYS C 196 32.30 47.33 15.69
CA CYS C 196 33.41 46.47 15.33
C CYS C 196 34.69 46.96 16.01
N ASP C 197 35.62 46.03 16.19
CA ASP C 197 36.95 46.33 16.72
C ASP C 197 37.88 45.18 16.33
N GLU C 198 39.09 45.19 16.91
CA GLU C 198 40.08 44.17 16.59
C GLU C 198 39.63 42.77 17.00
N ASN C 199 38.59 42.68 17.84
CA ASN C 199 38.13 41.39 18.37
C ASN C 199 36.89 40.86 17.64
N THR C 200 36.46 41.53 16.57
CA THR C 200 35.25 41.10 15.86
C THR C 200 35.62 39.98 14.89
N ILE C 201 34.95 38.84 15.02
CA ILE C 201 35.27 37.69 14.18
C ILE C 201 34.54 37.73 12.84
N CYS C 202 33.37 38.35 12.79
CA CYS C 202 32.63 38.58 11.54
C CYS C 202 31.39 39.39 11.85
N VAL C 203 30.72 39.83 10.79
CA VAL C 203 29.42 40.50 10.87
C VAL C 203 28.41 39.58 10.19
N VAL C 204 27.22 39.48 10.77
CA VAL C 204 26.24 38.51 10.30
C VAL C 204 24.99 39.23 9.78
N PRO C 205 24.92 39.52 8.49
CA PRO C 205 23.63 39.95 7.90
C PRO C 205 22.73 38.77 7.67
N ILE C 206 21.42 39.04 7.71
CA ILE C 206 20.41 37.99 7.64
C ILE C 206 19.55 38.21 6.39
N GLN C 207 19.41 37.17 5.58
CA GLN C 207 18.55 37.18 4.40
C GLN C 207 17.27 36.44 4.76
N GLY C 208 16.22 37.19 5.06
CA GLY C 208 15.00 36.60 5.55
C GLY C 208 14.92 36.71 7.06
N VAL C 209 14.97 37.94 7.56
CA VAL C 209 14.88 38.18 9.01
C VAL C 209 13.59 37.55 9.53
N THR C 210 13.74 36.69 10.55
CA THR C 210 12.62 35.89 11.03
C THR C 210 11.46 36.77 11.49
N TRP C 211 11.77 37.93 12.06
CA TRP C 211 10.74 38.81 12.62
C TRP C 211 10.09 39.71 11.58
N THR C 212 10.78 40.03 10.48
CA THR C 212 10.30 41.02 9.54
C THR C 212 10.18 40.53 8.11
N GLY C 213 10.90 39.49 7.71
CA GLY C 213 10.86 39.02 6.34
C GLY C 213 11.77 39.76 5.38
N LEU C 214 12.49 40.77 5.84
CA LEU C 214 13.33 41.59 4.97
C LEU C 214 14.72 40.98 4.83
N ASN C 215 15.50 41.54 3.90
CA ASN C 215 16.88 41.16 3.68
C ASN C 215 17.80 42.29 4.11
N ASP C 216 18.76 41.98 4.98
CA ASP C 216 19.85 42.91 5.24
C ASP C 216 20.62 43.16 3.96
N ASP C 217 21.00 44.41 3.72
CA ASP C 217 21.64 44.81 2.47
C ASP C 217 23.11 44.39 2.54
N VAL C 218 23.39 43.21 1.99
CA VAL C 218 24.74 42.64 2.08
C VAL C 218 25.73 43.44 1.24
N GLU C 219 25.31 43.88 0.05
CA GLU C 219 26.22 44.60 -0.83
C GLU C 219 26.68 45.91 -0.20
N ALA C 220 25.77 46.62 0.47
CA ALA C 220 26.16 47.82 1.18
C ALA C 220 27.11 47.51 2.34
N LEU C 221 26.89 46.37 3.00
CA LEU C 221 27.79 45.97 4.08
C LEU C 221 29.18 45.63 3.55
N ASP C 222 29.25 44.95 2.40
CA ASP C 222 30.54 44.67 1.79
C ASP C 222 31.24 45.95 1.36
N LYS C 223 30.49 46.88 0.76
CA LYS C 223 31.04 48.15 0.32
C LYS C 223 31.61 48.93 1.50
N ALA C 224 30.91 48.91 2.62
CA ALA C 224 31.40 49.58 3.82
C ALA C 224 32.54 48.82 4.46
N LEU C 225 32.45 47.49 4.52
CA LEU C 225 33.47 46.69 5.17
C LEU C 225 34.81 46.77 4.44
N ASP C 226 34.78 46.90 3.11
CA ASP C 226 36.02 46.99 2.34
C ASP C 226 36.80 48.24 2.70
N ALA C 227 36.10 49.38 2.84
CA ALA C 227 36.77 50.61 3.26
C ALA C 227 37.24 50.52 4.71
N TYR C 228 36.43 49.93 5.58
CA TYR C 228 36.80 49.83 6.99
C TYR C 228 37.98 48.89 7.20
N ASN C 229 38.01 47.77 6.48
CA ASN C 229 39.11 46.82 6.64
C ASN C 229 40.42 47.38 6.11
N ALA C 230 40.36 48.21 5.07
CA ALA C 230 41.59 48.82 4.56
C ALA C 230 42.14 49.86 5.53
N LYS C 231 41.27 50.58 6.23
CA LYS C 231 41.72 51.60 7.16
C LYS C 231 42.28 50.99 8.44
N THR C 232 41.78 49.83 8.85
CA THR C 232 42.17 49.20 10.11
C THR C 232 43.05 47.98 9.95
N GLY C 233 42.90 47.22 8.88
CA GLY C 233 43.61 45.97 8.74
C GLY C 233 43.03 44.81 9.53
N TYR C 234 41.82 44.96 10.06
CA TYR C 234 41.23 43.92 10.90
C TYR C 234 40.76 42.71 10.10
N ASP C 235 40.44 42.91 8.81
CA ASP C 235 40.01 41.83 7.93
C ASP C 235 38.78 41.11 8.48
N ILE C 236 37.76 41.89 8.83
CA ILE C 236 36.52 41.35 9.37
C ILE C 236 35.67 40.80 8.22
N PRO C 237 35.34 39.51 8.22
CA PRO C 237 34.55 38.96 7.11
C PRO C 237 33.05 38.98 7.35
N ILE C 238 32.30 38.38 6.42
CA ILE C 238 30.85 38.30 6.50
C ILE C 238 30.45 36.83 6.47
N HIS C 239 29.58 36.42 7.39
CA HIS C 239 28.82 35.19 7.25
C HIS C 239 27.37 35.55 7.04
N VAL C 240 26.78 35.05 5.96
CA VAL C 240 25.41 35.35 5.60
C VAL C 240 24.51 34.27 6.17
N ASP C 241 23.66 34.64 7.13
CA ASP C 241 22.58 33.77 7.59
C ASP C 241 21.43 33.95 6.61
N ALA C 242 21.32 33.03 5.67
CA ALA C 242 20.30 33.09 4.62
C ALA C 242 19.31 31.94 4.75
N ALA C 243 18.85 31.68 5.99
CA ALA C 243 18.00 30.52 6.27
C ALA C 243 16.83 30.42 5.31
N SER C 244 16.10 31.53 5.11
CA SER C 244 15.02 31.57 4.14
C SER C 244 15.53 32.01 2.76
N GLY C 245 16.15 33.19 2.70
CA GLY C 245 16.47 33.83 1.43
C GLY C 245 17.47 33.06 0.58
N GLY C 246 18.22 32.13 1.17
CA GLY C 246 19.21 31.39 0.40
C GLY C 246 18.62 30.58 -0.75
N PHE C 247 17.36 30.19 -0.64
CA PHE C 247 16.66 29.48 -1.70
C PHE C 247 15.65 30.36 -2.43
N ILE C 248 15.67 31.67 -2.19
CA ILE C 248 14.81 32.62 -2.89
C ILE C 248 15.62 33.50 -3.84
N LEU C 249 16.68 34.11 -3.32
CA LEU C 249 17.45 35.09 -4.11
C LEU C 249 18.01 34.54 -5.42
N PRO C 250 18.61 33.35 -5.49
CA PRO C 250 19.19 32.92 -6.79
C PRO C 250 18.15 32.74 -7.89
N PHE C 251 16.89 32.47 -7.55
CA PHE C 251 15.87 32.19 -8.56
C PHE C 251 15.06 33.42 -8.94
N LEU C 252 14.79 34.31 -7.98
CA LEU C 252 13.93 35.46 -8.24
C LEU C 252 14.69 36.77 -8.36
N TYR C 253 15.88 36.87 -7.76
CA TYR C 253 16.70 38.09 -7.84
C TYR C 253 18.12 37.73 -8.25
N PRO C 254 18.31 37.17 -9.45
CA PRO C 254 19.66 36.74 -9.85
C PRO C 254 20.68 37.86 -9.91
N ASP C 255 20.25 39.10 -10.17
CA ASP C 255 21.17 40.21 -10.31
C ASP C 255 21.49 40.90 -8.99
N THR C 256 20.82 40.55 -7.90
CA THR C 256 21.17 41.09 -6.59
C THR C 256 22.44 40.44 -6.08
N LYS C 257 23.48 41.25 -5.90
CA LYS C 257 24.77 40.76 -5.40
C LYS C 257 24.74 40.69 -3.89
N TRP C 258 24.60 39.47 -3.36
CA TRP C 258 24.57 39.22 -1.92
C TRP C 258 25.45 38.07 -1.49
N ASP C 259 26.01 37.30 -2.41
CA ASP C 259 26.62 36.02 -2.09
C ASP C 259 28.13 36.03 -2.32
N PHE C 260 28.66 34.94 -2.88
CA PHE C 260 30.10 34.80 -3.07
C PHE C 260 30.65 35.73 -4.14
N ARG C 261 29.80 36.45 -4.85
CA ARG C 261 30.27 37.50 -5.75
C ARG C 261 30.90 38.67 -4.99
N LEU C 262 30.65 38.76 -3.68
CA LEU C 262 31.18 39.85 -2.87
C LEU C 262 32.49 39.43 -2.21
N LYS C 263 33.41 40.39 -2.10
CA LYS C 263 34.77 40.11 -1.65
C LYS C 263 34.80 39.50 -0.25
N TRP C 264 34.02 40.05 0.68
CA TRP C 264 34.15 39.71 2.09
C TRP C 264 33.14 38.68 2.59
N VAL C 265 32.30 38.14 1.72
CA VAL C 265 31.38 37.07 2.09
C VAL C 265 32.15 35.75 2.01
N LEU C 266 32.53 35.20 3.17
CA LEU C 266 33.33 33.98 3.18
C LEU C 266 32.52 32.72 3.43
N SER C 267 31.29 32.83 3.96
CA SER C 267 30.46 31.66 4.16
C SER C 267 28.99 32.05 4.15
N ILE C 268 28.14 31.09 3.77
CA ILE C 268 26.70 31.29 3.67
C ILE C 268 26.02 30.03 4.17
N SER C 269 24.92 30.19 4.91
CA SER C 269 24.15 29.06 5.41
C SER C 269 22.69 29.21 5.00
N VAL C 270 21.97 28.09 4.95
CA VAL C 270 20.60 28.06 4.49
C VAL C 270 19.88 26.87 5.11
N SER C 271 18.56 27.00 5.25
CA SER C 271 17.71 25.90 5.69
C SER C 271 17.13 25.20 4.46
N GLY C 272 17.54 23.96 4.23
CA GLY C 272 16.95 23.18 3.17
C GLY C 272 15.49 22.83 3.39
N HIS C 273 15.03 22.81 4.65
CA HIS C 273 13.67 22.40 4.98
C HIS C 273 12.71 23.58 5.15
N LYS C 274 13.07 24.77 4.71
CA LYS C 274 12.14 25.89 4.74
C LYS C 274 11.63 26.20 3.34
N PHE C 275 12.51 26.77 2.51
CA PHE C 275 12.18 27.05 1.12
C PHE C 275 13.01 26.24 0.15
N GLY C 276 13.90 25.38 0.64
CA GLY C 276 14.44 24.31 -0.16
C GLY C 276 13.46 23.20 -0.48
N LEU C 277 12.29 23.21 0.17
CA LEU C 277 11.16 22.34 -0.16
C LEU C 277 11.40 20.88 0.22
N VAL C 278 12.14 20.65 1.32
CA VAL C 278 12.43 19.31 1.80
C VAL C 278 11.86 19.16 3.21
N TYR C 279 11.46 17.93 3.55
CA TYR C 279 10.99 17.62 4.90
C TYR C 279 12.04 17.99 5.94
N PRO C 280 11.62 18.20 7.20
CA PRO C 280 12.55 18.65 8.23
C PRO C 280 13.80 17.79 8.36
N GLY C 281 14.94 18.45 8.55
CA GLY C 281 16.19 17.76 8.82
C GLY C 281 17.33 18.12 7.88
N LEU C 282 17.30 19.31 7.28
CA LEU C 282 18.25 19.64 6.22
C LEU C 282 18.72 21.08 6.34
N GLY C 283 20.04 21.26 6.34
CA GLY C 283 20.63 22.58 6.21
C GLY C 283 21.95 22.49 5.47
N TRP C 284 22.38 23.62 4.92
CA TRP C 284 23.62 23.69 4.15
C TRP C 284 24.42 24.90 4.59
N VAL C 285 25.75 24.72 4.64
CA VAL C 285 26.70 25.83 4.77
C VAL C 285 27.77 25.63 3.71
N CYS C 286 28.11 26.69 2.99
CA CYS C 286 29.18 26.67 2.01
C CYS C 286 30.21 27.74 2.36
N TRP C 287 31.46 27.48 1.98
CA TRP C 287 32.53 28.45 2.11
C TRP C 287 32.99 28.87 0.72
N LYS C 288 33.51 30.10 0.63
CA LYS C 288 33.96 30.63 -0.66
C LYS C 288 35.04 29.76 -1.27
N GLY C 289 35.86 29.12 -0.44
CA GLY C 289 36.91 28.24 -0.95
C GLY C 289 37.49 27.44 0.19
N LYS C 290 38.31 26.45 -0.19
CA LYS C 290 38.86 25.53 0.80
C LYS C 290 39.72 26.25 1.83
N GLU C 291 40.34 27.38 1.44
CA GLU C 291 41.27 28.07 2.33
C GLU C 291 40.58 28.91 3.40
N TYR C 292 39.26 29.08 3.34
CA TYR C 292 38.53 29.77 4.40
C TYR C 292 37.90 28.81 5.40
N LEU C 293 38.05 27.51 5.18
CA LEU C 293 37.65 26.50 6.16
C LEU C 293 38.89 26.06 6.90
N PRO C 294 39.01 26.33 8.20
CA PRO C 294 40.26 26.04 8.91
C PRO C 294 40.58 24.55 8.91
N GLU C 295 41.88 24.26 8.96
CA GLU C 295 42.36 22.88 8.93
C GLU C 295 41.79 22.07 10.09
N GLU C 296 41.56 22.70 11.24
CA GLU C 296 41.04 22.00 12.41
C GLU C 296 39.66 21.38 12.18
N MET C 297 38.90 21.88 11.20
CA MET C 297 37.50 21.52 11.04
C MET C 297 37.24 20.50 9.94
N SER C 298 38.21 20.19 9.10
CA SER C 298 37.95 19.43 7.89
C SER C 298 38.91 18.25 7.79
N PHE C 299 38.39 17.13 7.30
CA PHE C 299 39.21 15.99 6.92
C PHE C 299 38.71 15.52 5.57
N SER C 300 39.62 15.26 4.64
CA SER C 300 39.24 15.06 3.24
C SER C 300 39.64 13.68 2.74
N VAL C 301 38.75 13.06 1.98
CA VAL C 301 39.02 11.76 1.37
C VAL C 301 38.78 11.85 -0.14
N ALA C 306 36.34 11.24 -6.41
CA ALA C 306 35.47 12.25 -5.79
C ALA C 306 36.06 12.71 -4.46
N ASN C 307 36.07 14.02 -4.24
CA ASN C 307 36.60 14.62 -3.01
C ASN C 307 35.47 14.81 -2.02
N ILE C 308 35.71 14.40 -0.77
CA ILE C 308 34.71 14.47 0.28
C ILE C 308 35.37 15.04 1.53
N THR C 309 34.97 16.24 1.92
CA THR C 309 35.45 16.85 3.16
C THR C 309 34.42 16.58 4.25
N GLN C 310 34.90 16.14 5.41
CA GLN C 310 34.02 15.72 6.50
C GLN C 310 33.97 16.85 7.52
N VAL C 311 32.89 17.64 7.47
CA VAL C 311 32.67 18.74 8.39
C VAL C 311 31.28 18.55 9.00
N GLY C 312 31.14 18.91 10.27
CA GLY C 312 29.85 18.94 10.91
C GLY C 312 29.94 18.50 12.35
N LEU C 313 28.83 18.70 13.06
CA LEU C 313 28.75 18.38 14.48
C LEU C 313 28.31 16.94 14.74
N ASN C 314 27.58 16.33 13.81
CA ASN C 314 27.02 15.00 14.01
C ASN C 314 27.90 13.93 13.39
N PHE C 315 27.60 12.68 13.75
CA PHE C 315 28.20 11.52 13.11
C PHE C 315 27.07 10.74 12.43
N SER C 316 26.48 9.77 13.13
CA SER C 316 25.28 9.12 12.61
C SER C 316 24.13 10.13 12.52
N ARG C 317 23.40 10.06 11.41
CA ARG C 317 22.24 10.93 11.19
C ARG C 317 21.43 10.33 10.05
N PRO C 318 20.15 10.69 9.94
CA PRO C 318 19.35 10.18 8.82
C PRO C 318 19.85 10.72 7.48
N ALA C 319 19.82 9.86 6.47
CA ALA C 319 20.23 10.20 5.12
C ALA C 319 19.07 10.61 4.22
N ALA C 320 17.83 10.43 4.68
CA ALA C 320 16.66 10.66 3.83
C ALA C 320 16.65 12.07 3.24
N GLN C 321 17.04 13.06 4.02
CA GLN C 321 16.92 14.45 3.56
C GLN C 321 17.87 14.76 2.42
N ILE C 322 19.01 14.07 2.33
CA ILE C 322 19.89 14.23 1.18
C ILE C 322 19.18 13.79 -0.09
N LEU C 323 18.56 12.60 -0.05
CA LEU C 323 17.83 12.09 -1.21
C LEU C 323 16.71 13.05 -1.60
N GLY C 324 15.98 13.58 -0.62
CA GLY C 324 14.91 14.51 -0.93
C GLY C 324 15.40 15.77 -1.62
N GLN C 325 16.50 16.34 -1.11
CA GLN C 325 17.06 17.53 -1.73
C GLN C 325 17.50 17.26 -3.16
N TYR C 326 18.21 16.15 -3.38
CA TYR C 326 18.70 15.83 -4.71
C TYR C 326 17.55 15.56 -5.68
N TYR C 327 16.48 14.91 -5.18
CA TYR C 327 15.28 14.72 -5.98
C TYR C 327 14.70 16.04 -6.45
N GLN C 328 14.59 17.02 -5.53
CA GLN C 328 13.99 18.30 -5.90
C GLN C 328 14.82 19.02 -6.94
N PHE C 329 16.16 18.98 -6.80
CA PHE C 329 17.02 19.59 -7.80
C PHE C 329 16.79 18.98 -9.18
N ILE C 330 16.64 17.65 -9.24
CA ILE C 330 16.41 16.98 -10.52
C ILE C 330 14.99 17.19 -10.99
N ARG C 331 14.01 17.09 -10.09
CA ARG C 331 12.61 17.17 -10.50
C ARG C 331 12.25 18.58 -10.95
N LEU C 332 12.70 19.59 -10.22
CA LEU C 332 12.35 20.97 -10.55
C LEU C 332 13.37 21.65 -11.46
N GLY C 333 14.65 21.49 -11.18
CA GLY C 333 15.65 22.28 -11.90
C GLY C 333 15.54 23.75 -11.54
N PHE C 334 16.32 24.56 -12.26
CA PHE C 334 16.31 26.00 -11.99
C PHE C 334 14.94 26.60 -12.26
N GLN C 335 14.37 26.30 -13.44
CA GLN C 335 13.06 26.85 -13.78
C GLN C 335 11.99 26.37 -12.81
N GLY C 336 12.05 25.10 -12.40
CA GLY C 336 11.04 24.56 -11.51
C GLY C 336 11.06 25.22 -10.14
N TYR C 337 12.26 25.37 -9.56
CA TYR C 337 12.38 26.12 -8.32
C TYR C 337 11.88 27.56 -8.49
N LYS C 338 12.19 28.17 -9.63
CA LYS C 338 11.80 29.55 -9.88
C LYS C 338 10.28 29.70 -9.87
N GLU C 339 9.56 28.74 -10.46
CA GLU C 339 8.10 28.84 -10.49
C GLU C 339 7.49 28.70 -9.10
N VAL C 340 8.05 27.81 -8.27
CA VAL C 340 7.51 27.57 -6.94
C VAL C 340 7.65 28.82 -6.08
N GLN C 341 8.86 29.39 -6.03
CA GLN C 341 9.09 30.59 -5.23
C GLN C 341 8.35 31.79 -5.82
N TYR C 342 8.18 31.83 -7.15
CA TYR C 342 7.43 32.92 -7.76
C TYR C 342 5.98 32.94 -7.31
N ASN C 343 5.33 31.78 -7.29
CA ASN C 343 3.95 31.70 -6.85
C ASN C 343 3.82 32.06 -5.37
N SER C 344 4.75 31.58 -4.55
CA SER C 344 4.74 31.93 -3.13
C SER C 344 4.91 33.44 -2.93
N LEU C 345 5.86 34.03 -3.66
CA LEU C 345 6.08 35.48 -3.53
C LEU C 345 4.91 36.27 -4.09
N GLN C 346 4.31 35.79 -5.19
CA GLN C 346 3.15 36.48 -5.75
C GLN C 346 1.97 36.47 -4.79
N ILE C 347 1.71 35.33 -4.16
CA ILE C 347 0.62 35.26 -3.19
C ILE C 347 0.93 36.14 -1.99
N ALA C 348 2.20 36.21 -1.59
CA ALA C 348 2.61 37.09 -0.50
C ALA C 348 2.37 38.55 -0.87
N LYS C 349 2.75 38.94 -2.09
CA LYS C 349 2.51 40.31 -2.54
C LYS C 349 1.02 40.63 -2.55
N TYR C 350 0.18 39.64 -2.89
CA TYR C 350 -1.26 39.86 -2.97
C TYR C 350 -1.86 40.12 -1.60
N ILE C 351 -1.56 39.24 -0.64
CA ILE C 351 -2.06 39.44 0.72
C ILE C 351 -1.50 40.74 1.31
N HIS C 352 -0.21 41.00 1.07
CA HIS C 352 0.41 42.24 1.53
C HIS C 352 -0.32 43.46 0.99
N GLY C 353 -0.71 43.42 -0.28
CA GLY C 353 -1.41 44.56 -0.87
C GLY C 353 -2.82 44.75 -0.34
N GLU C 354 -3.52 43.64 -0.05
CA GLU C 354 -4.89 43.75 0.45
C GLU C 354 -4.90 44.20 1.90
N ILE C 355 -3.92 43.75 2.70
CA ILE C 355 -3.79 44.21 4.08
C ILE C 355 -3.59 45.72 4.12
N ALA C 356 -2.78 46.25 3.18
CA ALA C 356 -2.49 47.68 3.18
C ALA C 356 -3.73 48.52 2.93
N LYS C 357 -4.74 47.97 2.25
CA LYS C 357 -5.95 48.72 1.94
C LYS C 357 -6.94 48.79 3.10
N MET C 358 -6.74 47.99 4.15
CA MET C 358 -7.64 47.98 5.29
C MET C 358 -7.26 49.08 6.27
N ALA C 359 -8.27 49.80 6.75
CA ALA C 359 -8.06 50.97 7.60
C ALA C 359 -7.15 50.75 8.80
N PRO C 360 -7.24 49.64 9.56
CA PRO C 360 -6.43 49.56 10.79
C PRO C 360 -4.95 49.33 10.56
N PHE C 361 -4.53 48.89 9.37
CA PHE C 361 -3.22 48.29 9.19
C PHE C 361 -2.29 49.18 8.40
N VAL C 362 -0.99 49.03 8.68
CA VAL C 362 0.09 49.61 7.89
C VAL C 362 1.21 48.57 7.80
N ASN C 363 1.82 48.46 6.63
CA ASN C 363 2.88 47.48 6.44
C ASN C 363 4.22 48.00 6.96
N TYR C 364 5.05 47.06 7.43
CA TYR C 364 6.38 47.39 7.91
C TYR C 364 7.29 47.82 6.76
N SER C 365 7.10 47.24 5.58
CA SER C 365 7.89 47.57 4.40
C SER C 365 6.98 47.61 3.19
N GLU C 366 7.34 48.44 2.21
CA GLU C 366 6.63 48.49 0.94
C GLU C 366 7.07 47.41 -0.03
N ASN C 367 8.14 46.68 0.27
CA ASN C 367 8.68 45.66 -0.60
C ASN C 367 8.56 44.29 0.06
N VAL C 368 8.11 43.30 -0.69
CA VAL C 368 8.08 41.91 -0.27
C VAL C 368 9.13 41.17 -1.09
N VAL C 369 10.20 40.72 -0.44
CA VAL C 369 11.30 40.07 -1.12
C VAL C 369 11.43 38.59 -0.76
N ASN C 370 10.84 38.16 0.36
CA ASN C 370 10.66 36.77 0.72
C ASN C 370 9.17 36.50 0.89
N PRO C 371 8.74 35.24 0.80
CA PRO C 371 7.30 34.97 0.94
C PRO C 371 6.80 35.13 2.36
N LEU C 372 7.21 36.21 3.02
CA LEU C 372 6.67 36.57 4.33
C LEU C 372 6.83 38.06 4.53
N PHE C 373 6.00 38.60 5.41
CA PHE C 373 5.92 40.04 5.67
C PHE C 373 5.15 40.24 6.96
N ILE C 374 5.28 41.44 7.53
CA ILE C 374 4.61 41.78 8.77
C ILE C 374 3.88 43.10 8.61
N TRP C 375 2.82 43.27 9.38
CA TRP C 375 2.12 44.54 9.47
C TRP C 375 1.78 44.83 10.92
N TYR C 376 1.41 46.07 11.20
CA TYR C 376 0.96 46.47 12.54
C TYR C 376 -0.18 47.47 12.41
N LEU C 377 -0.76 47.83 13.54
CA LEU C 377 -1.84 48.80 13.58
C LEU C 377 -1.31 50.21 13.37
N LYS C 378 -2.03 51.00 12.57
CA LYS C 378 -1.69 52.41 12.44
C LYS C 378 -1.67 53.06 13.82
N PRO C 379 -0.63 53.81 14.16
CA PRO C 379 -0.58 54.47 15.47
C PRO C 379 -1.83 55.26 15.83
N GLU C 380 -2.36 56.06 14.90
CA GLU C 380 -3.56 56.83 15.18
C GLU C 380 -4.76 55.92 15.43
N TYR C 381 -4.83 54.78 14.72
CA TYR C 381 -5.94 53.85 14.93
C TYR C 381 -5.81 53.11 16.24
N ALA C 382 -4.61 52.58 16.53
CA ALA C 382 -4.41 51.78 17.73
C ALA C 382 -4.67 52.58 19.00
N LYS C 383 -4.33 53.88 18.99
CA LYS C 383 -4.46 54.70 20.19
C LYS C 383 -5.90 54.72 20.71
N SER C 384 -6.88 54.71 19.81
CA SER C 384 -8.29 54.77 20.20
C SER C 384 -9.01 53.44 20.05
N ALA C 385 -8.36 52.40 19.54
CA ALA C 385 -8.97 51.10 19.37
C ALA C 385 -9.07 50.34 20.70
N LYS C 386 -10.10 49.51 20.82
CA LYS C 386 -10.26 48.66 22.00
C LYS C 386 -9.55 47.32 21.88
N TRP C 387 -8.83 47.06 20.79
CA TRP C 387 -8.22 45.76 20.60
C TRP C 387 -6.78 45.93 20.13
N THR C 388 -6.04 44.82 20.18
CA THR C 388 -4.67 44.75 19.69
C THR C 388 -4.59 43.58 18.71
N LEU C 389 -3.43 43.45 18.07
CA LEU C 389 -3.21 42.34 17.14
C LEU C 389 -3.23 40.99 17.86
N TYR C 390 -3.00 40.97 19.17
CA TYR C 390 -3.18 39.72 19.93
C TYR C 390 -4.64 39.27 19.90
N ASP C 391 -5.58 40.21 19.87
CA ASP C 391 -6.99 39.84 19.78
C ASP C 391 -7.35 39.34 18.39
N LEU C 392 -6.72 39.89 17.35
CA LEU C 392 -6.94 39.39 16.00
C LEU C 392 -6.42 37.96 15.87
N GLN C 393 -5.26 37.68 16.48
CA GLN C 393 -4.74 36.31 16.50
C GLN C 393 -5.74 35.34 17.12
N ASP C 394 -6.39 35.74 18.22
CA ASP C 394 -7.34 34.87 18.88
C ASP C 394 -8.58 34.65 18.01
N LYS C 395 -9.05 35.71 17.33
CA LYS C 395 -10.17 35.57 16.41
C LYS C 395 -9.87 34.56 15.30
N LEU C 396 -8.66 34.61 14.73
CA LEU C 396 -8.31 33.69 13.65
C LEU C 396 -8.12 32.27 14.16
N SER C 397 -7.60 32.12 15.39
CA SER C 397 -7.49 30.79 15.99
C SER C 397 -8.86 30.14 16.13
N GLN C 398 -9.89 30.93 16.43
CA GLN C 398 -11.24 30.40 16.55
C GLN C 398 -11.76 29.85 15.23
N HIS C 399 -11.20 30.28 14.10
CA HIS C 399 -11.51 29.72 12.80
C HIS C 399 -10.44 28.74 12.31
N GLY C 400 -9.46 28.40 13.14
CA GLY C 400 -8.48 27.38 12.83
C GLY C 400 -7.15 27.90 12.31
N TRP C 401 -7.01 29.20 12.10
CA TRP C 401 -5.73 29.74 11.62
C TRP C 401 -4.71 29.85 12.75
N MET C 402 -3.43 29.73 12.37
CA MET C 402 -2.32 30.11 13.23
C MET C 402 -1.63 31.28 12.54
N VAL C 403 -1.89 32.49 13.02
CA VAL C 403 -1.24 33.70 12.49
C VAL C 403 -0.61 34.43 13.67
N PRO C 404 0.70 34.37 13.82
CA PRO C 404 1.33 34.83 15.07
C PRO C 404 1.40 36.35 15.18
N ALA C 405 1.24 36.83 16.41
CA ALA C 405 1.47 38.23 16.76
C ALA C 405 2.57 38.28 17.81
N TYR C 406 3.43 39.29 17.72
CA TYR C 406 4.54 39.44 18.66
C TYR C 406 5.08 40.86 18.57
N THR C 407 5.91 41.22 19.54
CA THR C 407 6.58 42.51 19.55
C THR C 407 7.93 42.40 18.84
N LEU C 408 8.34 43.50 18.23
CA LEU C 408 9.58 43.53 17.47
C LEU C 408 10.78 43.62 18.40
N PRO C 409 11.97 43.27 17.91
CA PRO C 409 13.19 43.39 18.74
C PRO C 409 13.56 44.83 19.05
N SER C 410 14.75 45.02 19.63
CA SER C 410 15.05 46.22 20.42
C SER C 410 14.87 47.51 19.62
N LYS C 411 14.52 48.58 20.35
CA LYS C 411 14.17 49.91 19.87
C LYS C 411 12.81 49.95 19.17
N LEU C 412 12.28 48.79 18.77
CA LEU C 412 10.91 48.67 18.30
C LEU C 412 10.06 47.77 19.19
N GLU C 413 10.46 47.60 20.47
CA GLU C 413 9.74 46.71 21.37
C GLU C 413 8.30 47.15 21.62
N ASP C 414 7.95 48.40 21.33
CA ASP C 414 6.59 48.88 21.53
C ASP C 414 5.63 48.45 20.43
N TYR C 415 6.13 47.87 19.35
CA TYR C 415 5.31 47.55 18.19
C TYR C 415 4.90 46.08 18.20
N VAL C 416 3.60 45.84 18.32
CA VAL C 416 3.04 44.51 18.11
C VAL C 416 2.78 44.35 16.63
N VAL C 417 3.34 43.30 16.03
CA VAL C 417 3.19 43.04 14.61
C VAL C 417 2.57 41.65 14.44
N MET C 418 2.05 41.41 13.24
CA MET C 418 1.51 40.12 12.86
C MET C 418 2.20 39.67 11.57
N ARG C 419 2.50 38.38 11.47
CA ARG C 419 3.30 37.86 10.37
C ARG C 419 2.56 36.75 9.65
N VAL C 420 2.65 36.76 8.32
CA VAL C 420 2.12 35.70 7.47
C VAL C 420 3.27 35.14 6.64
N VAL C 421 3.38 33.81 6.61
CA VAL C 421 4.35 33.12 5.77
C VAL C 421 3.57 32.35 4.71
N VAL C 422 3.97 32.47 3.46
CA VAL C 422 3.32 31.81 2.35
C VAL C 422 4.25 30.70 1.87
N ARG C 423 3.93 29.46 2.22
CA ARG C 423 4.70 28.31 1.77
C ARG C 423 4.05 27.68 0.54
N GLN C 424 4.79 26.77 -0.08
CA GLN C 424 4.28 26.02 -1.24
C GLN C 424 2.99 25.31 -0.88
N GLY C 425 2.00 25.40 -1.78
CA GLY C 425 0.70 24.81 -1.55
C GLY C 425 -0.36 25.78 -1.07
N PHE C 426 0.02 26.97 -0.63
CA PHE C 426 -0.93 27.97 -0.17
C PHE C 426 -1.48 28.71 -1.39
N SER C 427 -2.72 28.40 -1.75
CA SER C 427 -3.28 28.83 -3.03
C SER C 427 -3.89 30.23 -2.94
N ARG C 428 -4.25 30.77 -4.11
CA ARG C 428 -4.96 32.04 -4.18
C ARG C 428 -6.32 31.95 -3.48
N ASP C 429 -7.01 30.81 -3.62
CA ASP C 429 -8.31 30.65 -2.98
C ASP C 429 -8.18 30.70 -1.46
N MET C 430 -7.16 30.04 -0.90
CA MET C 430 -6.97 30.07 0.55
C MET C 430 -6.55 31.46 1.02
N ALA C 431 -5.88 32.22 0.17
CA ALA C 431 -5.52 33.60 0.54
C ALA C 431 -6.77 34.46 0.68
N ASP C 432 -7.76 34.26 -0.19
CA ASP C 432 -9.01 35.00 -0.06
C ASP C 432 -9.82 34.52 1.14
N MET C 433 -9.76 33.22 1.44
CA MET C 433 -10.35 32.71 2.67
C MET C 433 -9.75 33.39 3.90
N LEU C 434 -8.43 33.57 3.91
CA LEU C 434 -7.78 34.24 5.03
C LEU C 434 -8.18 35.70 5.12
N LEU C 435 -8.16 36.41 3.98
CA LEU C 435 -8.53 37.82 3.98
C LEU C 435 -9.98 38.02 4.38
N GLY C 436 -10.86 37.10 3.97
CA GLY C 436 -12.24 37.18 4.41
C GLY C 436 -12.39 37.05 5.91
N ASP C 437 -11.64 36.13 6.52
CA ASP C 437 -11.71 35.95 7.97
C ASP C 437 -11.08 37.12 8.72
N ILE C 438 -10.05 37.74 8.15
CA ILE C 438 -9.48 38.94 8.77
C ILE C 438 -10.50 40.08 8.74
N LYS C 439 -11.18 40.27 7.61
CA LYS C 439 -12.17 41.35 7.52
C LYS C 439 -13.34 41.12 8.47
N ASN C 440 -13.79 39.87 8.59
CA ASN C 440 -14.88 39.57 9.53
C ASN C 440 -14.43 39.77 10.97
N ALA C 441 -13.18 39.41 11.28
CA ALA C 441 -12.68 39.58 12.64
C ALA C 441 -12.57 41.06 13.00
N ILE C 442 -12.08 41.90 12.08
CA ILE C 442 -12.00 43.33 12.33
C ILE C 442 -13.39 43.90 12.60
N ALA C 443 -14.39 43.48 11.82
CA ALA C 443 -15.75 43.97 12.03
C ALA C 443 -16.27 43.57 13.40
N GLU C 444 -15.90 42.39 13.88
CA GLU C 444 -16.29 41.98 15.23
C GLU C 444 -15.55 42.80 16.29
N LEU C 445 -14.23 42.96 16.15
CA LEU C 445 -13.45 43.67 17.14
C LEU C 445 -13.85 45.14 17.22
N GLU C 446 -14.28 45.74 16.11
CA GLU C 446 -14.69 47.14 16.11
C GLU C 446 -16.02 47.36 16.82
N LYS C 447 -16.77 46.30 17.11
CA LYS C 447 -18.02 46.40 17.85
C LYS C 447 -17.82 46.34 19.37
N LEU C 448 -16.59 46.20 19.83
CA LEU C 448 -16.32 46.09 21.27
C LEU C 448 -16.70 47.36 22.02
N ASP C 449 -17.38 47.18 23.15
CA ASP C 449 -17.69 48.28 24.04
C ASP C 449 -16.51 48.66 24.94
N PHE C 450 -15.69 47.69 25.31
CA PHE C 450 -14.66 47.84 26.31
C PHE C 450 -13.34 47.29 25.79
N PRO C 451 -12.21 47.77 26.32
CA PRO C 451 -10.92 47.23 25.89
C PRO C 451 -10.73 45.78 26.25
N THR C 452 -10.00 45.06 25.40
CA THR C 452 -9.68 43.66 25.64
C THR C 452 -8.63 43.54 26.74
N PRO C 453 -8.37 42.32 27.23
CA PRO C 453 -7.29 42.17 28.22
C PRO C 453 -5.93 42.63 27.73
N THR C 454 -5.57 42.33 26.48
CA THR C 454 -4.27 42.76 25.98
C THR C 454 -4.24 44.25 25.68
N ARG C 455 -5.37 44.84 25.30
CA ARG C 455 -5.44 46.29 25.13
C ARG C 455 -5.19 47.00 26.45
N MET C 456 -5.74 46.47 27.55
CA MET C 456 -5.49 47.06 28.86
C MET C 456 -4.05 46.84 29.31
N ALA C 457 -3.44 45.72 28.92
CA ALA C 457 -2.03 45.50 29.25
C ALA C 457 -1.16 46.60 28.65
N GLN C 458 -1.49 47.02 27.41
CA GLN C 458 -0.76 48.11 26.79
C GLN C 458 -0.98 49.42 27.54
N GLU C 459 -2.21 49.67 27.98
CA GLU C 459 -2.50 50.88 28.75
C GLU C 459 -1.76 50.86 30.08
N LYS C 460 -1.62 49.69 30.69
CA LYS C 460 -0.88 49.53 31.93
C LYS C 460 0.62 49.46 31.71
N ASN C 461 1.06 49.41 30.44
CA ASN C 461 2.47 49.36 30.08
C ASN C 461 3.14 48.11 30.65
N LEU C 462 2.43 46.97 30.55
CA LEU C 462 2.79 45.62 30.96
C LEU C 462 3.00 44.72 29.75
N PRO C 463 4.05 43.92 29.73
CA PRO C 463 4.29 43.01 28.60
C PRO C 463 3.20 41.95 28.48
N VAL C 464 3.00 41.49 27.24
CA VAL C 464 2.08 40.40 26.94
C VAL C 464 2.91 39.19 26.51
N GLU C 465 2.66 38.05 27.14
CA GLU C 465 3.34 36.80 26.79
C GLU C 465 3.08 36.45 25.32
N ALA C 466 4.15 36.06 24.62
CA ALA C 466 4.08 35.88 23.18
C ALA C 466 3.12 34.75 22.78
N LYS C 467 3.12 33.66 23.55
CA LYS C 467 2.21 32.53 23.38
C LYS C 467 2.47 31.71 22.11
N MET C 468 2.14 32.25 20.94
CA MET C 468 2.17 31.46 19.71
C MET C 468 3.59 31.33 19.16
N PHE C 469 3.96 30.10 18.79
CA PHE C 469 5.24 29.84 18.13
C PHE C 469 5.41 30.74 16.91
N ASN C 470 6.57 31.39 16.82
CA ASN C 470 6.85 32.29 15.71
C ASN C 470 8.23 32.08 15.10
N HIS C 471 8.96 31.03 15.51
CA HIS C 471 10.24 30.59 14.99
C HIS C 471 11.40 31.46 15.48
N GLY C 472 11.13 32.57 16.17
CA GLY C 472 12.22 33.41 16.67
C GLY C 472 13.08 32.74 17.71
N GLY C 473 12.49 31.87 18.53
CA GLY C 473 13.25 31.13 19.52
C GLY C 473 13.41 31.79 20.88
N ARG C 474 12.82 32.95 21.11
CA ARG C 474 13.00 33.64 22.38
C ARG C 474 11.93 33.19 23.38
N SER D 25 22.48 13.42 -15.07
CA SER D 25 23.27 12.99 -13.92
C SER D 25 24.01 14.17 -13.32
N PRO D 26 23.27 15.10 -12.74
CA PRO D 26 23.86 16.40 -12.35
C PRO D 26 24.93 16.22 -11.29
N VAL D 27 26.12 16.73 -11.60
CA VAL D 27 27.28 16.63 -10.71
C VAL D 27 27.62 17.99 -10.11
N GLU D 28 27.65 19.04 -10.94
CA GLU D 28 28.16 20.35 -10.55
C GLU D 28 27.10 21.42 -10.43
N ARG D 29 26.17 21.52 -11.37
CA ARG D 29 25.22 22.62 -11.43
C ARG D 29 23.80 22.08 -11.47
N ILE D 30 22.86 22.93 -11.05
CA ILE D 30 21.44 22.54 -11.06
C ILE D 30 20.97 22.40 -12.51
N PRO D 31 20.15 21.39 -12.83
CA PRO D 31 19.57 21.34 -14.17
C PRO D 31 18.75 22.58 -14.47
N ASP D 32 18.68 22.94 -15.76
CA ASP D 32 17.98 24.16 -16.14
C ASP D 32 16.46 24.00 -16.05
N GLY D 33 15.93 22.86 -16.49
CA GLY D 33 14.51 22.65 -16.51
C GLY D 33 14.08 21.48 -15.65
N PRO D 34 12.78 21.28 -15.53
CA PRO D 34 12.26 20.16 -14.75
C PRO D 34 12.25 18.87 -15.56
N THR D 35 12.25 17.75 -14.83
CA THR D 35 12.03 16.43 -15.38
C THR D 35 10.86 15.77 -14.65
N THR D 36 10.23 14.81 -15.33
CA THR D 36 9.05 14.18 -14.77
C THR D 36 9.41 13.46 -13.46
N PRO D 37 8.46 13.37 -12.52
CA PRO D 37 8.78 12.75 -11.22
C PRO D 37 9.24 11.30 -11.34
N GLU D 38 8.61 10.52 -12.22
CA GLU D 38 8.99 9.11 -12.36
C GLU D 38 10.45 8.96 -12.76
N VAL D 39 10.92 9.82 -13.66
CA VAL D 39 12.32 9.77 -14.09
C VAL D 39 13.23 10.23 -12.97
N ALA D 40 12.87 11.33 -12.30
CA ALA D 40 13.67 11.82 -11.19
C ALA D 40 13.75 10.79 -10.06
N TYR D 41 12.64 10.10 -9.80
CA TYR D 41 12.64 9.05 -8.78
C TYR D 41 13.67 7.97 -9.09
N GLN D 42 13.68 7.48 -10.34
CA GLN D 42 14.63 6.44 -10.74
C GLN D 42 16.05 6.96 -10.71
N MET D 43 16.26 8.23 -11.11
CA MET D 43 17.60 8.80 -11.12
C MET D 43 18.22 8.78 -9.73
N VAL D 44 17.43 9.14 -8.71
CA VAL D 44 17.93 9.10 -7.34
C VAL D 44 18.03 7.67 -6.85
N LYS D 45 17.03 6.84 -7.17
CA LYS D 45 17.07 5.43 -6.82
C LYS D 45 18.38 4.77 -7.25
N ASP D 46 18.85 5.08 -8.46
CA ASP D 46 20.05 4.46 -9.00
C ASP D 46 21.34 4.85 -8.28
N GLU D 47 21.27 5.74 -7.29
CA GLU D 47 22.46 6.15 -6.54
C GLU D 47 22.33 5.92 -5.05
N THR D 48 21.27 5.26 -4.59
CA THR D 48 21.05 5.07 -3.15
C THR D 48 20.99 3.61 -2.74
N PHE D 49 21.26 2.67 -3.64
CA PHE D 49 21.24 1.28 -3.24
C PHE D 49 22.52 0.92 -2.49
N ALA D 50 22.38 0.03 -1.52
CA ALA D 50 23.53 -0.40 -0.73
C ALA D 50 24.56 -1.10 -1.61
N GLN D 51 25.84 -0.89 -1.28
CA GLN D 51 26.89 -1.54 -2.03
C GLN D 51 26.94 -3.04 -1.74
N THR D 52 26.53 -3.44 -0.53
CA THR D 52 26.49 -4.84 -0.14
C THR D 52 25.18 -5.11 0.59
N GLN D 53 24.93 -6.38 0.89
CA GLN D 53 23.75 -6.81 1.63
C GLN D 53 23.80 -6.29 3.07
N PRO D 54 22.93 -5.36 3.46
CA PRO D 54 23.03 -4.80 4.82
C PRO D 54 22.86 -5.82 5.94
N ARG D 55 22.13 -6.90 5.71
CA ARG D 55 21.96 -7.91 6.74
C ARG D 55 23.22 -8.70 7.02
N LEU D 56 24.23 -8.62 6.15
CA LEU D 56 25.53 -9.22 6.39
C LEU D 56 26.56 -8.20 6.85
N ASN D 57 26.11 -6.99 7.20
CA ASN D 57 26.98 -5.91 7.65
C ASN D 57 27.12 -6.02 9.17
N LEU D 58 28.24 -6.58 9.61
CA LEU D 58 28.55 -6.71 11.03
C LEU D 58 29.42 -5.57 11.55
N ALA D 59 29.66 -4.54 10.75
CA ALA D 59 30.52 -3.43 11.15
C ALA D 59 29.77 -2.33 11.88
N THR D 60 28.48 -2.16 11.63
CA THR D 60 27.74 -1.00 12.11
C THR D 60 27.08 -1.26 13.46
N PHE D 61 26.94 -0.19 14.26
CA PHE D 61 26.23 -0.22 15.52
C PHE D 61 24.77 0.19 15.40
N VAL D 62 24.38 0.80 14.29
CA VAL D 62 23.14 1.56 14.20
C VAL D 62 21.99 0.66 13.77
N THR D 63 20.85 0.86 14.41
CA THR D 63 19.64 0.09 14.12
C THR D 63 19.21 0.27 12.67
N THR D 64 18.86 -0.86 12.03
CA THR D 64 18.33 -0.87 10.68
C THR D 64 16.95 -1.50 10.57
N TYR D 65 16.37 -1.98 11.68
CA TYR D 65 15.06 -2.60 11.67
C TYR D 65 14.22 -2.11 12.84
N MET D 66 12.99 -1.71 12.55
CA MET D 66 11.93 -1.57 13.53
C MET D 66 10.71 -2.31 12.99
N ASP D 67 9.78 -2.65 13.87
CA ASP D 67 8.63 -3.42 13.40
C ASP D 67 7.73 -2.54 12.53
N ASP D 68 6.73 -3.18 11.91
CA ASP D 68 5.91 -2.50 10.91
C ASP D 68 5.14 -1.33 11.51
N TYR D 69 4.72 -1.43 12.77
CA TYR D 69 3.94 -0.35 13.38
C TYR D 69 4.82 0.88 13.65
N ALA D 70 6.01 0.67 14.21
CA ALA D 70 6.94 1.77 14.43
C ALA D 70 7.31 2.45 13.11
N THR D 71 7.54 1.65 12.06
CA THR D 71 7.93 2.23 10.77
C THR D 71 6.82 3.07 10.16
N LYS D 72 5.57 2.59 10.28
CA LYS D 72 4.44 3.39 9.81
C LYS D 72 4.28 4.65 10.64
N LEU D 73 4.49 4.52 11.96
CA LEU D 73 4.44 5.68 12.85
C LEU D 73 5.44 6.76 12.43
N MET D 74 6.69 6.36 12.21
CA MET D 74 7.73 7.34 11.88
C MET D 74 7.61 7.84 10.45
N ASN D 75 7.17 6.99 9.52
CA ASN D 75 6.97 7.45 8.14
C ASN D 75 5.86 8.48 8.05
N GLU D 76 4.79 8.30 8.82
CA GLU D 76 3.70 9.27 8.83
C GLU D 76 4.11 10.56 9.53
N ALA D 77 5.12 10.53 10.39
CA ALA D 77 5.61 11.70 11.10
C ALA D 77 6.77 12.38 10.37
N ILE D 78 7.02 12.04 9.11
CA ILE D 78 8.15 12.63 8.38
C ILE D 78 8.01 14.14 8.25
N ASN D 79 6.78 14.65 8.31
CA ASN D 79 6.52 16.08 8.10
C ASN D 79 6.25 16.83 9.40
N ILE D 80 6.55 16.24 10.55
CA ILE D 80 6.32 16.88 11.84
C ILE D 80 7.61 17.56 12.28
N ASN D 81 7.58 18.88 12.41
CA ASN D 81 8.72 19.63 12.92
C ASN D 81 8.61 19.68 14.43
N TYR D 82 9.56 19.06 15.11
CA TYR D 82 9.49 18.88 16.56
C TYR D 82 9.41 20.22 17.30
N ILE D 83 10.02 21.27 16.75
CA ILE D 83 10.17 22.53 17.49
C ILE D 83 8.90 23.37 17.55
N ASP D 84 7.90 23.06 16.72
CA ASP D 84 6.66 23.86 16.71
C ASP D 84 5.77 23.34 17.83
N GLU D 85 5.96 23.90 19.02
CA GLU D 85 5.24 23.43 20.20
C GLU D 85 3.80 23.94 20.28
N THR D 86 3.43 24.93 19.46
CA THR D 86 2.02 25.31 19.40
C THR D 86 1.22 24.30 18.59
N GLU D 87 1.82 23.77 17.52
CA GLU D 87 1.15 22.80 16.66
C GLU D 87 1.17 21.40 17.26
N TYR D 88 2.30 21.02 17.88
CA TYR D 88 2.47 19.69 18.47
C TYR D 88 2.87 19.82 19.94
N PRO D 89 2.00 20.36 20.78
CA PRO D 89 2.38 20.57 22.19
C PRO D 89 2.73 19.30 22.96
N ARG D 90 2.04 18.19 22.70
CA ARG D 90 2.30 16.98 23.47
C ARG D 90 3.51 16.19 22.97
N ILE D 91 4.04 16.51 21.78
CA ILE D 91 5.30 15.89 21.39
C ILE D 91 6.44 16.46 22.23
N ALA D 92 6.33 17.74 22.61
CA ALA D 92 7.27 18.30 23.56
C ALA D 92 7.18 17.58 24.91
N VAL D 93 5.96 17.35 25.40
CA VAL D 93 5.77 16.58 26.63
C VAL D 93 6.32 15.17 26.46
N MET D 94 5.99 14.53 25.33
CA MET D 94 6.48 13.17 25.09
C MET D 94 8.01 13.13 25.05
N ASN D 95 8.64 14.19 24.54
CA ASN D 95 10.09 14.29 24.64
C ASN D 95 10.54 14.34 26.09
N GLY D 96 9.84 15.12 26.93
CA GLY D 96 10.19 15.19 28.33
C GLY D 96 9.99 13.88 29.08
N LYS D 97 9.00 13.08 28.67
CA LYS D 97 8.75 11.81 29.33
C LYS D 97 9.82 10.78 28.97
N CYS D 98 10.31 10.81 27.73
CA CYS D 98 11.44 9.96 27.37
C CYS D 98 12.67 10.29 28.21
N ILE D 99 12.92 11.59 28.44
CA ILE D 99 14.03 12.00 29.28
C ILE D 99 13.85 11.49 30.70
N ASN D 100 12.63 11.60 31.23
CA ASN D 100 12.33 11.02 32.54
C ASN D 100 12.66 9.53 32.57
N ILE D 101 12.24 8.80 31.54
CA ILE D 101 12.42 7.35 31.52
C ILE D 101 13.90 6.99 31.46
N VAL D 102 14.65 7.63 30.58
CA VAL D 102 16.08 7.36 30.47
C VAL D 102 16.80 7.76 31.76
N ALA D 103 16.46 8.93 32.31
CA ALA D 103 17.12 9.39 33.53
C ALA D 103 16.81 8.47 34.70
N ASN D 104 15.60 7.92 34.75
CA ASN D 104 15.26 6.97 35.80
C ASN D 104 15.86 5.60 35.54
N LEU D 105 16.07 5.25 34.26
CA LEU D 105 16.82 4.04 33.95
C LEU D 105 18.24 4.13 34.50
N TRP D 106 18.82 5.33 34.54
CA TRP D 106 20.15 5.55 35.05
C TRP D 106 20.15 5.95 36.53
N ASN D 107 19.03 5.75 37.23
CA ASN D 107 18.96 5.94 38.69
C ASN D 107 19.31 7.37 39.10
N SER D 108 18.78 8.34 38.36
CA SER D 108 18.93 9.73 38.76
C SER D 108 18.36 9.96 40.15
N PRO D 109 19.07 10.68 41.02
CA PRO D 109 18.50 11.03 42.34
C PRO D 109 17.69 12.32 42.34
N GLU D 110 17.55 12.99 41.20
CA GLU D 110 16.77 14.22 41.12
C GLU D 110 15.33 13.95 41.57
N LYS D 111 14.81 14.81 42.43
CA LYS D 111 13.49 14.61 43.01
C LYS D 111 12.36 15.21 42.18
N ASP D 112 12.64 16.18 41.32
CA ASP D 112 11.60 16.72 40.47
C ASP D 112 11.07 15.65 39.52
N THR D 113 9.75 15.69 39.28
CA THR D 113 9.14 14.71 38.38
C THR D 113 9.73 14.79 36.98
N TRP D 114 10.01 16.00 36.50
CA TRP D 114 10.54 16.22 35.16
C TRP D 114 12.06 16.35 35.25
N LYS D 115 12.76 15.34 34.76
CA LYS D 115 14.21 15.23 34.88
C LYS D 115 14.93 16.12 33.87
N THR D 116 16.21 16.36 34.14
CA THR D 116 17.03 17.27 33.35
C THR D 116 17.73 16.48 32.25
N GLY D 117 17.37 16.74 31.00
CA GLY D 117 17.98 16.05 29.88
C GLY D 117 17.72 16.78 28.59
N ALA D 118 18.29 16.26 27.52
CA ALA D 118 18.16 16.87 26.20
C ALA D 118 18.06 15.80 25.13
N LEU D 119 17.18 16.04 24.16
CA LEU D 119 17.17 15.25 22.94
C LEU D 119 18.36 15.64 22.05
N ALA D 120 18.90 14.65 21.35
CA ALA D 120 20.00 14.90 20.44
C ALA D 120 19.82 14.09 19.17
N ILE D 121 20.55 14.48 18.13
CA ILE D 121 20.52 13.75 16.87
C ILE D 121 21.32 12.45 17.01
N GLY D 122 22.23 12.40 17.96
CA GLY D 122 23.01 11.21 18.21
C GLY D 122 23.89 11.40 19.43
N SER D 123 24.73 10.41 19.70
CA SER D 123 25.67 10.54 20.81
C SER D 123 26.63 11.70 20.57
N SER D 124 26.92 12.04 19.31
CA SER D 124 27.82 13.12 18.99
C SER D 124 27.39 14.42 19.65
N GLU D 125 26.16 14.86 19.36
CA GLU D 125 25.64 16.09 19.97
C GLU D 125 25.42 15.93 21.47
N ALA D 126 25.02 14.73 21.91
CA ALA D 126 24.81 14.50 23.33
C ALA D 126 26.11 14.57 24.11
N CYS D 127 27.20 14.02 23.55
CA CYS D 127 28.50 14.13 24.20
C CYS D 127 28.98 15.57 24.26
N MET D 128 28.82 16.32 23.16
CA MET D 128 29.26 17.71 23.13
C MET D 128 28.52 18.54 24.16
N LEU D 129 27.21 18.33 24.31
CA LEU D 129 26.46 19.05 25.33
C LEU D 129 26.98 18.75 26.73
N GLY D 130 27.29 17.49 27.01
CA GLY D 130 27.90 17.14 28.28
C GLY D 130 29.25 17.81 28.48
N GLY D 131 30.08 17.80 27.44
CA GLY D 131 31.40 18.43 27.55
C GLY D 131 31.31 19.93 27.73
N VAL D 132 30.40 20.59 26.99
CA VAL D 132 30.24 22.03 27.14
C VAL D 132 29.73 22.36 28.53
N ALA D 133 28.80 21.55 29.06
CA ALA D 133 28.32 21.77 30.41
C ALA D 133 29.44 21.64 31.42
N ALA D 134 30.28 20.62 31.28
CA ALA D 134 31.44 20.47 32.16
C ALA D 134 32.39 21.66 32.02
N TRP D 135 32.57 22.15 30.80
CA TRP D 135 33.47 23.28 30.58
C TRP D 135 32.94 24.56 31.22
N LEU D 136 31.63 24.81 31.11
CA LEU D 136 31.08 26.03 31.68
C LEU D 136 31.03 25.98 33.20
N ARG D 137 30.75 24.80 33.78
CA ARG D 137 30.83 24.66 35.23
C ARG D 137 32.26 24.91 35.71
N TRP D 138 33.24 24.46 34.93
CA TRP D 138 34.63 24.63 35.31
C TRP D 138 35.06 26.09 35.23
N ARG D 139 34.62 26.81 34.18
CA ARG D 139 34.90 28.23 34.08
C ARG D 139 34.32 28.99 35.27
N LYS D 140 33.15 28.58 35.75
CA LYS D 140 32.49 29.27 36.84
C LYS D 140 33.25 29.12 38.16
N LYS D 141 33.80 27.93 38.42
CA LYS D 141 34.60 27.72 39.62
C LYS D 141 35.85 28.60 39.62
N ARG D 142 36.62 28.55 38.53
CA ARG D 142 37.91 29.23 38.50
C ARG D 142 37.75 30.74 38.58
N GLN D 143 36.67 31.29 38.03
CA GLN D 143 36.39 32.71 38.21
C GLN D 143 36.15 33.05 39.67
N ALA D 144 35.28 32.28 40.32
CA ALA D 144 34.96 32.53 41.73
C ALA D 144 36.16 32.35 42.65
N GLN D 145 37.21 31.67 42.18
CA GLN D 145 38.41 31.47 42.97
C GLN D 145 39.55 32.42 42.61
N GLY D 146 39.41 33.17 41.52
CA GLY D 146 40.48 34.02 41.05
C GLY D 146 41.60 33.31 40.32
N LYS D 147 41.37 32.07 39.88
CA LYS D 147 42.34 31.30 39.13
C LYS D 147 42.10 31.46 37.63
N PRO D 148 43.12 31.23 36.81
CA PRO D 148 42.92 31.32 35.35
C PRO D 148 41.96 30.26 34.85
N PHE D 149 41.34 30.55 33.70
CA PHE D 149 40.40 29.63 33.08
C PHE D 149 40.50 29.69 31.56
N ASP D 150 41.71 29.85 31.04
CA ASP D 150 41.90 29.99 29.60
C ASP D 150 42.47 28.75 28.91
N LYS D 151 42.99 27.78 29.64
CA LYS D 151 43.58 26.57 29.04
C LYS D 151 42.96 25.30 29.59
N PRO D 152 41.68 25.06 29.34
CA PRO D 152 41.02 23.85 29.84
C PRO D 152 41.50 22.59 29.12
N ASN D 153 41.36 21.47 29.80
CA ASN D 153 41.63 20.17 29.20
C ASN D 153 40.65 19.14 29.77
N PHE D 154 40.58 17.99 29.10
CA PHE D 154 39.85 16.84 29.62
C PHE D 154 40.64 15.58 29.34
N VAL D 155 40.33 14.52 30.10
CA VAL D 155 41.08 13.28 30.10
C VAL D 155 40.16 12.17 29.56
N ILE D 156 40.69 11.36 28.64
CA ILE D 156 39.91 10.32 27.98
C ILE D 156 40.86 9.22 27.53
N SER D 157 40.32 8.00 27.42
CA SER D 157 41.08 6.90 26.86
C SER D 157 41.39 7.15 25.39
N THR D 158 42.51 6.57 24.92
CA THR D 158 42.84 6.63 23.49
C THR D 158 41.83 5.91 22.63
N GLY D 159 40.96 5.08 23.21
CA GLY D 159 39.91 4.42 22.47
C GLY D 159 38.69 5.31 22.25
N PHE D 160 38.90 6.62 22.29
CA PHE D 160 37.81 7.56 22.10
C PHE D 160 37.26 7.49 20.68
N GLN D 161 36.00 7.86 20.54
CA GLN D 161 35.39 8.04 19.23
C GLN D 161 35.59 9.47 18.77
N VAL D 162 35.51 9.67 17.45
CA VAL D 162 35.95 10.92 16.81
C VAL D 162 35.23 12.16 17.33
N VAL D 163 34.06 12.00 17.96
CA VAL D 163 33.30 13.17 18.42
C VAL D 163 34.08 13.93 19.48
N TRP D 164 34.88 13.24 20.28
CA TRP D 164 35.65 13.92 21.32
C TRP D 164 36.81 14.72 20.73
N GLU D 165 37.32 14.33 19.57
CA GLU D 165 38.31 15.15 18.89
C GLU D 165 37.66 16.37 18.26
N LYS D 166 36.47 16.21 17.68
CA LYS D 166 35.69 17.35 17.22
C LYS D 166 35.45 18.33 18.35
N PHE D 167 35.06 17.81 19.52
CA PHE D 167 34.87 18.66 20.69
C PHE D 167 36.15 19.40 21.04
N ALA D 168 37.28 18.71 20.99
CA ALA D 168 38.57 19.34 21.28
C ALA D 168 38.89 20.43 20.28
N GLN D 169 38.60 20.19 18.99
CA GLN D 169 38.93 21.17 17.96
C GLN D 169 37.95 22.33 17.91
N LEU D 170 36.64 22.03 17.97
CA LEU D 170 35.64 23.07 17.78
C LEU D 170 35.52 24.01 18.97
N TRP D 171 35.89 23.56 20.17
CA TRP D 171 35.90 24.43 21.35
C TRP D 171 37.31 24.75 21.82
N GLN D 172 38.34 24.26 21.13
CA GLN D 172 39.73 24.50 21.50
C GLN D 172 40.00 24.12 22.95
N ILE D 173 39.74 22.85 23.25
CA ILE D 173 39.98 22.27 24.57
C ILE D 173 40.99 21.14 24.42
N GLU D 174 42.03 21.17 25.26
CA GLU D 174 43.11 20.21 25.16
C GLU D 174 42.63 18.81 25.54
N MET D 175 42.91 17.83 24.68
CA MET D 175 42.59 16.43 24.96
C MET D 175 43.82 15.71 25.48
N ARG D 176 43.68 15.06 26.64
CA ARG D 176 44.75 14.29 27.25
C ARG D 176 44.36 12.82 27.25
N GLU D 177 45.16 11.99 26.59
CA GLU D 177 44.80 10.62 26.26
C GLU D 177 45.55 9.64 27.16
N VAL D 178 44.81 8.67 27.69
CA VAL D 178 45.37 7.61 28.53
C VAL D 178 45.53 6.36 27.66
N PRO D 179 46.74 5.86 27.45
CA PRO D 179 46.93 4.78 26.48
C PRO D 179 46.38 3.44 26.94
N LEU D 180 46.02 2.61 25.97
CA LEU D 180 45.69 1.21 26.22
C LEU D 180 46.95 0.36 26.21
N THR D 181 46.98 -0.65 27.08
CA THR D 181 48.02 -1.66 27.05
C THR D 181 47.39 -3.03 27.26
N LEU D 182 48.21 -4.07 27.12
CA LEU D 182 47.72 -5.43 27.32
C LEU D 182 47.43 -5.71 28.80
N GLU D 183 48.06 -4.97 29.71
CA GLU D 183 47.71 -5.04 31.12
C GLU D 183 46.56 -4.14 31.49
N LYS D 184 46.40 -3.02 30.78
CA LYS D 184 45.33 -2.05 31.01
C LYS D 184 44.51 -1.96 29.73
N THR D 185 43.59 -2.91 29.56
CA THR D 185 42.80 -2.97 28.33
C THR D 185 41.70 -1.92 28.29
N THR D 186 41.44 -1.24 29.40
CA THR D 186 40.51 -0.11 29.46
C THR D 186 41.16 1.02 30.24
N LEU D 187 40.41 2.10 30.40
CA LEU D 187 40.91 3.27 31.12
C LEU D 187 41.29 2.90 32.55
N ASP D 188 42.57 3.09 32.88
CA ASP D 188 43.05 2.81 34.24
C ASP D 188 42.91 4.06 35.09
N PRO D 189 42.24 3.98 36.24
CA PRO D 189 41.99 5.20 37.03
C PRO D 189 43.24 5.93 37.49
N GLU D 190 44.25 5.20 37.97
CA GLU D 190 45.46 5.88 38.45
C GLU D 190 46.18 6.62 37.33
N GLU D 191 46.26 6.02 36.14
CA GLU D 191 46.98 6.66 35.04
C GLU D 191 46.20 7.85 34.49
N ALA D 192 44.86 7.83 34.59
CA ALA D 192 44.07 8.99 34.21
C ALA D 192 44.29 10.14 35.16
N LEU D 193 44.44 9.84 36.45
CA LEU D 193 44.65 10.87 37.46
C LEU D 193 46.02 11.55 37.30
N LYS D 194 47.01 10.84 36.74
CA LYS D 194 48.32 11.44 36.50
C LYS D 194 48.28 12.54 35.45
N MET D 195 47.18 12.67 34.70
CA MET D 195 47.04 13.69 33.70
C MET D 195 46.10 14.82 34.13
N CYS D 196 45.57 14.77 35.35
CA CYS D 196 44.67 15.80 35.84
C CYS D 196 45.44 16.94 36.48
N ASP D 197 44.84 18.12 36.49
CA ASP D 197 45.37 19.31 37.15
C ASP D 197 44.22 20.29 37.36
N GLU D 198 44.56 21.51 37.76
CA GLU D 198 43.54 22.53 38.01
C GLU D 198 42.76 22.90 36.77
N ASN D 199 43.24 22.52 35.59
CA ASN D 199 42.62 22.90 34.32
C ASN D 199 41.76 21.81 33.71
N THR D 200 41.57 20.68 34.41
CA THR D 200 40.80 19.56 33.86
C THR D 200 39.31 19.80 34.10
N ILE D 201 38.53 19.76 33.02
CA ILE D 201 37.10 20.04 33.16
C ILE D 201 36.30 18.78 33.53
N CYS D 202 36.75 17.60 33.14
CA CYS D 202 36.15 16.33 33.54
C CYS D 202 36.98 15.18 32.98
N VAL D 203 36.65 13.97 33.43
CA VAL D 203 37.21 12.72 32.92
C VAL D 203 36.08 11.95 32.26
N VAL D 204 36.38 11.33 31.11
CA VAL D 204 35.35 10.68 30.31
C VAL D 204 35.59 9.19 30.17
N PRO D 205 35.00 8.35 31.02
CA PRO D 205 35.00 6.91 30.76
C PRO D 205 33.94 6.55 29.72
N ILE D 206 34.20 5.46 29.01
CA ILE D 206 33.37 5.04 27.88
C ILE D 206 32.77 3.68 28.18
N GLN D 207 31.45 3.58 28.01
CA GLN D 207 30.72 2.31 28.16
C GLN D 207 30.42 1.77 26.77
N GLY D 208 31.23 0.82 26.33
CA GLY D 208 31.13 0.32 24.97
C GLY D 208 32.16 0.99 24.08
N VAL D 209 33.43 0.85 24.44
CA VAL D 209 34.51 1.42 23.65
C VAL D 209 34.41 0.90 22.22
N THR D 210 34.35 1.83 21.27
CA THR D 210 34.07 1.46 19.88
C THR D 210 35.09 0.47 19.34
N TRP D 211 36.35 0.57 19.78
CA TRP D 211 37.40 -0.27 19.24
C TRP D 211 37.47 -1.64 19.88
N THR D 212 37.00 -1.77 21.13
CA THR D 212 37.21 -3.00 21.90
C THR D 212 35.93 -3.62 22.42
N GLY D 213 34.84 -2.86 22.55
CA GLY D 213 33.61 -3.39 23.10
C GLY D 213 33.54 -3.42 24.61
N LEU D 214 34.60 -3.01 25.30
CA LEU D 214 34.65 -3.09 26.75
C LEU D 214 34.03 -1.84 27.38
N ASN D 215 33.85 -1.91 28.70
CA ASN D 215 33.37 -0.80 29.50
C ASN D 215 34.50 -0.32 30.40
N ASP D 216 34.79 0.98 30.33
CA ASP D 216 35.67 1.57 31.33
C ASP D 216 35.01 1.43 32.71
N ASP D 217 35.81 1.09 33.70
CA ASP D 217 35.29 0.82 35.04
C ASP D 217 34.98 2.15 35.71
N VAL D 218 33.72 2.57 35.61
CA VAL D 218 33.33 3.88 36.11
C VAL D 218 33.39 3.93 37.63
N GLU D 219 32.98 2.85 38.30
CA GLU D 219 32.94 2.85 39.76
C GLU D 219 34.33 2.98 40.35
N ALA D 220 35.33 2.32 39.75
CA ALA D 220 36.71 2.46 40.21
C ALA D 220 37.24 3.87 39.98
N LEU D 221 36.85 4.50 38.86
CA LEU D 221 37.26 5.88 38.61
C LEU D 221 36.66 6.83 39.62
N ASP D 222 35.40 6.61 40.01
CA ASP D 222 34.78 7.44 41.04
C ASP D 222 35.50 7.29 42.37
N LYS D 223 35.87 6.06 42.73
CA LYS D 223 36.61 5.82 43.96
C LYS D 223 37.92 6.59 43.98
N ALA D 224 38.64 6.62 42.85
CA ALA D 224 39.89 7.36 42.78
C ALA D 224 39.65 8.86 42.74
N LEU D 225 38.64 9.30 41.98
CA LEU D 225 38.37 10.73 41.84
C LEU D 225 37.93 11.36 43.15
N ASP D 226 37.18 10.62 43.96
CA ASP D 226 36.75 11.16 45.25
C ASP D 226 37.94 11.39 46.18
N ALA D 227 38.88 10.45 46.21
CA ALA D 227 40.09 10.65 47.02
C ALA D 227 40.94 11.77 46.45
N TYR D 228 41.05 11.85 45.12
CA TYR D 228 41.86 12.89 44.49
C TYR D 228 41.23 14.26 44.69
N ASN D 229 39.90 14.35 44.58
CA ASN D 229 39.23 15.64 44.77
C ASN D 229 39.30 16.12 46.22
N ALA D 230 39.30 15.20 47.17
CA ALA D 230 39.41 15.60 48.58
C ALA D 230 40.80 16.14 48.89
N LYS D 231 41.83 15.60 48.24
CA LYS D 231 43.19 16.05 48.46
C LYS D 231 43.48 17.38 47.77
N THR D 232 42.84 17.63 46.62
CA THR D 232 43.14 18.81 45.81
C THR D 232 42.07 19.89 45.85
N GLY D 233 40.79 19.51 45.98
CA GLY D 233 39.72 20.47 45.86
C GLY D 233 39.38 20.89 44.45
N TYR D 234 39.91 20.18 43.43
CA TYR D 234 39.67 20.55 42.04
C TYR D 234 38.25 20.23 41.59
N ASP D 235 37.58 19.28 42.23
CA ASP D 235 36.20 18.92 41.93
C ASP D 235 36.04 18.49 40.46
N ILE D 236 36.88 17.55 40.03
CA ILE D 236 36.81 17.05 38.66
C ILE D 236 35.67 16.05 38.57
N PRO D 237 34.67 16.28 37.71
CA PRO D 237 33.54 15.36 37.63
C PRO D 237 33.72 14.29 36.55
N ILE D 238 32.69 13.48 36.35
CA ILE D 238 32.68 12.42 35.35
C ILE D 238 31.53 12.66 34.39
N HIS D 239 31.81 12.60 33.09
CA HIS D 239 30.78 12.42 32.07
C HIS D 239 30.96 11.04 31.46
N VAL D 240 29.91 10.24 31.49
CA VAL D 240 29.97 8.87 30.99
C VAL D 240 29.47 8.87 29.55
N ASP D 241 30.37 8.57 28.62
CA ASP D 241 30.00 8.35 27.23
C ASP D 241 29.57 6.89 27.10
N ALA D 242 28.26 6.67 27.13
CA ALA D 242 27.66 5.33 27.11
C ALA D 242 26.87 5.09 25.82
N ALA D 243 27.44 5.47 24.68
CA ALA D 243 26.74 5.40 23.39
C ALA D 243 26.12 4.02 23.17
N SER D 244 26.90 2.96 23.38
CA SER D 244 26.37 1.60 23.27
C SER D 244 25.81 1.12 24.61
N GLY D 245 26.64 1.13 25.66
CA GLY D 245 26.29 0.51 26.93
C GLY D 245 25.12 1.16 27.65
N GLY D 246 24.78 2.39 27.30
CA GLY D 246 23.71 3.08 28.01
C GLY D 246 22.36 2.39 27.94
N PHE D 247 22.14 1.61 26.88
CA PHE D 247 20.91 0.82 26.75
C PHE D 247 21.14 -0.67 26.98
N ILE D 248 22.30 -1.05 27.49
CA ILE D 248 22.62 -2.43 27.83
C ILE D 248 22.70 -2.63 29.34
N LEU D 249 23.49 -1.79 30.00
CA LEU D 249 23.77 -1.96 31.43
C LEU D 249 22.52 -1.98 32.32
N PRO D 250 21.54 -1.08 32.17
CA PRO D 250 20.39 -1.12 33.09
C PRO D 250 19.56 -2.38 33.00
N PHE D 251 19.57 -3.07 31.85
CA PHE D 251 18.70 -4.23 31.68
C PHE D 251 19.40 -5.54 32.02
N LEU D 252 20.70 -5.65 31.72
CA LEU D 252 21.42 -6.90 31.94
C LEU D 252 22.34 -6.86 33.15
N TYR D 253 22.78 -5.69 33.58
CA TYR D 253 23.67 -5.55 34.74
C TYR D 253 23.10 -4.51 35.70
N PRO D 254 21.91 -4.77 36.27
CA PRO D 254 21.30 -3.75 37.15
C PRO D 254 22.12 -3.43 38.38
N ASP D 255 22.94 -4.36 38.86
CA ASP D 255 23.73 -4.16 40.07
C ASP D 255 25.08 -3.52 39.83
N THR D 256 25.49 -3.36 38.57
CA THR D 256 26.73 -2.65 38.28
C THR D 256 26.52 -1.15 38.50
N LYS D 257 27.24 -0.59 39.47
CA LYS D 257 27.14 0.84 39.77
C LYS D 257 28.04 1.59 38.80
N TRP D 258 27.42 2.20 37.79
CA TRP D 258 28.13 2.97 36.78
C TRP D 258 27.50 4.33 36.50
N ASP D 259 26.32 4.61 37.02
CA ASP D 259 25.53 5.75 36.58
C ASP D 259 25.42 6.81 37.66
N PHE D 260 24.23 7.41 37.80
CA PHE D 260 24.03 8.52 38.73
C PHE D 260 24.08 8.08 40.19
N ARG D 261 24.17 6.78 40.48
CA ARG D 261 24.42 6.33 41.84
C ARG D 261 25.79 6.74 42.35
N LEU D 262 26.70 7.13 41.46
CA LEU D 262 28.04 7.52 41.83
C LEU D 262 28.10 9.03 42.07
N LYS D 263 28.89 9.43 43.07
CA LYS D 263 28.90 10.82 43.50
C LYS D 263 29.30 11.77 42.37
N TRP D 264 30.32 11.42 41.61
CA TRP D 264 30.94 12.34 40.67
C TRP D 264 30.48 12.16 39.22
N VAL D 265 29.53 11.27 38.97
CA VAL D 265 28.96 11.12 37.63
C VAL D 265 27.84 12.17 37.51
N LEU D 266 28.13 13.28 36.82
CA LEU D 266 27.17 14.36 36.70
C LEU D 266 26.40 14.37 35.39
N SER D 267 26.87 13.67 34.36
CA SER D 267 26.13 13.61 33.10
C SER D 267 26.48 12.32 32.35
N ILE D 268 25.52 11.86 31.56
CA ILE D 268 25.64 10.62 30.78
C ILE D 268 24.98 10.84 29.43
N SER D 269 25.59 10.30 28.37
CA SER D 269 25.03 10.38 27.03
C SER D 269 24.91 8.98 26.45
N VAL D 270 24.00 8.84 25.47
CA VAL D 270 23.70 7.53 24.89
C VAL D 270 23.20 7.73 23.47
N SER D 271 23.39 6.72 22.62
CA SER D 271 22.84 6.70 21.27
C SER D 271 21.54 5.91 21.28
N GLY D 272 20.43 6.60 21.02
CA GLY D 272 19.15 5.94 20.88
C GLY D 272 19.04 5.04 19.67
N HIS D 273 19.83 5.30 18.63
CA HIS D 273 19.72 4.57 17.38
C HIS D 273 20.69 3.40 17.26
N LYS D 274 21.33 3.00 18.38
CA LYS D 274 22.29 1.86 18.39
C LYS D 274 21.62 0.64 19.08
N PHE D 275 21.40 0.68 20.40
CA PHE D 275 20.75 -0.36 21.17
C PHE D 275 19.49 0.16 21.86
N GLY D 276 19.16 1.44 21.66
CA GLY D 276 17.81 1.92 21.90
C GLY D 276 16.81 1.44 20.87
N LEU D 277 17.28 0.84 19.78
CA LEU D 277 16.46 0.14 18.80
C LEU D 277 15.57 1.09 17.98
N VAL D 278 16.07 2.28 17.68
CA VAL D 278 15.34 3.26 16.88
C VAL D 278 16.14 3.58 15.63
N TYR D 279 15.43 3.90 14.55
CA TYR D 279 16.08 4.32 13.31
C TYR D 279 17.00 5.52 13.55
N PRO D 280 17.99 5.74 12.68
CA PRO D 280 18.97 6.81 12.91
C PRO D 280 18.34 8.17 13.18
N GLY D 281 18.94 8.89 14.13
CA GLY D 281 18.52 10.25 14.42
C GLY D 281 18.17 10.53 15.87
N LEU D 282 18.72 9.75 16.80
CA LEU D 282 18.29 9.81 18.19
C LEU D 282 19.48 9.70 19.14
N GLY D 283 19.60 10.66 20.05
CA GLY D 283 20.53 10.57 21.15
C GLY D 283 19.98 11.27 22.37
N TRP D 284 20.51 10.91 23.54
CA TRP D 284 20.06 11.48 24.80
C TRP D 284 21.26 11.84 25.66
N VAL D 285 21.14 12.96 26.38
CA VAL D 285 22.07 13.31 27.44
C VAL D 285 21.24 13.67 28.67
N CYS D 286 21.63 13.14 29.83
CA CYS D 286 20.98 13.45 31.09
C CYS D 286 22.00 14.02 32.07
N TRP D 287 21.53 14.89 32.95
CA TRP D 287 22.34 15.42 34.04
C TRP D 287 21.79 14.91 35.37
N LYS D 288 22.67 14.82 36.37
CA LYS D 288 22.28 14.34 37.68
C LYS D 288 21.18 15.21 38.30
N GLY D 289 21.19 16.51 38.01
CA GLY D 289 20.19 17.40 38.53
C GLY D 289 20.26 18.74 37.83
N LYS D 290 19.25 19.57 38.10
CA LYS D 290 19.13 20.86 37.42
C LYS D 290 20.34 21.76 37.68
N GLU D 291 20.98 21.63 38.84
CA GLU D 291 22.08 22.52 39.20
C GLU D 291 23.39 22.19 38.50
N TYR D 292 23.49 21.06 37.81
CA TYR D 292 24.68 20.72 37.05
C TYR D 292 24.54 21.07 35.57
N LEU D 293 23.38 21.55 35.15
CA LEU D 293 23.21 22.11 33.82
C LEU D 293 23.27 23.62 33.95
N PRO D 294 24.29 24.28 33.40
CA PRO D 294 24.43 25.73 33.62
C PRO D 294 23.27 26.51 33.04
N GLU D 295 22.97 27.65 33.68
CA GLU D 295 21.85 28.48 33.24
C GLU D 295 22.03 28.97 31.81
N GLU D 296 23.28 29.19 31.39
CA GLU D 296 23.56 29.69 30.05
C GLU D 296 23.09 28.75 28.93
N MET D 297 22.89 27.47 29.23
CA MET D 297 22.62 26.46 28.21
C MET D 297 21.14 26.09 28.07
N SER D 298 20.29 26.52 28.99
CA SER D 298 18.92 26.02 29.08
C SER D 298 17.93 27.16 29.13
N PHE D 299 16.75 26.92 28.56
CA PHE D 299 15.58 27.76 28.75
C PHE D 299 14.39 26.87 29.07
N SER D 300 13.74 27.15 30.21
CA SER D 300 12.66 26.23 30.68
C SER D 300 11.27 26.84 30.45
N VAL D 301 10.29 25.98 30.18
CA VAL D 301 8.89 26.45 30.01
C VAL D 301 8.00 25.52 30.83
N ASN D 302 6.69 25.83 30.90
CA ASN D 302 5.74 24.95 31.61
C ASN D 302 4.55 24.70 30.69
N PHE D 303 4.35 23.46 30.26
CA PHE D 303 3.24 23.14 29.34
C PHE D 303 2.54 21.89 29.86
N LEU D 304 1.22 21.98 30.05
CA LEU D 304 0.41 20.83 30.58
C LEU D 304 1.03 20.32 31.88
N GLY D 305 1.49 21.24 32.74
CA GLY D 305 2.15 20.84 34.00
C GLY D 305 3.41 20.04 33.73
N ALA D 306 4.37 20.64 33.02
CA ALA D 306 5.65 19.96 32.71
C ALA D 306 6.77 20.99 32.54
N ASN D 307 7.85 20.86 33.30
CA ASN D 307 9.01 21.77 33.15
C ASN D 307 9.79 21.33 31.91
N ILE D 308 9.48 21.93 30.76
CA ILE D 308 10.13 21.51 29.48
C ILE D 308 11.38 22.37 29.29
N THR D 309 12.54 21.86 29.68
CA THR D 309 13.80 22.58 29.53
C THR D 309 14.33 22.27 28.14
N GLN D 310 14.55 23.34 27.36
CA GLN D 310 15.00 23.21 25.95
C GLN D 310 16.50 23.48 25.83
N VAL D 311 17.29 22.43 25.67
CA VAL D 311 18.73 22.50 25.50
C VAL D 311 19.07 21.76 24.21
N GLY D 312 20.10 22.22 23.54
CA GLY D 312 20.61 21.50 22.39
C GLY D 312 21.17 22.43 21.34
N LEU D 313 21.82 21.81 20.35
CA LEU D 313 22.48 22.53 19.27
C LEU D 313 21.56 22.85 18.10
N ASN D 314 20.50 22.06 17.91
CA ASN D 314 19.61 22.22 16.77
C ASN D 314 18.36 23.02 17.15
N PHE D 315 17.63 23.45 16.13
CA PHE D 315 16.30 24.04 16.32
C PHE D 315 15.27 23.15 15.63
N SER D 316 14.95 23.45 14.37
CA SER D 316 14.11 22.55 13.60
C SER D 316 14.83 21.22 13.40
N ARG D 317 14.08 20.13 13.56
CA ARG D 317 14.64 18.80 13.40
C ARG D 317 13.50 17.81 13.24
N PRO D 318 13.74 16.64 12.67
CA PRO D 318 12.67 15.63 12.55
C PRO D 318 12.22 15.15 13.91
N ALA D 319 10.90 14.93 14.04
CA ALA D 319 10.30 14.44 15.26
C ALA D 319 10.09 12.93 15.26
N ALA D 320 10.27 12.27 14.10
CA ALA D 320 9.96 10.85 13.98
C ALA D 320 10.68 10.02 15.03
N GLN D 321 11.94 10.34 15.31
CA GLN D 321 12.73 9.50 16.21
C GLN D 321 12.23 9.56 17.65
N ILE D 322 11.61 10.68 18.05
CA ILE D 322 10.99 10.74 19.38
C ILE D 322 9.86 9.75 19.49
N LEU D 323 8.98 9.73 18.48
CA LEU D 323 7.85 8.79 18.49
C LEU D 323 8.34 7.35 18.53
N GLY D 324 9.38 7.03 17.75
CA GLY D 324 9.89 5.67 17.73
C GLY D 324 10.42 5.24 19.09
N GLN D 325 11.19 6.11 19.75
CA GLN D 325 11.72 5.79 21.07
C GLN D 325 10.59 5.53 22.06
N TYR D 326 9.57 6.40 22.08
CA TYR D 326 8.47 6.24 23.02
C TYR D 326 7.67 4.99 22.71
N TYR D 327 7.51 4.66 21.42
CA TYR D 327 6.87 3.41 21.03
C TYR D 327 7.62 2.21 21.62
N GLN D 328 8.95 2.22 21.53
CA GLN D 328 9.73 1.09 22.03
C GLN D 328 9.60 0.95 23.54
N PHE D 329 9.62 2.07 24.26
CA PHE D 329 9.43 2.02 25.71
C PHE D 329 8.10 1.39 26.08
N ILE D 330 7.03 1.75 25.37
CA ILE D 330 5.71 1.20 25.67
C ILE D 330 5.57 -0.22 25.13
N ARG D 331 6.03 -0.47 23.91
CA ARG D 331 5.83 -1.78 23.29
C ARG D 331 6.66 -2.86 23.96
N LEU D 332 7.92 -2.55 24.30
CA LEU D 332 8.80 -3.54 24.90
C LEU D 332 8.73 -3.52 26.42
N GLY D 333 8.71 -2.35 27.04
CA GLY D 333 8.83 -2.27 28.47
C GLY D 333 10.22 -2.72 28.92
N PHE D 334 10.38 -2.81 30.25
CA PHE D 334 11.67 -3.21 30.80
C PHE D 334 12.04 -4.63 30.39
N GLN D 335 11.11 -5.58 30.59
CA GLN D 335 11.40 -6.97 30.25
C GLN D 335 11.64 -7.14 28.76
N GLY D 336 10.89 -6.42 27.93
CA GLY D 336 11.08 -6.53 26.49
C GLY D 336 12.45 -6.07 26.05
N TYR D 337 12.88 -4.90 26.56
CA TYR D 337 14.25 -4.46 26.32
C TYR D 337 15.26 -5.47 26.85
N LYS D 338 15.00 -6.02 28.04
CA LYS D 338 15.94 -6.98 28.62
C LYS D 338 16.07 -8.22 27.76
N GLU D 339 14.95 -8.71 27.20
CA GLU D 339 15.00 -9.92 26.37
C GLU D 339 15.73 -9.66 25.06
N VAL D 340 15.53 -8.49 24.46
CA VAL D 340 16.17 -8.20 23.17
C VAL D 340 17.68 -8.12 23.32
N GLN D 341 18.15 -7.35 24.30
CA GLN D 341 19.60 -7.25 24.51
C GLN D 341 20.19 -8.56 24.98
N TYR D 342 19.40 -9.37 25.70
CA TYR D 342 19.88 -10.67 26.15
C TYR D 342 20.18 -11.58 24.96
N ASN D 343 19.28 -11.63 23.98
CA ASN D 343 19.52 -12.46 22.80
C ASN D 343 20.73 -11.96 22.02
N SER D 344 20.85 -10.64 21.87
CA SER D 344 22.03 -10.08 21.19
C SER D 344 23.31 -10.42 21.93
N LEU D 345 23.31 -10.27 23.25
CA LEU D 345 24.49 -10.58 24.04
C LEU D 345 24.80 -12.08 24.02
N GLN D 346 23.75 -12.91 24.07
CA GLN D 346 23.95 -14.35 24.05
C GLN D 346 24.61 -14.81 22.75
N ILE D 347 24.13 -14.30 21.63
CA ILE D 347 24.71 -14.66 20.33
C ILE D 347 26.13 -14.13 20.22
N ALA D 348 26.40 -12.96 20.80
CA ALA D 348 27.76 -12.43 20.82
C ALA D 348 28.69 -13.33 21.63
N LYS D 349 28.24 -13.75 22.82
CA LYS D 349 29.05 -14.70 23.60
C LYS D 349 29.25 -16.01 22.87
N TYR D 350 28.25 -16.45 22.10
CA TYR D 350 28.38 -17.71 21.37
C TYR D 350 29.47 -17.62 20.31
N ILE D 351 29.44 -16.56 19.50
CA ILE D 351 30.50 -16.34 18.51
C ILE D 351 31.84 -16.14 19.20
N HIS D 352 31.86 -15.37 20.29
CA HIS D 352 33.09 -15.14 21.04
C HIS D 352 33.71 -16.45 21.50
N GLY D 353 32.89 -17.39 21.98
CA GLY D 353 33.42 -18.67 22.42
C GLY D 353 33.91 -19.55 21.28
N GLU D 354 33.25 -19.48 20.13
CA GLU D 354 33.67 -20.30 18.99
C GLU D 354 34.95 -19.78 18.35
N ILE D 355 35.10 -18.45 18.29
CA ILE D 355 36.35 -17.87 17.79
C ILE D 355 37.52 -18.32 18.66
N ALA D 356 37.32 -18.37 19.98
CA ALA D 356 38.40 -18.73 20.88
C ALA D 356 38.88 -20.16 20.67
N LYS D 357 38.02 -21.04 20.15
CA LYS D 357 38.40 -22.43 19.94
C LYS D 357 39.20 -22.64 18.66
N MET D 358 39.25 -21.65 17.78
CA MET D 358 39.99 -21.79 16.53
C MET D 358 41.46 -21.49 16.76
N ALA D 359 42.32 -22.33 16.21
CA ALA D 359 43.77 -22.24 16.43
C ALA D 359 44.37 -20.86 16.20
N PRO D 360 44.02 -20.10 15.16
CA PRO D 360 44.75 -18.84 14.92
C PRO D 360 44.42 -17.71 15.89
N PHE D 361 43.32 -17.77 16.63
CA PHE D 361 42.74 -16.59 17.26
C PHE D 361 42.91 -16.59 18.76
N VAL D 362 42.96 -15.38 19.32
CA VAL D 362 42.88 -15.14 20.76
C VAL D 362 42.02 -13.90 20.98
N ASN D 363 41.16 -13.95 21.99
CA ASN D 363 40.26 -12.83 22.27
C ASN D 363 40.96 -11.74 23.08
N TYR D 364 40.51 -10.50 22.85
CA TYR D 364 41.03 -9.36 23.59
C TYR D 364 40.58 -9.39 25.05
N SER D 365 39.38 -9.92 25.31
CA SER D 365 38.85 -10.01 26.66
C SER D 365 38.14 -11.35 26.82
N GLU D 366 38.13 -11.86 28.04
CA GLU D 366 37.40 -13.09 28.34
C GLU D 366 35.92 -12.87 28.59
N ASN D 367 35.49 -11.63 28.77
CA ASN D 367 34.09 -11.30 29.06
C ASN D 367 33.51 -10.45 27.96
N VAL D 368 32.28 -10.77 27.57
CA VAL D 368 31.50 -9.98 26.62
C VAL D 368 30.39 -9.29 27.42
N VAL D 369 30.47 -7.97 27.52
CA VAL D 369 29.50 -7.20 28.30
C VAL D 369 28.62 -6.32 27.42
N ASN D 370 29.02 -6.05 26.20
CA ASN D 370 28.18 -5.45 25.17
C ASN D 370 28.12 -6.40 23.99
N PRO D 371 27.09 -6.31 23.15
CA PRO D 371 26.99 -7.25 22.02
C PRO D 371 28.01 -6.98 20.93
N LEU D 372 29.27 -6.77 21.32
CA LEU D 372 30.38 -6.65 20.37
C LEU D 372 31.66 -7.05 21.08
N PHE D 373 32.64 -7.47 20.29
CA PHE D 373 33.90 -7.96 20.83
C PHE D 373 34.92 -7.99 19.70
N ILE D 374 36.20 -8.09 20.07
CA ILE D 374 37.29 -8.13 19.11
C ILE D 374 38.20 -9.29 19.43
N TRP D 375 38.86 -9.81 18.39
CA TRP D 375 39.90 -10.83 18.54
C TRP D 375 41.06 -10.49 17.62
N TYR D 376 42.20 -11.14 17.85
CA TYR D 376 43.36 -10.98 16.98
C TYR D 376 44.06 -12.33 16.84
N LEU D 377 45.09 -12.35 16.01
CA LEU D 377 45.89 -13.56 15.79
C LEU D 377 46.80 -13.80 16.98
N LYS D 378 46.90 -15.07 17.40
CA LYS D 378 47.86 -15.43 18.43
C LYS D 378 49.26 -14.99 18.01
N PRO D 379 50.02 -14.33 18.90
CA PRO D 379 51.40 -13.93 18.54
C PRO D 379 52.24 -15.05 17.97
N GLU D 380 52.21 -16.24 18.58
CA GLU D 380 53.00 -17.36 18.08
C GLU D 380 52.53 -17.80 16.70
N TYR D 381 51.21 -17.73 16.45
CA TYR D 381 50.70 -18.11 15.14
C TYR D 381 51.01 -17.05 14.09
N ALA D 382 50.82 -15.78 14.43
CA ALA D 382 51.05 -14.69 13.48
C ALA D 382 52.49 -14.66 12.98
N LYS D 383 53.44 -15.06 13.83
CA LYS D 383 54.86 -14.99 13.47
C LYS D 383 55.16 -15.75 12.17
N SER D 384 54.57 -16.92 11.99
CA SER D 384 54.84 -17.76 10.83
C SER D 384 53.69 -17.80 9.83
N ALA D 385 52.58 -17.14 10.12
CA ALA D 385 51.44 -17.18 9.21
C ALA D 385 51.72 -16.33 7.96
N LYS D 386 51.17 -16.77 6.83
CA LYS D 386 51.30 -16.07 5.57
C LYS D 386 50.19 -15.05 5.34
N TRP D 387 49.29 -14.87 6.31
CA TRP D 387 48.15 -13.98 6.14
C TRP D 387 47.95 -13.16 7.40
N THR D 388 47.12 -12.12 7.27
CA THR D 388 46.72 -11.28 8.38
C THR D 388 45.20 -11.22 8.44
N LEU D 389 44.67 -10.58 9.48
CA LEU D 389 43.23 -10.40 9.59
C LEU D 389 42.66 -9.55 8.47
N TYR D 390 43.48 -8.73 7.81
CA TYR D 390 43.02 -8.02 6.63
C TYR D 390 42.67 -9.00 5.50
N ASP D 391 43.40 -10.11 5.41
CA ASP D 391 43.07 -11.12 4.40
C ASP D 391 41.79 -11.86 4.75
N LEU D 392 41.54 -12.08 6.04
CA LEU D 392 40.28 -12.68 6.45
C LEU D 392 39.11 -11.76 6.12
N GLN D 393 39.28 -10.46 6.33
CA GLN D 393 38.26 -9.48 5.94
C GLN D 393 37.95 -9.57 4.45
N ASP D 394 38.98 -9.70 3.62
CA ASP D 394 38.76 -9.78 2.17
C ASP D 394 38.04 -11.08 1.81
N LYS D 395 38.40 -12.19 2.46
CA LYS D 395 37.71 -13.45 2.21
C LYS D 395 36.22 -13.34 2.50
N LEU D 396 35.86 -12.71 3.62
CA LEU D 396 34.45 -12.57 3.98
C LEU D 396 33.73 -11.59 3.07
N SER D 397 34.42 -10.52 2.64
CA SER D 397 33.83 -9.59 1.68
C SER D 397 33.47 -10.31 0.39
N GLN D 398 34.28 -11.27 -0.03
CA GLN D 398 33.99 -12.03 -1.24
C GLN D 398 32.72 -12.86 -1.11
N HIS D 399 32.29 -13.17 0.11
CA HIS D 399 31.02 -13.83 0.36
C HIS D 399 29.93 -12.85 0.80
N GLY D 400 30.20 -11.55 0.77
CA GLY D 400 29.20 -10.55 1.04
C GLY D 400 29.19 -9.97 2.45
N TRP D 401 30.01 -10.49 3.36
CA TRP D 401 30.04 -9.94 4.71
C TRP D 401 30.83 -8.64 4.77
N MET D 402 30.46 -7.81 5.74
CA MET D 402 31.28 -6.67 6.16
C MET D 402 31.72 -6.95 7.60
N VAL D 403 32.95 -7.42 7.76
CA VAL D 403 33.52 -7.64 9.08
C VAL D 403 34.84 -6.87 9.15
N PRO D 404 34.88 -5.76 9.87
CA PRO D 404 36.02 -4.85 9.75
C PRO D 404 37.25 -5.34 10.50
N ALA D 405 38.41 -5.06 9.91
CA ALA D 405 39.71 -5.23 10.56
C ALA D 405 40.39 -3.88 10.64
N TYR D 406 41.09 -3.63 11.75
CA TYR D 406 41.76 -2.36 11.97
C TYR D 406 42.78 -2.53 13.08
N THR D 407 43.66 -1.55 13.21
CA THR D 407 44.64 -1.54 14.29
C THR D 407 44.08 -0.78 15.50
N LEU D 408 44.52 -1.19 16.68
CA LEU D 408 44.04 -0.60 17.91
C LEU D 408 44.70 0.74 18.18
N PRO D 409 44.11 1.57 19.04
CA PRO D 409 44.73 2.86 19.40
C PRO D 409 46.02 2.71 20.18
N SER D 410 46.54 3.83 20.70
CA SER D 410 47.95 3.99 21.02
C SER D 410 48.46 2.94 22.00
N LYS D 411 49.75 2.61 21.84
CA LYS D 411 50.50 1.57 22.57
C LYS D 411 50.09 0.16 22.17
N LEU D 412 48.93 0.01 21.53
CA LEU D 412 48.54 -1.25 20.91
C LEU D 412 48.41 -1.12 19.40
N GLU D 413 49.07 -0.13 18.79
CA GLU D 413 48.95 0.11 17.36
C GLU D 413 49.47 -1.05 16.52
N ASP D 414 50.28 -1.94 17.10
CA ASP D 414 50.79 -3.08 16.35
C ASP D 414 49.78 -4.21 16.22
N TYR D 415 48.65 -4.15 16.91
CA TYR D 415 47.69 -5.24 16.92
C TYR D 415 46.56 -4.95 15.93
N VAL D 416 46.45 -5.77 14.91
CA VAL D 416 45.30 -5.77 14.03
C VAL D 416 44.21 -6.64 14.65
N VAL D 417 43.02 -6.08 14.83
CA VAL D 417 41.92 -6.82 15.43
C VAL D 417 40.77 -6.86 14.43
N MET D 418 39.86 -7.80 14.69
CA MET D 418 38.63 -7.93 13.91
C MET D 418 37.46 -7.87 14.89
N ARG D 419 36.39 -7.19 14.50
CA ARG D 419 35.29 -6.90 15.40
C ARG D 419 33.98 -7.38 14.80
N VAL D 420 33.13 -7.95 15.65
CA VAL D 420 31.78 -8.36 15.29
C VAL D 420 30.81 -7.61 16.20
N VAL D 421 29.78 -7.00 15.60
CA VAL D 421 28.69 -6.38 16.33
C VAL D 421 27.43 -7.19 16.06
N VAL D 422 26.70 -7.51 17.11
CA VAL D 422 25.50 -8.34 17.01
C VAL D 422 24.30 -7.43 17.30
N ARG D 423 23.57 -7.06 16.26
CA ARG D 423 22.34 -6.29 16.40
C ARG D 423 21.13 -7.22 16.38
N GLN D 424 19.98 -6.68 16.80
CA GLN D 424 18.75 -7.44 16.77
C GLN D 424 18.43 -7.89 15.35
N GLY D 425 17.98 -9.14 15.24
CA GLY D 425 17.70 -9.76 13.96
C GLY D 425 18.79 -10.68 13.46
N PHE D 426 19.99 -10.60 14.05
CA PHE D 426 21.09 -11.50 13.70
C PHE D 426 20.89 -12.79 14.50
N SER D 427 20.42 -13.83 13.83
CA SER D 427 19.95 -15.04 14.50
C SER D 427 21.10 -16.02 14.76
N ARG D 428 20.79 -17.06 15.52
CA ARG D 428 21.73 -18.14 15.76
C ARG D 428 22.15 -18.82 14.45
N ASP D 429 21.19 -18.99 13.52
CA ASP D 429 21.51 -19.61 12.24
C ASP D 429 22.51 -18.78 11.46
N MET D 430 22.32 -17.45 11.43
CA MET D 430 23.25 -16.59 10.72
C MET D 430 24.61 -16.55 11.40
N ALA D 431 24.66 -16.73 12.71
CA ALA D 431 25.96 -16.79 13.40
C ALA D 431 26.75 -18.01 12.96
N ASP D 432 26.07 -19.15 12.79
CA ASP D 432 26.74 -20.35 12.29
C ASP D 432 27.10 -20.19 10.82
N MET D 433 26.27 -19.48 10.06
CA MET D 433 26.63 -19.10 8.69
C MET D 433 27.93 -18.31 8.66
N LEU D 434 28.09 -17.37 9.60
CA LEU D 434 29.32 -16.59 9.68
C LEU D 434 30.50 -17.46 10.10
N LEU D 435 30.29 -18.29 11.13
CA LEU D 435 31.37 -19.17 11.60
C LEU D 435 31.77 -20.17 10.53
N GLY D 436 30.81 -20.65 9.74
CA GLY D 436 31.14 -21.55 8.65
C GLY D 436 32.05 -20.89 7.61
N ASP D 437 31.76 -19.63 7.25
CA ASP D 437 32.59 -18.95 6.27
C ASP D 437 33.96 -18.61 6.83
N ILE D 438 34.04 -18.31 8.13
CA ILE D 438 35.33 -18.07 8.76
C ILE D 438 36.18 -19.34 8.76
N LYS D 439 35.58 -20.49 9.09
CA LYS D 439 36.34 -21.73 9.11
C LYS D 439 36.84 -22.09 7.72
N ASN D 440 36.00 -21.89 6.69
CA ASN D 440 36.44 -22.16 5.32
C ASN D 440 37.52 -21.19 4.87
N ALA D 441 37.42 -19.92 5.29
CA ALA D 441 38.43 -18.94 4.92
C ALA D 441 39.79 -19.27 5.55
N ILE D 442 39.78 -19.69 6.81
CA ILE D 442 41.02 -20.10 7.47
C ILE D 442 41.65 -21.28 6.71
N ALA D 443 40.82 -22.24 6.31
CA ALA D 443 41.33 -23.40 5.56
C ALA D 443 41.94 -22.97 4.23
N GLU D 444 41.36 -21.97 3.57
CA GLU D 444 41.94 -21.47 2.33
C GLU D 444 43.24 -20.72 2.60
N LEU D 445 43.23 -19.82 3.60
CA LEU D 445 44.41 -19.02 3.88
C LEU D 445 45.58 -19.88 4.34
N GLU D 446 45.31 -21.00 5.02
CA GLU D 446 46.39 -21.86 5.47
C GLU D 446 47.02 -22.66 4.34
N LYS D 447 46.38 -22.75 3.18
CA LYS D 447 46.99 -23.40 2.02
C LYS D 447 47.85 -22.45 1.19
N LEU D 448 48.00 -21.19 1.60
CA LEU D 448 48.76 -20.23 0.83
C LEU D 448 50.21 -20.68 0.66
N ASP D 449 50.72 -20.53 -0.56
CA ASP D 449 52.13 -20.81 -0.85
C ASP D 449 53.03 -19.65 -0.45
N PHE D 450 52.55 -18.43 -0.55
CA PHE D 450 53.33 -17.21 -0.37
C PHE D 450 52.56 -16.24 0.52
N PRO D 451 53.28 -15.33 1.19
CA PRO D 451 52.59 -14.33 2.01
C PRO D 451 51.76 -13.38 1.17
N THR D 452 50.67 -12.91 1.76
CA THR D 452 49.77 -11.97 1.12
C THR D 452 50.40 -10.57 1.10
N PRO D 453 49.82 -9.63 0.34
CA PRO D 453 50.36 -8.25 0.36
C PRO D 453 50.35 -7.61 1.75
N THR D 454 49.26 -7.78 2.51
CA THR D 454 49.20 -7.15 3.83
C THR D 454 50.13 -7.83 4.82
N ARG D 455 50.38 -9.13 4.66
CA ARG D 455 51.37 -9.79 5.51
C ARG D 455 52.75 -9.20 5.32
N MET D 456 53.11 -8.89 4.07
CA MET D 456 54.40 -8.27 3.82
C MET D 456 54.43 -6.83 4.33
N ALA D 457 53.29 -6.15 4.31
CA ALA D 457 53.22 -4.80 4.85
C ALA D 457 53.55 -4.78 6.35
N GLN D 458 53.08 -5.79 7.10
CA GLN D 458 53.38 -5.83 8.52
C GLN D 458 54.87 -5.99 8.78
N GLU D 459 55.52 -6.90 8.05
CA GLU D 459 56.96 -7.10 8.22
C GLU D 459 57.76 -5.89 7.75
N LYS D 460 57.33 -5.25 6.66
CA LYS D 460 57.97 -4.04 6.14
C LYS D 460 57.52 -2.77 6.84
N ASN D 461 56.54 -2.86 7.73
CA ASN D 461 56.04 -1.71 8.50
C ASN D 461 55.50 -0.62 7.59
N LEU D 462 54.69 -1.03 6.62
CA LEU D 462 54.03 -0.06 5.76
C LEU D 462 52.58 -0.01 6.18
N PRO D 463 51.99 1.17 6.35
CA PRO D 463 50.59 1.21 6.80
C PRO D 463 49.67 0.63 5.75
N VAL D 464 48.58 0.04 6.22
CA VAL D 464 47.55 -0.53 5.38
C VAL D 464 46.31 0.33 5.51
N GLU D 465 45.79 0.81 4.38
CA GLU D 465 44.56 1.59 4.41
C GLU D 465 43.43 0.76 4.98
N ALA D 466 42.73 1.32 5.97
CA ALA D 466 41.70 0.57 6.69
C ALA D 466 40.52 0.28 5.77
N LYS D 467 40.15 1.23 4.92
CA LYS D 467 39.10 1.08 3.92
C LYS D 467 37.71 0.96 4.57
N MET D 468 37.48 -0.14 5.27
CA MET D 468 36.13 -0.47 5.73
C MET D 468 35.75 0.36 6.96
N PHE D 469 34.56 0.94 6.90
CA PHE D 469 33.97 1.68 8.01
C PHE D 469 33.92 0.84 9.27
N ASN D 470 34.37 1.42 10.39
CA ASN D 470 34.36 0.72 11.67
C ASN D 470 33.78 1.58 12.80
N HIS D 471 33.24 2.75 12.48
CA HIS D 471 32.50 3.66 13.35
C HIS D 471 33.39 4.45 14.30
N GLY D 472 34.68 4.14 14.43
CA GLY D 472 35.52 4.95 15.30
C GLY D 472 35.70 6.36 14.78
N GLY D 473 35.78 6.52 13.46
CA GLY D 473 35.87 7.81 12.80
C GLY D 473 37.26 8.38 12.71
N ARG D 474 38.25 7.77 13.37
CA ARG D 474 39.61 8.26 13.37
C ARG D 474 40.45 7.55 12.30
N SER E 25 -10.43 26.59 -9.90
CA SER E 25 -11.43 25.66 -9.37
C SER E 25 -12.83 26.10 -9.76
N PRO E 26 -13.51 25.29 -10.57
CA PRO E 26 -14.77 25.73 -11.19
C PRO E 26 -15.83 26.02 -10.13
N VAL E 27 -16.42 27.19 -10.23
CA VAL E 27 -17.44 27.63 -9.29
C VAL E 27 -18.84 27.54 -9.88
N GLU E 28 -19.02 27.95 -11.13
CA GLU E 28 -20.32 28.03 -11.76
C GLU E 28 -20.54 26.98 -12.84
N ARG E 29 -19.56 26.75 -13.71
CA ARG E 29 -19.73 25.89 -14.86
C ARG E 29 -18.65 24.83 -14.93
N ILE E 30 -18.96 23.76 -15.65
CA ILE E 30 -17.99 22.68 -15.85
C ILE E 30 -16.82 23.21 -16.68
N PRO E 31 -15.58 22.86 -16.36
CA PRO E 31 -14.46 23.23 -17.23
C PRO E 31 -14.65 22.65 -18.63
N ASP E 32 -14.10 23.34 -19.62
CA ASP E 32 -14.30 22.91 -21.00
C ASP E 32 -13.47 21.66 -21.30
N GLY E 33 -12.24 21.62 -20.82
CA GLY E 33 -11.35 20.52 -21.12
C GLY E 33 -10.93 19.73 -19.90
N PRO E 34 -10.22 18.64 -20.11
CA PRO E 34 -9.74 17.84 -19.00
C PRO E 34 -8.44 18.39 -18.42
N THR E 35 -8.17 17.98 -17.17
CA THR E 35 -6.88 18.18 -16.53
C THR E 35 -6.36 16.84 -16.04
N THR E 36 -5.05 16.74 -15.89
CA THR E 36 -4.43 15.48 -15.52
C THR E 36 -4.93 15.03 -14.14
N PRO E 37 -4.98 13.71 -13.91
CA PRO E 37 -5.53 13.23 -12.62
C PRO E 37 -4.77 13.76 -11.41
N GLU E 38 -3.44 13.85 -11.50
CA GLU E 38 -2.64 14.35 -10.38
C GLU E 38 -3.05 15.76 -10.00
N VAL E 39 -3.31 16.62 -11.00
CA VAL E 39 -3.71 17.99 -10.70
C VAL E 39 -5.13 18.03 -10.12
N ALA E 40 -6.04 17.28 -10.73
CA ALA E 40 -7.43 17.25 -10.23
C ALA E 40 -7.49 16.71 -8.82
N TYR E 41 -6.67 15.71 -8.51
CA TYR E 41 -6.62 15.16 -7.15
C TYR E 41 -6.25 16.23 -6.13
N GLN E 42 -5.19 16.99 -6.40
CA GLN E 42 -4.77 18.04 -5.48
C GLN E 42 -5.83 19.14 -5.37
N MET E 43 -6.48 19.47 -6.49
CA MET E 43 -7.49 20.52 -6.46
C MET E 43 -8.62 20.16 -5.51
N VAL E 44 -9.06 18.90 -5.52
CA VAL E 44 -10.11 18.47 -4.59
C VAL E 44 -9.55 18.34 -3.18
N LYS E 45 -8.34 17.78 -3.05
CA LYS E 45 -7.67 17.69 -1.76
C LYS E 45 -7.63 19.03 -1.05
N ASP E 46 -7.35 20.11 -1.79
CA ASP E 46 -7.22 21.44 -1.20
C ASP E 46 -8.52 21.99 -0.64
N GLU E 47 -9.64 21.29 -0.80
CA GLU E 47 -10.93 21.78 -0.31
C GLU E 47 -11.64 20.80 0.62
N THR E 48 -10.98 19.70 1.02
CA THR E 48 -11.61 18.69 1.85
C THR E 48 -10.92 18.46 3.18
N PHE E 49 -9.91 19.24 3.52
CA PHE E 49 -9.26 19.05 4.80
C PHE E 49 -10.10 19.67 5.92
N ALA E 50 -10.07 19.01 7.07
CA ALA E 50 -10.83 19.48 8.22
C ALA E 50 -10.34 20.87 8.66
N GLN E 51 -11.29 21.70 9.11
CA GLN E 51 -10.93 23.03 9.59
C GLN E 51 -10.20 22.97 10.92
N THR E 52 -10.50 21.95 11.73
CA THR E 52 -9.83 21.75 13.02
C THR E 52 -9.48 20.28 13.15
N GLN E 53 -8.75 19.95 14.21
CA GLN E 53 -8.39 18.58 14.53
C GLN E 53 -9.62 17.78 14.94
N PRO E 54 -10.06 16.80 14.13
CA PRO E 54 -11.29 16.07 14.48
C PRO E 54 -11.22 15.33 15.81
N ARG E 55 -10.03 14.94 16.26
CA ARG E 55 -9.92 14.26 17.54
C ARG E 55 -10.20 15.18 18.72
N LEU E 56 -10.20 16.48 18.52
CA LEU E 56 -10.59 17.45 19.54
C LEU E 56 -12.01 17.96 19.33
N ASN E 57 -12.77 17.33 18.42
CA ASN E 57 -14.14 17.73 18.12
C ASN E 57 -15.06 16.96 19.06
N LEU E 58 -15.51 17.62 20.12
CA LEU E 58 -16.45 17.03 21.07
C LEU E 58 -17.91 17.36 20.75
N ALA E 59 -18.16 17.98 19.60
CA ALA E 59 -19.52 18.37 19.22
C ALA E 59 -20.27 17.27 18.48
N THR E 60 -19.57 16.38 17.78
CA THR E 60 -20.21 15.45 16.86
C THR E 60 -20.53 14.13 17.56
N PHE E 61 -21.61 13.49 17.10
CA PHE E 61 -22.03 12.18 17.56
C PHE E 61 -21.50 11.04 16.69
N VAL E 62 -21.01 11.33 15.50
CA VAL E 62 -20.85 10.33 14.45
C VAL E 62 -19.49 9.66 14.56
N THR E 63 -19.47 8.34 14.36
CA THR E 63 -18.24 7.58 14.42
C THR E 63 -17.23 8.10 13.39
N THR E 64 -15.98 8.24 13.82
CA THR E 64 -14.91 8.70 12.96
C THR E 64 -13.76 7.71 12.81
N TYR E 65 -13.81 6.57 13.51
CA TYR E 65 -12.74 5.58 13.47
C TYR E 65 -13.33 4.17 13.46
N MET E 66 -12.81 3.33 12.55
CA MET E 66 -12.96 1.88 12.64
C MET E 66 -11.58 1.26 12.48
N ASP E 67 -11.45 0.00 12.90
CA ASP E 67 -10.14 -0.63 12.84
C ASP E 67 -9.74 -0.92 11.39
N ASP E 68 -8.49 -1.34 11.21
CA ASP E 68 -7.92 -1.47 9.87
C ASP E 68 -8.66 -2.51 9.02
N TYR E 69 -9.16 -3.58 9.64
CA TYR E 69 -9.84 -4.62 8.87
C TYR E 69 -11.21 -4.14 8.39
N ALA E 70 -11.98 -3.51 9.27
CA ALA E 70 -13.26 -2.93 8.87
C ALA E 70 -13.07 -1.89 7.76
N THR E 71 -12.05 -1.04 7.90
CA THR E 71 -11.82 0.01 6.91
C THR E 71 -11.44 -0.58 5.56
N LYS E 72 -10.62 -1.63 5.54
CA LYS E 72 -10.28 -2.30 4.30
C LYS E 72 -11.51 -2.97 3.70
N LEU E 73 -12.34 -3.58 4.54
CA LEU E 73 -13.59 -4.18 4.11
C LEU E 73 -14.48 -3.17 3.40
N MET E 74 -14.70 -2.02 4.03
CA MET E 74 -15.63 -1.03 3.49
C MET E 74 -15.04 -0.29 2.28
N ASN E 75 -13.71 -0.10 2.26
CA ASN E 75 -13.09 0.53 1.10
C ASN E 75 -13.22 -0.35 -0.14
N GLU E 76 -13.09 -1.67 0.02
CA GLU E 76 -13.20 -2.58 -1.10
C GLU E 76 -14.64 -2.72 -1.60
N ALA E 77 -15.63 -2.41 -0.76
CA ALA E 77 -17.03 -2.47 -1.14
C ALA E 77 -17.56 -1.13 -1.66
N ILE E 78 -16.65 -0.20 -1.98
CA ILE E 78 -17.06 1.12 -2.45
C ILE E 78 -17.84 1.03 -3.75
N ASN E 79 -17.61 -0.01 -4.54
CA ASN E 79 -18.25 -0.17 -5.85
C ASN E 79 -19.38 -1.19 -5.84
N ILE E 80 -19.85 -1.60 -4.67
CA ILE E 80 -20.92 -2.60 -4.57
C ILE E 80 -22.24 -1.87 -4.44
N ASN E 81 -23.13 -2.08 -5.41
CA ASN E 81 -24.49 -1.53 -5.35
C ASN E 81 -25.36 -2.53 -4.59
N TYR E 82 -25.84 -2.11 -3.42
CA TYR E 82 -26.55 -3.02 -2.53
C TYR E 82 -27.82 -3.59 -3.17
N ILE E 83 -28.47 -2.84 -4.07
CA ILE E 83 -29.79 -3.23 -4.57
C ILE E 83 -29.75 -4.33 -5.61
N ASP E 84 -28.57 -4.66 -6.15
CA ASP E 84 -28.46 -5.69 -7.20
C ASP E 84 -28.44 -7.06 -6.53
N GLU E 85 -29.62 -7.66 -6.37
CA GLU E 85 -29.73 -8.93 -5.67
C GLU E 85 -29.27 -10.12 -6.50
N THR E 86 -29.13 -9.96 -7.82
CA THR E 86 -28.60 -11.05 -8.63
C THR E 86 -27.07 -11.13 -8.51
N GLU E 87 -26.41 -9.98 -8.44
CA GLU E 87 -24.95 -9.96 -8.35
C GLU E 87 -24.46 -10.23 -6.93
N TYR E 88 -25.13 -9.69 -5.93
CA TYR E 88 -24.75 -9.84 -4.52
C TYR E 88 -25.91 -10.38 -3.70
N PRO E 89 -26.35 -11.60 -3.97
CA PRO E 89 -27.50 -12.15 -3.23
C PRO E 89 -27.26 -12.27 -1.74
N ARG E 90 -26.04 -12.59 -1.31
CA ARG E 90 -25.77 -12.79 0.10
C ARG E 90 -25.61 -11.50 0.88
N ILE E 91 -25.44 -10.37 0.20
CA ILE E 91 -25.44 -9.09 0.92
C ILE E 91 -26.85 -8.71 1.35
N ALA E 92 -27.85 -9.07 0.54
CA ALA E 92 -29.24 -8.86 0.95
C ALA E 92 -29.56 -9.68 2.20
N VAL E 93 -29.14 -10.95 2.22
CA VAL E 93 -29.33 -11.79 3.40
C VAL E 93 -28.59 -11.20 4.60
N MET E 94 -27.36 -10.74 4.39
CA MET E 94 -26.59 -10.16 5.49
C MET E 94 -27.27 -8.92 6.06
N ASN E 95 -27.93 -8.13 5.21
CA ASN E 95 -28.74 -7.03 5.69
C ASN E 95 -29.88 -7.52 6.57
N GLY E 96 -30.54 -8.61 6.16
CA GLY E 96 -31.62 -9.16 6.96
C GLY E 96 -31.16 -9.70 8.30
N LYS E 97 -29.93 -10.23 8.37
CA LYS E 97 -29.41 -10.74 9.63
C LYS E 97 -29.05 -9.61 10.58
N CYS E 98 -28.58 -8.48 10.06
CA CYS E 98 -28.36 -7.31 10.90
C CYS E 98 -29.68 -6.82 11.51
N ILE E 99 -30.76 -6.85 10.73
CA ILE E 99 -32.07 -6.47 11.25
C ILE E 99 -32.52 -7.41 12.35
N ASN E 100 -32.31 -8.72 12.16
CA ASN E 100 -32.61 -9.69 13.21
C ASN E 100 -31.85 -9.35 14.49
N ILE E 101 -30.56 -9.03 14.36
CA ILE E 101 -29.72 -8.81 15.54
C ILE E 101 -30.18 -7.55 16.29
N VAL E 102 -30.44 -6.46 15.55
CA VAL E 102 -30.91 -5.23 16.18
C VAL E 102 -32.27 -5.45 16.82
N ALA E 103 -33.17 -6.13 16.12
CA ALA E 103 -34.52 -6.35 16.65
C ALA E 103 -34.49 -7.25 17.88
N ASN E 104 -33.58 -8.23 17.92
CA ASN E 104 -33.46 -9.09 19.09
C ASN E 104 -32.75 -8.38 20.23
N LEU E 105 -31.84 -7.45 19.91
CA LEU E 105 -31.26 -6.59 20.93
C LEU E 105 -32.34 -5.76 21.62
N TRP E 106 -33.38 -5.38 20.88
CA TRP E 106 -34.50 -4.62 21.41
C TRP E 106 -35.64 -5.51 21.88
N ASN E 107 -35.39 -6.81 22.05
CA ASN E 107 -36.35 -7.75 22.64
C ASN E 107 -37.66 -7.80 21.85
N SER E 108 -37.56 -7.81 20.53
CA SER E 108 -38.73 -8.01 19.70
C SER E 108 -39.39 -9.34 20.03
N PRO E 109 -40.72 -9.39 20.18
CA PRO E 109 -41.41 -10.65 20.39
C PRO E 109 -41.84 -11.38 19.12
N GLU E 110 -41.54 -10.85 17.93
CA GLU E 110 -41.92 -11.50 16.70
C GLU E 110 -41.33 -12.90 16.64
N LYS E 111 -42.15 -13.88 16.28
CA LYS E 111 -41.71 -15.27 16.28
C LYS E 111 -41.04 -15.70 14.99
N ASP E 112 -41.28 -15.01 13.87
CA ASP E 112 -40.56 -15.34 12.65
C ASP E 112 -39.07 -15.09 12.88
N THR E 113 -38.24 -15.98 12.32
CA THR E 113 -36.79 -15.81 12.44
C THR E 113 -36.33 -14.50 11.82
N TRP E 114 -36.94 -14.09 10.72
CA TRP E 114 -36.55 -12.89 10.00
C TRP E 114 -37.44 -11.74 10.44
N LYS E 115 -36.85 -10.82 11.20
CA LYS E 115 -37.59 -9.74 11.82
C LYS E 115 -37.88 -8.63 10.81
N THR E 116 -38.85 -7.80 11.16
CA THR E 116 -39.33 -6.74 10.27
C THR E 116 -38.54 -5.48 10.56
N GLY E 117 -37.74 -5.04 9.59
CA GLY E 117 -36.95 -3.84 9.75
C GLY E 117 -36.48 -3.34 8.40
N ALA E 118 -35.78 -2.20 8.43
CA ALA E 118 -35.31 -1.58 7.21
C ALA E 118 -33.94 -0.95 7.43
N LEU E 119 -33.06 -1.12 6.44
CA LEU E 119 -31.82 -0.37 6.39
C LEU E 119 -32.10 1.09 6.02
N ALA E 120 -31.32 1.99 6.59
CA ALA E 120 -31.48 3.41 6.29
C ALA E 120 -30.11 4.07 6.22
N ILE E 121 -30.09 5.28 5.62
CA ILE E 121 -28.87 6.05 5.56
C ILE E 121 -28.53 6.66 6.91
N GLY E 122 -29.53 6.80 7.78
CA GLY E 122 -29.32 7.33 9.11
C GLY E 122 -30.60 7.28 9.90
N SER E 123 -30.56 7.86 11.10
CA SER E 123 -31.79 7.95 11.89
C SER E 123 -32.83 8.80 11.18
N SER E 124 -32.39 9.75 10.36
CA SER E 124 -33.31 10.62 9.62
C SER E 124 -34.32 9.82 8.82
N GLU E 125 -33.83 8.97 7.91
CA GLU E 125 -34.73 8.17 7.09
C GLU E 125 -35.45 7.11 7.92
N ALA E 126 -34.78 6.57 8.95
CA ALA E 126 -35.41 5.57 9.80
C ALA E 126 -36.56 6.16 10.61
N CYS E 127 -36.39 7.39 11.12
CA CYS E 127 -37.48 8.05 11.84
C CYS E 127 -38.65 8.32 10.92
N MET E 128 -38.39 8.80 9.70
CA MET E 128 -39.47 9.09 8.77
C MET E 128 -40.26 7.84 8.42
N LEU E 129 -39.57 6.72 8.21
CA LEU E 129 -40.26 5.46 7.94
C LEU E 129 -41.15 5.06 9.11
N GLY E 130 -40.66 5.23 10.34
CA GLY E 130 -41.49 5.00 11.50
C GLY E 130 -42.70 5.93 11.54
N GLY E 131 -42.48 7.22 11.25
CA GLY E 131 -43.59 8.16 11.25
C GLY E 131 -44.59 7.89 10.13
N VAL E 132 -44.09 7.57 8.93
CA VAL E 132 -44.99 7.27 7.82
C VAL E 132 -45.81 6.02 8.11
N ALA E 133 -45.19 5.00 8.70
CA ALA E 133 -45.93 3.80 9.06
C ALA E 133 -47.00 4.10 10.09
N ALA E 134 -46.67 4.91 11.11
CA ALA E 134 -47.67 5.31 12.10
C ALA E 134 -48.81 6.10 11.45
N TRP E 135 -48.48 6.97 10.49
CA TRP E 135 -49.50 7.76 9.82
C TRP E 135 -50.43 6.89 8.98
N LEU E 136 -49.88 5.88 8.30
CA LEU E 136 -50.72 5.00 7.47
C LEU E 136 -51.59 4.08 8.32
N ARG E 137 -51.05 3.59 9.44
CA ARG E 137 -51.88 2.80 10.36
C ARG E 137 -53.03 3.64 10.91
N TRP E 138 -52.77 4.91 11.19
CA TRP E 138 -53.82 5.79 11.72
C TRP E 138 -54.88 6.09 10.67
N ARG E 139 -54.46 6.34 9.43
CA ARG E 139 -55.41 6.55 8.34
C ARG E 139 -56.30 5.32 8.17
N LYS E 140 -55.72 4.13 8.31
CA LYS E 140 -56.47 2.90 8.11
C LYS E 140 -57.51 2.69 9.21
N LYS E 141 -57.17 3.05 10.45
CA LYS E 141 -58.14 2.98 11.53
C LYS E 141 -59.31 3.93 11.28
N ARG E 142 -59.00 5.20 11.00
CA ARG E 142 -60.03 6.22 10.89
C ARG E 142 -60.94 6.00 9.69
N GLN E 143 -60.41 5.45 8.58
CA GLN E 143 -61.28 5.10 7.46
C GLN E 143 -62.26 3.99 7.85
N ALA E 144 -61.74 2.92 8.47
CA ALA E 144 -62.58 1.80 8.86
C ALA E 144 -63.62 2.18 9.90
N GLN E 145 -63.44 3.31 10.59
CA GLN E 145 -64.38 3.78 11.58
C GLN E 145 -65.30 4.89 11.06
N GLY E 146 -65.02 5.42 9.86
CA GLY E 146 -65.80 6.53 9.33
C GLY E 146 -65.45 7.89 9.88
N LYS E 147 -64.30 8.03 10.54
CA LYS E 147 -63.87 9.31 11.08
C LYS E 147 -62.96 10.02 10.09
N PRO E 148 -62.83 11.34 10.18
CA PRO E 148 -61.93 12.06 9.28
C PRO E 148 -60.48 11.65 9.47
N PHE E 149 -59.69 11.85 8.42
CA PHE E 149 -58.27 11.50 8.45
C PHE E 149 -57.44 12.51 7.67
N ASP E 150 -57.82 13.78 7.69
CA ASP E 150 -57.11 14.80 6.92
C ASP E 150 -56.20 15.70 7.75
N LYS E 151 -56.33 15.71 9.08
CA LYS E 151 -55.55 16.59 9.93
C LYS E 151 -54.77 15.82 10.99
N PRO E 152 -53.82 14.98 10.57
CA PRO E 152 -53.04 14.20 11.54
C PRO E 152 -52.09 15.08 12.33
N ASN E 153 -51.74 14.59 13.52
CA ASN E 153 -50.70 15.23 14.34
C ASN E 153 -49.93 14.16 15.09
N PHE E 154 -48.77 14.56 15.62
CA PHE E 154 -48.01 13.71 16.51
C PHE E 154 -47.43 14.56 17.63
N VAL E 155 -47.07 13.91 18.73
CA VAL E 155 -46.64 14.58 19.95
C VAL E 155 -45.18 14.24 20.21
N ILE E 156 -44.39 15.25 20.53
CA ILE E 156 -42.95 15.08 20.74
C ILE E 156 -42.46 16.19 21.67
N SER E 157 -41.38 15.91 22.38
CA SER E 157 -40.74 16.94 23.20
C SER E 157 -40.15 18.04 22.33
N THR E 158 -40.06 19.24 22.89
CA THR E 158 -39.39 20.34 22.21
C THR E 158 -37.91 20.08 21.98
N GLY E 159 -37.33 19.09 22.64
CA GLY E 159 -35.95 18.71 22.42
C GLY E 159 -35.75 17.81 21.21
N PHE E 160 -36.67 17.85 20.26
CA PHE E 160 -36.57 17.02 19.07
C PHE E 160 -35.41 17.46 18.20
N GLN E 161 -34.90 16.52 17.42
CA GLN E 161 -33.92 16.80 16.39
C GLN E 161 -34.62 17.17 15.09
N VAL E 162 -33.89 17.88 14.23
CA VAL E 162 -34.49 18.55 13.07
C VAL E 162 -35.23 17.60 12.13
N VAL E 163 -34.92 16.30 12.15
CA VAL E 163 -35.58 15.39 11.23
C VAL E 163 -37.07 15.32 11.47
N TRP E 164 -37.50 15.53 12.72
CA TRP E 164 -38.93 15.51 13.01
C TRP E 164 -39.64 16.74 12.46
N GLU E 165 -38.93 17.87 12.31
CA GLU E 165 -39.54 19.00 11.61
C GLU E 165 -39.62 18.75 10.12
N LYS E 166 -38.57 18.14 9.53
CA LYS E 166 -38.66 17.73 8.14
C LYS E 166 -39.84 16.80 7.91
N PHE E 167 -40.02 15.82 8.79
CA PHE E 167 -41.16 14.90 8.69
C PHE E 167 -42.47 15.68 8.72
N ALA E 168 -42.58 16.63 9.64
CA ALA E 168 -43.80 17.44 9.74
C ALA E 168 -44.02 18.27 8.48
N GLN E 169 -42.95 18.83 7.92
CA GLN E 169 -43.10 19.69 6.75
C GLN E 169 -43.31 18.88 5.48
N LEU E 170 -42.54 17.81 5.28
CA LEU E 170 -42.58 17.08 4.03
C LEU E 170 -43.83 16.21 3.89
N TRP E 171 -44.47 15.82 4.99
CA TRP E 171 -45.74 15.11 4.94
C TRP E 171 -46.92 15.93 5.40
N GLN E 172 -46.71 17.20 5.76
CA GLN E 172 -47.76 18.10 6.22
C GLN E 172 -48.55 17.47 7.37
N ILE E 173 -47.83 17.14 8.44
CA ILE E 173 -48.40 16.57 9.65
C ILE E 173 -48.10 17.52 10.81
N GLU E 174 -49.13 17.87 11.56
CA GLU E 174 -48.98 18.84 12.65
C GLU E 174 -48.10 18.28 13.76
N MET E 175 -47.10 19.05 14.16
CA MET E 175 -46.23 18.69 15.28
C MET E 175 -46.69 19.41 16.55
N ARG E 176 -46.91 18.65 17.61
CA ARG E 176 -47.31 19.18 18.90
C ARG E 176 -46.17 18.97 19.89
N GLU E 177 -45.65 20.07 20.42
CA GLU E 177 -44.40 20.07 21.18
C GLU E 177 -44.69 20.20 22.67
N VAL E 178 -44.04 19.35 23.46
CA VAL E 178 -44.16 19.37 24.91
C VAL E 178 -42.93 20.08 25.48
N PRO E 179 -43.07 21.22 26.15
CA PRO E 179 -41.89 21.99 26.55
C PRO E 179 -41.10 21.34 27.67
N LEU E 180 -39.81 21.65 27.71
CA LEU E 180 -38.93 21.30 28.82
C LEU E 180 -38.99 22.37 29.89
N THR E 181 -38.92 21.93 31.16
CA THR E 181 -38.74 22.83 32.29
C THR E 181 -37.75 22.19 33.25
N LEU E 182 -37.36 22.96 34.28
CA LEU E 182 -36.43 22.44 35.28
C LEU E 182 -37.07 21.38 36.17
N GLU E 183 -38.40 21.35 36.27
CA GLU E 183 -39.05 20.27 37.00
C GLU E 183 -39.25 19.03 36.12
N LYS E 184 -39.46 19.21 34.83
CA LYS E 184 -39.64 18.11 33.87
C LYS E 184 -38.58 18.26 32.79
N THR E 185 -37.37 17.75 33.09
CA THR E 185 -36.23 17.89 32.20
C THR E 185 -36.30 16.95 31.00
N THR E 186 -37.27 16.03 30.96
CA THR E 186 -37.51 15.19 29.80
C THR E 186 -39.01 15.18 29.52
N LEU E 187 -39.41 14.44 28.48
CA LEU E 187 -40.81 14.38 28.09
C LEU E 187 -41.66 13.87 29.25
N ASP E 188 -42.60 14.69 29.69
CA ASP E 188 -43.49 14.33 30.80
C ASP E 188 -44.73 13.64 30.28
N PRO E 189 -45.05 12.42 30.75
CA PRO E 189 -46.21 11.70 30.22
C PRO E 189 -47.53 12.43 30.42
N GLU E 190 -47.75 13.01 31.61
CA GLU E 190 -49.02 13.68 31.88
C GLU E 190 -49.23 14.86 30.92
N GLU E 191 -48.19 15.63 30.66
CA GLU E 191 -48.31 16.77 29.76
C GLU E 191 -48.42 16.32 28.31
N ALA E 192 -47.82 15.17 27.97
CA ALA E 192 -47.93 14.66 26.61
C ALA E 192 -49.36 14.24 26.28
N LEU E 193 -50.06 13.63 27.24
CA LEU E 193 -51.43 13.20 27.00
C LEU E 193 -52.36 14.40 26.83
N LYS E 194 -52.02 15.54 27.42
CA LYS E 194 -52.85 16.74 27.24
C LYS E 194 -52.86 17.24 25.81
N MET E 195 -51.94 16.78 24.96
CA MET E 195 -51.88 17.18 23.56
C MET E 195 -52.37 16.09 22.62
N CYS E 196 -52.79 14.94 23.14
CA CYS E 196 -53.29 13.87 22.30
C CYS E 196 -54.78 14.04 22.04
N ASP E 197 -55.23 13.50 20.92
CA ASP E 197 -56.64 13.50 20.55
C ASP E 197 -56.86 12.43 19.49
N GLU E 198 -58.05 12.42 18.88
CA GLU E 198 -58.38 11.41 17.88
C GLU E 198 -57.51 11.51 16.64
N ASN E 199 -56.79 12.62 16.45
CA ASN E 199 -55.98 12.83 15.26
C ASN E 199 -54.50 12.56 15.48
N THR E 200 -54.11 12.08 16.66
CA THR E 200 -52.71 11.85 16.97
C THR E 200 -52.27 10.49 16.43
N ILE E 201 -51.21 10.50 15.61
CA ILE E 201 -50.75 9.26 14.99
C ILE E 201 -49.80 8.46 15.88
N CYS E 202 -49.04 9.13 16.75
CA CYS E 202 -48.18 8.45 17.73
C CYS E 202 -47.53 9.48 18.63
N VAL E 203 -46.87 9.00 19.67
CA VAL E 203 -46.06 9.82 20.56
C VAL E 203 -44.61 9.35 20.41
N VAL E 204 -43.69 10.30 20.38
CA VAL E 204 -42.30 9.97 20.09
C VAL E 204 -41.40 10.35 21.26
N PRO E 205 -41.12 9.44 22.17
CA PRO E 205 -40.06 9.67 23.16
C PRO E 205 -38.68 9.46 22.55
N ILE E 206 -37.71 10.14 23.12
CA ILE E 206 -36.35 10.19 22.57
C ILE E 206 -35.38 9.59 23.56
N GLN E 207 -34.57 8.63 23.10
CA GLN E 207 -33.49 8.03 23.90
C GLN E 207 -32.18 8.65 23.44
N GLY E 208 -31.69 9.61 24.21
CA GLY E 208 -30.52 10.37 23.82
C GLY E 208 -30.90 11.70 23.20
N VAL E 209 -31.63 12.51 23.96
CA VAL E 209 -32.03 13.84 23.49
C VAL E 209 -30.78 14.62 23.12
N THR E 210 -30.74 15.10 21.88
CA THR E 210 -29.52 15.73 21.35
C THR E 210 -29.10 16.94 22.18
N TRP E 211 -30.06 17.68 22.74
CA TRP E 211 -29.72 18.90 23.47
C TRP E 211 -29.32 18.64 24.91
N THR E 212 -29.76 17.53 25.50
CA THR E 212 -29.57 17.30 26.93
C THR E 212 -28.86 15.99 27.25
N GLY E 213 -28.90 15.00 26.35
CA GLY E 213 -28.28 13.72 26.61
C GLY E 213 -29.13 12.76 27.41
N LEU E 214 -30.32 13.16 27.84
CA LEU E 214 -31.16 12.34 28.69
C LEU E 214 -32.05 11.41 27.86
N ASN E 215 -32.71 10.49 28.56
CA ASN E 215 -33.66 9.56 27.97
C ASN E 215 -35.06 9.89 28.46
N ASP E 216 -35.99 10.10 27.54
CA ASP E 216 -37.41 10.15 27.90
C ASP E 216 -37.83 8.82 28.50
N ASP E 217 -38.62 8.88 29.56
CA ASP E 217 -39.02 7.70 30.31
C ASP E 217 -40.13 6.99 29.53
N VAL E 218 -39.72 6.00 28.73
CA VAL E 218 -40.66 5.34 27.84
C VAL E 218 -41.66 4.50 28.63
N GLU E 219 -41.20 3.83 29.68
CA GLU E 219 -42.09 2.96 30.46
C GLU E 219 -43.20 3.75 31.12
N ALA E 220 -42.89 4.93 31.65
CA ALA E 220 -43.93 5.78 32.23
C ALA E 220 -44.90 6.26 31.18
N LEU E 221 -44.39 6.56 29.97
CA LEU E 221 -45.27 6.95 28.88
C LEU E 221 -46.18 5.81 28.45
N ASP E 222 -45.64 4.58 28.44
CA ASP E 222 -46.45 3.42 28.11
C ASP E 222 -47.52 3.18 29.17
N LYS E 223 -47.15 3.30 30.44
CA LYS E 223 -48.12 3.13 31.53
C LYS E 223 -49.24 4.15 31.42
N ALA E 224 -48.91 5.41 31.08
CA ALA E 224 -49.92 6.44 30.93
C ALA E 224 -50.73 6.24 29.66
N LEU E 225 -50.07 5.87 28.55
CA LEU E 225 -50.78 5.70 27.29
C LEU E 225 -51.78 4.56 27.35
N ASP E 226 -51.48 3.50 28.09
CA ASP E 226 -52.40 2.38 28.22
C ASP E 226 -53.69 2.80 28.90
N ALA E 227 -53.59 3.61 29.95
CA ALA E 227 -54.79 4.11 30.61
C ALA E 227 -55.57 5.06 29.71
N TYR E 228 -54.87 5.94 28.99
CA TYR E 228 -55.53 6.88 28.10
C TYR E 228 -56.17 6.16 26.92
N ASN E 229 -55.50 5.15 26.37
CA ASN E 229 -56.06 4.42 25.24
C ASN E 229 -57.27 3.59 25.64
N ALA E 230 -57.30 3.09 26.88
CA ALA E 230 -58.46 2.34 27.33
C ALA E 230 -59.67 3.24 27.54
N LYS E 231 -59.43 4.48 27.99
CA LYS E 231 -60.52 5.42 28.24
C LYS E 231 -61.08 6.02 26.96
N THR E 232 -60.24 6.19 25.93
CA THR E 232 -60.64 6.88 24.71
C THR E 232 -60.84 5.97 23.51
N GLY E 233 -60.08 4.89 23.42
CA GLY E 233 -60.12 4.06 22.23
C GLY E 233 -59.33 4.60 21.05
N TYR E 234 -58.51 5.65 21.25
CA TYR E 234 -57.78 6.23 20.14
C TYR E 234 -56.63 5.35 19.67
N ASP E 235 -56.11 4.49 20.56
CA ASP E 235 -55.05 3.54 20.22
C ASP E 235 -53.80 4.25 19.69
N ILE E 236 -53.34 5.24 20.43
CA ILE E 236 -52.15 6.02 20.06
C ILE E 236 -50.90 5.21 20.42
N PRO E 237 -50.04 4.90 19.44
CA PRO E 237 -48.84 4.09 19.74
C PRO E 237 -47.61 4.94 20.05
N ILE E 238 -46.48 4.26 20.23
CA ILE E 238 -45.20 4.91 20.51
C ILE E 238 -44.20 4.51 19.43
N HIS E 239 -43.50 5.49 18.88
CA HIS E 239 -42.26 5.27 18.13
C HIS E 239 -41.11 5.87 18.93
N VAL E 240 -40.10 5.04 19.22
CA VAL E 240 -38.96 5.47 20.01
C VAL E 240 -37.85 5.94 19.07
N ASP E 241 -37.55 7.23 19.12
CA ASP E 241 -36.38 7.78 18.44
C ASP E 241 -35.18 7.55 19.35
N ALA E 242 -34.43 6.48 19.07
CA ALA E 242 -33.30 6.07 19.90
C ALA E 242 -31.98 6.20 19.14
N ALA E 243 -31.80 7.32 18.43
CA ALA E 243 -30.62 7.50 17.58
C ALA E 243 -29.33 7.20 18.32
N SER E 244 -29.17 7.77 19.52
CA SER E 244 -28.01 7.48 20.35
C SER E 244 -28.25 6.26 21.25
N GLY E 245 -29.29 6.32 22.07
CA GLY E 245 -29.50 5.33 23.12
C GLY E 245 -29.77 3.93 22.60
N GLY E 246 -30.17 3.78 21.34
CA GLY E 246 -30.49 2.47 20.81
C GLY E 246 -29.34 1.49 20.84
N PHE E 247 -28.11 1.98 20.81
CA PHE E 247 -26.92 1.15 20.92
C PHE E 247 -26.25 1.27 22.28
N ILE E 248 -26.88 1.91 23.25
CA ILE E 248 -26.38 2.01 24.61
C ILE E 248 -27.22 1.18 25.59
N LEU E 249 -28.54 1.38 25.56
CA LEU E 249 -29.42 0.74 26.54
C LEU E 249 -29.33 -0.79 26.57
N PRO E 250 -29.33 -1.50 25.44
CA PRO E 250 -29.29 -2.97 25.52
C PRO E 250 -28.04 -3.52 26.19
N PHE E 251 -26.93 -2.78 26.16
CA PHE E 251 -25.66 -3.28 26.69
C PHE E 251 -25.40 -2.84 28.13
N LEU E 252 -25.81 -1.62 28.51
CA LEU E 252 -25.51 -1.08 29.82
C LEU E 252 -26.70 -1.06 30.77
N TYR E 253 -27.93 -1.01 30.24
CA TYR E 253 -29.14 -0.99 31.07
C TYR E 253 -30.11 -2.06 30.57
N PRO E 254 -29.72 -3.34 30.62
CA PRO E 254 -30.58 -4.39 30.07
C PRO E 254 -31.93 -4.50 30.77
N ASP E 255 -32.01 -4.11 32.03
CA ASP E 255 -33.24 -4.26 32.80
C ASP E 255 -34.17 -3.06 32.68
N THR E 256 -33.75 -1.98 32.03
CA THR E 256 -34.64 -0.87 31.76
C THR E 256 -35.58 -1.23 30.63
N LYS E 257 -36.89 -1.27 30.93
CA LYS E 257 -37.90 -1.59 29.92
C LYS E 257 -38.22 -0.34 29.13
N TRP E 258 -37.67 -0.26 27.92
CA TRP E 258 -37.89 0.88 27.03
C TRP E 258 -38.24 0.47 25.61
N ASP E 259 -38.15 -0.81 25.28
CA ASP E 259 -38.17 -1.26 23.90
C ASP E 259 -39.44 -2.04 23.58
N PHE E 260 -39.30 -3.12 22.80
CA PHE E 260 -40.45 -3.90 22.38
C PHE E 260 -41.07 -4.70 23.51
N ARG E 261 -40.46 -4.71 24.70
CA ARG E 261 -41.10 -5.30 25.86
C ARG E 261 -42.32 -4.50 26.31
N LEU E 262 -42.46 -3.26 25.84
CA LEU E 262 -43.58 -2.42 26.23
C LEU E 262 -44.72 -2.58 25.23
N LYS E 263 -45.95 -2.55 25.74
CA LYS E 263 -47.13 -2.87 24.93
C LYS E 263 -47.26 -1.97 23.72
N TRP E 264 -47.08 -0.66 23.91
CA TRP E 264 -47.42 0.32 22.89
C TRP E 264 -46.23 0.79 22.06
N VAL E 265 -45.04 0.23 22.29
CA VAL E 265 -43.87 0.55 21.48
C VAL E 265 -43.94 -0.31 20.22
N LEU E 266 -44.35 0.30 19.10
CA LEU E 266 -44.51 -0.44 17.85
C LEU E 266 -43.33 -0.29 16.89
N SER E 267 -42.48 0.71 17.07
CA SER E 267 -41.32 0.86 16.21
C SER E 267 -40.22 1.62 16.94
N ILE E 268 -38.97 1.36 16.54
CA ILE E 268 -37.78 1.95 17.15
C ILE E 268 -36.79 2.25 16.03
N SER E 269 -36.11 3.39 16.12
CA SER E 269 -35.08 3.76 15.15
C SER E 269 -33.78 4.11 15.87
N VAL E 270 -32.67 3.99 15.16
CA VAL E 270 -31.34 4.19 15.73
C VAL E 270 -30.39 4.61 14.62
N SER E 271 -29.33 5.32 15.00
CA SER E 271 -28.24 5.68 14.10
C SER E 271 -27.11 4.66 14.27
N GLY E 272 -26.87 3.86 13.23
CA GLY E 272 -25.75 2.94 13.25
C GLY E 272 -24.39 3.61 13.25
N HIS E 273 -24.29 4.84 12.76
CA HIS E 273 -23.00 5.53 12.61
C HIS E 273 -22.69 6.45 13.78
N LYS E 274 -23.39 6.32 14.90
CA LYS E 274 -23.07 7.09 16.10
C LYS E 274 -22.43 6.22 17.16
N PHE E 275 -23.22 5.34 17.79
CA PHE E 275 -22.71 4.41 18.78
C PHE E 275 -22.82 2.97 18.33
N GLY E 276 -23.35 2.73 17.12
CA GLY E 276 -23.14 1.46 16.44
C GLY E 276 -21.73 1.27 15.94
N LEU E 277 -20.91 2.32 15.96
CA LEU E 277 -19.47 2.26 15.70
C LEU E 277 -19.16 1.99 14.23
N VAL E 278 -19.98 2.51 13.32
CA VAL E 278 -19.78 2.36 11.88
C VAL E 278 -19.61 3.74 11.25
N TYR E 279 -18.83 3.79 10.17
CA TYR E 279 -18.65 5.02 9.40
C TYR E 279 -20.00 5.57 8.93
N PRO E 280 -20.06 6.88 8.63
CA PRO E 280 -21.33 7.50 8.25
C PRO E 280 -22.07 6.76 7.12
N GLY E 281 -23.39 6.66 7.27
CA GLY E 281 -24.22 6.10 6.23
C GLY E 281 -25.11 4.95 6.66
N LEU E 282 -25.47 4.89 7.94
CA LEU E 282 -26.13 3.72 8.48
C LEU E 282 -27.21 4.10 9.49
N GLY E 283 -28.42 3.59 9.28
CA GLY E 283 -29.48 3.67 10.28
C GLY E 283 -30.35 2.44 10.20
N TRP E 284 -31.07 2.19 11.30
CA TRP E 284 -31.97 1.04 11.40
C TRP E 284 -33.30 1.47 11.98
N VAL E 285 -34.38 0.90 11.45
CA VAL E 285 -35.71 1.00 12.05
C VAL E 285 -36.30 -0.40 12.12
N CYS E 286 -36.85 -0.75 13.27
CA CYS E 286 -37.52 -2.03 13.45
C CYS E 286 -38.95 -1.81 13.92
N TRP E 287 -39.82 -2.74 13.57
CA TRP E 287 -41.20 -2.77 14.03
C TRP E 287 -41.43 -3.98 14.94
N LYS E 288 -42.40 -3.85 15.84
CA LYS E 288 -42.69 -4.93 16.78
C LYS E 288 -43.06 -6.22 16.06
N GLY E 289 -43.69 -6.10 14.89
CA GLY E 289 -44.05 -7.28 14.10
C GLY E 289 -44.50 -6.85 12.72
N LYS E 290 -44.66 -7.86 11.86
CA LYS E 290 -44.99 -7.60 10.47
C LYS E 290 -46.33 -6.86 10.32
N GLU E 291 -47.26 -7.08 11.27
CA GLU E 291 -48.59 -6.51 11.16
C GLU E 291 -48.65 -5.02 11.49
N TYR E 292 -47.57 -4.44 12.01
CA TYR E 292 -47.51 -3.01 12.25
C TYR E 292 -46.81 -2.25 11.14
N LEU E 293 -46.30 -2.95 10.13
CA LEU E 293 -45.78 -2.31 8.92
C LEU E 293 -46.84 -2.38 7.85
N PRO E 294 -47.40 -1.25 7.41
CA PRO E 294 -48.53 -1.30 6.47
C PRO E 294 -48.14 -1.94 5.14
N GLU E 295 -49.13 -2.55 4.50
CA GLU E 295 -48.91 -3.25 3.23
C GLU E 295 -48.37 -2.31 2.16
N GLU E 296 -48.78 -1.03 2.20
CA GLU E 296 -48.35 -0.07 1.19
C GLU E 296 -46.84 0.15 1.18
N MET E 297 -46.15 -0.19 2.27
CA MET E 297 -44.75 0.16 2.41
C MET E 297 -43.79 -1.00 2.16
N SER E 298 -44.26 -2.24 2.14
CA SER E 298 -43.36 -3.38 2.15
C SER E 298 -43.76 -4.43 1.11
N PHE E 299 -42.74 -5.01 0.48
CA PHE E 299 -42.88 -6.22 -0.32
C PHE E 299 -41.70 -7.15 -0.06
N SER E 300 -42.00 -8.44 0.03
CA SER E 300 -41.06 -9.44 0.51
C SER E 300 -40.71 -10.42 -0.62
N VAL E 301 -39.44 -10.79 -0.69
CA VAL E 301 -38.95 -11.72 -1.72
C VAL E 301 -38.29 -12.93 -1.09
N ILE E 308 -37.18 -11.74 3.70
CA ILE E 308 -36.53 -10.51 3.26
C ILE E 308 -37.56 -9.53 2.74
N THR E 309 -37.81 -8.47 3.50
CA THR E 309 -38.71 -7.39 3.12
C THR E 309 -37.95 -6.17 2.61
N GLN E 310 -38.47 -5.59 1.52
CA GLN E 310 -37.86 -4.43 0.87
C GLN E 310 -38.64 -3.18 1.27
N VAL E 311 -38.10 -2.43 2.24
CA VAL E 311 -38.67 -1.18 2.72
C VAL E 311 -37.59 -0.11 2.67
N GLY E 312 -37.98 1.11 2.37
CA GLY E 312 -37.05 2.23 2.46
C GLY E 312 -37.32 3.27 1.41
N LEU E 313 -36.63 4.41 1.57
CA LEU E 313 -36.77 5.54 0.67
C LEU E 313 -35.84 5.48 -0.53
N ASN E 314 -34.72 4.79 -0.40
CA ASN E 314 -33.71 4.74 -1.45
C ASN E 314 -33.86 3.49 -2.31
N PHE E 315 -33.15 3.49 -3.44
CA PHE E 315 -32.98 2.30 -4.26
C PHE E 315 -31.50 1.94 -4.27
N SER E 316 -30.76 2.43 -5.26
CA SER E 316 -29.31 2.27 -5.24
C SER E 316 -28.72 3.04 -4.06
N ARG E 317 -27.76 2.41 -3.38
CA ARG E 317 -27.08 3.02 -2.26
C ARG E 317 -25.81 2.24 -1.98
N PRO E 318 -24.83 2.84 -1.30
CA PRO E 318 -23.61 2.10 -0.98
C PRO E 318 -23.91 0.95 -0.01
N ALA E 319 -23.23 -0.18 -0.23
CA ALA E 319 -23.38 -1.36 0.61
C ALA E 319 -22.32 -1.46 1.70
N ALA E 320 -21.30 -0.61 1.66
CA ALA E 320 -20.17 -0.73 2.60
C ALA E 320 -20.63 -0.72 4.05
N GLN E 321 -21.62 0.10 4.38
CA GLN E 321 -22.01 0.25 5.78
C GLN E 321 -22.68 -1.01 6.33
N ILE E 322 -23.33 -1.81 5.48
CA ILE E 322 -23.87 -3.09 5.94
C ILE E 322 -22.73 -4.00 6.38
N LEU E 323 -21.69 -4.11 5.55
CA LEU E 323 -20.55 -4.94 5.89
C LEU E 323 -19.89 -4.47 7.18
N GLY E 324 -19.77 -3.14 7.35
CA GLY E 324 -19.17 -2.60 8.56
C GLY E 324 -19.95 -2.97 9.80
N GLN E 325 -21.28 -2.82 9.75
CA GLN E 325 -22.12 -3.19 10.89
C GLN E 325 -21.99 -4.67 11.20
N TYR E 326 -22.10 -5.52 10.18
CA TYR E 326 -22.01 -6.96 10.40
C TYR E 326 -20.63 -7.36 10.90
N TYR E 327 -19.58 -6.70 10.41
CA TYR E 327 -18.25 -6.92 10.94
C TYR E 327 -18.19 -6.61 12.43
N GLN E 328 -18.77 -5.48 12.85
CA GLN E 328 -18.73 -5.10 14.25
C GLN E 328 -19.49 -6.08 15.13
N PHE E 329 -20.65 -6.56 14.67
CA PHE E 329 -21.38 -7.56 15.44
C PHE E 329 -20.55 -8.81 15.68
N ILE E 330 -19.84 -9.27 14.65
CA ILE E 330 -19.02 -10.48 14.80
C ILE E 330 -17.75 -10.17 15.58
N ARG E 331 -17.09 -9.05 15.29
CA ARG E 331 -15.81 -8.77 15.93
C ARG E 331 -15.97 -8.46 17.41
N LEU E 332 -16.99 -7.68 17.77
CA LEU E 332 -17.18 -7.29 19.15
C LEU E 332 -18.07 -8.26 19.92
N GLY E 333 -19.18 -8.67 19.32
CA GLY E 333 -20.15 -9.43 20.09
C GLY E 333 -20.78 -8.55 21.15
N PHE E 334 -21.58 -9.19 22.01
CA PHE E 334 -22.25 -8.46 23.08
C PHE E 334 -21.24 -7.87 24.06
N GLN E 335 -20.30 -8.70 24.53
CA GLN E 335 -19.31 -8.22 25.49
C GLN E 335 -18.42 -7.12 24.90
N GLY E 336 -18.06 -7.25 23.62
CA GLY E 336 -17.22 -6.24 23.00
C GLY E 336 -17.91 -4.90 22.90
N TYR E 337 -19.17 -4.90 22.45
CA TYR E 337 -19.96 -3.67 22.46
C TYR E 337 -20.10 -3.13 23.87
N LYS E 338 -20.36 -4.00 24.85
CA LYS E 338 -20.56 -3.55 26.21
C LYS E 338 -19.31 -2.85 26.75
N GLU E 339 -18.13 -3.39 26.45
CA GLU E 339 -16.89 -2.79 26.93
C GLU E 339 -16.64 -1.43 26.30
N VAL E 340 -16.96 -1.28 25.01
CA VAL E 340 -16.75 -0.01 24.34
C VAL E 340 -17.67 1.07 24.91
N GLN E 341 -18.97 0.76 25.01
CA GLN E 341 -19.92 1.74 25.54
C GLN E 341 -19.67 2.00 27.03
N TYR E 342 -19.21 1.00 27.77
CA TYR E 342 -18.91 1.20 29.19
C TYR E 342 -17.79 2.20 29.38
N ASN E 343 -16.71 2.06 28.61
CA ASN E 343 -15.59 2.98 28.74
C ASN E 343 -15.99 4.40 28.36
N SER E 344 -16.81 4.55 27.32
CA SER E 344 -17.31 5.86 26.93
C SER E 344 -18.14 6.49 28.05
N LEU E 345 -19.03 5.70 28.66
CA LEU E 345 -19.89 6.23 29.71
C LEU E 345 -19.08 6.59 30.96
N GLN E 346 -18.09 5.78 31.30
CA GLN E 346 -17.28 6.06 32.48
C GLN E 346 -16.51 7.37 32.34
N ILE E 347 -15.91 7.60 31.17
CA ILE E 347 -15.18 8.84 30.94
C ILE E 347 -16.13 10.02 30.96
N ALA E 348 -17.35 9.84 30.45
CA ALA E 348 -18.35 10.90 30.51
C ALA E 348 -18.72 11.22 31.96
N LYS E 349 -18.95 10.18 32.77
CA LYS E 349 -19.24 10.41 34.19
C LYS E 349 -18.07 11.10 34.88
N TYR E 350 -16.84 10.79 34.46
CA TYR E 350 -15.66 11.39 35.08
C TYR E 350 -15.60 12.88 34.80
N ILE E 351 -15.75 13.27 33.53
CA ILE E 351 -15.79 14.69 33.19
C ILE E 351 -16.98 15.36 33.86
N HIS E 352 -18.14 14.71 33.83
CA HIS E 352 -19.33 15.22 34.48
C HIS E 352 -19.08 15.49 35.97
N GLY E 353 -18.38 14.57 36.64
CA GLY E 353 -18.09 14.76 38.06
C GLY E 353 -17.10 15.86 38.33
N GLU E 354 -16.12 16.04 37.45
CA GLU E 354 -15.12 17.10 37.64
C GLU E 354 -15.71 18.47 37.34
N ILE E 355 -16.59 18.56 36.34
CA ILE E 355 -17.26 19.82 36.05
C ILE E 355 -18.08 20.28 37.26
N ALA E 356 -18.73 19.34 37.94
CA ALA E 356 -19.59 19.69 39.07
C ALA E 356 -18.79 20.30 40.22
N LYS E 357 -17.50 19.97 40.33
CA LYS E 357 -16.68 20.48 41.42
C LYS E 357 -16.16 21.89 41.16
N MET E 358 -16.30 22.41 39.94
CA MET E 358 -15.81 23.74 39.64
C MET E 358 -16.86 24.79 40.02
N ALA E 359 -16.38 25.85 40.65
CA ALA E 359 -17.26 26.90 41.17
C ALA E 359 -18.28 27.44 40.17
N PRO E 360 -17.95 27.69 38.89
CA PRO E 360 -18.95 28.34 38.03
C PRO E 360 -20.09 27.43 37.57
N PHE E 361 -19.97 26.11 37.69
CA PHE E 361 -20.82 25.20 36.93
C PHE E 361 -21.81 24.43 37.80
N VAL E 362 -22.94 24.08 37.20
CA VAL E 362 -23.91 23.13 37.75
C VAL E 362 -24.41 22.26 36.61
N ASN E 363 -24.58 20.97 36.89
CA ASN E 363 -25.02 20.04 35.86
C ASN E 363 -26.53 20.07 35.69
N TYR E 364 -26.98 19.78 34.45
CA TYR E 364 -28.40 19.71 34.14
C TYR E 364 -29.07 18.51 34.80
N SER E 365 -28.33 17.40 34.93
CA SER E 365 -28.87 16.19 35.53
C SER E 365 -27.79 15.57 36.42
N GLU E 366 -28.25 14.88 37.47
CA GLU E 366 -27.35 14.14 38.33
C GLU E 366 -26.97 12.78 37.75
N ASN E 367 -27.62 12.36 36.67
CA ASN E 367 -27.39 11.05 36.07
C ASN E 367 -26.85 11.22 34.66
N VAL E 368 -25.83 10.43 34.34
CA VAL E 368 -25.31 10.32 32.98
C VAL E 368 -25.68 8.93 32.49
N VAL E 369 -26.57 8.86 31.50
CA VAL E 369 -27.04 7.58 30.99
C VAL E 369 -26.62 7.35 29.54
N ASN E 370 -26.24 8.38 28.81
CA ASN E 370 -25.61 8.30 27.52
C ASN E 370 -24.24 8.98 27.60
N PRO E 371 -23.32 8.66 26.69
CA PRO E 371 -21.99 9.29 26.76
C PRO E 371 -22.00 10.76 26.38
N LEU E 372 -22.97 11.51 26.87
CA LEU E 372 -23.00 12.96 26.70
C LEU E 372 -23.83 13.57 27.83
N PHE E 373 -23.57 14.85 28.08
CA PHE E 373 -24.19 15.58 29.17
C PHE E 373 -23.98 17.07 28.93
N ILE E 374 -24.75 17.88 29.65
CA ILE E 374 -24.68 19.34 29.52
C ILE E 374 -24.57 19.95 30.91
N TRP E 375 -23.94 21.13 30.96
CA TRP E 375 -23.88 21.92 32.18
C TRP E 375 -24.11 23.39 31.81
N TYR E 376 -24.39 24.21 32.84
CA TYR E 376 -24.54 25.64 32.66
C TYR E 376 -23.93 26.35 33.87
N LEU E 377 -23.90 27.68 33.80
CA LEU E 377 -23.39 28.48 34.90
C LEU E 377 -24.38 28.51 36.06
N LYS E 378 -23.86 28.38 37.27
CA LYS E 378 -24.70 28.55 38.46
C LYS E 378 -25.40 29.91 38.39
N PRO E 379 -26.71 29.97 38.64
CA PRO E 379 -27.41 31.27 38.62
C PRO E 379 -26.74 32.35 39.45
N GLU E 380 -26.34 32.04 40.68
CA GLU E 380 -25.71 33.03 41.54
C GLU E 380 -24.36 33.49 40.98
N TYR E 381 -23.62 32.57 40.35
CA TYR E 381 -22.34 32.94 39.76
C TYR E 381 -22.52 33.77 38.50
N ALA E 382 -23.46 33.36 37.63
CA ALA E 382 -23.68 34.07 36.38
C ALA E 382 -24.08 35.53 36.59
N LYS E 383 -24.82 35.82 37.66
CA LYS E 383 -25.28 37.19 37.90
C LYS E 383 -24.12 38.18 37.95
N SER E 384 -23.01 37.80 38.57
CA SER E 384 -21.87 38.69 38.74
C SER E 384 -20.70 38.36 37.83
N ALA E 385 -20.80 37.30 37.03
CA ALA E 385 -19.70 36.95 36.14
C ALA E 385 -19.63 37.90 34.96
N LYS E 386 -18.41 38.14 34.49
CA LYS E 386 -18.17 38.99 33.32
C LYS E 386 -18.18 38.21 32.02
N TRP E 387 -18.46 36.90 32.07
CA TRP E 387 -18.37 36.05 30.90
C TRP E 387 -19.57 35.12 30.86
N THR E 388 -19.75 34.48 29.70
CA THR E 388 -20.77 33.47 29.49
C THR E 388 -20.10 32.21 28.95
N LEU E 389 -20.89 31.14 28.82
CA LEU E 389 -20.36 29.91 28.26
C LEU E 389 -19.95 30.08 26.80
N TYR E 390 -20.48 31.10 26.11
CA TYR E 390 -19.98 31.39 24.76
C TYR E 390 -18.52 31.84 24.79
N ASP E 391 -18.11 32.54 25.85
CA ASP E 391 -16.71 32.94 25.95
C ASP E 391 -15.82 31.75 26.27
N LEU E 392 -16.32 30.78 27.05
CA LEU E 392 -15.58 29.56 27.28
C LEU E 392 -15.41 28.76 26.00
N GLN E 393 -16.47 28.70 25.19
CA GLN E 393 -16.37 28.03 23.89
C GLN E 393 -15.27 28.65 23.03
N ASP E 394 -15.18 29.97 22.99
CA ASP E 394 -14.15 30.63 22.19
C ASP E 394 -12.77 30.37 22.75
N LYS E 395 -12.62 30.38 24.07
CA LYS E 395 -11.35 30.05 24.69
C LYS E 395 -10.89 28.66 24.28
N LEU E 396 -11.80 27.68 24.29
CA LEU E 396 -11.43 26.32 23.92
C LEU E 396 -11.15 26.19 22.43
N SER E 397 -11.86 26.95 21.60
CA SER E 397 -11.57 26.97 20.16
C SER E 397 -10.15 27.44 19.89
N GLN E 398 -9.66 28.40 20.68
CA GLN E 398 -8.31 28.89 20.51
C GLN E 398 -7.26 27.83 20.78
N HIS E 399 -7.60 26.78 21.54
CA HIS E 399 -6.71 25.64 21.74
C HIS E 399 -7.06 24.45 20.86
N GLY E 400 -8.02 24.61 19.94
CA GLY E 400 -8.33 23.58 18.97
C GLY E 400 -9.55 22.73 19.28
N TRP E 401 -10.16 22.89 20.45
CA TRP E 401 -11.34 22.09 20.79
C TRP E 401 -12.58 22.64 20.09
N MET E 402 -13.53 21.73 19.83
CA MET E 402 -14.90 22.09 19.47
C MET E 402 -15.80 21.60 20.61
N VAL E 403 -16.22 22.52 21.47
CA VAL E 403 -17.16 22.20 22.54
C VAL E 403 -18.33 23.16 22.42
N PRO E 404 -19.49 22.71 21.92
CA PRO E 404 -20.55 23.66 21.54
C PRO E 404 -21.29 24.24 22.73
N ALA E 405 -21.64 25.51 22.60
CA ALA E 405 -22.55 26.19 23.52
C ALA E 405 -23.78 26.64 22.76
N TYR E 406 -24.94 26.53 23.41
CA TYR E 406 -26.21 26.88 22.79
C TYR E 406 -27.26 27.04 23.88
N THR E 407 -28.39 27.62 23.50
CA THR E 407 -29.53 27.74 24.40
C THR E 407 -30.45 26.53 24.24
N LEU E 408 -31.10 26.15 25.32
CA LEU E 408 -31.97 24.99 25.35
C LEU E 408 -33.30 25.27 24.66
N PRO E 409 -34.05 24.22 24.31
CA PRO E 409 -35.37 24.43 23.70
C PRO E 409 -36.39 25.04 24.65
N SER E 410 -37.66 25.08 24.22
CA SER E 410 -38.64 26.03 24.73
C SER E 410 -38.82 25.93 26.24
N LYS E 411 -39.13 27.08 26.86
CA LYS E 411 -39.27 27.31 28.29
C LYS E 411 -37.95 27.24 29.05
N LEU E 412 -36.91 26.70 28.43
CA LEU E 412 -35.55 26.81 28.96
C LEU E 412 -34.65 27.61 28.01
N GLU E 413 -35.25 28.45 27.16
CA GLU E 413 -34.49 29.20 26.16
C GLU E 413 -33.52 30.19 26.79
N ASP E 414 -33.71 30.55 28.07
CA ASP E 414 -32.79 31.47 28.73
C ASP E 414 -31.51 30.80 29.21
N TYR E 415 -31.42 29.47 29.13
CA TYR E 415 -30.28 28.75 29.66
C TYR E 415 -29.30 28.44 28.53
N VAL E 416 -28.12 29.05 28.61
CA VAL E 416 -27.01 28.68 27.73
C VAL E 416 -26.30 27.49 28.37
N VAL E 417 -26.19 26.40 27.63
CA VAL E 417 -25.55 25.18 28.13
C VAL E 417 -24.38 24.83 27.24
N MET E 418 -23.50 23.98 27.76
CA MET E 418 -22.36 23.46 27.03
C MET E 418 -22.41 21.95 27.09
N ARG E 419 -22.08 21.29 25.99
CA ARG E 419 -22.26 19.85 25.86
C ARG E 419 -20.96 19.18 25.45
N VAL E 420 -20.67 18.04 26.06
CA VAL E 420 -19.54 17.19 25.69
C VAL E 420 -20.07 15.83 25.31
N VAL E 421 -19.59 15.31 24.17
CA VAL E 421 -19.89 13.95 23.72
C VAL E 421 -18.61 13.15 23.79
N VAL E 422 -18.69 11.96 24.38
CA VAL E 422 -17.53 11.08 24.53
C VAL E 422 -17.74 9.89 23.60
N ARG E 423 -17.04 9.88 22.48
CA ARG E 423 -17.06 8.77 21.54
C ARG E 423 -15.89 7.84 21.79
N GLN E 424 -15.94 6.67 21.19
CA GLN E 424 -14.86 5.70 21.30
C GLN E 424 -13.54 6.31 20.84
N GLY E 425 -12.47 6.06 21.60
CA GLY E 425 -11.16 6.61 21.33
C GLY E 425 -10.80 7.81 22.17
N PHE E 426 -11.77 8.44 22.82
CA PHE E 426 -11.51 9.59 23.69
C PHE E 426 -11.07 9.05 25.04
N SER E 427 -9.77 9.14 25.32
CA SER E 427 -9.17 8.46 26.46
C SER E 427 -9.27 9.28 27.74
N ARG E 428 -8.89 8.64 28.85
CA ARG E 428 -8.80 9.32 30.13
C ARG E 428 -7.78 10.45 30.09
N ASP E 429 -6.67 10.25 29.38
CA ASP E 429 -5.66 11.29 29.25
C ASP E 429 -6.22 12.52 28.54
N MET E 430 -6.97 12.31 27.45
CA MET E 430 -7.54 13.43 26.72
C MET E 430 -8.62 14.14 27.52
N ALA E 431 -9.30 13.42 28.43
CA ALA E 431 -10.28 14.06 29.30
C ALA E 431 -9.61 15.02 30.27
N ASP E 432 -8.45 14.65 30.82
CA ASP E 432 -7.72 15.56 31.71
C ASP E 432 -7.14 16.72 30.92
N MET E 433 -6.71 16.48 29.68
CA MET E 433 -6.32 17.57 28.80
C MET E 433 -7.44 18.58 28.63
N LEU E 434 -8.68 18.08 28.45
CA LEU E 434 -9.82 18.97 28.33
C LEU E 434 -10.11 19.69 29.64
N LEU E 435 -10.07 18.96 30.76
CA LEU E 435 -10.34 19.58 32.06
C LEU E 435 -9.27 20.60 32.42
N GLY E 436 -8.02 20.33 32.04
CA GLY E 436 -6.97 21.31 32.26
C GLY E 436 -7.20 22.60 31.49
N ASP E 437 -7.64 22.49 30.24
CA ASP E 437 -7.88 23.68 29.44
C ASP E 437 -9.11 24.46 29.93
N ILE E 438 -10.10 23.76 30.46
CA ILE E 438 -11.25 24.44 31.05
C ILE E 438 -10.83 25.24 32.28
N LYS E 439 -9.98 24.65 33.14
CA LYS E 439 -9.51 25.38 34.31
C LYS E 439 -8.65 26.58 33.92
N ASN E 440 -7.81 26.43 32.89
CA ASN E 440 -6.98 27.56 32.46
C ASN E 440 -7.85 28.67 31.87
N ALA E 441 -8.88 28.31 31.12
CA ALA E 441 -9.77 29.31 30.55
C ALA E 441 -10.56 30.04 31.63
N ILE E 442 -11.07 29.31 32.62
CA ILE E 442 -11.80 29.93 33.73
C ILE E 442 -10.92 30.93 34.45
N ALA E 443 -9.65 30.57 34.67
CA ALA E 443 -8.73 31.49 35.34
C ALA E 443 -8.52 32.76 34.52
N GLU E 444 -8.48 32.63 33.19
CA GLU E 444 -8.37 33.83 32.34
C GLU E 444 -9.63 34.67 32.39
N LEU E 445 -10.80 34.01 32.25
CA LEU E 445 -12.06 34.75 32.20
C LEU E 445 -12.34 35.46 33.53
N GLU E 446 -11.90 34.89 34.65
CA GLU E 446 -12.12 35.55 35.93
C GLU E 446 -11.21 36.75 36.14
N LYS E 447 -10.15 36.89 35.33
CA LYS E 447 -9.29 38.07 35.38
C LYS E 447 -9.79 39.21 34.50
N LEU E 448 -10.93 39.02 33.85
CA LEU E 448 -11.47 40.04 32.96
C LEU E 448 -11.76 41.34 33.71
N ASP E 449 -11.36 42.46 33.11
CA ASP E 449 -11.66 43.77 33.67
C ASP E 449 -13.09 44.22 33.36
N PHE E 450 -13.61 43.83 32.21
CA PHE E 450 -14.89 44.29 31.69
C PHE E 450 -15.70 43.12 31.16
N PRO E 451 -17.03 43.23 31.11
CA PRO E 451 -17.85 42.14 30.57
C PRO E 451 -17.59 41.91 29.09
N THR E 452 -17.73 40.66 28.68
CA THR E 452 -17.54 40.28 27.28
C THR E 452 -18.74 40.76 26.45
N PRO E 453 -18.62 40.73 25.11
CA PRO E 453 -19.76 41.09 24.28
C PRO E 453 -21.00 40.24 24.52
N THR E 454 -20.85 38.92 24.67
CA THR E 454 -22.00 38.07 24.88
C THR E 454 -22.58 38.25 26.29
N ARG E 455 -21.74 38.59 27.27
CA ARG E 455 -22.27 38.91 28.58
C ARG E 455 -23.18 40.12 28.54
N MET E 456 -22.83 41.13 27.75
CA MET E 456 -23.71 42.28 27.58
C MET E 456 -24.95 41.90 26.79
N ALA E 457 -24.82 40.95 25.85
CA ALA E 457 -25.96 40.50 25.07
C ALA E 457 -27.04 39.89 25.96
N GLN E 458 -26.65 39.12 26.97
CA GLN E 458 -27.64 38.52 27.88
C GLN E 458 -28.38 39.57 28.67
N GLU E 459 -27.67 40.58 29.17
CA GLU E 459 -28.32 41.65 29.94
C GLU E 459 -29.29 42.44 29.07
N LYS E 460 -28.96 42.64 27.79
CA LYS E 460 -29.83 43.33 26.86
C LYS E 460 -30.93 42.45 26.28
N ASN E 461 -30.90 41.13 26.55
CA ASN E 461 -31.90 40.18 26.05
C ASN E 461 -31.86 40.08 24.52
N LEU E 462 -30.65 40.02 23.97
CA LEU E 462 -30.45 39.90 22.53
C LEU E 462 -29.90 38.53 22.20
N PRO E 463 -30.43 37.85 21.18
CA PRO E 463 -29.93 36.50 20.86
C PRO E 463 -28.48 36.52 20.38
N VAL E 464 -27.80 35.41 20.66
CA VAL E 464 -26.43 35.18 20.21
C VAL E 464 -26.46 34.04 19.20
N GLU E 465 -25.87 34.27 18.03
CA GLU E 465 -25.79 33.23 17.02
C GLU E 465 -25.01 32.03 17.54
N ALA E 466 -25.58 30.84 17.38
CA ALA E 466 -25.00 29.64 17.96
C ALA E 466 -23.66 29.29 17.30
N LYS E 467 -23.55 29.52 15.99
CA LYS E 467 -22.32 29.33 15.22
C LYS E 467 -21.93 27.86 15.08
N MET E 468 -21.54 27.24 16.18
CA MET E 468 -20.93 25.91 16.13
C MET E 468 -21.98 24.82 15.96
N PHE E 469 -21.73 23.92 15.01
CA PHE E 469 -22.58 22.75 14.79
C PHE E 469 -22.76 21.97 16.09
N ASN E 470 -24.01 21.63 16.40
CA ASN E 470 -24.31 20.89 17.62
C ASN E 470 -25.23 19.70 17.36
N HIS E 471 -25.49 19.40 16.08
CA HIS E 471 -26.23 18.25 15.58
C HIS E 471 -27.73 18.39 15.80
N GLY E 472 -28.20 19.41 16.52
CA GLY E 472 -29.64 19.60 16.68
C GLY E 472 -30.33 19.92 15.37
N GLY E 473 -29.64 20.65 14.49
CA GLY E 473 -30.15 20.91 13.15
C GLY E 473 -31.07 22.11 12.99
N ARG E 474 -31.34 22.87 14.05
CA ARG E 474 -32.27 24.00 13.92
C ARG E 474 -31.72 25.08 13.00
N SER F 25 -5.79 -3.50 -29.79
CA SER F 25 -5.13 -4.59 -29.07
C SER F 25 -4.44 -5.54 -30.03
N PRO F 26 -3.11 -5.59 -29.95
CA PRO F 26 -2.32 -6.27 -30.98
C PRO F 26 -2.64 -7.76 -31.05
N VAL F 27 -2.98 -8.22 -32.26
CA VAL F 27 -3.32 -9.61 -32.49
C VAL F 27 -2.20 -10.35 -33.22
N GLU F 28 -1.63 -9.75 -34.26
CA GLU F 28 -0.66 -10.42 -35.11
C GLU F 28 0.76 -9.87 -34.96
N ARG F 29 0.93 -8.55 -34.93
CA ARG F 29 2.25 -7.94 -34.95
C ARG F 29 2.40 -6.99 -33.77
N ILE F 30 3.65 -6.74 -33.40
CA ILE F 30 3.94 -5.81 -32.31
C ILE F 30 3.59 -4.40 -32.74
N PRO F 31 3.00 -3.57 -31.88
CA PRO F 31 2.81 -2.16 -32.22
C PRO F 31 4.14 -1.49 -32.49
N ASP F 32 4.10 -0.47 -33.34
CA ASP F 32 5.34 0.20 -33.76
C ASP F 32 5.90 1.07 -32.66
N GLY F 33 5.04 1.81 -31.94
CA GLY F 33 5.51 2.73 -30.93
C GLY F 33 5.01 2.36 -29.55
N PRO F 34 5.47 3.10 -28.55
CA PRO F 34 5.03 2.83 -27.17
C PRO F 34 3.69 3.49 -26.88
N THR F 35 3.04 2.96 -25.85
CA THR F 35 1.88 3.59 -25.23
C THR F 35 2.16 3.79 -23.76
N THR F 36 1.47 4.76 -23.16
CA THR F 36 1.75 5.11 -21.78
C THR F 36 1.44 3.91 -20.87
N PRO F 37 2.17 3.78 -19.75
CA PRO F 37 1.99 2.59 -18.89
C PRO F 37 0.58 2.42 -18.35
N GLU F 38 -0.07 3.51 -17.92
CA GLU F 38 -1.43 3.40 -17.39
C GLU F 38 -2.39 2.82 -18.42
N VAL F 39 -2.23 3.22 -19.69
CA VAL F 39 -3.09 2.69 -20.73
C VAL F 39 -2.74 1.23 -21.02
N ALA F 40 -1.44 0.92 -21.08
CA ALA F 40 -1.03 -0.48 -21.30
C ALA F 40 -1.49 -1.37 -20.15
N TYR F 41 -1.43 -0.87 -18.92
CA TYR F 41 -1.91 -1.62 -17.76
C TYR F 41 -3.39 -1.98 -17.93
N GLN F 42 -4.21 -0.99 -18.31
CA GLN F 42 -5.64 -1.23 -18.46
C GLN F 42 -5.93 -2.18 -19.62
N MET F 43 -5.18 -2.06 -20.72
CA MET F 43 -5.40 -2.93 -21.87
C MET F 43 -5.19 -4.39 -21.51
N VAL F 44 -4.16 -4.69 -20.72
CA VAL F 44 -3.94 -6.07 -20.30
C VAL F 44 -4.97 -6.49 -19.25
N LYS F 45 -5.29 -5.58 -18.33
CA LYS F 45 -6.33 -5.84 -17.34
C LYS F 45 -7.62 -6.32 -17.99
N ASP F 46 -8.00 -5.72 -19.11
CA ASP F 46 -9.26 -6.01 -19.78
C ASP F 46 -9.33 -7.41 -20.42
N GLU F 47 -8.26 -8.20 -20.36
CA GLU F 47 -8.28 -9.55 -20.92
C GLU F 47 -7.90 -10.61 -19.90
N THR F 48 -7.74 -10.24 -18.62
CA THR F 48 -7.29 -11.18 -17.61
C THR F 48 -8.29 -11.38 -16.48
N PHE F 49 -9.49 -10.81 -16.56
CA PHE F 49 -10.45 -11.05 -15.50
C PHE F 49 -11.10 -12.42 -15.69
N ALA F 50 -11.41 -13.05 -14.56
CA ALA F 50 -12.03 -14.37 -14.58
C ALA F 50 -13.41 -14.31 -15.23
N GLN F 51 -13.75 -15.38 -15.95
CA GLN F 51 -15.06 -15.45 -16.59
C GLN F 51 -16.16 -15.64 -15.55
N THR F 52 -15.86 -16.30 -14.43
CA THR F 52 -16.81 -16.50 -13.36
C THR F 52 -16.14 -16.23 -12.02
N GLN F 53 -16.94 -16.25 -10.96
CA GLN F 53 -16.46 -16.08 -9.59
C GLN F 53 -15.59 -17.27 -9.19
N PRO F 54 -14.28 -17.10 -9.00
CA PRO F 54 -13.43 -18.25 -8.67
C PRO F 54 -13.80 -18.98 -7.38
N ARG F 55 -14.44 -18.30 -6.43
CA ARG F 55 -14.83 -18.97 -5.20
C ARG F 55 -15.94 -19.99 -5.40
N LEU F 56 -16.65 -19.92 -6.53
CA LEU F 56 -17.67 -20.90 -6.87
C LEU F 56 -17.18 -21.93 -7.88
N ASN F 57 -15.88 -21.94 -8.17
CA ASN F 57 -15.28 -22.85 -9.13
C ASN F 57 -14.88 -24.12 -8.39
N LEU F 58 -15.73 -25.14 -8.48
CA LEU F 58 -15.45 -26.44 -7.86
C LEU F 58 -14.81 -27.42 -8.82
N ALA F 59 -14.42 -26.97 -10.02
CA ALA F 59 -13.81 -27.85 -11.01
C ALA F 59 -12.30 -27.98 -10.84
N THR F 60 -11.63 -26.98 -10.28
CA THR F 60 -10.18 -26.93 -10.28
C THR F 60 -9.60 -27.54 -9.02
N PHE F 61 -8.42 -28.13 -9.17
CA PHE F 61 -7.66 -28.67 -8.06
C PHE F 61 -6.66 -27.68 -7.48
N VAL F 62 -6.36 -26.60 -8.18
CA VAL F 62 -5.18 -25.80 -7.92
C VAL F 62 -5.49 -24.73 -6.90
N THR F 63 -4.55 -24.52 -5.97
CA THR F 63 -4.71 -23.51 -4.92
C THR F 63 -4.83 -22.12 -5.51
N THR F 64 -5.79 -21.35 -4.98
CA THR F 64 -5.98 -19.96 -5.36
C THR F 64 -5.84 -19.01 -4.19
N TYR F 65 -5.60 -19.52 -2.98
CA TYR F 65 -5.49 -18.67 -1.80
C TYR F 65 -4.30 -19.08 -0.94
N MET F 66 -3.49 -18.10 -0.57
CA MET F 66 -2.54 -18.19 0.53
C MET F 66 -2.74 -16.96 1.41
N ASP F 67 -2.26 -17.03 2.65
CA ASP F 67 -2.49 -15.91 3.56
C ASP F 67 -1.63 -14.71 3.16
N ASP F 68 -1.88 -13.59 3.84
CA ASP F 68 -1.25 -12.32 3.46
C ASP F 68 0.26 -12.38 3.60
N TYR F 69 0.77 -13.13 4.58
CA TYR F 69 2.23 -13.22 4.76
C TYR F 69 2.86 -14.05 3.64
N ALA F 70 2.26 -15.19 3.31
CA ALA F 70 2.74 -15.99 2.20
C ALA F 70 2.68 -15.21 0.89
N THR F 71 1.60 -14.46 0.66
CA THR F 71 1.45 -13.71 -0.59
C THR F 71 2.48 -12.58 -0.67
N LYS F 72 2.75 -11.92 0.46
CA LYS F 72 3.78 -10.88 0.49
C LYS F 72 5.15 -11.48 0.22
N LEU F 73 5.44 -12.64 0.81
CA LEU F 73 6.70 -13.33 0.59
C LEU F 73 6.91 -13.60 -0.90
N MET F 74 5.92 -14.20 -1.56
CA MET F 74 6.08 -14.61 -2.95
C MET F 74 6.03 -13.43 -3.93
N ASN F 75 5.26 -12.39 -3.61
CA ASN F 75 5.22 -11.22 -4.49
C ASN F 75 6.57 -10.50 -4.50
N GLU F 76 7.22 -10.39 -3.34
CA GLU F 76 8.51 -9.73 -3.28
C GLU F 76 9.62 -10.54 -3.91
N ALA F 77 9.43 -11.86 -4.04
CA ALA F 77 10.41 -12.74 -4.66
C ALA F 77 10.16 -12.96 -6.15
N ILE F 78 9.32 -12.14 -6.77
CA ILE F 78 9.00 -12.30 -8.18
C ILE F 78 10.22 -12.17 -9.07
N ASN F 79 11.26 -11.45 -8.61
CA ASN F 79 12.44 -11.19 -9.40
C ASN F 79 13.63 -12.09 -9.04
N ILE F 80 13.40 -13.16 -8.30
CA ILE F 80 14.47 -14.06 -7.88
C ILE F 80 14.55 -15.21 -8.86
N ASN F 81 15.70 -15.33 -9.54
CA ASN F 81 15.96 -16.46 -10.43
C ASN F 81 16.57 -17.57 -9.57
N TYR F 82 15.84 -18.68 -9.44
CA TYR F 82 16.23 -19.74 -8.51
C TYR F 82 17.59 -20.34 -8.84
N ILE F 83 17.98 -20.35 -10.13
CA ILE F 83 19.18 -21.08 -10.53
C ILE F 83 20.48 -20.37 -10.21
N ASP F 84 20.43 -19.09 -9.82
CA ASP F 84 21.64 -18.33 -9.52
C ASP F 84 22.07 -18.65 -8.09
N GLU F 85 22.95 -19.66 -7.95
CA GLU F 85 23.37 -20.11 -6.63
C GLU F 85 24.39 -19.20 -5.96
N THR F 86 25.03 -18.30 -6.72
CA THR F 86 25.94 -17.34 -6.11
C THR F 86 25.19 -16.19 -5.44
N GLU F 87 24.10 -15.74 -6.07
CA GLU F 87 23.33 -14.62 -5.53
C GLU F 87 22.42 -15.07 -4.40
N TYR F 88 21.80 -16.24 -4.53
CA TYR F 88 20.85 -16.77 -3.54
C TYR F 88 21.27 -18.17 -3.12
N PRO F 89 22.42 -18.32 -2.46
CA PRO F 89 22.90 -19.68 -2.11
C PRO F 89 21.98 -20.46 -1.19
N ARG F 90 21.33 -19.80 -0.23
CA ARG F 90 20.50 -20.50 0.73
C ARG F 90 19.12 -20.85 0.19
N ILE F 91 18.71 -20.29 -0.95
CA ILE F 91 17.47 -20.75 -1.57
C ILE F 91 17.69 -22.14 -2.16
N ALA F 92 18.90 -22.42 -2.64
CA ALA F 92 19.24 -23.78 -3.06
C ALA F 92 19.16 -24.73 -1.87
N VAL F 93 19.71 -24.32 -0.72
CA VAL F 93 19.61 -25.13 0.49
C VAL F 93 18.15 -25.30 0.89
N MET F 94 17.38 -24.21 0.87
CA MET F 94 15.98 -24.28 1.25
C MET F 94 15.20 -25.20 0.32
N ASN F 95 15.55 -25.21 -0.97
CA ASN F 95 14.98 -26.19 -1.88
C ASN F 95 15.32 -27.61 -1.45
N GLY F 96 16.58 -27.83 -1.03
CA GLY F 96 16.97 -29.14 -0.57
C GLY F 96 16.28 -29.58 0.71
N LYS F 97 15.94 -28.62 1.58
CA LYS F 97 15.24 -28.95 2.82
C LYS F 97 13.78 -29.31 2.56
N CYS F 98 13.15 -28.66 1.57
CA CYS F 98 11.80 -29.05 1.19
C CYS F 98 11.77 -30.50 0.68
N ILE F 99 12.79 -30.89 -0.08
CA ILE F 99 12.88 -32.26 -0.56
C ILE F 99 13.03 -33.23 0.61
N ASN F 100 13.88 -32.88 1.58
CA ASN F 100 14.02 -33.70 2.79
C ASN F 100 12.68 -33.86 3.48
N ILE F 101 11.94 -32.77 3.63
CA ILE F 101 10.68 -32.81 4.37
C ILE F 101 9.66 -33.66 3.65
N VAL F 102 9.54 -33.48 2.32
CA VAL F 102 8.60 -34.28 1.55
C VAL F 102 9.00 -35.75 1.56
N ALA F 103 10.29 -36.03 1.40
CA ALA F 103 10.74 -37.42 1.36
C ALA F 103 10.53 -38.11 2.70
N ASN F 104 10.67 -37.39 3.81
CA ASN F 104 10.42 -37.99 5.12
C ASN F 104 8.93 -38.13 5.41
N LEU F 105 8.09 -37.24 4.85
CA LEU F 105 6.65 -37.46 4.92
C LEU F 105 6.25 -38.76 4.24
N TRP F 106 6.97 -39.14 3.19
CA TRP F 106 6.73 -40.39 2.48
C TRP F 106 7.58 -41.53 3.01
N ASN F 107 8.17 -41.36 4.20
CA ASN F 107 8.89 -42.42 4.90
C ASN F 107 10.04 -42.97 4.08
N SER F 108 10.80 -42.08 3.44
CA SER F 108 12.00 -42.49 2.74
C SER F 108 12.97 -43.17 3.72
N PRO F 109 13.53 -44.32 3.38
CA PRO F 109 14.56 -44.94 4.22
C PRO F 109 15.98 -44.50 3.93
N GLU F 110 16.18 -43.57 3.00
CA GLU F 110 17.51 -43.10 2.67
C GLU F 110 18.21 -42.56 3.92
N LYS F 111 19.48 -42.94 4.08
CA LYS F 111 20.22 -42.64 5.30
C LYS F 111 20.86 -41.26 5.29
N ASP F 112 21.13 -40.69 4.11
CA ASP F 112 21.67 -39.34 4.04
C ASP F 112 20.65 -38.31 4.55
N THR F 113 21.16 -37.28 5.24
CA THR F 113 20.29 -36.19 5.66
C THR F 113 19.63 -35.51 4.47
N TRP F 114 20.37 -35.38 3.36
CA TRP F 114 19.87 -34.71 2.16
C TRP F 114 19.32 -35.76 1.20
N LYS F 115 18.00 -35.81 1.09
CA LYS F 115 17.29 -36.83 0.34
C LYS F 115 17.33 -36.52 -1.16
N THR F 116 17.03 -37.56 -1.95
CA THR F 116 17.10 -37.49 -3.40
C THR F 116 15.74 -37.05 -3.94
N GLY F 117 15.68 -35.86 -4.53
CA GLY F 117 14.45 -35.36 -5.10
C GLY F 117 14.73 -34.22 -6.04
N ALA F 118 13.66 -33.72 -6.67
CA ALA F 118 13.78 -32.64 -7.63
C ALA F 118 12.59 -31.69 -7.51
N LEU F 119 12.87 -30.40 -7.60
CA LEU F 119 11.83 -29.40 -7.75
C LEU F 119 11.27 -29.43 -9.17
N ALA F 120 9.98 -29.18 -9.32
CA ALA F 120 9.34 -29.15 -10.62
C ALA F 120 8.30 -28.04 -10.68
N ILE F 121 7.90 -27.70 -11.90
CA ILE F 121 6.84 -26.71 -12.09
C ILE F 121 5.48 -27.29 -11.75
N GLY F 122 5.35 -28.61 -11.77
CA GLY F 122 4.10 -29.25 -11.41
C GLY F 122 4.29 -30.75 -11.42
N SER F 123 3.17 -31.47 -11.23
CA SER F 123 3.24 -32.92 -11.31
C SER F 123 3.65 -33.38 -12.71
N SER F 124 3.33 -32.57 -13.73
CA SER F 124 3.68 -32.91 -15.11
C SER F 124 5.17 -33.19 -15.26
N GLU F 125 6.00 -32.21 -14.89
CA GLU F 125 7.44 -32.41 -15.01
C GLU F 125 7.94 -33.43 -13.99
N ALA F 126 7.32 -33.49 -12.81
CA ALA F 126 7.72 -34.46 -11.80
C ALA F 126 7.44 -35.89 -12.24
N CYS F 127 6.28 -36.11 -12.86
CA CYS F 127 5.97 -37.45 -13.39
C CYS F 127 6.95 -37.84 -14.49
N MET F 128 7.25 -36.92 -15.40
CA MET F 128 8.16 -37.22 -16.49
C MET F 128 9.55 -37.58 -15.99
N LEU F 129 10.05 -36.86 -14.98
CA LEU F 129 11.34 -37.20 -14.40
C LEU F 129 11.32 -38.61 -13.80
N GLY F 130 10.24 -38.96 -13.11
CA GLY F 130 10.11 -40.32 -12.62
C GLY F 130 10.07 -41.34 -13.74
N GLY F 131 9.31 -41.04 -14.80
CA GLY F 131 9.23 -41.96 -15.93
C GLY F 131 10.55 -42.10 -16.67
N VAL F 132 11.25 -40.99 -16.89
CA VAL F 132 12.54 -41.04 -17.58
C VAL F 132 13.54 -41.84 -16.75
N ALA F 133 13.53 -41.64 -15.43
CA ALA F 133 14.44 -42.41 -14.57
C ALA F 133 14.14 -43.90 -14.64
N ALA F 134 12.86 -44.27 -14.60
CA ALA F 134 12.49 -45.68 -14.74
C ALA F 134 12.92 -46.23 -16.08
N TRP F 135 12.80 -45.43 -17.15
CA TRP F 135 13.19 -45.87 -18.48
C TRP F 135 14.70 -46.09 -18.57
N LEU F 136 15.50 -45.22 -17.95
CA LEU F 136 16.95 -45.35 -18.02
C LEU F 136 17.44 -46.52 -17.16
N ARG F 137 16.82 -46.75 -16.00
CA ARG F 137 17.16 -47.92 -15.20
C ARG F 137 16.86 -49.21 -15.96
N TRP F 138 15.78 -49.23 -16.72
CA TRP F 138 15.42 -50.42 -17.49
C TRP F 138 16.40 -50.65 -18.65
N ARG F 139 16.81 -49.58 -19.33
CA ARG F 139 17.80 -49.71 -20.38
C ARG F 139 19.11 -50.26 -19.84
N LYS F 140 19.51 -49.82 -18.64
CA LYS F 140 20.78 -50.26 -18.07
C LYS F 140 20.73 -51.74 -17.68
N LYS F 141 19.58 -52.21 -17.18
CA LYS F 141 19.43 -53.63 -16.89
C LYS F 141 19.53 -54.47 -18.14
N ARG F 142 18.75 -54.11 -19.18
CA ARG F 142 18.66 -54.93 -20.38
C ARG F 142 19.97 -54.98 -21.16
N GLN F 143 20.75 -53.90 -21.15
CA GLN F 143 22.06 -53.94 -21.80
C GLN F 143 22.98 -54.94 -21.09
N ALA F 144 23.04 -54.84 -19.76
CA ALA F 144 23.90 -55.73 -18.98
C ALA F 144 23.47 -57.19 -19.09
N GLN F 145 22.25 -57.45 -19.54
CA GLN F 145 21.76 -58.81 -19.72
C GLN F 145 21.83 -59.27 -21.16
N GLY F 146 22.12 -58.39 -22.11
CA GLY F 146 22.13 -58.74 -23.51
C GLY F 146 20.78 -58.85 -24.17
N LYS F 147 19.74 -58.34 -23.55
CA LYS F 147 18.40 -58.36 -24.11
C LYS F 147 18.09 -57.07 -24.85
N PRO F 148 17.13 -57.07 -25.77
CA PRO F 148 16.79 -55.82 -26.47
C PRO F 148 16.24 -54.78 -25.51
N PHE F 149 16.38 -53.51 -25.92
CA PHE F 149 15.89 -52.38 -25.13
C PHE F 149 15.36 -51.29 -26.04
N ASP F 150 14.72 -51.68 -27.15
CA ASP F 150 14.22 -50.74 -28.13
C ASP F 150 12.70 -50.54 -28.09
N LYS F 151 11.97 -51.40 -27.39
CA LYS F 151 10.50 -51.33 -27.35
C LYS F 151 9.98 -51.22 -25.90
N PRO F 152 10.31 -50.14 -25.20
CA PRO F 152 9.83 -50.02 -23.81
C PRO F 152 8.34 -49.74 -23.75
N ASN F 153 7.73 -50.12 -22.63
CA ASN F 153 6.34 -49.78 -22.35
C ASN F 153 6.17 -49.58 -20.85
N PHE F 154 5.04 -48.97 -20.48
CA PHE F 154 4.64 -48.87 -19.07
C PHE F 154 3.14 -49.10 -18.95
N VAL F 155 2.72 -49.45 -17.75
CA VAL F 155 1.35 -49.87 -17.47
C VAL F 155 0.71 -48.84 -16.54
N ILE F 156 -0.52 -48.43 -16.86
CA ILE F 156 -1.23 -47.41 -16.10
C ILE F 156 -2.72 -47.61 -16.27
N SER F 157 -3.49 -47.13 -15.29
CA SER F 157 -4.94 -47.13 -15.42
C SER F 157 -5.38 -46.21 -16.55
N THR F 158 -6.53 -46.53 -17.15
CA THR F 158 -7.12 -45.65 -18.15
C THR F 158 -7.52 -44.29 -17.57
N GLY F 159 -7.58 -44.17 -16.26
CA GLY F 159 -7.86 -42.89 -15.62
C GLY F 159 -6.65 -42.00 -15.50
N PHE F 160 -5.66 -42.19 -16.37
CA PHE F 160 -4.46 -41.38 -16.33
C PHE F 160 -4.75 -39.93 -16.72
N GLN F 161 -3.92 -39.03 -16.22
CA GLN F 161 -3.98 -37.63 -16.63
C GLN F 161 -3.08 -37.45 -17.85
N VAL F 162 -3.35 -36.38 -18.61
CA VAL F 162 -2.78 -36.22 -19.95
C VAL F 162 -1.26 -36.24 -19.97
N VAL F 163 -0.61 -35.97 -18.83
CA VAL F 163 0.85 -35.91 -18.81
C VAL F 163 1.47 -37.26 -19.17
N TRP F 164 0.79 -38.35 -18.83
CA TRP F 164 1.31 -39.67 -19.17
C TRP F 164 1.16 -39.94 -20.66
N GLU F 165 0.19 -39.32 -21.32
CA GLU F 165 0.12 -39.40 -22.77
C GLU F 165 1.22 -38.55 -23.41
N LYS F 166 1.49 -37.37 -22.83
CA LYS F 166 2.64 -36.58 -23.26
C LYS F 166 3.94 -37.38 -23.13
N PHE F 167 4.13 -38.04 -21.99
CA PHE F 167 5.32 -38.85 -21.76
C PHE F 167 5.44 -39.96 -22.80
N ALA F 168 4.33 -40.63 -23.10
CA ALA F 168 4.35 -41.72 -24.08
C ALA F 168 4.74 -41.22 -25.46
N GLN F 169 4.23 -40.04 -25.85
CA GLN F 169 4.49 -39.53 -27.20
C GLN F 169 5.87 -38.91 -27.32
N LEU F 170 6.27 -38.08 -26.35
CA LEU F 170 7.50 -37.32 -26.48
C LEU F 170 8.74 -38.20 -26.28
N TRP F 171 8.62 -39.33 -25.60
CA TRP F 171 9.72 -40.28 -25.46
C TRP F 171 9.49 -41.55 -26.27
N GLN F 172 8.38 -41.64 -27.00
CA GLN F 172 8.03 -42.80 -27.82
C GLN F 172 8.11 -44.09 -27.00
N ILE F 173 7.30 -44.13 -25.94
CA ILE F 173 7.17 -45.29 -25.07
C ILE F 173 5.72 -45.74 -25.10
N GLU F 174 5.51 -47.03 -25.34
CA GLU F 174 4.15 -47.55 -25.47
C GLU F 174 3.41 -47.47 -24.15
N MET F 175 2.19 -46.93 -24.17
CA MET F 175 1.34 -46.89 -23.00
C MET F 175 0.34 -48.04 -23.06
N ARG F 176 0.30 -48.83 -21.99
CA ARG F 176 -0.63 -49.95 -21.88
C ARG F 176 -1.63 -49.62 -20.77
N GLU F 177 -2.91 -49.56 -21.14
CA GLU F 177 -3.95 -49.01 -20.28
C GLU F 177 -4.80 -50.14 -19.71
N VAL F 178 -5.06 -50.06 -18.41
CA VAL F 178 -5.91 -51.02 -17.71
C VAL F 178 -7.29 -50.40 -17.55
N PRO F 179 -8.33 -50.97 -18.14
CA PRO F 179 -9.64 -50.30 -18.15
C PRO F 179 -10.32 -50.33 -16.79
N LEU F 180 -11.18 -49.33 -16.57
CA LEU F 180 -12.09 -49.32 -15.43
C LEU F 180 -13.38 -50.05 -15.76
N THR F 181 -13.93 -50.73 -14.76
CA THR F 181 -15.27 -51.30 -14.85
C THR F 181 -15.98 -51.02 -13.52
N LEU F 182 -17.27 -51.35 -13.46
CA LEU F 182 -18.00 -51.18 -12.21
C LEU F 182 -17.56 -52.17 -11.15
N GLU F 183 -16.97 -53.29 -11.56
CA GLU F 183 -16.38 -54.22 -10.59
C GLU F 183 -14.96 -53.82 -10.22
N LYS F 184 -14.24 -53.16 -11.13
CA LYS F 184 -12.85 -52.72 -10.93
C LYS F 184 -12.85 -51.19 -11.00
N THR F 185 -13.22 -50.54 -9.89
CA THR F 185 -13.31 -49.09 -9.92
C THR F 185 -11.95 -48.40 -9.84
N THR F 186 -10.88 -49.14 -9.53
CA THR F 186 -9.52 -48.63 -9.58
C THR F 186 -8.63 -49.68 -10.24
N LEU F 187 -7.35 -49.36 -10.36
CA LEU F 187 -6.39 -50.27 -10.97
C LEU F 187 -6.33 -51.58 -10.19
N ASP F 188 -6.65 -52.67 -10.87
CA ASP F 188 -6.60 -54.00 -10.28
C ASP F 188 -5.22 -54.61 -10.47
N PRO F 189 -4.56 -55.05 -9.40
CA PRO F 189 -3.19 -55.58 -9.55
C PRO F 189 -3.09 -56.75 -10.51
N GLU F 190 -4.02 -57.70 -10.43
CA GLU F 190 -3.95 -58.88 -11.31
C GLU F 190 -4.06 -58.47 -12.78
N GLU F 191 -4.93 -57.50 -13.09
CA GLU F 191 -5.10 -57.09 -14.48
C GLU F 191 -3.92 -56.28 -14.98
N ALA F 192 -3.24 -55.56 -14.09
CA ALA F 192 -2.04 -54.82 -14.48
C ALA F 192 -0.90 -55.76 -14.82
N LEU F 193 -0.75 -56.85 -14.08
CA LEU F 193 0.32 -57.81 -14.36
C LEU F 193 0.10 -58.54 -15.67
N LYS F 194 -1.14 -58.66 -16.12
CA LYS F 194 -1.42 -59.30 -17.40
C LYS F 194 -0.87 -58.49 -18.58
N MET F 195 -0.49 -57.23 -18.36
CA MET F 195 0.06 -56.38 -19.40
C MET F 195 1.57 -56.16 -19.25
N CYS F 196 2.20 -56.75 -18.25
CA CYS F 196 3.64 -56.60 -18.05
C CYS F 196 4.41 -57.65 -18.84
N ASP F 197 5.65 -57.31 -19.17
CA ASP F 197 6.57 -58.24 -19.85
C ASP F 197 7.99 -57.74 -19.64
N GLU F 198 8.93 -58.35 -20.37
CA GLU F 198 10.34 -57.97 -20.22
C GLU F 198 10.60 -56.52 -20.63
N ASN F 199 9.67 -55.89 -21.34
CA ASN F 199 9.86 -54.53 -21.84
C ASN F 199 9.16 -53.47 -21.00
N THR F 200 8.54 -53.86 -19.89
CA THR F 200 7.81 -52.91 -19.05
C THR F 200 8.79 -52.19 -18.13
N ILE F 201 8.80 -50.85 -18.19
CA ILE F 201 9.75 -50.09 -17.40
C ILE F 201 9.24 -49.80 -15.98
N CYS F 202 7.92 -49.73 -15.79
CA CYS F 202 7.33 -49.57 -14.46
C CYS F 202 5.81 -49.63 -14.59
N VAL F 203 5.16 -49.69 -13.44
CA VAL F 203 3.70 -49.60 -13.32
C VAL F 203 3.39 -48.33 -12.55
N VAL F 204 2.35 -47.61 -12.98
CA VAL F 204 2.05 -46.31 -12.41
C VAL F 204 0.66 -46.30 -11.76
N PRO F 205 0.56 -46.58 -10.46
CA PRO F 205 -0.69 -46.33 -9.75
C PRO F 205 -0.85 -44.86 -9.41
N ILE F 206 -2.10 -44.43 -9.29
CA ILE F 206 -2.42 -43.03 -9.11
C ILE F 206 -3.11 -42.84 -7.76
N GLN F 207 -2.61 -41.90 -6.97
CA GLN F 207 -3.23 -41.52 -5.69
C GLN F 207 -4.00 -40.22 -5.91
N GLY F 208 -5.31 -40.35 -6.08
CA GLY F 208 -6.12 -39.20 -6.43
C GLY F 208 -6.38 -39.17 -7.92
N VAL F 209 -6.98 -40.25 -8.45
CA VAL F 209 -7.31 -40.29 -9.86
C VAL F 209 -8.18 -39.09 -10.20
N THR F 210 -7.71 -38.28 -11.13
CA THR F 210 -8.36 -37.01 -11.43
C THR F 210 -9.81 -37.19 -11.87
N TRP F 211 -10.13 -38.31 -12.53
CA TRP F 211 -11.49 -38.51 -13.02
C TRP F 211 -12.44 -39.02 -11.94
N THR F 212 -11.93 -39.72 -10.92
CA THR F 212 -12.80 -40.37 -9.94
C THR F 212 -12.53 -39.98 -8.50
N GLY F 213 -11.34 -39.47 -8.17
CA GLY F 213 -11.00 -39.13 -6.80
C GLY F 213 -10.50 -40.27 -5.94
N LEU F 214 -10.46 -41.49 -6.47
CA LEU F 214 -10.05 -42.64 -5.68
C LEU F 214 -8.54 -42.83 -5.70
N ASN F 215 -8.07 -43.74 -4.86
CA ASN F 215 -6.65 -44.11 -4.79
C ASN F 215 -6.49 -45.55 -5.27
N ASP F 216 -5.61 -45.74 -6.25
CA ASP F 216 -5.18 -47.09 -6.61
C ASP F 216 -4.48 -47.75 -5.42
N ASP F 217 -4.77 -49.03 -5.20
CA ASP F 217 -4.25 -49.75 -4.04
C ASP F 217 -2.81 -50.13 -4.32
N VAL F 218 -1.88 -49.28 -3.86
CA VAL F 218 -0.47 -49.49 -4.15
C VAL F 218 0.07 -50.70 -3.40
N GLU F 219 -0.37 -50.89 -2.15
CA GLU F 219 0.15 -51.99 -1.33
C GLU F 219 -0.19 -53.33 -1.94
N ALA F 220 -1.40 -53.48 -2.48
CA ALA F 220 -1.76 -54.72 -3.17
C ALA F 220 -0.95 -54.89 -4.44
N LEU F 221 -0.66 -53.79 -5.14
CA LEU F 221 0.18 -53.87 -6.33
C LEU F 221 1.61 -54.27 -5.97
N ASP F 222 2.12 -53.75 -4.86
CA ASP F 222 3.47 -54.15 -4.41
C ASP F 222 3.51 -55.62 -4.03
N LYS F 223 2.51 -56.07 -3.28
CA LYS F 223 2.45 -57.48 -2.88
C LYS F 223 2.37 -58.39 -4.11
N ALA F 224 1.60 -57.98 -5.11
CA ALA F 224 1.51 -58.76 -6.35
C ALA F 224 2.79 -58.66 -7.16
N LEU F 225 3.38 -57.47 -7.24
CA LEU F 225 4.59 -57.28 -8.04
C LEU F 225 5.77 -58.06 -7.47
N ASP F 226 5.84 -58.20 -6.15
CA ASP F 226 6.94 -58.96 -5.54
C ASP F 226 6.89 -60.42 -5.94
N ALA F 227 5.69 -61.00 -5.95
CA ALA F 227 5.55 -62.39 -6.39
C ALA F 227 5.84 -62.52 -7.87
N TYR F 228 5.40 -61.56 -8.68
CA TYR F 228 5.63 -61.60 -10.12
C TYR F 228 7.10 -61.42 -10.46
N ASN F 229 7.79 -60.51 -9.77
CA ASN F 229 9.20 -60.27 -10.07
C ASN F 229 10.08 -61.44 -9.66
N ALA F 230 9.72 -62.16 -8.61
CA ALA F 230 10.51 -63.32 -8.21
C ALA F 230 10.38 -64.46 -9.22
N LYS F 231 9.21 -64.60 -9.82
CA LYS F 231 8.97 -65.66 -10.80
C LYS F 231 9.63 -65.35 -12.14
N THR F 232 9.73 -64.07 -12.49
CA THR F 232 10.22 -63.67 -13.81
C THR F 232 11.62 -63.07 -13.79
N GLY F 233 12.00 -62.37 -12.73
CA GLY F 233 13.26 -61.66 -12.72
C GLY F 233 13.25 -60.35 -13.47
N TYR F 234 12.08 -59.84 -13.86
CA TYR F 234 12.01 -58.62 -14.65
C TYR F 234 12.30 -57.38 -13.81
N ASP F 235 12.06 -57.43 -12.51
CA ASP F 235 12.33 -56.32 -11.59
C ASP F 235 11.58 -55.06 -12.01
N ILE F 236 10.28 -55.20 -12.23
CA ILE F 236 9.44 -54.07 -12.64
C ILE F 236 9.11 -53.23 -11.42
N PRO F 237 9.48 -51.94 -11.40
CA PRO F 237 9.19 -51.11 -10.22
C PRO F 237 7.87 -50.36 -10.29
N ILE F 238 7.64 -49.52 -9.29
CA ILE F 238 6.43 -48.70 -9.19
C ILE F 238 6.84 -47.23 -9.13
N HIS F 239 6.20 -46.40 -9.95
CA HIS F 239 6.19 -44.95 -9.75
C HIS F 239 4.78 -44.52 -9.37
N VAL F 240 4.66 -43.82 -8.24
CA VAL F 240 3.36 -43.39 -7.74
C VAL F 240 3.10 -41.95 -8.21
N ASP F 241 2.08 -41.79 -9.07
CA ASP F 241 1.57 -40.47 -9.41
C ASP F 241 0.60 -40.07 -8.31
N ALA F 242 1.08 -39.25 -7.37
CA ALA F 242 0.31 -38.82 -6.21
C ALA F 242 0.03 -37.32 -6.26
N ALA F 243 -0.38 -36.82 -7.43
CA ALA F 243 -0.55 -35.38 -7.63
C ALA F 243 -1.41 -34.75 -6.53
N SER F 244 -2.57 -35.34 -6.25
CA SER F 244 -3.41 -34.87 -5.15
C SER F 244 -3.07 -35.57 -3.84
N GLY F 245 -3.13 -36.91 -3.83
CA GLY F 245 -3.04 -37.67 -2.59
C GLY F 245 -1.72 -37.56 -1.88
N GLY F 246 -0.66 -37.12 -2.56
CA GLY F 246 0.65 -37.04 -1.94
C GLY F 246 0.70 -36.12 -0.74
N PHE F 247 -0.17 -35.12 -0.69
CA PHE F 247 -0.27 -34.22 0.46
C PHE F 247 -1.51 -34.48 1.31
N ILE F 248 -2.21 -35.58 1.07
CA ILE F 248 -3.37 -35.98 1.87
C ILE F 248 -3.04 -37.20 2.72
N LEU F 249 -2.52 -38.25 2.09
CA LEU F 249 -2.26 -39.51 2.79
C LEU F 249 -1.34 -39.37 4.00
N PRO F 250 -0.22 -38.63 3.96
CA PRO F 250 0.67 -38.61 5.14
C PRO F 250 0.02 -38.02 6.39
N PHE F 251 -0.96 -37.13 6.24
CA PHE F 251 -1.55 -36.46 7.38
C PHE F 251 -2.82 -37.12 7.91
N LEU F 252 -3.63 -37.69 7.02
CA LEU F 252 -4.91 -38.27 7.42
C LEU F 252 -4.92 -39.80 7.45
N TYR F 253 -4.05 -40.45 6.69
CA TYR F 253 -3.97 -41.91 6.66
C TYR F 253 -2.53 -42.36 6.86
N PRO F 254 -1.92 -42.03 8.01
CA PRO F 254 -0.49 -42.36 8.19
C PRO F 254 -0.20 -43.86 8.14
N ASP F 255 -1.17 -44.69 8.51
CA ASP F 255 -0.96 -46.13 8.56
C ASP F 255 -1.27 -46.83 7.25
N THR F 256 -1.80 -46.13 6.24
CA THR F 256 -1.95 -46.72 4.92
C THR F 256 -0.59 -46.78 4.23
N LYS F 257 -0.14 -47.99 3.94
CA LYS F 257 1.17 -48.19 3.31
C LYS F 257 1.04 -48.00 1.81
N TRP F 258 1.51 -46.86 1.31
CA TRP F 258 1.48 -46.54 -0.11
C TRP F 258 2.80 -45.98 -0.63
N ASP F 259 3.75 -45.66 0.24
CA ASP F 259 4.90 -44.85 -0.15
C ASP F 259 6.20 -45.65 -0.13
N PHE F 260 7.29 -45.03 0.34
CA PHE F 260 8.59 -45.68 0.31
C PHE F 260 8.70 -46.83 1.32
N ARG F 261 7.69 -47.04 2.15
CA ARG F 261 7.65 -48.23 3.00
C ARG F 261 7.48 -49.50 2.18
N LEU F 262 7.07 -49.38 0.91
CA LEU F 262 6.86 -50.54 0.05
C LEU F 262 8.12 -50.82 -0.75
N LYS F 263 8.39 -52.12 -0.95
CA LYS F 263 9.65 -52.56 -1.53
C LYS F 263 9.88 -51.98 -2.92
N TRP F 264 8.85 -52.01 -3.77
CA TRP F 264 9.03 -51.71 -5.19
C TRP F 264 8.61 -50.29 -5.57
N VAL F 265 8.22 -49.45 -4.61
CA VAL F 265 7.92 -48.05 -4.89
C VAL F 265 9.25 -47.31 -4.88
N LEU F 266 9.77 -47.00 -6.07
CA LEU F 266 11.08 -46.35 -6.17
C LEU F 266 11.01 -44.85 -6.38
N SER F 267 9.87 -44.30 -6.79
CA SER F 267 9.74 -42.85 -6.94
C SER F 267 8.29 -42.44 -6.77
N ILE F 268 8.10 -41.20 -6.31
CA ILE F 268 6.79 -40.62 -6.05
C ILE F 268 6.82 -39.16 -6.48
N SER F 269 5.73 -38.69 -7.08
CA SER F 269 5.60 -37.30 -7.50
C SER F 269 4.32 -36.72 -6.93
N VAL F 270 4.28 -35.39 -6.81
CA VAL F 270 3.16 -34.70 -6.19
C VAL F 270 3.05 -33.29 -6.75
N SER F 271 1.83 -32.74 -6.70
CA SER F 271 1.58 -31.35 -7.06
C SER F 271 1.58 -30.51 -5.79
N GLY F 272 2.59 -29.64 -5.64
CA GLY F 272 2.63 -28.71 -4.53
C GLY F 272 1.53 -27.65 -4.57
N HIS F 273 1.00 -27.33 -5.74
CA HIS F 273 0.04 -26.26 -5.90
C HIS F 273 -1.42 -26.74 -5.88
N LYS F 274 -1.66 -27.94 -5.37
CA LYS F 274 -3.06 -28.42 -5.24
C LYS F 274 -3.43 -28.50 -3.76
N PHE F 275 -2.87 -29.47 -3.03
CA PHE F 275 -3.14 -29.64 -1.61
C PHE F 275 -1.87 -29.44 -0.80
N GLY F 276 -0.75 -29.14 -1.45
CA GLY F 276 0.38 -28.52 -0.79
C GLY F 276 0.12 -27.07 -0.41
N LEU F 277 -0.97 -26.49 -0.92
CA LEU F 277 -1.46 -25.18 -0.50
C LEU F 277 -0.58 -24.03 -0.97
N VAL F 278 0.03 -24.16 -2.14
CA VAL F 278 0.89 -23.11 -2.69
C VAL F 278 0.32 -22.66 -4.04
N TYR F 279 0.54 -21.38 -4.36
CA TYR F 279 0.15 -20.85 -5.66
C TYR F 279 0.79 -21.65 -6.81
N PRO F 280 0.21 -21.59 -8.01
CA PRO F 280 0.70 -22.41 -9.13
C PRO F 280 2.19 -22.25 -9.38
N GLY F 281 2.84 -23.37 -9.70
CA GLY F 281 4.23 -23.38 -10.10
C GLY F 281 5.12 -24.29 -9.28
N LEU F 282 4.55 -25.33 -8.68
CA LEU F 282 5.29 -26.14 -7.72
C LEU F 282 4.95 -27.62 -7.86
N GLY F 283 5.98 -28.44 -8.02
CA GLY F 283 5.83 -29.88 -7.94
C GLY F 283 7.09 -30.50 -7.37
N TRP F 284 6.94 -31.73 -6.86
CA TRP F 284 8.04 -32.47 -6.26
C TRP F 284 8.05 -33.90 -6.76
N VAL F 285 9.25 -34.43 -6.97
CA VAL F 285 9.46 -35.87 -7.20
C VAL F 285 10.60 -36.32 -6.28
N CYS F 286 10.40 -37.44 -5.60
CA CYS F 286 11.42 -38.02 -4.74
C CYS F 286 11.71 -39.46 -5.17
N TRP F 287 12.93 -39.89 -4.91
CA TRP F 287 13.33 -41.28 -5.12
C TRP F 287 13.66 -41.93 -3.78
N LYS F 288 13.49 -43.25 -3.72
CA LYS F 288 13.76 -43.96 -2.47
C LYS F 288 15.21 -43.78 -2.01
N GLY F 289 16.13 -43.63 -2.95
CA GLY F 289 17.52 -43.37 -2.63
C GLY F 289 18.27 -42.95 -3.87
N LYS F 290 19.50 -42.49 -3.67
CA LYS F 290 20.29 -41.94 -4.77
C LYS F 290 20.55 -43.00 -5.85
N GLU F 291 20.60 -44.28 -5.46
CA GLU F 291 20.97 -45.32 -6.42
C GLU F 291 19.83 -45.67 -7.37
N TYR F 292 18.63 -45.15 -7.16
CA TYR F 292 17.52 -45.32 -8.10
C TYR F 292 17.36 -44.12 -9.02
N LEU F 293 18.16 -43.08 -8.83
CA LEU F 293 18.24 -41.97 -9.77
C LEU F 293 19.48 -42.19 -10.64
N PRO F 294 19.34 -42.46 -11.93
CA PRO F 294 20.52 -42.78 -12.74
C PRO F 294 21.46 -41.58 -12.82
N GLU F 295 22.76 -41.89 -12.93
CA GLU F 295 23.77 -40.84 -12.97
C GLU F 295 23.57 -39.94 -14.18
N GLU F 296 23.03 -40.47 -15.28
CA GLU F 296 22.85 -39.68 -16.50
C GLU F 296 21.95 -38.47 -16.26
N MET F 297 21.13 -38.48 -15.21
CA MET F 297 20.17 -37.42 -14.99
C MET F 297 20.63 -36.41 -13.94
N SER F 298 21.62 -36.74 -13.12
CA SER F 298 21.96 -35.93 -11.97
C SER F 298 23.46 -35.78 -11.83
N PHE F 299 23.87 -34.59 -11.40
CA PHE F 299 25.19 -34.36 -10.87
C PHE F 299 25.01 -33.48 -9.63
N SER F 300 25.74 -33.80 -8.57
CA SER F 300 25.48 -33.21 -7.26
C SER F 300 26.65 -32.37 -6.82
N VAL F 301 26.35 -31.21 -6.24
CA VAL F 301 27.36 -30.28 -5.75
C VAL F 301 27.09 -29.99 -4.29
N ASN F 302 28.14 -30.06 -3.46
CA ASN F 302 28.05 -29.74 -2.05
C ASN F 302 28.38 -28.26 -1.89
N PHE F 303 27.37 -27.46 -1.55
CA PHE F 303 27.52 -26.03 -1.34
C PHE F 303 26.81 -25.65 -0.05
N LEU F 304 27.57 -25.10 0.89
CA LEU F 304 27.08 -24.67 2.19
C LEU F 304 26.57 -25.84 3.02
N GLY F 305 27.46 -26.79 3.34
CA GLY F 305 27.15 -27.86 4.27
C GLY F 305 26.06 -28.82 3.86
N ALA F 306 25.53 -28.64 2.65
CA ALA F 306 24.44 -29.46 2.13
C ALA F 306 24.92 -30.23 0.91
N ASN F 307 24.15 -31.24 0.54
CA ASN F 307 24.32 -31.94 -0.73
C ASN F 307 23.14 -31.57 -1.61
N ILE F 308 23.43 -30.86 -2.71
CA ILE F 308 22.43 -30.35 -3.62
C ILE F 308 22.50 -31.17 -4.91
N THR F 309 21.47 -31.95 -5.17
CA THR F 309 21.38 -32.65 -6.44
C THR F 309 20.53 -31.83 -7.39
N GLN F 310 21.05 -31.58 -8.59
CA GLN F 310 20.37 -30.74 -9.59
C GLN F 310 19.80 -31.67 -10.65
N VAL F 311 18.49 -31.89 -10.57
CA VAL F 311 17.74 -32.69 -11.52
C VAL F 311 16.59 -31.84 -12.01
N GLY F 312 16.23 -31.99 -13.28
CA GLY F 312 15.02 -31.36 -13.77
C GLY F 312 15.17 -30.93 -15.21
N LEU F 313 14.04 -30.51 -15.79
CA LEU F 313 13.96 -30.08 -17.17
C LEU F 313 14.25 -28.60 -17.38
N ASN F 314 14.04 -27.77 -16.37
CA ASN F 314 14.20 -26.34 -16.50
C ASN F 314 15.58 -25.88 -16.05
N PHE F 315 15.90 -24.63 -16.38
CA PHE F 315 17.06 -23.96 -15.83
C PHE F 315 16.59 -22.74 -15.05
N SER F 316 16.53 -21.58 -15.69
CA SER F 316 15.92 -20.42 -15.05
C SER F 316 14.44 -20.68 -14.82
N ARG F 317 13.96 -20.31 -13.63
CA ARG F 317 12.56 -20.48 -13.26
C ARG F 317 12.28 -19.63 -12.03
N PRO F 318 11.02 -19.29 -11.78
CA PRO F 318 10.69 -18.52 -10.57
C PRO F 318 10.98 -19.31 -9.31
N ALA F 319 11.47 -18.59 -8.29
CA ALA F 319 11.77 -19.15 -6.99
C ALA F 319 10.65 -18.96 -5.96
N ALA F 320 9.64 -18.15 -6.29
CA ALA F 320 8.60 -17.79 -5.32
C ALA F 320 7.93 -19.02 -4.71
N GLN F 321 7.68 -20.06 -5.52
CA GLN F 321 6.94 -21.21 -5.04
C GLN F 321 7.73 -22.01 -4.00
N ILE F 322 9.06 -21.96 -4.07
CA ILE F 322 9.87 -22.61 -3.03
C ILE F 322 9.63 -21.93 -1.68
N LEU F 323 9.68 -20.60 -1.67
CA LEU F 323 9.46 -19.85 -0.43
C LEU F 323 8.08 -20.13 0.15
N GLY F 324 7.06 -20.16 -0.71
CA GLY F 324 5.72 -20.45 -0.23
C GLY F 324 5.61 -21.82 0.39
N GLN F 325 6.18 -22.84 -0.26
CA GLN F 325 6.15 -24.19 0.30
C GLN F 325 6.86 -24.24 1.64
N TYR F 326 8.05 -23.67 1.73
CA TYR F 326 8.80 -23.69 2.97
C TYR F 326 8.08 -22.89 4.06
N TYR F 327 7.46 -21.78 3.68
CA TYR F 327 6.62 -21.03 4.62
C TYR F 327 5.51 -21.91 5.18
N GLN F 328 4.83 -22.65 4.31
CA GLN F 328 3.70 -23.46 4.76
C GLN F 328 4.16 -24.56 5.72
N PHE F 329 5.30 -25.19 5.43
CA PHE F 329 5.83 -26.21 6.32
C PHE F 329 6.07 -25.64 7.72
N ILE F 330 6.63 -24.44 7.80
CA ILE F 330 6.90 -23.83 9.11
C ILE F 330 5.63 -23.29 9.74
N ARG F 331 4.78 -22.62 8.95
CA ARG F 331 3.60 -21.99 9.52
C ARG F 331 2.58 -23.02 9.99
N LEU F 332 2.38 -24.08 9.21
CA LEU F 332 1.37 -25.07 9.55
C LEU F 332 1.93 -26.21 10.40
N GLY F 333 3.11 -26.72 10.05
CA GLY F 333 3.59 -27.92 10.71
C GLY F 333 2.72 -29.12 10.36
N PHE F 334 3.01 -30.24 11.02
CA PHE F 334 2.23 -31.45 10.76
C PHE F 334 0.78 -31.28 11.15
N GLN F 335 0.53 -30.78 12.38
CA GLN F 335 -0.84 -30.62 12.86
C GLN F 335 -1.60 -29.62 12.00
N GLY F 336 -0.94 -28.54 11.57
CA GLY F 336 -1.61 -27.54 10.76
C GLY F 336 -2.07 -28.07 9.42
N TYR F 337 -1.18 -28.79 8.73
CA TYR F 337 -1.57 -29.47 7.50
C TYR F 337 -2.69 -30.46 7.76
N LYS F 338 -2.61 -31.19 8.88
CA LYS F 338 -3.65 -32.17 9.19
C LYS F 338 -5.00 -31.49 9.37
N GLU F 339 -5.02 -30.32 10.01
CA GLU F 339 -6.28 -29.62 10.24
C GLU F 339 -6.88 -29.12 8.92
N VAL F 340 -6.05 -28.62 8.01
CA VAL F 340 -6.56 -28.08 6.75
C VAL F 340 -7.15 -29.20 5.89
N GLN F 341 -6.41 -30.28 5.69
CA GLN F 341 -6.91 -31.38 4.87
C GLN F 341 -8.09 -32.09 5.54
N TYR F 342 -8.10 -32.13 6.87
CA TYR F 342 -9.23 -32.74 7.57
C TYR F 342 -10.51 -31.97 7.32
N ASN F 343 -10.46 -30.64 7.42
CA ASN F 343 -11.65 -29.82 7.17
C ASN F 343 -12.13 -29.95 5.73
N SER F 344 -11.20 -29.97 4.77
CA SER F 344 -11.58 -30.17 3.39
C SER F 344 -12.24 -31.53 3.19
N LEU F 345 -11.68 -32.57 3.80
CA LEU F 345 -12.24 -33.92 3.66
C LEU F 345 -13.59 -34.03 4.34
N GLN F 346 -13.76 -33.39 5.50
CA GLN F 346 -15.05 -33.45 6.19
C GLN F 346 -16.15 -32.82 5.35
N ILE F 347 -15.88 -31.65 4.76
CA ILE F 347 -16.87 -30.99 3.92
C ILE F 347 -17.15 -31.83 2.67
N ALA F 348 -16.12 -32.50 2.15
CA ALA F 348 -16.33 -33.41 1.02
C ALA F 348 -17.22 -34.59 1.43
N LYS F 349 -16.94 -35.19 2.59
CA LYS F 349 -17.78 -36.27 3.08
C LYS F 349 -19.22 -35.80 3.30
N TYR F 350 -19.39 -34.54 3.74
CA TYR F 350 -20.72 -34.02 3.99
C TYR F 350 -21.53 -33.87 2.71
N ILE F 351 -20.95 -33.23 1.69
CA ILE F 351 -21.63 -33.09 0.40
C ILE F 351 -21.87 -34.45 -0.21
N HIS F 352 -20.86 -35.33 -0.13
CA HIS F 352 -21.00 -36.69 -0.64
C HIS F 352 -22.18 -37.42 0.00
N GLY F 353 -22.37 -37.24 1.30
CA GLY F 353 -23.47 -37.89 1.98
C GLY F 353 -24.84 -37.33 1.62
N GLU F 354 -24.92 -36.01 1.38
CA GLU F 354 -26.19 -35.41 1.03
C GLU F 354 -26.60 -35.73 -0.41
N ILE F 355 -25.63 -35.78 -1.32
CA ILE F 355 -25.91 -36.18 -2.69
C ILE F 355 -26.50 -37.59 -2.73
N ALA F 356 -25.99 -38.47 -1.87
CA ALA F 356 -26.47 -39.85 -1.86
C ALA F 356 -27.92 -39.95 -1.44
N LYS F 357 -28.42 -38.99 -0.66
CA LYS F 357 -29.80 -39.02 -0.21
C LYS F 357 -30.80 -38.51 -1.25
N MET F 358 -30.32 -37.87 -2.31
CA MET F 358 -31.21 -37.34 -3.32
C MET F 358 -31.59 -38.43 -4.31
N ALA F 359 -32.88 -38.47 -4.64
CA ALA F 359 -33.42 -39.54 -5.48
C ALA F 359 -32.65 -39.81 -6.78
N PRO F 360 -32.21 -38.81 -7.55
CA PRO F 360 -31.60 -39.13 -8.86
C PRO F 360 -30.20 -39.72 -8.80
N PHE F 361 -29.48 -39.59 -7.68
CA PHE F 361 -28.03 -39.75 -7.70
C PHE F 361 -27.58 -41.02 -6.98
N VAL F 362 -26.45 -41.55 -7.44
CA VAL F 362 -25.73 -42.62 -6.76
C VAL F 362 -24.23 -42.32 -6.85
N ASN F 363 -23.50 -42.56 -5.77
CA ASN F 363 -22.08 -42.27 -5.74
C ASN F 363 -21.27 -43.40 -6.38
N TYR F 364 -20.14 -43.02 -6.97
CA TYR F 364 -19.21 -43.97 -7.57
C TYR F 364 -18.52 -44.83 -6.52
N SER F 365 -18.27 -44.27 -5.34
CA SER F 365 -17.62 -44.98 -4.25
C SER F 365 -18.30 -44.61 -2.94
N GLU F 366 -18.31 -45.54 -1.99
CA GLU F 366 -18.85 -45.27 -0.66
C GLU F 366 -17.87 -44.55 0.27
N ASN F 367 -16.60 -44.47 -0.09
CA ASN F 367 -15.60 -43.84 0.76
C ASN F 367 -14.99 -42.63 0.05
N VAL F 368 -14.81 -41.55 0.79
CA VAL F 368 -14.14 -40.36 0.32
C VAL F 368 -12.78 -40.30 1.00
N VAL F 369 -11.72 -40.46 0.20
CA VAL F 369 -10.35 -40.46 0.73
C VAL F 369 -9.54 -39.27 0.26
N ASN F 370 -9.96 -38.57 -0.78
CA ASN F 370 -9.43 -37.27 -1.17
C ASN F 370 -10.56 -36.25 -1.14
N PRO F 371 -10.24 -34.96 -1.02
CA PRO F 371 -11.33 -33.96 -0.96
C PRO F 371 -12.02 -33.75 -2.30
N LEU F 372 -12.32 -34.86 -3.00
CA LEU F 372 -13.10 -34.81 -4.22
C LEU F 372 -13.78 -36.16 -4.42
N PHE F 373 -14.87 -36.15 -5.19
CA PHE F 373 -15.68 -37.35 -5.42
C PHE F 373 -16.59 -37.09 -6.61
N ILE F 374 -17.13 -38.18 -7.15
CA ILE F 374 -18.01 -38.11 -8.31
C ILE F 374 -19.30 -38.90 -8.02
N TRP F 375 -20.38 -38.48 -8.66
CA TRP F 375 -21.63 -39.21 -8.64
C TRP F 375 -22.22 -39.23 -10.04
N TYR F 376 -23.22 -40.09 -10.25
CA TYR F 376 -23.95 -40.16 -11.51
C TYR F 376 -25.42 -40.43 -11.23
N LEU F 377 -26.22 -40.43 -12.29
CA LEU F 377 -27.63 -40.72 -12.16
C LEU F 377 -27.86 -42.22 -11.93
N LYS F 378 -28.77 -42.53 -11.01
CA LYS F 378 -29.17 -43.92 -10.84
C LYS F 378 -29.63 -44.49 -12.17
N PRO F 379 -29.17 -45.68 -12.57
CA PRO F 379 -29.61 -46.27 -13.85
C PRO F 379 -31.12 -46.31 -14.02
N GLU F 380 -31.85 -46.74 -13.00
CA GLU F 380 -33.31 -46.82 -13.10
C GLU F 380 -33.92 -45.42 -13.26
N TYR F 381 -33.34 -44.42 -12.61
CA TYR F 381 -33.84 -43.05 -12.73
C TYR F 381 -33.50 -42.46 -14.09
N ALA F 382 -32.25 -42.63 -14.53
CA ALA F 382 -31.81 -42.04 -15.79
C ALA F 382 -32.63 -42.56 -16.98
N LYS F 383 -33.05 -43.83 -16.91
CA LYS F 383 -33.78 -44.42 -18.03
C LYS F 383 -35.03 -43.62 -18.39
N SER F 384 -35.75 -43.12 -17.38
CA SER F 384 -36.99 -42.38 -17.60
C SER F 384 -36.83 -40.89 -17.39
N ALA F 385 -35.65 -40.42 -16.99
CA ALA F 385 -35.47 -38.99 -16.80
C ALA F 385 -35.36 -38.29 -18.15
N LYS F 386 -35.86 -37.06 -18.19
CA LYS F 386 -35.81 -36.24 -19.39
C LYS F 386 -34.55 -35.38 -19.45
N TRP F 387 -33.65 -35.52 -18.47
CA TRP F 387 -32.46 -34.69 -18.38
C TRP F 387 -31.26 -35.57 -18.07
N THR F 388 -30.07 -34.98 -18.24
CA THR F 388 -28.80 -35.61 -17.90
C THR F 388 -28.03 -34.69 -16.96
N LEU F 389 -26.89 -35.18 -16.47
CA LEU F 389 -26.04 -34.36 -15.63
C LEU F 389 -25.46 -33.16 -16.38
N TYR F 390 -25.40 -33.21 -17.71
CA TYR F 390 -25.03 -32.02 -18.47
C TYR F 390 -26.05 -30.91 -18.29
N ASP F 391 -27.34 -31.27 -18.12
CA ASP F 391 -28.35 -30.25 -17.87
C ASP F 391 -28.22 -29.70 -16.45
N LEU F 392 -27.82 -30.52 -15.50
CA LEU F 392 -27.56 -30.03 -14.14
C LEU F 392 -26.37 -29.08 -14.12
N GLN F 393 -25.31 -29.40 -14.87
CA GLN F 393 -24.17 -28.51 -14.98
C GLN F 393 -24.59 -27.13 -15.50
N ASP F 394 -25.47 -27.11 -16.50
CA ASP F 394 -25.92 -25.83 -17.07
C ASP F 394 -26.75 -25.06 -16.05
N LYS F 395 -27.60 -25.75 -15.30
CA LYS F 395 -28.37 -25.09 -14.25
C LYS F 395 -27.47 -24.41 -13.22
N LEU F 396 -26.41 -25.10 -12.79
CA LEU F 396 -25.51 -24.52 -11.80
C LEU F 396 -24.67 -23.40 -12.38
N SER F 397 -24.29 -23.50 -13.65
CA SER F 397 -23.58 -22.39 -14.30
C SER F 397 -24.40 -21.12 -14.28
N GLN F 398 -25.73 -21.25 -14.42
CA GLN F 398 -26.60 -20.08 -14.37
C GLN F 398 -26.59 -19.39 -13.01
N HIS F 399 -26.19 -20.10 -11.95
CA HIS F 399 -26.02 -19.49 -10.63
C HIS F 399 -24.56 -19.17 -10.33
N GLY F 400 -23.65 -19.34 -11.29
CA GLY F 400 -22.27 -18.96 -11.14
C GLY F 400 -21.33 -20.09 -10.76
N TRP F 401 -21.84 -21.29 -10.50
CA TRP F 401 -20.96 -22.40 -10.14
C TRP F 401 -20.29 -22.98 -11.38
N MET F 402 -19.09 -23.54 -11.18
CA MET F 402 -18.45 -24.41 -12.14
C MET F 402 -18.36 -25.80 -11.52
N VAL F 403 -19.25 -26.68 -11.92
CA VAL F 403 -19.24 -28.07 -11.46
C VAL F 403 -19.22 -28.96 -12.69
N PRO F 404 -18.08 -29.59 -13.00
CA PRO F 404 -17.93 -30.24 -14.31
C PRO F 404 -18.66 -31.57 -14.39
N ALA F 405 -19.21 -31.83 -15.58
CA ALA F 405 -19.76 -33.13 -15.94
C ALA F 405 -18.99 -33.68 -17.13
N TYR F 406 -18.75 -34.98 -17.13
CA TYR F 406 -17.97 -35.60 -18.20
C TYR F 406 -18.21 -37.10 -18.17
N THR F 407 -17.78 -37.76 -19.23
CA THR F 407 -17.84 -39.22 -19.31
C THR F 407 -16.56 -39.83 -18.76
N LEU F 408 -16.68 -41.01 -18.17
CA LEU F 408 -15.55 -41.69 -17.57
C LEU F 408 -14.65 -42.32 -18.63
N PRO F 409 -13.40 -42.64 -18.28
CA PRO F 409 -12.52 -43.30 -19.25
C PRO F 409 -12.96 -44.72 -19.59
N SER F 410 -12.12 -45.44 -20.34
CA SER F 410 -12.57 -46.56 -21.17
C SER F 410 -13.29 -47.64 -20.36
N LYS F 411 -14.26 -48.29 -21.04
CA LYS F 411 -15.18 -49.30 -20.50
C LYS F 411 -16.23 -48.72 -19.57
N LEU F 412 -16.03 -47.49 -19.09
CA LEU F 412 -17.09 -46.75 -18.41
C LEU F 412 -17.47 -45.49 -19.18
N GLU F 413 -17.18 -45.46 -20.49
CA GLU F 413 -17.46 -44.28 -21.30
C GLU F 413 -18.94 -43.96 -21.38
N ASP F 414 -19.82 -44.92 -21.06
CA ASP F 414 -21.25 -44.69 -21.10
C ASP F 414 -21.78 -43.91 -19.90
N TYR F 415 -20.95 -43.70 -18.88
CA TYR F 415 -21.38 -43.06 -17.64
C TYR F 415 -20.96 -41.60 -17.63
N VAL F 416 -21.95 -40.71 -17.61
CA VAL F 416 -21.72 -39.29 -17.36
C VAL F 416 -21.70 -39.08 -15.86
N VAL F 417 -20.62 -38.50 -15.35
CA VAL F 417 -20.48 -38.25 -13.92
C VAL F 417 -20.28 -36.76 -13.69
N MET F 418 -20.49 -36.35 -12.44
CA MET F 418 -20.27 -34.98 -12.02
C MET F 418 -19.32 -34.99 -10.84
N ARG F 419 -18.39 -34.04 -10.80
CA ARG F 419 -17.32 -34.06 -9.80
C ARG F 419 -17.29 -32.75 -9.04
N VAL F 420 -17.06 -32.85 -7.73
CA VAL F 420 -16.86 -31.69 -6.86
C VAL F 420 -15.49 -31.82 -6.20
N VAL F 421 -14.72 -30.73 -6.23
CA VAL F 421 -13.44 -30.65 -5.52
C VAL F 421 -13.61 -29.62 -4.40
N VAL F 422 -13.19 -29.99 -3.20
CA VAL F 422 -13.29 -29.13 -2.02
C VAL F 422 -11.88 -28.69 -1.67
N ARG F 423 -11.56 -27.44 -1.99
CA ARG F 423 -10.28 -26.85 -1.61
C ARG F 423 -10.44 -26.04 -0.33
N GLN F 424 -9.31 -25.68 0.26
CA GLN F 424 -9.32 -24.86 1.46
C GLN F 424 -10.05 -23.54 1.22
N GLY F 425 -10.86 -23.14 2.19
CA GLY F 425 -11.67 -21.94 2.10
C GLY F 425 -13.11 -22.18 1.73
N PHE F 426 -13.44 -23.38 1.24
CA PHE F 426 -14.81 -23.74 0.92
C PHE F 426 -15.51 -24.19 2.19
N SER F 427 -16.38 -23.34 2.73
CA SER F 427 -16.93 -23.54 4.06
C SER F 427 -18.15 -24.45 4.04
N ARG F 428 -18.59 -24.81 5.26
CA ARG F 428 -19.84 -25.55 5.43
C ARG F 428 -21.03 -24.76 4.91
N ASP F 429 -21.04 -23.44 5.13
CA ASP F 429 -22.13 -22.60 4.65
C ASP F 429 -22.21 -22.63 3.13
N MET F 430 -21.06 -22.54 2.45
CA MET F 430 -21.06 -22.58 1.00
C MET F 430 -21.46 -23.96 0.47
N ALA F 431 -21.19 -25.02 1.23
CA ALA F 431 -21.62 -26.35 0.83
C ALA F 431 -23.14 -26.45 0.83
N ASP F 432 -23.79 -25.84 1.82
CA ASP F 432 -25.24 -25.81 1.85
C ASP F 432 -25.79 -24.93 0.73
N MET F 433 -25.09 -23.85 0.39
CA MET F 433 -25.46 -23.07 -0.79
C MET F 433 -25.45 -23.93 -2.06
N LEU F 434 -24.44 -24.79 -2.21
CA LEU F 434 -24.37 -25.67 -3.37
C LEU F 434 -25.49 -26.71 -3.33
N LEU F 435 -25.71 -27.33 -2.17
CA LEU F 435 -26.75 -28.34 -2.05
C LEU F 435 -28.14 -27.75 -2.27
N GLY F 436 -28.35 -26.51 -1.82
CA GLY F 436 -29.62 -25.85 -2.07
C GLY F 436 -29.88 -25.62 -3.55
N ASP F 437 -28.86 -25.19 -4.30
CA ASP F 437 -29.03 -24.94 -5.72
C ASP F 437 -29.22 -26.23 -6.51
N ILE F 438 -28.58 -27.32 -6.07
CA ILE F 438 -28.77 -28.62 -6.73
C ILE F 438 -30.21 -29.10 -6.54
N LYS F 439 -30.75 -28.97 -5.32
CA LYS F 439 -32.11 -29.40 -5.06
C LYS F 439 -33.11 -28.59 -5.88
N ASN F 440 -32.89 -27.27 -5.99
CA ASN F 440 -33.77 -26.44 -6.80
C ASN F 440 -33.66 -26.79 -8.28
N ALA F 441 -32.45 -27.10 -8.75
CA ALA F 441 -32.28 -27.50 -10.15
C ALA F 441 -32.97 -28.82 -10.43
N ILE F 442 -32.87 -29.79 -9.50
CA ILE F 442 -33.57 -31.06 -9.66
C ILE F 442 -35.08 -30.82 -9.76
N ALA F 443 -35.60 -29.93 -8.92
CA ALA F 443 -37.03 -29.63 -8.94
C ALA F 443 -37.46 -29.03 -10.27
N GLU F 444 -36.60 -28.20 -10.88
CA GLU F 444 -36.91 -27.64 -12.20
C GLU F 444 -36.84 -28.71 -13.27
N LEU F 445 -35.75 -29.50 -13.27
CA LEU F 445 -35.54 -30.50 -14.33
C LEU F 445 -36.60 -31.58 -14.30
N GLU F 446 -37.14 -31.92 -13.13
CA GLU F 446 -38.16 -32.94 -13.05
C GLU F 446 -39.52 -32.49 -13.61
N LYS F 447 -39.71 -31.19 -13.82
CA LYS F 447 -40.92 -30.67 -14.42
C LYS F 447 -40.88 -30.67 -15.95
N LEU F 448 -39.80 -31.13 -16.55
CA LEU F 448 -39.66 -31.07 -18.00
C LEU F 448 -40.74 -31.90 -18.70
N ASP F 449 -41.35 -31.30 -19.71
CA ASP F 449 -42.30 -32.01 -20.56
C ASP F 449 -41.60 -32.84 -21.63
N PHE F 450 -40.42 -32.40 -22.07
CA PHE F 450 -39.70 -32.96 -23.20
C PHE F 450 -38.25 -33.23 -22.82
N PRO F 451 -37.61 -34.18 -23.49
CA PRO F 451 -36.20 -34.45 -23.22
C PRO F 451 -35.31 -33.28 -23.65
N THR F 452 -34.22 -33.09 -22.92
CA THR F 452 -33.24 -32.08 -23.25
C THR F 452 -32.41 -32.52 -24.45
N PRO F 453 -31.62 -31.62 -25.04
CA PRO F 453 -30.75 -32.04 -26.16
C PRO F 453 -29.77 -33.14 -25.80
N THR F 454 -29.12 -33.07 -24.63
CA THR F 454 -28.16 -34.09 -24.26
C THR F 454 -28.85 -35.41 -23.91
N ARG F 455 -30.08 -35.35 -23.40
CA ARG F 455 -30.84 -36.57 -23.14
C ARG F 455 -31.14 -37.32 -24.43
N MET F 456 -31.46 -36.59 -25.51
CA MET F 456 -31.71 -37.25 -26.79
C MET F 456 -30.43 -37.82 -27.39
N ALA F 457 -29.28 -37.16 -27.15
CA ALA F 457 -28.01 -37.72 -27.60
C ALA F 457 -27.78 -39.08 -26.94
N GLN F 458 -28.14 -39.19 -25.65
CA GLN F 458 -28.05 -40.46 -24.94
C GLN F 458 -29.04 -41.50 -25.48
N GLU F 459 -30.25 -41.07 -25.84
CA GLU F 459 -31.20 -42.00 -26.43
C GLU F 459 -30.68 -42.52 -27.77
N LYS F 460 -30.02 -41.65 -28.53
CA LYS F 460 -29.25 -42.06 -29.71
C LYS F 460 -27.90 -42.50 -29.14
N ASN F 461 -26.87 -42.68 -29.95
CA ASN F 461 -25.61 -43.03 -29.30
C ASN F 461 -24.57 -41.94 -29.56
N LEU F 462 -24.93 -40.68 -29.31
CA LEU F 462 -23.98 -39.66 -29.69
C LEU F 462 -23.22 -39.13 -28.49
N PRO F 463 -21.90 -39.06 -28.58
CA PRO F 463 -21.10 -38.49 -27.49
C PRO F 463 -21.38 -37.00 -27.34
N VAL F 464 -21.23 -36.51 -26.12
CA VAL F 464 -21.40 -35.09 -25.81
C VAL F 464 -20.05 -34.51 -25.42
N GLU F 465 -19.67 -33.42 -26.09
CA GLU F 465 -18.43 -32.72 -25.77
C GLU F 465 -18.46 -32.21 -24.34
N ALA F 466 -17.37 -32.45 -23.59
CA ALA F 466 -17.33 -32.15 -22.17
C ALA F 466 -17.40 -30.65 -21.91
N LYS F 467 -16.77 -29.84 -22.77
CA LYS F 467 -16.78 -28.38 -22.68
C LYS F 467 -15.98 -27.85 -21.48
N MET F 468 -16.46 -28.12 -20.26
CA MET F 468 -15.90 -27.49 -19.08
C MET F 468 -14.59 -28.16 -18.68
N PHE F 469 -13.57 -27.33 -18.40
CA PHE F 469 -12.29 -27.81 -17.91
C PHE F 469 -12.48 -28.69 -16.67
N ASN F 470 -11.86 -29.87 -16.68
CA ASN F 470 -11.98 -30.82 -15.59
C ASN F 470 -10.64 -31.39 -15.13
N HIS F 471 -9.53 -30.85 -15.64
CA HIS F 471 -8.16 -31.12 -15.27
C HIS F 471 -7.64 -32.45 -15.84
N GLY F 472 -8.51 -33.28 -16.43
CA GLY F 472 -8.03 -34.53 -17.00
C GLY F 472 -7.12 -34.34 -18.19
N GLY F 473 -7.36 -33.29 -18.98
CA GLY F 473 -6.52 -32.99 -20.13
C GLY F 473 -6.93 -33.70 -21.40
N ARG F 474 -8.00 -34.49 -21.36
CA ARG F 474 -8.43 -35.26 -22.52
C ARG F 474 -9.88 -34.93 -22.89
N1 PLP G . 20.19 -21.93 -23.89
C2 PLP G . 21.23 -21.16 -24.20
C2A PLP G . 22.20 -21.58 -25.26
C3 PLP G . 21.46 -19.99 -23.51
O3 PLP G . 22.54 -19.26 -23.84
C4 PLP G . 20.59 -19.60 -22.49
C4A PLP G . 20.87 -18.35 -21.80
C5 PLP G . 19.48 -20.42 -22.19
C6 PLP G . 19.33 -21.56 -22.93
C5A PLP G . 18.49 -20.04 -21.13
O4P PLP G . 17.67 -21.09 -20.52
P PLP G . 16.55 -20.73 -19.39
O1P PLP G . 15.68 -21.94 -19.24
O2P PLP G . 15.78 -19.54 -19.89
O3P PLP G . 17.31 -20.41 -18.14
N1 PLP H . -35.82 6.59 -11.58
C2 PLP H . -35.81 6.14 -12.84
C2A PLP H . -36.99 6.37 -13.73
C3 PLP H . -34.75 5.43 -13.32
O3 PLP H . -34.79 4.98 -14.59
C4 PLP H . -33.64 5.17 -12.48
C4A PLP H . -32.53 4.42 -13.06
C5 PLP H . -33.65 5.66 -11.17
C6 PLP H . -34.76 6.36 -10.78
C5A PLP H . -32.49 5.44 -10.24
O4P PLP H . -32.73 5.52 -8.80
P PLP H . -31.50 5.34 -7.74
O1P PLP H . -31.99 5.82 -6.41
O2P PLP H . -30.36 6.17 -8.25
O3P PLP H . -31.17 3.88 -7.73
N1 PLP I . 18.69 31.16 11.68
C2 PLP I . 17.90 32.15 11.28
C2A PLP I . 18.34 33.57 11.38
C3 PLP I . 16.62 31.88 10.81
O3 PLP I . 15.86 32.92 10.43
C4 PLP I . 16.18 30.55 10.74
C4A PLP I . 14.84 30.32 10.22
C5 PLP I . 17.03 29.52 11.15
C6 PLP I . 18.28 29.87 11.61
C5A PLP I . 16.61 28.07 11.08
O4P PLP I . 17.30 27.10 11.93
P PLP I . 16.92 25.51 11.86
O1P PLP I . 15.59 25.38 12.53
O2P PLP I . 16.85 25.14 10.41
O3P PLP I . 18.00 24.78 12.59
N1 PLP J . 30.67 8.00 20.93
C2 PLP J . 31.20 6.79 21.17
C2A PLP J . 32.35 6.63 22.10
C3 PLP J . 30.71 5.68 20.51
O3 PLP J . 31.28 4.49 20.78
C4 PLP J . 29.65 5.82 19.61
C4A PLP J . 29.16 4.60 18.96
C5 PLP J . 29.10 7.09 19.38
C6 PLP J . 29.64 8.14 20.07
C5A PLP J . 27.94 7.29 18.44
O4P PLP J . 27.72 8.62 17.88
P PLP J . 26.46 8.91 16.88
O1P PLP J . 25.25 8.29 17.51
O2P PLP J . 26.32 10.40 16.76
O3P PLP J . 26.80 8.26 15.57
N1 PLP K . -32.68 12.03 15.64
C2 PLP K . -32.32 12.37 16.87
C2A PLP K . -33.35 12.75 17.89
C3 PLP K . -30.99 12.42 17.22
O3 PLP K . -30.67 12.79 18.48
C4 PLP K . -30.00 12.11 16.28
C4A PLP K . -28.61 12.17 16.70
C5 PLP K . -30.40 11.74 14.98
C6 PLP K . -31.74 11.71 14.72
C5A PLP K . -29.39 11.35 13.93
O4P PLP K . -29.78 11.45 12.53
P PLP K . -28.74 11.00 11.34
O1P PLP K . -29.55 10.90 10.07
O2P PLP K . -28.15 9.69 11.74
O3P PLP K . -27.71 12.09 11.26
N1 PLP L . -1.09 -36.23 -12.78
C2 PLP L . -2.23 -36.71 -12.27
C2A PLP L . -2.58 -38.15 -12.40
C3 PLP L . -3.11 -35.84 -11.65
O3 PLP L . -4.27 -36.36 -11.17
C4 PLP L . -2.82 -34.48 -11.55
C4A PLP L . -3.79 -33.63 -10.88
C5 PLP L . -1.61 -34.00 -12.09
C6 PLP L . -0.79 -34.92 -12.68
C5A PLP L . -1.22 -32.56 -11.99
O4P PLP L . -0.24 -32.02 -12.93
P PLP L . 0.26 -30.47 -12.84
O1P PLP L . 0.54 -30.18 -11.41
O2P PLP L . 1.48 -30.35 -13.70
O3P PLP L . -0.89 -29.64 -13.36
#